data_8J4Q
#
_entry.id   8J4Q
#
_cell.length_a   76.585
_cell.length_b   178.935
_cell.length_c   107.279
_cell.angle_alpha   90.000
_cell.angle_beta   106.700
_cell.angle_gamma   90.000
#
_symmetry.space_group_name_H-M   'P 1 21 1'
#
loop_
_entity.id
_entity.type
_entity.pdbx_description
1 polymer Catalase
2 polymer Catalase
3 non-polymer 'PROTOPORPHYRIN IX CONTAINING FE'
4 water water
#
loop_
_entity_poly.entity_id
_entity_poly.type
_entity_poly.pdbx_seq_one_letter_code
_entity_poly.pdbx_strand_id
1 'polypeptide(L)'
;MIKKNKADFTSNGSNNKAISTVEPHYEDTAPAEKVIKSLTSISPPGVEPMMPGSDKTPKNRNEKLTQLDKFRFAPQGESL
RTNQGVKISDNQNSLKSGARGSTLLEDFILREKITHFDHERIPERVVHARGTGAHGYFQVYESLASYTTAEFLQDPSVKT
PVFVRFSTVQGSRGSADTVRDIRGWATKFYTKEGTFDLVGNNTPVFFIQDAIKFPDFVHAVKPEPHNEIPQGQSAHDTFW
DYISLQPETLHNVMWVMSDRGIPRSYRMMEGFGIHTYKMINAEGQCHFIRFHWKPVYGVSSLIWDEAQLLTGCDPDFHRR
ELWESIEAGDYPEYELGLQIIPEEDEHKFDFDILDPTKLIPESLVPVHLVGKMVLNRNPDNYFSETEQVAFCPGNIVPGI
DFSDDPLLQGRLFSYIDTQISRLGGVNFHEIPINKPICPFHNHQRDGMHRMSISGTANYEPNSINNNWPREAPPTEGGFT
TYPQPVNGYKSRKRSSTFIDFYSQPRLFWLSQTKVEQNHIVGGFSFELGKVVRPWIRERVVNQLTYIDHQLAQSVADNLG
IKLSQEQLKHPLPGPINGLSKDRSLSMYDGHHQILKSRQVAILAADGV(OCS)GDAIDNIMKTLKKYGVHGKIFAPHVGR
ITSLQGNEIEVNGTIEGNPSVMVDAVIIPDGEDSIDSLMKNGNAKHYVIQAFKHLKAIGLQGKAFKLYDALPLPKPDEGI
VVGDKAADLAEAFCNVMRGHRIWSRESVAQEIAG
;
A
2 'polypeptide(L)'
;MIKKNKADFTSNGSNNKAISTVEPHYEDTAPAEKVIKSLTSISPPGVEPMMPGSDKTPKNRNEKLTQLDKFRFAPQGESL
RTNQGVKISDNQNSLKSGARGSTLLEDFILREKITHFDHERIPERVVHARGTGAHGYFQVYESLASYTTAEFLQDPSVKT
PVFVRFSTVQGSRGSADTVRDIRGWATKFYTKEGTFDLVGNNTPVFFIQDAIKFPDFVHAVKPEPHNEIPQGQSAHDTFW
DYISLQPETLHNVMWVMSDRGIPRSYRMMEGFGIHTYKMINAEGQCHFIRFHWKPVYGVSSLIWDEAQLLTGCDPDFHRR
ELWESIEAGDYPEYELGLQIIPEEDEHKFDFDILDPTKLIPESLVPVHLVGKMVLNRNPDNYFSETEQVAFCPGNIVPGI
DFSDDPLLQGRLFSYIDTQISRLGGVNFHEIPINKPICPFHNHQRDGMHRMSISGTANYEPNSINNNWPREAPPTEGGFT
TYPQPVNGYKSRKRSSTFIDFYSQPRLFWLSQTKVEQNHIVGGFSFELGKVVRPWIRERVVNQLTYIDHQLAQSVADNLG
IKLSQEQLKHPLPGPINGLSKDRSLSMYDGHHQILKSRQVAILAADGV(CSD)GDAIDNIMKTLKKYGVHGKIFAPHVGR
ITSLQGNEIEVNGTIEGNPSVMVDAVIIPDGEDSIDSLMKNGNAKHYVIQAFKHLKAIGLQGKAFKLYDALPLPKPDEGI
VVGDKAADLAEAFCNVMRGHRIWSRESVAQEIAG
;
B,C,D
#
loop_
_chem_comp.id
_chem_comp.type
_chem_comp.name
_chem_comp.formula
HEM non-polymer 'PROTOPORPHYRIN IX CONTAINING FE' 'C34 H32 Fe N4 O4'
#
# COMPACT_ATOMS: atom_id res chain seq x y z
N ASN A 16 -14.18 -32.62 -32.96
CA ASN A 16 -15.22 -32.75 -31.94
C ASN A 16 -14.61 -32.85 -30.55
N LYS A 17 -13.52 -33.61 -30.42
CA LYS A 17 -12.83 -33.70 -29.13
C LYS A 17 -11.89 -32.52 -28.93
N ALA A 18 -11.20 -32.09 -30.01
CA ALA A 18 -10.49 -30.81 -29.97
C ALA A 18 -11.46 -29.67 -29.66
N ILE A 19 -12.67 -29.73 -30.21
CA ILE A 19 -13.66 -28.69 -29.94
C ILE A 19 -13.94 -28.59 -28.44
N SER A 20 -14.03 -29.74 -27.77
CA SER A 20 -14.40 -29.75 -26.36
C SER A 20 -13.34 -29.13 -25.45
N THR A 21 -12.06 -29.06 -25.86
CA THR A 21 -11.04 -28.52 -24.97
C THR A 21 -11.19 -27.02 -24.75
N VAL A 22 -11.93 -26.33 -25.61
CA VAL A 22 -12.18 -24.90 -25.48
C VAL A 22 -13.64 -24.62 -25.14
N GLU A 23 -14.33 -25.63 -24.63
CA GLU A 23 -15.66 -25.56 -24.06
C GLU A 23 -15.56 -25.97 -22.60
N PRO A 24 -16.55 -25.60 -21.77
CA PRO A 24 -16.46 -25.90 -20.33
C PRO A 24 -16.15 -27.37 -20.05
N HIS A 25 -15.40 -27.61 -19.00
CA HIS A 25 -14.89 -28.95 -18.67
C HIS A 25 -15.71 -29.50 -17.50
N TYR A 26 -16.72 -30.29 -17.83
CA TYR A 26 -17.64 -30.80 -16.84
C TYR A 26 -17.36 -32.23 -16.44
N GLU A 27 -16.33 -32.86 -17.02
CA GLU A 27 -16.09 -34.28 -16.81
C GLU A 27 -14.71 -34.54 -16.21
N ASP A 28 -14.55 -35.77 -15.70
CA ASP A 28 -13.31 -36.12 -15.02
C ASP A 28 -12.13 -36.03 -15.98
N THR A 29 -11.01 -35.51 -15.49
CA THR A 29 -9.79 -35.45 -16.28
C THR A 29 -8.69 -36.36 -15.71
N ALA A 30 -8.88 -36.90 -14.51
CA ALA A 30 -7.92 -37.82 -13.92
C ALA A 30 -7.91 -39.13 -14.70
N PRO A 31 -6.73 -39.74 -14.90
CA PRO A 31 -6.65 -41.02 -15.61
C PRO A 31 -7.27 -42.17 -14.82
N ALA A 32 -7.70 -43.19 -15.57
CA ALA A 32 -8.18 -44.46 -15.00
C ALA A 32 -7.06 -45.21 -14.27
N VAL A 47 9.49 -41.96 -6.56
CA VAL A 47 8.38 -42.58 -7.29
C VAL A 47 7.20 -41.62 -7.38
N GLU A 48 6.70 -41.12 -6.16
CA GLU A 48 5.60 -40.19 -6.03
C GLU A 48 6.09 -38.75 -6.11
N PRO A 49 5.22 -37.82 -6.53
CA PRO A 49 5.60 -36.41 -6.58
C PRO A 49 5.56 -35.77 -5.19
N MET A 50 6.34 -34.70 -5.06
CA MET A 50 6.21 -33.79 -3.93
C MET A 50 4.77 -33.24 -3.85
N MET A 51 4.21 -33.23 -2.64
CA MET A 51 2.82 -32.87 -2.40
C MET A 51 2.72 -32.01 -1.15
N PRO A 52 1.60 -31.31 -0.96
CA PRO A 52 1.41 -30.54 0.27
C PRO A 52 1.48 -31.45 1.49
N GLY A 53 1.95 -30.88 2.61
CA GLY A 53 2.12 -31.64 3.83
C GLY A 53 0.86 -32.36 4.30
N SER A 54 -0.31 -31.70 4.20
CA SER A 54 -1.56 -32.33 4.58
C SER A 54 -1.86 -33.57 3.74
N ASP A 55 -1.40 -33.60 2.50
CA ASP A 55 -1.59 -34.80 1.69
C ASP A 55 -0.64 -35.93 2.11
N LYS A 56 0.61 -35.58 2.42
CA LYS A 56 1.68 -36.58 2.54
C LYS A 56 1.97 -37.00 3.98
N THR A 57 2.00 -36.08 4.95
CA THR A 57 2.18 -36.43 6.37
C THR A 57 1.07 -35.84 7.25
N PRO A 58 -0.20 -36.21 7.02
CA PRO A 58 -1.26 -35.70 7.90
C PRO A 58 -1.15 -36.21 9.32
N LYS A 59 -0.46 -37.32 9.56
CA LYS A 59 -0.39 -37.83 10.91
C LYS A 59 0.60 -37.06 11.79
N ASN A 60 1.53 -36.31 11.17
CA ASN A 60 2.46 -35.45 11.94
C ASN A 60 1.75 -34.14 12.24
N ARG A 61 1.46 -33.88 13.51
CA ARG A 61 0.60 -32.77 13.90
C ARG A 61 1.22 -32.02 15.07
N ASN A 62 0.67 -30.83 15.32
CA ASN A 62 0.96 -30.06 16.52
C ASN A 62 -0.13 -29.02 16.69
N GLU A 63 -0.05 -28.28 17.80
CA GLU A 63 -1.10 -27.32 18.15
C GLU A 63 -1.26 -26.25 17.08
N LYS A 64 -0.14 -25.79 16.49
CA LYS A 64 -0.20 -24.75 15.47
C LYS A 64 -0.79 -25.27 14.16
N LEU A 65 -0.41 -26.48 13.73
CA LEU A 65 -1.02 -27.05 12.54
C LEU A 65 -2.51 -27.24 12.73
N THR A 66 -2.95 -27.58 13.94
CA THR A 66 -4.38 -27.75 14.19
C THR A 66 -5.11 -26.42 14.05
N GLN A 67 -4.52 -25.34 14.58
CA GLN A 67 -5.05 -24.00 14.37
C GLN A 67 -5.14 -23.65 12.89
N LEU A 68 -4.18 -24.11 12.09
CA LEU A 68 -4.20 -23.74 10.67
C LEU A 68 -5.31 -24.46 9.89
N ASP A 69 -5.81 -25.59 10.39
CA ASP A 69 -6.82 -26.37 9.66
C ASP A 69 -8.05 -25.55 9.28
N LYS A 70 -8.46 -24.62 10.12
CA LYS A 70 -9.65 -23.86 9.81
C LYS A 70 -9.47 -23.06 8.53
N PHE A 71 -8.23 -22.79 8.17
CA PHE A 71 -7.98 -21.98 6.99
C PHE A 71 -7.73 -22.81 5.74
N ARG A 72 -7.79 -24.14 5.84
CA ARG A 72 -7.55 -25.05 4.72
C ARG A 72 -8.84 -25.34 3.94
N PHE A 73 -8.67 -25.64 2.67
CA PHE A 73 -9.77 -25.82 1.74
C PHE A 73 -9.72 -27.20 1.12
N ALA A 74 -10.89 -27.69 0.70
CA ALA A 74 -11.00 -28.99 0.04
C ALA A 74 -11.99 -28.87 -1.10
N PRO A 75 -11.51 -28.57 -2.32
CA PRO A 75 -12.42 -28.32 -3.43
C PRO A 75 -12.98 -29.59 -4.08
N GLN A 76 -12.69 -30.76 -3.55
CA GLN A 76 -13.27 -31.99 -4.08
C GLN A 76 -14.76 -31.94 -4.09
N GLY A 77 -15.32 -32.22 -5.25
CA GLY A 77 -16.76 -32.14 -5.38
C GLY A 77 -17.35 -30.75 -5.41
N GLU A 78 -16.55 -29.69 -5.46
CA GLU A 78 -17.01 -28.32 -5.37
C GLU A 78 -17.00 -27.63 -6.72
N SER A 79 -17.96 -26.71 -6.88
CA SER A 79 -18.06 -25.89 -8.07
C SER A 79 -17.00 -24.80 -8.06
N LEU A 80 -16.43 -24.53 -9.24
CA LEU A 80 -15.64 -23.32 -9.44
C LEU A 80 -16.52 -22.07 -9.31
N ARG A 81 -16.07 -21.11 -8.50
CA ARG A 81 -16.88 -19.98 -8.09
C ARG A 81 -16.06 -18.70 -8.08
N THR A 82 -16.75 -17.56 -8.26
CA THR A 82 -16.15 -16.25 -8.02
C THR A 82 -15.84 -16.09 -6.54
N ASN A 83 -15.16 -14.99 -6.22
CA ASN A 83 -14.86 -14.74 -4.82
C ASN A 83 -16.09 -14.41 -4.00
N GLN A 84 -17.20 -14.06 -4.64
CA GLN A 84 -18.46 -13.81 -3.95
C GLN A 84 -19.34 -15.04 -3.87
N GLY A 85 -18.86 -16.21 -4.28
CA GLY A 85 -19.67 -17.41 -4.15
C GLY A 85 -20.55 -17.76 -5.32
N VAL A 86 -20.40 -17.09 -6.45
CA VAL A 86 -21.22 -17.34 -7.63
C VAL A 86 -20.56 -18.39 -8.51
N LYS A 87 -21.29 -19.48 -8.79
CA LYS A 87 -20.80 -20.55 -9.66
C LYS A 87 -20.51 -20.04 -11.07
N ILE A 88 -19.42 -20.53 -11.68
CA ILE A 88 -19.01 -20.14 -13.03
C ILE A 88 -19.30 -21.26 -14.01
N SER A 89 -19.98 -20.93 -15.11
CA SER A 89 -20.32 -21.93 -16.12
C SER A 89 -19.25 -22.12 -17.19
N ASP A 90 -18.49 -21.07 -17.53
CA ASP A 90 -17.57 -21.16 -18.66
C ASP A 90 -16.27 -20.45 -18.28
N ASN A 91 -15.31 -21.22 -17.78
CA ASN A 91 -13.97 -20.75 -17.46
C ASN A 91 -13.03 -20.73 -18.69
N GLN A 92 -13.58 -20.80 -19.89
CA GLN A 92 -12.76 -20.85 -21.10
C GLN A 92 -12.88 -19.61 -21.97
N ASN A 93 -13.88 -18.75 -21.74
CA ASN A 93 -14.16 -17.67 -22.68
C ASN A 93 -14.55 -16.38 -21.98
N SER A 94 -14.01 -15.28 -22.49
CA SER A 94 -14.52 -13.98 -22.13
C SER A 94 -15.92 -13.78 -22.71
N LEU A 95 -16.70 -12.95 -22.04
CA LEU A 95 -17.99 -12.55 -22.59
C LEU A 95 -17.76 -11.52 -23.70
N LYS A 96 -18.21 -11.84 -24.91
CA LYS A 96 -17.96 -10.99 -26.07
C LYS A 96 -19.27 -10.62 -26.76
N SER A 97 -19.17 -9.68 -27.70
CA SER A 97 -20.27 -9.34 -28.61
C SER A 97 -20.24 -10.29 -29.81
N GLY A 98 -20.64 -11.53 -29.56
CA GLY A 98 -20.51 -12.57 -30.55
C GLY A 98 -19.30 -13.46 -30.31
N ALA A 99 -19.32 -14.63 -30.94
CA ALA A 99 -18.21 -15.57 -30.78
C ALA A 99 -16.90 -15.00 -31.27
N ARG A 100 -16.93 -14.03 -32.19
CA ARG A 100 -15.72 -13.41 -32.72
C ARG A 100 -15.63 -11.93 -32.36
N GLY A 101 -16.39 -11.48 -31.37
CA GLY A 101 -16.56 -10.07 -31.10
C GLY A 101 -15.60 -9.47 -30.08
N SER A 102 -16.01 -8.31 -29.59
CA SER A 102 -15.23 -7.50 -28.67
C SER A 102 -15.56 -7.94 -27.25
N THR A 103 -14.55 -7.95 -26.38
CA THR A 103 -14.82 -8.32 -25.01
C THR A 103 -15.57 -7.19 -24.32
N LEU A 104 -16.58 -7.56 -23.54
CA LEU A 104 -17.47 -6.60 -22.88
C LEU A 104 -17.00 -6.24 -21.47
N LEU A 105 -17.09 -4.96 -21.13
CA LEU A 105 -16.73 -4.53 -19.79
C LEU A 105 -17.59 -5.18 -18.71
N GLU A 106 -18.80 -5.63 -19.06
CA GLU A 106 -19.69 -6.23 -18.08
C GLU A 106 -19.29 -7.64 -17.67
N ASP A 107 -18.23 -8.20 -18.25
CA ASP A 107 -17.72 -9.51 -17.83
C ASP A 107 -17.03 -9.36 -16.48
N PHE A 108 -17.79 -9.49 -15.39
CA PHE A 108 -17.19 -9.36 -14.07
C PHE A 108 -16.40 -10.61 -13.68
N ILE A 109 -16.77 -11.77 -14.21
CA ILE A 109 -16.02 -12.99 -13.93
C ILE A 109 -14.58 -12.84 -14.42
N LEU A 110 -14.41 -12.48 -15.70
CA LEU A 110 -13.07 -12.24 -16.23
C LEU A 110 -12.32 -11.19 -15.41
N ARG A 111 -12.97 -10.05 -15.13
CA ARG A 111 -12.25 -8.95 -14.51
C ARG A 111 -11.86 -9.27 -13.08
N GLU A 112 -12.73 -9.97 -12.34
CA GLU A 112 -12.34 -10.42 -11.00
C GLU A 112 -11.18 -11.42 -11.05
N LYS A 113 -11.17 -12.31 -12.04
CA LYS A 113 -10.13 -13.31 -12.14
C LYS A 113 -8.78 -12.67 -12.47
N ILE A 114 -8.75 -11.83 -13.50
CA ILE A 114 -7.52 -11.15 -13.90
C ILE A 114 -7.04 -10.21 -12.78
N THR A 115 -7.96 -9.49 -12.17
CA THR A 115 -7.61 -8.57 -11.08
C THR A 115 -6.91 -9.29 -9.94
N HIS A 116 -7.43 -10.44 -9.51
CA HIS A 116 -6.74 -11.15 -8.45
C HIS A 116 -5.34 -11.54 -8.90
N PHE A 117 -5.24 -12.07 -10.13
CA PHE A 117 -3.96 -12.42 -10.73
C PHE A 117 -3.00 -11.24 -10.78
N ASP A 118 -3.49 -10.07 -11.20
CA ASP A 118 -2.64 -8.88 -11.35
C ASP A 118 -2.01 -8.45 -10.03
N HIS A 119 -2.64 -8.77 -8.89
CA HIS A 119 -2.16 -8.32 -7.58
C HIS A 119 -1.68 -9.47 -6.68
N GLU A 120 -1.25 -10.58 -7.27
CA GLU A 120 -0.73 -11.71 -6.49
C GLU A 120 0.54 -11.36 -5.73
N ARG A 121 1.43 -10.55 -6.31
CA ARG A 121 2.77 -10.40 -5.75
C ARG A 121 2.80 -9.35 -4.66
N ILE A 122 3.51 -9.68 -3.59
CA ILE A 122 3.81 -8.75 -2.51
C ILE A 122 5.32 -8.57 -2.50
N PRO A 123 5.83 -7.52 -1.85
CA PRO A 123 7.29 -7.31 -1.82
C PRO A 123 8.06 -8.49 -1.23
N GLU A 124 9.22 -8.75 -1.79
CA GLU A 124 10.08 -9.78 -1.22
C GLU A 124 10.84 -9.20 -0.02
N ARG A 125 11.32 -10.07 0.87
CA ARG A 125 12.08 -9.57 2.01
C ARG A 125 13.30 -8.81 1.50
N VAL A 126 13.64 -7.71 2.20
CA VAL A 126 14.72 -6.85 1.73
C VAL A 126 16.07 -7.58 1.82
N VAL A 127 16.20 -8.50 2.79
CA VAL A 127 17.28 -9.47 2.83
C VAL A 127 16.66 -10.84 3.12
N HIS A 128 17.40 -11.90 2.81
CA HIS A 128 16.87 -13.25 2.93
C HIS A 128 15.59 -13.46 2.13
N ALA A 129 15.45 -12.77 0.99
CA ALA A 129 14.34 -12.97 0.08
C ALA A 129 14.13 -14.43 -0.33
N ARG A 130 15.22 -15.15 -0.55
CA ARG A 130 15.19 -16.55 -1.00
C ARG A 130 15.19 -17.48 0.21
N GLY A 131 14.15 -18.30 0.34
CA GLY A 131 13.99 -19.09 1.56
C GLY A 131 13.05 -20.26 1.40
N THR A 132 12.93 -21.04 2.48
CA THR A 132 12.10 -22.24 2.46
C THR A 132 11.69 -22.58 3.88
N GLY A 133 10.47 -23.11 4.05
CA GLY A 133 9.88 -23.25 5.36
C GLY A 133 9.34 -24.64 5.62
N ALA A 134 9.17 -24.96 6.91
CA ALA A 134 8.63 -26.24 7.33
C ALA A 134 8.19 -26.15 8.77
N HIS A 135 7.18 -26.98 9.12
CA HIS A 135 6.67 -27.08 10.48
C HIS A 135 7.37 -28.20 11.25
N GLY A 136 7.42 -28.05 12.56
CA GLY A 136 7.86 -29.12 13.42
C GLY A 136 7.52 -28.85 14.87
N TYR A 137 8.31 -29.39 15.79
CA TYR A 137 8.06 -29.15 17.20
C TYR A 137 9.38 -29.12 17.94
N PHE A 138 9.35 -28.57 19.16
CA PHE A 138 10.50 -28.45 20.03
C PHE A 138 10.18 -29.06 21.38
N GLN A 139 11.17 -29.76 21.96
CA GLN A 139 11.04 -30.31 23.31
C GLN A 139 12.29 -29.99 24.11
N VAL A 140 12.09 -29.44 25.31
CA VAL A 140 13.19 -29.25 26.24
C VAL A 140 13.47 -30.58 26.94
N TYR A 141 14.76 -30.89 27.12
CA TYR A 141 15.16 -32.14 27.74
C TYR A 141 14.83 -32.15 29.23
N GLU A 142 15.16 -31.08 29.92
CA GLU A 142 14.85 -30.93 31.34
C GLU A 142 14.62 -29.47 31.66
N SER A 143 13.78 -29.19 32.64
CA SER A 143 13.46 -27.81 32.98
C SER A 143 14.73 -26.99 33.19
N LEU A 144 14.72 -25.79 32.63
CA LEU A 144 15.80 -24.82 32.77
C LEU A 144 15.47 -23.75 33.79
N ALA A 145 14.56 -24.06 34.72
CA ALA A 145 14.13 -23.08 35.73
C ALA A 145 15.29 -22.41 36.45
N SER A 146 16.41 -23.14 36.62
CA SER A 146 17.58 -22.55 37.26
C SER A 146 18.07 -21.30 36.54
N TYR A 147 17.89 -21.24 35.21
CA TYR A 147 18.45 -20.15 34.43
C TYR A 147 17.41 -19.20 33.84
N THR A 148 16.16 -19.64 33.67
CA THR A 148 15.16 -18.85 32.97
C THR A 148 13.77 -19.28 33.38
N THR A 149 12.82 -18.35 33.31
CA THR A 149 11.41 -18.65 33.56
C THR A 149 10.63 -18.94 32.30
N ALA A 150 11.28 -18.90 31.13
CA ALA A 150 10.56 -19.04 29.86
C ALA A 150 9.76 -20.33 29.85
N GLU A 151 8.47 -20.20 29.52
CA GLU A 151 7.53 -21.32 29.66
C GLU A 151 7.89 -22.47 28.74
N PHE A 152 8.25 -22.18 27.50
CA PHE A 152 8.59 -23.26 26.60
C PHE A 152 9.91 -23.96 26.99
N LEU A 153 10.62 -23.50 28.02
CA LEU A 153 11.80 -24.22 28.53
C LEU A 153 11.57 -24.81 29.92
N GLN A 154 10.30 -24.94 30.34
CA GLN A 154 9.97 -25.40 31.70
C GLN A 154 9.59 -26.87 31.78
N ASP A 155 8.94 -27.44 30.78
CA ASP A 155 8.24 -28.71 30.92
C ASP A 155 8.66 -29.68 29.83
N PRO A 156 9.52 -30.66 30.14
CA PRO A 156 9.92 -31.63 29.12
C PRO A 156 8.79 -32.38 28.46
N SER A 157 7.56 -32.33 28.98
CA SER A 157 6.49 -33.07 28.36
C SER A 157 5.72 -32.26 27.33
N VAL A 158 5.98 -30.96 27.28
CA VAL A 158 5.30 -30.08 26.33
C VAL A 158 5.97 -30.21 24.97
N LYS A 159 5.14 -30.30 23.93
CA LYS A 159 5.60 -30.26 22.54
C LYS A 159 5.28 -28.87 22.02
N THR A 160 6.28 -27.99 22.01
CA THR A 160 6.08 -26.62 21.54
C THR A 160 6.20 -26.54 20.01
N PRO A 161 5.15 -26.13 19.31
CA PRO A 161 5.22 -26.10 17.84
C PRO A 161 6.24 -25.06 17.38
N VAL A 162 6.84 -25.33 16.21
CA VAL A 162 7.75 -24.38 15.60
C VAL A 162 7.40 -24.25 14.13
N PHE A 163 7.76 -23.10 13.56
CA PHE A 163 7.93 -22.96 12.12
C PHE A 163 9.31 -22.36 11.87
N VAL A 164 10.02 -22.93 10.89
CA VAL A 164 11.41 -22.57 10.61
C VAL A 164 11.49 -22.12 9.17
N ARG A 165 12.11 -20.97 8.92
CA ARG A 165 12.44 -20.60 7.55
C ARG A 165 13.96 -20.55 7.41
N PHE A 166 14.49 -21.29 6.43
CA PHE A 166 15.90 -21.22 6.08
C PHE A 166 16.05 -20.33 4.86
N SER A 167 17.20 -19.66 4.73
CA SER A 167 17.32 -18.74 3.61
C SER A 167 18.79 -18.53 3.27
N THR A 168 19.05 -18.00 2.06
CA THR A 168 20.29 -17.32 1.77
C THR A 168 20.09 -15.85 2.16
N VAL A 169 21.01 -14.96 1.79
CA VAL A 169 20.89 -13.56 2.28
C VAL A 169 20.88 -12.55 1.13
N GLN A 170 21.81 -12.67 0.19
CA GLN A 170 21.93 -11.65 -0.85
C GLN A 170 20.80 -11.74 -1.88
N GLY A 171 20.49 -12.95 -2.34
CA GLY A 171 19.73 -13.08 -3.57
C GLY A 171 18.27 -12.70 -3.42
N SER A 172 17.67 -12.34 -4.55
CA SER A 172 16.23 -12.13 -4.61
C SER A 172 15.54 -13.48 -4.67
N ARG A 173 14.21 -13.48 -4.68
N ARG A 173 14.23 -13.41 -4.77
CA ARG A 173 13.48 -14.71 -4.39
CA ARG A 173 13.48 -14.61 -4.98
C ARG A 173 13.59 -15.78 -5.48
C ARG A 173 13.95 -15.08 -6.33
N GLY A 174 14.01 -15.41 -6.69
N GLY A 174 13.77 -16.34 -6.62
CA GLY A 174 14.24 -16.37 -7.75
CA GLY A 174 14.29 -16.91 -7.82
C GLY A 174 15.67 -16.89 -7.88
C GLY A 174 15.79 -17.11 -7.87
N SER A 175 16.56 -16.49 -6.98
CA SER A 175 18.00 -16.79 -7.03
C SER A 175 18.26 -18.20 -6.53
N ALA A 176 19.50 -18.66 -6.72
CA ALA A 176 19.74 -20.10 -6.57
C ALA A 176 20.05 -20.48 -5.12
N ASP A 177 19.71 -21.72 -4.78
CA ASP A 177 19.90 -22.23 -3.42
C ASP A 177 21.38 -22.37 -3.05
N THR A 178 22.18 -22.98 -3.90
CA THR A 178 23.56 -23.35 -3.51
C THR A 178 24.60 -22.30 -3.90
N VAL A 179 24.30 -21.03 -3.68
CA VAL A 179 25.24 -19.94 -3.89
C VAL A 179 26.24 -19.94 -2.75
N ARG A 180 27.26 -19.08 -2.82
CA ARG A 180 28.10 -18.87 -1.66
C ARG A 180 27.53 -17.71 -0.86
N ASP A 181 27.09 -17.99 0.36
CA ASP A 181 26.38 -16.97 1.12
C ASP A 181 26.28 -17.42 2.56
N ILE A 182 26.00 -16.46 3.44
CA ILE A 182 25.47 -16.77 4.75
C ILE A 182 24.09 -17.37 4.55
N ARG A 183 23.70 -18.27 5.44
CA ARG A 183 22.37 -18.85 5.44
C ARG A 183 21.62 -18.31 6.64
N GLY A 184 20.39 -17.83 6.42
CA GLY A 184 19.56 -17.42 7.52
C GLY A 184 18.82 -18.60 8.12
N TRP A 185 18.50 -18.50 9.42
CA TRP A 185 17.88 -19.62 10.13
C TRP A 185 16.94 -19.04 11.18
N ALA A 186 15.64 -18.99 10.87
CA ALA A 186 14.65 -18.34 11.71
C ALA A 186 13.65 -19.36 12.23
N THR A 187 13.53 -19.46 13.55
CA THR A 187 12.65 -20.43 14.20
C THR A 187 11.60 -19.68 15.01
N LYS A 188 10.34 -19.93 14.70
CA LYS A 188 9.24 -19.33 15.44
C LYS A 188 8.71 -20.39 16.39
N PHE A 189 8.91 -20.18 17.70
CA PHE A 189 8.38 -21.05 18.74
C PHE A 189 7.03 -20.51 19.20
N TYR A 190 5.99 -21.30 19.03
CA TYR A 190 4.63 -20.88 19.37
C TYR A 190 4.34 -21.30 20.81
N THR A 191 4.70 -20.47 21.79
CA THR A 191 4.61 -20.91 23.17
C THR A 191 3.31 -20.46 23.81
N LYS A 192 2.96 -21.14 24.92
CA LYS A 192 1.71 -20.86 25.63
C LYS A 192 1.70 -19.50 26.31
N GLU A 193 2.86 -18.84 26.45
N GLU A 193 2.85 -18.85 26.49
CA GLU A 193 2.91 -17.49 26.99
CA GLU A 193 2.85 -17.47 26.97
C GLU A 193 3.49 -16.49 26.00
C GLU A 193 3.61 -16.55 26.01
N GLY A 194 3.42 -16.77 24.72
CA GLY A 194 3.87 -15.85 23.69
C GLY A 194 4.67 -16.51 22.57
N THR A 195 4.68 -15.86 21.42
CA THR A 195 5.47 -16.33 20.30
C THR A 195 6.89 -15.82 20.44
N PHE A 196 7.85 -16.71 20.40
CA PHE A 196 9.26 -16.36 20.52
C PHE A 196 9.94 -16.70 19.21
N ASP A 197 10.72 -15.74 18.70
CA ASP A 197 11.46 -15.87 17.44
C ASP A 197 12.95 -15.87 17.73
N LEU A 198 13.63 -16.97 17.35
CA LEU A 198 15.08 -17.04 17.35
C LEU A 198 15.53 -16.85 15.91
N VAL A 199 15.92 -15.63 15.57
CA VAL A 199 16.28 -15.29 14.20
C VAL A 199 17.81 -15.31 14.09
N GLY A 200 18.36 -16.43 13.64
CA GLY A 200 19.81 -16.50 13.52
C GLY A 200 20.35 -16.81 12.13
N ASN A 201 21.66 -17.08 12.05
CA ASN A 201 22.37 -17.41 10.82
C ASN A 201 23.11 -18.73 11.02
N ASN A 202 23.74 -19.24 9.95
CA ASN A 202 24.51 -20.45 10.09
C ASN A 202 25.99 -20.21 10.39
N THR A 203 26.35 -19.04 10.90
CA THR A 203 27.70 -18.80 11.41
C THR A 203 27.57 -18.02 12.72
N PRO A 204 28.58 -18.09 13.59
CA PRO A 204 28.42 -17.55 14.96
C PRO A 204 28.71 -16.06 15.11
N VAL A 205 29.12 -15.38 14.06
CA VAL A 205 29.44 -13.97 14.12
C VAL A 205 28.70 -13.28 12.98
N PHE A 206 28.61 -11.95 13.06
CA PHE A 206 28.12 -11.15 11.94
C PHE A 206 29.21 -10.24 11.41
N PHE A 207 28.95 -9.64 10.24
CA PHE A 207 29.93 -8.80 9.53
C PHE A 207 30.19 -7.46 10.19
N ILE A 208 29.23 -6.93 10.95
CA ILE A 208 29.33 -5.56 11.41
C ILE A 208 29.00 -5.50 12.89
N GLN A 209 29.40 -4.41 13.53
CA GLN A 209 29.21 -4.24 14.96
C GLN A 209 27.99 -3.40 15.33
N ASP A 210 27.63 -2.38 14.55
CA ASP A 210 26.56 -1.45 14.90
C ASP A 210 25.50 -1.44 13.81
N ALA A 211 24.24 -1.58 14.21
CA ALA A 211 23.14 -1.65 13.26
C ALA A 211 23.15 -0.53 12.23
N ILE A 212 23.67 0.65 12.58
CA ILE A 212 23.62 1.80 11.66
C ILE A 212 24.30 1.48 10.32
N LYS A 213 25.27 0.57 10.33
CA LYS A 213 26.02 0.15 9.16
C LYS A 213 25.27 -0.87 8.29
N PHE A 214 24.20 -1.47 8.80
CA PHE A 214 23.53 -2.53 8.05
C PHE A 214 23.17 -2.13 6.63
N PRO A 215 22.52 -0.99 6.36
CA PRO A 215 22.20 -0.66 4.96
C PRO A 215 23.44 -0.42 4.10
N ASP A 216 24.53 0.05 4.70
CA ASP A 216 25.79 0.19 3.96
C ASP A 216 26.33 -1.16 3.55
N PHE A 217 26.39 -2.10 4.49
CA PHE A 217 26.90 -3.43 4.20
C PHE A 217 26.04 -4.13 3.16
N VAL A 218 24.71 -4.09 3.34
CA VAL A 218 23.82 -4.77 2.41
C VAL A 218 23.91 -4.13 1.01
N HIS A 219 23.91 -2.79 0.94
CA HIS A 219 24.02 -2.16 -0.37
C HIS A 219 25.28 -2.62 -1.08
N ALA A 220 26.36 -2.75 -0.32
CA ALA A 220 27.63 -3.21 -0.88
C ALA A 220 27.52 -4.63 -1.43
N VAL A 221 26.83 -5.53 -0.70
CA VAL A 221 26.78 -6.92 -1.14
C VAL A 221 25.71 -7.17 -2.19
N LYS A 222 24.58 -6.42 -2.12
CA LYS A 222 23.52 -6.55 -3.11
C LYS A 222 24.03 -6.23 -4.52
N PRO A 223 23.29 -6.60 -5.54
CA PRO A 223 23.70 -6.22 -6.89
C PRO A 223 23.90 -4.70 -6.98
N GLU A 224 24.91 -4.31 -7.73
CA GLU A 224 25.28 -2.92 -7.83
C GLU A 224 24.16 -2.13 -8.49
N PRO A 225 23.94 -0.88 -8.06
CA PRO A 225 22.67 -0.20 -8.37
C PRO A 225 22.50 0.25 -9.82
N HIS A 226 23.56 0.35 -10.63
CA HIS A 226 23.35 0.78 -12.01
C HIS A 226 22.74 -0.34 -12.85
N ASN A 227 23.33 -1.54 -12.80
CA ASN A 227 23.02 -2.63 -13.71
C ASN A 227 22.35 -3.83 -13.04
N GLU A 228 22.16 -3.77 -11.72
CA GLU A 228 21.64 -4.88 -10.91
C GLU A 228 22.37 -6.20 -11.22
N ILE A 229 23.69 -6.11 -11.24
CA ILE A 229 24.59 -7.24 -11.40
C ILE A 229 25.58 -7.21 -10.25
N PRO A 230 25.84 -8.32 -9.57
CA PRO A 230 25.48 -9.71 -9.85
C PRO A 230 24.50 -10.34 -8.86
N GLN A 231 23.78 -11.34 -9.35
CA GLN A 231 22.78 -12.02 -8.55
C GLN A 231 23.37 -13.14 -7.68
N GLY A 232 23.09 -13.10 -6.39
CA GLY A 232 23.44 -14.19 -5.50
C GLY A 232 24.93 -14.41 -5.35
N GLN A 233 25.73 -13.36 -5.52
CA GLN A 233 27.18 -13.48 -5.41
C GLN A 233 27.71 -12.23 -4.72
N SER A 234 28.66 -12.43 -3.80
CA SER A 234 29.44 -11.33 -3.24
C SER A 234 30.69 -11.04 -4.04
N ALA A 235 30.88 -11.73 -5.17
CA ALA A 235 32.09 -11.56 -5.97
C ALA A 235 31.95 -10.37 -6.92
N HIS A 236 32.03 -9.18 -6.34
CA HIS A 236 32.00 -7.98 -7.17
C HIS A 236 32.59 -6.81 -6.40
N ASP A 237 32.87 -5.72 -7.13
CA ASP A 237 33.69 -4.62 -6.61
C ASP A 237 33.15 -4.04 -5.31
N THR A 238 31.84 -3.74 -5.25
CA THR A 238 31.35 -2.92 -4.13
C THR A 238 31.39 -3.66 -2.81
N PHE A 239 31.15 -4.97 -2.81
CA PHE A 239 31.30 -5.76 -1.58
C PHE A 239 32.75 -5.72 -1.07
N TRP A 240 33.69 -6.05 -1.93
CA TRP A 240 35.08 -6.13 -1.48
C TRP A 240 35.63 -4.76 -1.18
N ASP A 241 35.12 -3.73 -1.86
CA ASP A 241 35.43 -2.35 -1.49
C ASP A 241 35.07 -2.11 -0.02
N TYR A 242 33.87 -2.50 0.37
CA TYR A 242 33.42 -2.21 1.72
C TYR A 242 34.20 -3.04 2.73
N ILE A 243 34.38 -4.33 2.46
CA ILE A 243 35.25 -5.16 3.28
C ILE A 243 36.59 -4.47 3.49
N SER A 244 37.18 -3.97 2.40
CA SER A 244 38.55 -3.47 2.47
C SER A 244 38.66 -2.22 3.33
N LEU A 245 37.55 -1.52 3.58
CA LEU A 245 37.55 -0.30 4.38
C LEU A 245 37.01 -0.53 5.78
N GLN A 246 36.55 -1.74 6.07
CA GLN A 246 35.84 -2.04 7.31
C GLN A 246 36.35 -3.36 7.86
N PRO A 247 37.53 -3.34 8.48
CA PRO A 247 38.16 -4.60 8.93
C PRO A 247 37.30 -5.40 9.91
N GLU A 248 36.35 -4.77 10.61
CA GLU A 248 35.46 -5.55 11.47
C GLU A 248 34.76 -6.67 10.72
N THR A 249 34.60 -6.53 9.40
CA THR A 249 33.90 -7.53 8.61
C THR A 249 34.70 -8.82 8.43
N LEU A 250 36.02 -8.81 8.66
CA LEU A 250 36.84 -9.92 8.20
C LEU A 250 36.47 -11.23 8.86
N HIS A 251 36.05 -11.21 10.14
CA HIS A 251 35.74 -12.47 10.82
C HIS A 251 34.68 -13.25 10.07
N ASN A 252 33.53 -12.63 9.76
CA ASN A 252 32.46 -13.35 9.10
C ASN A 252 32.81 -13.63 7.64
N VAL A 253 33.51 -12.71 6.99
CA VAL A 253 34.06 -13.01 5.67
C VAL A 253 34.84 -14.31 5.69
N MET A 254 35.68 -14.54 6.71
CA MET A 254 36.44 -15.80 6.78
C MET A 254 35.49 -16.99 6.78
N TRP A 255 34.41 -16.89 7.56
CA TRP A 255 33.42 -17.96 7.58
C TRP A 255 32.77 -18.18 6.22
N VAL A 256 32.41 -17.11 5.51
CA VAL A 256 31.68 -17.32 4.25
C VAL A 256 32.63 -17.66 3.10
N MET A 257 33.90 -17.30 3.22
CA MET A 257 34.92 -17.72 2.25
C MET A 257 35.27 -19.20 2.45
N SER A 258 35.08 -19.72 3.66
CA SER A 258 35.22 -21.13 3.94
C SER A 258 34.05 -21.93 3.34
N ASP A 259 34.17 -23.25 3.43
CA ASP A 259 33.11 -24.12 2.95
C ASP A 259 31.85 -24.04 3.81
N ARG A 260 31.89 -23.36 4.96
CA ARG A 260 30.65 -23.04 5.67
C ARG A 260 29.70 -22.24 4.79
N GLY A 261 30.25 -21.48 3.84
CA GLY A 261 29.43 -20.70 2.94
C GLY A 261 28.69 -21.52 1.91
N ILE A 262 28.95 -22.83 1.81
CA ILE A 262 28.20 -23.64 0.86
C ILE A 262 27.75 -24.95 1.50
N PRO A 263 26.78 -24.90 2.42
CA PRO A 263 26.33 -26.13 3.09
C PRO A 263 25.78 -27.14 2.11
N ARG A 264 26.01 -28.42 2.41
CA ARG A 264 25.41 -29.47 1.60
C ARG A 264 23.88 -29.43 1.69
N SER A 265 23.35 -29.05 2.85
CA SER A 265 21.94 -29.19 3.17
C SER A 265 21.66 -28.37 4.42
N TYR A 266 20.46 -27.78 4.49
CA TYR A 266 20.03 -27.08 5.70
C TYR A 266 19.96 -28.03 6.88
N ARG A 267 19.74 -29.32 6.61
CA ARG A 267 19.79 -30.32 7.66
C ARG A 267 21.19 -30.51 8.20
N MET A 268 22.22 -30.02 7.50
CA MET A 268 23.61 -30.30 7.89
C MET A 268 24.42 -29.01 7.96
N MET A 269 23.89 -28.03 8.69
CA MET A 269 24.68 -26.86 9.07
C MET A 269 24.40 -26.59 10.53
N GLU A 270 25.26 -25.78 11.13
CA GLU A 270 24.98 -25.32 12.48
C GLU A 270 24.18 -24.03 12.44
N GLY A 271 23.68 -23.62 13.59
CA GLY A 271 22.86 -22.43 13.69
C GLY A 271 23.17 -21.69 14.97
N PHE A 272 23.09 -20.36 14.89
CA PHE A 272 23.53 -19.46 15.94
C PHE A 272 22.64 -18.22 15.97
N GLY A 273 22.21 -17.81 17.17
CA GLY A 273 21.54 -16.54 17.36
C GLY A 273 22.48 -15.36 17.31
N ILE A 274 23.78 -15.60 17.46
CA ILE A 274 24.90 -14.66 17.36
C ILE A 274 24.99 -13.72 18.56
N HIS A 275 23.93 -12.98 18.82
CA HIS A 275 23.92 -12.01 19.91
C HIS A 275 23.92 -12.68 21.27
N THR A 276 24.47 -11.96 22.24
CA THR A 276 24.32 -12.34 23.62
C THR A 276 22.96 -11.86 24.07
N TYR A 277 22.13 -12.79 24.54
CA TYR A 277 20.86 -12.44 25.15
C TYR A 277 21.00 -12.60 26.66
N LYS A 278 19.96 -12.25 27.39
CA LYS A 278 19.91 -12.49 28.82
C LYS A 278 18.90 -13.59 29.10
N MET A 279 19.09 -14.30 30.22
CA MET A 279 18.10 -15.23 30.72
C MET A 279 17.86 -14.92 32.19
N ILE A 280 16.59 -14.70 32.55
CA ILE A 280 16.20 -14.34 33.91
C ILE A 280 15.43 -15.49 34.55
N ASN A 281 15.86 -15.93 35.73
CA ASN A 281 15.13 -16.98 36.40
C ASN A 281 14.15 -16.35 37.39
N ALA A 282 13.45 -17.21 38.14
CA ALA A 282 12.40 -16.75 39.03
C ALA A 282 12.95 -15.94 40.19
N GLU A 283 14.22 -16.13 40.57
CA GLU A 283 14.81 -15.27 41.59
C GLU A 283 15.16 -13.88 41.07
N GLY A 284 15.17 -13.68 39.76
CA GLY A 284 15.68 -12.44 39.19
C GLY A 284 17.17 -12.44 38.92
N GLN A 285 17.79 -13.61 38.81
CA GLN A 285 19.21 -13.74 38.48
C GLN A 285 19.42 -13.83 36.97
N CYS A 286 20.35 -13.04 36.46
CA CYS A 286 20.59 -12.92 35.03
C CYS A 286 21.80 -13.74 34.61
N HIS A 287 21.60 -14.65 33.66
CA HIS A 287 22.70 -15.28 32.96
C HIS A 287 22.80 -14.74 31.54
N PHE A 288 24.03 -14.47 31.10
CA PHE A 288 24.29 -14.20 29.69
C PHE A 288 24.26 -15.50 28.92
N ILE A 289 23.71 -15.44 27.71
CA ILE A 289 23.29 -16.62 26.99
C ILE A 289 23.63 -16.44 25.51
N ARG A 290 24.07 -17.52 24.87
CA ARG A 290 24.16 -17.56 23.41
C ARG A 290 23.55 -18.86 22.94
N PHE A 291 22.68 -18.76 21.94
CA PHE A 291 21.91 -19.88 21.40
C PHE A 291 22.68 -20.57 20.28
N HIS A 292 22.46 -21.88 20.17
CA HIS A 292 23.08 -22.68 19.15
C HIS A 292 22.08 -23.72 18.69
N TRP A 293 22.18 -24.10 17.43
CA TRP A 293 21.60 -25.33 16.95
C TRP A 293 22.73 -26.22 16.46
N LYS A 294 22.77 -27.47 16.94
CA LYS A 294 23.73 -28.44 16.44
C LYS A 294 22.99 -29.52 15.68
N PRO A 295 23.29 -29.74 14.41
CA PRO A 295 22.49 -30.69 13.62
C PRO A 295 22.80 -32.13 14.00
N VAL A 296 21.75 -32.90 14.22
CA VAL A 296 21.86 -34.33 14.42
C VAL A 296 22.48 -35.02 13.20
N TYR A 297 22.23 -34.50 11.98
CA TYR A 297 22.76 -35.15 10.79
C TYR A 297 24.19 -34.77 10.45
N GLY A 298 24.95 -34.15 11.36
CA GLY A 298 26.30 -33.72 11.05
C GLY A 298 26.32 -32.37 10.35
N VAL A 299 27.55 -31.90 10.10
CA VAL A 299 27.81 -30.64 9.42
C VAL A 299 28.61 -30.96 8.16
N SER A 300 28.02 -30.73 6.98
CA SER A 300 28.65 -31.08 5.72
C SER A 300 28.42 -29.99 4.70
N SER A 301 29.39 -29.82 3.79
CA SER A 301 29.32 -28.76 2.81
C SER A 301 29.62 -29.29 1.42
N LEU A 302 29.24 -28.49 0.43
CA LEU A 302 29.63 -28.72 -0.95
C LEU A 302 31.03 -28.19 -1.15
N ILE A 303 31.57 -28.42 -2.34
CA ILE A 303 32.77 -27.72 -2.75
C ILE A 303 32.36 -26.69 -3.79
N TRP A 304 33.20 -25.66 -3.92
CA TRP A 304 32.80 -24.50 -4.68
C TRP A 304 32.39 -24.86 -6.10
N ASP A 305 33.25 -25.55 -6.83
CA ASP A 305 32.93 -25.84 -8.25
C ASP A 305 31.60 -26.61 -8.28
N GLU A 306 31.42 -27.53 -7.34
CA GLU A 306 30.20 -28.33 -7.33
C GLU A 306 28.98 -27.48 -7.03
N ALA A 307 29.05 -26.67 -5.97
CA ALA A 307 27.99 -25.72 -5.65
C ALA A 307 27.60 -24.88 -6.84
N GLN A 308 28.58 -24.28 -7.52
CA GLN A 308 28.27 -23.40 -8.65
C GLN A 308 27.57 -24.15 -9.77
N LEU A 309 28.03 -25.36 -10.10
CA LEU A 309 27.33 -26.17 -11.10
C LEU A 309 25.89 -26.44 -10.69
N LEU A 310 25.64 -26.60 -9.38
CA LEU A 310 24.34 -27.01 -8.87
C LEU A 310 23.31 -25.88 -9.00
N THR A 311 23.74 -24.64 -8.76
CA THR A 311 22.89 -23.50 -9.08
C THR A 311 22.44 -23.53 -10.54
N GLY A 312 23.22 -24.19 -11.41
CA GLY A 312 22.87 -24.35 -12.80
C GLY A 312 21.85 -25.46 -13.06
N CYS A 313 22.08 -26.65 -12.51
CA CYS A 313 21.20 -27.75 -12.87
C CYS A 313 20.04 -27.96 -11.90
N ASP A 314 20.12 -27.43 -10.68
CA ASP A 314 18.98 -27.45 -9.75
C ASP A 314 19.06 -26.23 -8.84
N PRO A 315 18.58 -25.08 -9.32
CA PRO A 315 18.55 -23.88 -8.44
C PRO A 315 17.67 -24.04 -7.21
N ASP A 316 16.82 -25.07 -7.15
CA ASP A 316 16.03 -25.36 -5.96
C ASP A 316 16.60 -26.51 -5.13
N PHE A 317 17.92 -26.77 -5.20
CA PHE A 317 18.47 -27.97 -4.56
C PHE A 317 18.13 -28.04 -3.07
N HIS A 318 18.47 -26.99 -2.29
CA HIS A 318 18.30 -27.06 -0.84
C HIS A 318 16.83 -27.11 -0.43
N ARG A 319 15.97 -26.37 -1.12
CA ARG A 319 14.50 -26.41 -0.85
C ARG A 319 13.97 -27.81 -1.13
N ARG A 320 14.25 -28.34 -2.32
CA ARG A 320 13.79 -29.67 -2.70
C ARG A 320 14.29 -30.73 -1.73
N GLU A 321 15.59 -30.68 -1.41
CA GLU A 321 16.18 -31.67 -0.54
C GLU A 321 15.52 -31.67 0.84
N LEU A 322 15.28 -30.47 1.38
CA LEU A 322 14.56 -30.38 2.65
C LEU A 322 13.11 -30.86 2.50
N TRP A 323 12.41 -30.44 1.45
CA TRP A 323 11.05 -30.93 1.26
C TRP A 323 11.03 -32.45 1.20
N GLU A 324 12.00 -33.04 0.48
CA GLU A 324 11.96 -34.48 0.24
C GLU A 324 12.46 -35.26 1.43
N SER A 325 13.34 -34.66 2.25
CA SER A 325 13.82 -35.33 3.45
C SER A 325 12.71 -35.46 4.47
N ILE A 326 11.81 -34.48 4.51
CA ILE A 326 10.63 -34.57 5.38
C ILE A 326 9.67 -35.65 4.87
N GLU A 327 9.51 -35.74 3.55
CA GLU A 327 8.62 -36.75 2.99
C GLU A 327 9.25 -38.15 3.09
N ALA A 328 10.59 -38.22 3.10
CA ALA A 328 11.26 -39.50 3.26
C ALA A 328 11.20 -40.01 4.69
N GLY A 329 11.20 -39.14 5.68
CA GLY A 329 11.30 -39.54 7.06
C GLY A 329 12.63 -39.21 7.66
N ASP A 330 13.58 -38.74 6.85
CA ASP A 330 14.88 -38.26 7.32
C ASP A 330 14.70 -36.86 7.93
N TYR A 331 13.81 -36.78 8.92
CA TYR A 331 13.33 -35.50 9.42
C TYR A 331 14.51 -34.68 9.92
N PRO A 332 14.63 -33.41 9.51
CA PRO A 332 15.62 -32.52 10.13
C PRO A 332 15.52 -32.52 11.65
N GLU A 333 16.65 -32.76 12.32
CA GLU A 333 16.71 -32.71 13.77
C GLU A 333 17.89 -31.87 14.22
N TYR A 334 17.64 -31.04 15.23
CA TYR A 334 18.69 -30.21 15.77
C TYR A 334 18.53 -30.13 17.28
N GLU A 335 19.66 -30.01 17.96
CA GLU A 335 19.68 -29.86 19.40
C GLU A 335 19.91 -28.39 19.69
N LEU A 336 19.05 -27.79 20.52
CA LEU A 336 19.28 -26.41 20.94
C LEU A 336 20.36 -26.39 22.02
N GLY A 337 21.39 -25.59 21.79
CA GLY A 337 22.42 -25.41 22.78
C GLY A 337 22.43 -24.02 23.37
N LEU A 338 23.03 -23.89 24.56
CA LEU A 338 23.26 -22.60 25.20
C LEU A 338 24.67 -22.58 25.75
N GLN A 339 25.39 -21.50 25.48
CA GLN A 339 26.53 -21.11 26.29
C GLN A 339 26.01 -20.19 27.38
N ILE A 340 26.37 -20.50 28.63
CA ILE A 340 25.79 -19.86 29.80
C ILE A 340 26.91 -19.15 30.53
N ILE A 341 26.78 -17.82 30.69
CA ILE A 341 27.79 -17.00 31.34
C ILE A 341 27.15 -16.24 32.49
N PRO A 342 27.54 -16.49 33.73
CA PRO A 342 27.02 -15.70 34.85
C PRO A 342 27.33 -14.22 34.67
N GLU A 343 26.44 -13.37 35.17
CA GLU A 343 26.59 -11.94 34.99
C GLU A 343 27.96 -11.44 35.41
N GLU A 344 28.46 -11.90 36.56
CA GLU A 344 29.75 -11.42 37.06
C GLU A 344 30.94 -11.86 36.21
N ASP A 345 30.75 -12.68 35.18
CA ASP A 345 31.85 -13.08 34.30
C ASP A 345 31.87 -12.31 32.98
N GLU A 346 31.05 -11.27 32.85
CA GLU A 346 30.91 -10.60 31.56
C GLU A 346 32.22 -10.01 31.07
N HIS A 347 33.06 -9.52 31.98
CA HIS A 347 34.27 -8.81 31.59
C HIS A 347 35.54 -9.66 31.71
N LYS A 348 35.42 -10.98 31.70
CA LYS A 348 36.57 -11.86 31.91
C LYS A 348 37.11 -12.47 30.62
N PHE A 349 36.77 -11.91 29.47
CA PHE A 349 37.26 -12.46 28.20
C PHE A 349 38.08 -11.41 27.46
N ASP A 350 38.87 -11.91 26.51
CA ASP A 350 39.70 -11.04 25.68
C ASP A 350 38.89 -10.55 24.49
N PHE A 351 37.63 -10.29 24.72
CA PHE A 351 36.72 -9.82 23.69
C PHE A 351 35.43 -9.45 24.41
N ASP A 352 34.66 -8.56 23.79
CA ASP A 352 33.34 -8.21 24.31
C ASP A 352 32.33 -9.27 23.89
N ILE A 353 31.67 -9.90 24.87
CA ILE A 353 30.56 -10.79 24.52
C ILE A 353 29.39 -10.04 23.92
N LEU A 354 29.36 -8.72 24.03
CA LEU A 354 28.33 -7.90 23.39
C LEU A 354 28.72 -7.51 21.96
N ASP A 355 29.90 -7.95 21.51
CA ASP A 355 30.35 -7.65 20.16
C ASP A 355 29.90 -8.76 19.21
N PRO A 356 29.03 -8.49 18.24
CA PRO A 356 28.52 -9.56 17.37
C PRO A 356 29.53 -10.07 16.33
N THR A 357 30.67 -9.40 16.17
CA THR A 357 31.74 -10.00 15.37
C THR A 357 32.65 -10.92 16.18
N LYS A 358 32.43 -11.04 17.49
CA LYS A 358 33.16 -12.01 18.30
C LYS A 358 32.30 -13.24 18.54
N LEU A 359 32.93 -14.41 18.51
CA LEU A 359 32.31 -15.61 19.04
C LEU A 359 32.96 -16.00 20.36
N ILE A 360 32.25 -16.83 21.11
CA ILE A 360 32.71 -17.36 22.39
C ILE A 360 33.22 -18.78 22.14
N PRO A 361 34.53 -19.00 22.13
CA PRO A 361 35.05 -20.33 21.76
C PRO A 361 34.51 -21.39 22.70
N GLU A 362 34.03 -22.50 22.13
CA GLU A 362 33.42 -23.56 22.92
C GLU A 362 34.43 -24.25 23.83
N SER A 363 35.73 -24.06 23.55
CA SER A 363 36.77 -24.53 24.47
C SER A 363 36.75 -23.77 25.78
N LEU A 364 36.48 -22.45 25.73
CA LEU A 364 36.31 -21.68 26.96
C LEU A 364 34.91 -21.85 27.56
N VAL A 365 33.86 -21.59 26.78
CA VAL A 365 32.50 -21.66 27.28
C VAL A 365 31.75 -22.74 26.52
N PRO A 366 31.45 -23.88 27.13
CA PRO A 366 30.87 -25.00 26.40
C PRO A 366 29.37 -24.82 26.20
N VAL A 367 28.89 -25.49 25.16
CA VAL A 367 27.49 -25.43 24.73
C VAL A 367 26.78 -26.60 25.41
N HIS A 368 25.83 -26.31 26.29
CA HIS A 368 25.00 -27.33 26.92
C HIS A 368 23.78 -27.58 26.04
N LEU A 369 23.63 -28.82 25.58
CA LEU A 369 22.46 -29.19 24.79
C LEU A 369 21.27 -29.33 25.72
N VAL A 370 20.22 -28.54 25.47
CA VAL A 370 19.10 -28.39 26.38
C VAL A 370 17.77 -28.83 25.79
N GLY A 371 17.69 -29.10 24.49
CA GLY A 371 16.43 -29.52 23.91
C GLY A 371 16.62 -29.93 22.47
N LYS A 372 15.52 -30.33 21.85
CA LYS A 372 15.59 -30.87 20.50
C LYS A 372 14.41 -30.38 19.65
N MET A 373 14.72 -29.95 18.43
CA MET A 373 13.76 -29.57 17.39
C MET A 373 13.70 -30.64 16.32
N VAL A 374 12.49 -31.01 15.93
CA VAL A 374 12.24 -31.91 14.80
C VAL A 374 11.39 -31.15 13.80
N LEU A 375 11.82 -31.14 12.54
CA LEU A 375 11.00 -30.62 11.44
C LEU A 375 10.36 -31.79 10.72
N ASN A 376 9.02 -31.86 10.77
CA ASN A 376 8.35 -33.06 10.28
C ASN A 376 7.12 -32.78 9.42
N ARG A 377 6.91 -31.56 8.93
CA ARG A 377 5.75 -31.35 8.07
C ARG A 377 6.01 -30.19 7.13
N ASN A 378 5.89 -30.46 5.83
CA ASN A 378 5.95 -29.41 4.84
C ASN A 378 4.64 -28.63 4.85
N PRO A 379 4.68 -27.37 4.43
CA PRO A 379 3.44 -26.59 4.33
C PRO A 379 2.54 -27.11 3.21
N ASP A 380 1.31 -26.59 3.18
CA ASP A 380 0.40 -26.82 2.08
C ASP A 380 0.55 -25.79 0.99
N ASN A 381 0.79 -24.54 1.37
CA ASN A 381 0.83 -23.48 0.39
C ASN A 381 2.02 -22.60 0.72
N TYR A 382 2.98 -22.57 -0.20
CA TYR A 382 4.22 -21.85 0.06
C TYR A 382 3.94 -20.39 0.37
N PHE A 383 3.07 -19.75 -0.39
CA PHE A 383 2.88 -18.32 -0.19
C PHE A 383 2.18 -18.06 1.13
N SER A 384 1.12 -18.81 1.42
CA SER A 384 0.36 -18.57 2.64
C SER A 384 1.24 -18.71 3.88
N GLU A 385 2.17 -19.66 3.86
CA GLU A 385 2.91 -20.02 5.06
C GLU A 385 4.33 -19.48 5.00
N THR A 386 5.18 -19.96 4.07
CA THR A 386 6.58 -19.54 4.03
C THR A 386 6.75 -18.08 3.65
N GLU A 387 6.09 -17.65 2.58
CA GLU A 387 6.29 -16.28 2.12
C GLU A 387 5.79 -15.27 3.15
N GLN A 388 4.58 -15.50 3.70
CA GLN A 388 3.96 -14.56 4.63
C GLN A 388 4.46 -14.66 6.07
N VAL A 389 5.30 -15.65 6.43
CA VAL A 389 5.71 -15.72 7.83
C VAL A 389 6.55 -14.49 8.16
N ALA A 390 6.43 -14.02 9.41
CA ALA A 390 7.11 -12.80 9.84
C ALA A 390 7.81 -13.10 11.16
N PHE A 391 9.14 -12.95 11.17
CA PHE A 391 10.00 -13.15 12.33
C PHE A 391 10.54 -11.80 12.80
N CYS A 392 10.82 -11.72 14.09
CA CYS A 392 11.58 -10.55 14.60
C CYS A 392 12.25 -10.88 15.93
N PRO A 393 13.48 -10.43 16.00
CA PRO A 393 14.21 -10.72 17.25
C PRO A 393 13.63 -10.00 18.45
N GLY A 394 12.89 -8.91 18.26
CA GLY A 394 12.18 -8.29 19.36
C GLY A 394 11.03 -9.10 19.89
N ASN A 395 10.71 -10.23 19.24
CA ASN A 395 9.63 -11.11 19.67
C ASN A 395 10.17 -12.08 20.72
N ILE A 396 10.45 -11.52 21.89
CA ILE A 396 10.87 -12.33 23.03
C ILE A 396 9.69 -12.69 23.91
N VAL A 397 9.97 -13.43 24.98
CA VAL A 397 8.96 -13.87 25.95
C VAL A 397 9.57 -13.73 27.34
N PRO A 398 8.75 -13.70 28.38
CA PRO A 398 9.28 -13.54 29.75
C PRO A 398 10.23 -14.66 30.12
N GLY A 399 11.33 -14.29 30.78
CA GLY A 399 12.43 -15.19 31.03
C GLY A 399 13.64 -14.94 30.15
N ILE A 400 13.43 -14.30 29.01
CA ILE A 400 14.52 -13.89 28.13
C ILE A 400 14.51 -12.37 28.04
N ASP A 401 15.69 -11.77 27.85
CA ASP A 401 15.81 -10.34 27.69
C ASP A 401 16.96 -10.01 26.75
N PHE A 402 17.00 -8.75 26.33
CA PHE A 402 18.02 -8.25 25.42
C PHE A 402 19.32 -7.94 26.16
N SER A 403 20.41 -7.88 25.40
CA SER A 403 21.65 -7.27 25.86
C SER A 403 21.88 -5.97 25.11
N ASP A 404 22.92 -5.24 25.52
CA ASP A 404 23.29 -3.96 24.94
C ASP A 404 24.12 -4.09 23.66
N ASP A 405 24.17 -5.28 23.07
CA ASP A 405 24.79 -5.51 21.77
C ASP A 405 24.17 -4.52 20.78
N PRO A 406 24.97 -3.58 20.26
CA PRO A 406 24.41 -2.50 19.41
C PRO A 406 23.93 -2.96 18.04
N LEU A 407 24.37 -4.11 17.55
CA LEU A 407 23.72 -4.72 16.40
C LEU A 407 22.30 -5.14 16.75
N LEU A 408 22.16 -5.95 17.81
CA LEU A 408 20.85 -6.47 18.20
C LEU A 408 19.87 -5.35 18.52
N GLN A 409 20.33 -4.29 19.19
CA GLN A 409 19.42 -3.21 19.53
C GLN A 409 18.80 -2.58 18.27
N GLY A 410 19.60 -2.37 17.21
CA GLY A 410 19.04 -1.86 15.98
C GLY A 410 18.13 -2.84 15.27
N ARG A 411 18.40 -4.14 15.43
CA ARG A 411 17.55 -5.16 14.82
C ARG A 411 16.14 -5.12 15.38
N LEU A 412 16.00 -4.80 16.68
CA LEU A 412 14.68 -4.80 17.31
C LEU A 412 13.73 -3.84 16.61
N PHE A 413 14.24 -2.72 16.10
CA PHE A 413 13.37 -1.76 15.46
C PHE A 413 12.91 -2.29 14.10
N SER A 414 13.77 -3.05 13.45
CA SER A 414 13.73 -3.16 12.00
C SER A 414 12.68 -4.16 11.53
N TYR A 415 12.57 -5.29 12.23
CA TYR A 415 11.71 -6.38 11.76
C TYR A 415 10.24 -6.01 11.72
N ILE A 416 9.70 -5.43 12.77
CA ILE A 416 8.32 -4.98 12.71
C ILE A 416 8.10 -3.90 11.64
N ASP A 417 9.01 -2.96 11.54
CA ASP A 417 8.84 -1.88 10.59
C ASP A 417 8.78 -2.35 9.15
N THR A 418 9.64 -3.28 8.78
CA THR A 418 9.71 -3.80 7.41
C THR A 418 8.45 -4.52 7.05
N GLN A 419 7.90 -5.24 7.99
CA GLN A 419 6.71 -6.00 7.74
C GLN A 419 5.47 -5.13 7.50
N ILE A 420 5.55 -3.84 7.83
CA ILE A 420 4.44 -2.94 7.57
C ILE A 420 4.15 -2.89 6.08
N SER A 421 5.18 -2.73 5.26
CA SER A 421 4.93 -2.73 3.83
C SER A 421 5.00 -4.11 3.20
N ARG A 422 5.86 -5.01 3.71
CA ARG A 422 5.96 -6.34 3.11
C ARG A 422 4.62 -7.08 3.18
N LEU A 423 3.95 -7.02 4.34
CA LEU A 423 2.67 -7.70 4.53
C LEU A 423 1.50 -6.74 4.65
N GLY A 424 1.67 -5.50 4.19
CA GLY A 424 0.55 -4.62 3.92
C GLY A 424 -0.11 -3.94 5.09
N GLY A 425 0.54 -3.83 6.23
CA GLY A 425 -0.04 -3.10 7.34
C GLY A 425 0.36 -3.72 8.67
N VAL A 426 -0.34 -3.28 9.73
CA VAL A 426 0.02 -3.63 11.10
C VAL A 426 -0.80 -4.82 11.63
N ASN A 427 -1.62 -5.44 10.78
CA ASN A 427 -2.34 -6.63 11.20
C ASN A 427 -1.70 -7.92 10.67
N PHE A 428 -0.40 -7.89 10.37
CA PHE A 428 0.18 -9.10 9.80
C PHE A 428 0.13 -10.24 10.80
N HIS A 429 -0.03 -9.94 12.09
CA HIS A 429 -0.09 -11.00 13.10
C HIS A 429 -1.38 -11.80 13.03
N GLU A 430 -2.37 -11.31 12.29
CA GLU A 430 -3.60 -12.05 12.06
C GLU A 430 -3.51 -12.98 10.85
N ILE A 431 -2.47 -12.85 10.04
CA ILE A 431 -2.23 -13.88 9.02
C ILE A 431 -2.01 -15.22 9.73
N PRO A 432 -2.67 -16.30 9.31
CA PRO A 432 -2.71 -17.50 10.16
C PRO A 432 -1.34 -18.04 10.55
N ILE A 433 -0.36 -18.03 9.64
CA ILE A 433 0.96 -18.53 10.02
C ILE A 433 1.56 -17.69 11.15
N ASN A 434 1.16 -16.43 11.26
CA ASN A 434 1.75 -15.54 12.26
C ASN A 434 1.03 -15.51 13.59
N LYS A 435 -0.14 -16.13 13.70
CA LYS A 435 -0.93 -16.05 14.92
C LYS A 435 -0.28 -16.82 16.06
N PRO A 436 -0.19 -16.26 17.25
CA PRO A 436 0.09 -17.07 18.44
C PRO A 436 -0.98 -18.14 18.66
N ILE A 437 -0.62 -19.10 19.52
CA ILE A 437 -1.58 -20.11 19.94
C ILE A 437 -2.05 -19.88 21.36
N CYS A 438 -1.63 -18.80 21.99
CA CYS A 438 -2.12 -18.32 23.28
C CYS A 438 -2.96 -17.07 23.05
N PRO A 439 -3.71 -16.62 24.06
CA PRO A 439 -4.55 -15.42 23.86
C PRO A 439 -3.69 -14.19 23.56
N PHE A 440 -4.33 -13.18 23.00
CA PHE A 440 -3.64 -11.96 22.61
C PHE A 440 -4.51 -10.71 22.72
N HIS A 441 -5.23 -10.58 23.81
CA HIS A 441 -6.14 -9.44 24.01
C HIS A 441 -5.37 -8.17 24.33
N ASN A 442 -5.72 -7.09 23.64
CA ASN A 442 -5.21 -5.76 23.99
C ASN A 442 -6.21 -4.71 23.51
N HIS A 443 -5.74 -3.46 23.43
CA HIS A 443 -6.56 -2.31 23.10
C HIS A 443 -6.26 -1.76 21.70
N GLN A 444 -5.45 -2.46 20.93
CA GLN A 444 -5.17 -2.05 19.56
C GLN A 444 -6.40 -2.29 18.68
N ARG A 445 -6.55 -1.45 17.66
CA ARG A 445 -7.76 -1.54 16.85
C ARG A 445 -7.43 -1.20 15.40
N ASP A 446 -8.32 -1.57 14.52
CA ASP A 446 -8.22 -1.18 13.14
C ASP A 446 -6.98 -1.55 12.36
N GLY A 447 -6.52 -0.65 11.52
CA GLY A 447 -5.49 -1.02 10.57
C GLY A 447 -6.04 -1.81 9.40
N MET A 448 -5.29 -1.78 8.31
CA MET A 448 -5.66 -2.50 7.10
C MET A 448 -5.87 -3.99 7.35
N HIS A 449 -6.99 -4.48 6.80
N HIS A 449 -6.92 -4.56 6.76
CA HIS A 449 -7.40 -5.88 6.80
CA HIS A 449 -7.17 -6.01 6.86
C HIS A 449 -7.46 -6.40 8.23
C HIS A 449 -7.43 -6.44 8.29
N ARG A 450 -8.24 -5.68 9.05
CA ARG A 450 -8.52 -6.09 10.43
C ARG A 450 -9.45 -7.29 10.43
N MET A 451 -8.99 -8.41 10.97
CA MET A 451 -9.80 -9.62 11.05
C MET A 451 -10.64 -9.66 12.32
N SER A 452 -10.06 -9.28 13.44
CA SER A 452 -10.72 -9.35 14.73
C SER A 452 -11.89 -8.37 14.79
N ILE A 453 -12.94 -8.76 15.52
CA ILE A 453 -14.09 -7.89 15.78
C ILE A 453 -14.18 -7.66 17.28
N SER A 454 -13.78 -6.48 17.73
CA SER A 454 -13.77 -6.13 19.15
C SER A 454 -15.06 -5.44 19.55
N GLY A 455 -15.48 -5.65 20.79
CA GLY A 455 -16.69 -5.02 21.25
C GLY A 455 -16.57 -4.40 22.62
N THR A 456 -15.36 -4.35 23.17
CA THR A 456 -15.18 -3.80 24.50
C THR A 456 -14.29 -2.55 24.41
N ALA A 457 -14.08 -1.95 25.58
CA ALA A 457 -13.38 -0.67 25.68
C ALA A 457 -12.00 -0.71 25.04
N ASN A 458 -11.71 0.26 24.16
CA ASN A 458 -10.45 0.28 23.43
C ASN A 458 -9.39 1.17 24.09
N TYR A 459 -9.48 1.36 25.41
CA TYR A 459 -8.52 2.19 26.14
C TYR A 459 -8.37 1.65 27.54
N GLU A 460 -7.15 1.78 28.07
CA GLU A 460 -6.71 1.43 29.42
C GLU A 460 -6.09 2.67 30.08
N PRO A 461 -6.51 3.04 31.30
CA PRO A 461 -7.54 2.42 32.14
C PRO A 461 -8.97 2.75 31.68
N ASN A 462 -9.87 1.78 31.74
CA ASN A 462 -11.29 2.06 31.60
C ASN A 462 -12.04 1.49 32.79
N SER A 463 -13.24 2.05 33.03
CA SER A 463 -14.17 1.45 33.96
C SER A 463 -15.37 0.82 33.28
N ILE A 464 -15.72 1.25 32.06
CA ILE A 464 -16.91 0.73 31.41
C ILE A 464 -16.83 -0.77 31.15
N ASN A 465 -15.62 -1.35 31.13
CA ASN A 465 -15.46 -2.80 31.05
C ASN A 465 -14.61 -3.33 32.21
N ASN A 466 -14.63 -2.62 33.34
CA ASN A 466 -13.89 -3.03 34.55
C ASN A 466 -12.41 -3.25 34.24
N ASN A 467 -11.94 -2.59 33.18
CA ASN A 467 -10.52 -2.62 32.81
C ASN A 467 -10.05 -4.03 32.46
N TRP A 468 -10.87 -4.75 31.71
CA TRP A 468 -10.39 -5.94 31.03
C TRP A 468 -10.15 -5.64 29.57
N PRO A 469 -9.03 -6.09 28.96
CA PRO A 469 -8.00 -6.93 29.54
C PRO A 469 -7.11 -6.13 30.47
N ARG A 470 -6.51 -6.82 31.42
CA ARG A 470 -5.80 -6.18 32.52
C ARG A 470 -4.31 -6.47 32.42
N GLU A 471 -3.51 -5.51 32.89
CA GLU A 471 -2.08 -5.71 33.09
C GLU A 471 -1.81 -6.90 33.99
N ALA A 472 -0.76 -7.63 33.71
CA ALA A 472 -0.47 -8.81 34.51
C ALA A 472 0.72 -8.55 35.41
N PRO A 473 0.62 -8.83 36.71
CA PRO A 473 1.77 -8.63 37.60
C PRO A 473 2.93 -9.50 37.17
N PRO A 474 4.17 -9.02 37.35
CA PRO A 474 5.33 -9.84 36.96
C PRO A 474 5.27 -11.26 37.50
N THR A 475 4.87 -11.45 38.77
CA THR A 475 4.72 -12.79 39.33
C THR A 475 3.64 -13.60 38.63
N GLU A 476 2.81 -12.98 37.81
CA GLU A 476 1.80 -13.69 37.06
C GLU A 476 2.20 -13.93 35.61
N GLY A 477 3.43 -13.57 35.23
CA GLY A 477 3.88 -13.71 33.87
C GLY A 477 3.94 -12.43 33.06
N GLY A 478 3.59 -11.28 33.65
CA GLY A 478 3.70 -10.03 32.92
C GLY A 478 5.15 -9.72 32.61
N PHE A 479 5.46 -9.46 31.33
CA PHE A 479 6.82 -9.16 30.95
C PHE A 479 7.36 -7.95 31.71
N THR A 480 8.61 -8.05 32.17
CA THR A 480 9.36 -6.94 32.76
C THR A 480 10.78 -6.99 32.23
N THR A 481 11.43 -5.83 32.20
CA THR A 481 12.82 -5.74 31.78
C THR A 481 13.73 -5.86 32.99
N TYR A 482 14.77 -6.68 32.87
CA TYR A 482 15.76 -6.80 33.93
C TYR A 482 16.38 -5.44 34.21
N PRO A 483 16.44 -5.00 35.47
CA PRO A 483 16.96 -3.64 35.77
C PRO A 483 18.49 -3.57 35.72
N GLN A 484 19.03 -3.70 34.52
CA GLN A 484 20.44 -3.47 34.30
C GLN A 484 20.78 -2.02 34.60
N PRO A 485 21.95 -1.75 35.19
CA PRO A 485 22.38 -0.36 35.40
C PRO A 485 22.75 0.29 34.09
N VAL A 486 22.54 1.60 34.04
CA VAL A 486 22.84 2.42 32.87
C VAL A 486 23.61 3.63 33.35
N ASN A 487 24.88 3.71 33.00
CA ASN A 487 25.72 4.84 33.37
C ASN A 487 26.58 5.23 32.19
N GLY A 488 26.57 6.51 31.84
CA GLY A 488 27.37 6.95 30.72
C GLY A 488 26.97 8.35 30.31
N TYR A 489 27.28 8.66 29.05
CA TYR A 489 26.93 9.92 28.43
C TYR A 489 26.26 9.60 27.10
N LYS A 490 25.25 10.39 26.74
CA LYS A 490 24.65 10.24 25.42
C LYS A 490 25.73 10.50 24.36
N SER A 491 26.02 9.49 23.55
CA SER A 491 27.10 9.66 22.61
C SER A 491 26.96 8.72 21.43
N ARG A 492 27.64 9.08 20.34
CA ARG A 492 27.82 8.25 19.16
C ARG A 492 29.31 7.87 19.12
N LYS A 493 29.61 6.64 19.50
CA LYS A 493 30.99 6.22 19.67
C LYS A 493 31.05 4.69 19.68
N ARG A 494 32.04 4.13 18.98
CA ARG A 494 32.26 2.70 19.05
C ARG A 494 33.04 2.37 20.31
N SER A 495 32.53 1.43 21.11
CA SER A 495 33.19 1.05 22.35
C SER A 495 34.61 0.58 22.05
N SER A 496 35.57 1.08 22.82
CA SER A 496 36.97 0.71 22.63
C SER A 496 37.15 -0.80 22.76
N THR A 497 36.35 -1.46 23.60
CA THR A 497 36.43 -2.92 23.72
C THR A 497 35.97 -3.65 22.47
N PHE A 498 35.42 -2.94 21.48
CA PHE A 498 35.01 -3.55 20.22
C PHE A 498 36.13 -3.56 19.20
N ILE A 499 37.16 -2.76 19.41
CA ILE A 499 38.19 -2.56 18.40
C ILE A 499 39.22 -3.68 18.45
N ASP A 500 38.83 -4.85 17.93
CA ASP A 500 39.72 -5.98 17.72
C ASP A 500 39.19 -6.70 16.50
N PHE A 501 39.92 -6.62 15.39
CA PHE A 501 39.39 -7.05 14.10
C PHE A 501 40.00 -8.31 13.53
N TYR A 502 41.17 -8.76 14.05
CA TYR A 502 41.94 -9.81 13.41
C TYR A 502 42.19 -11.04 14.29
N SER A 503 42.01 -10.96 15.61
CA SER A 503 42.38 -12.07 16.46
C SER A 503 41.45 -13.26 16.26
N GLN A 504 40.15 -13.03 16.12
CA GLN A 504 39.23 -14.13 15.89
C GLN A 504 39.31 -14.65 14.45
N PRO A 505 39.42 -13.79 13.42
CA PRO A 505 39.74 -14.34 12.09
C PRO A 505 40.99 -15.22 12.12
N ARG A 506 42.02 -14.81 12.87
CA ARG A 506 43.23 -15.62 12.94
C ARG A 506 42.97 -16.94 13.65
N LEU A 507 42.25 -16.88 14.77
CA LEU A 507 41.89 -18.10 15.48
C LEU A 507 41.11 -19.05 14.59
N PHE A 508 40.18 -18.52 13.80
CA PHE A 508 39.37 -19.37 12.93
C PHE A 508 40.23 -19.99 11.83
N TRP A 509 41.10 -19.18 11.22
CA TRP A 509 42.09 -19.71 10.28
C TRP A 509 42.92 -20.84 10.90
N LEU A 510 43.51 -20.58 12.08
CA LEU A 510 44.42 -21.55 12.66
C LEU A 510 43.70 -22.82 13.05
N SER A 511 42.37 -22.77 13.17
CA SER A 511 41.60 -23.93 13.57
C SER A 511 41.18 -24.82 12.41
N GLN A 512 41.32 -24.34 11.17
CA GLN A 512 40.96 -25.12 10.00
C GLN A 512 42.00 -26.21 9.70
N THR A 513 41.52 -27.34 9.16
CA THR A 513 42.43 -28.27 8.51
C THR A 513 43.07 -27.61 7.30
N LYS A 514 44.02 -28.31 6.69
CA LYS A 514 44.73 -27.75 5.55
C LYS A 514 43.82 -27.73 4.31
N VAL A 515 42.97 -28.74 4.15
CA VAL A 515 42.05 -28.71 3.03
C VAL A 515 41.07 -27.56 3.18
N GLU A 516 40.63 -27.29 4.42
CA GLU A 516 39.71 -26.19 4.68
C GLU A 516 40.38 -24.85 4.46
N GLN A 517 41.66 -24.74 4.84
CA GLN A 517 42.41 -23.51 4.55
C GLN A 517 42.51 -23.26 3.06
N ASN A 518 42.75 -24.31 2.28
CA ASN A 518 42.85 -24.17 0.84
C ASN A 518 41.55 -23.64 0.24
N HIS A 519 40.42 -24.17 0.71
CA HIS A 519 39.15 -23.72 0.16
C HIS A 519 38.86 -22.29 0.57
N ILE A 520 39.26 -21.91 1.78
CA ILE A 520 39.26 -20.49 2.13
C ILE A 520 40.07 -19.69 1.09
N VAL A 521 41.32 -20.10 0.85
CA VAL A 521 42.10 -19.39 -0.16
C VAL A 521 41.41 -19.43 -1.51
N GLY A 522 40.85 -20.58 -1.86
CA GLY A 522 40.03 -20.65 -3.08
C GLY A 522 38.89 -19.65 -3.09
N GLY A 523 38.16 -19.54 -1.98
CA GLY A 523 37.05 -18.59 -1.92
C GLY A 523 37.47 -17.17 -2.20
N PHE A 524 38.47 -16.66 -1.45
CA PHE A 524 38.96 -15.31 -1.66
C PHE A 524 39.46 -15.09 -3.10
N SER A 525 40.11 -16.09 -3.68
CA SER A 525 40.78 -15.85 -4.96
C SER A 525 39.79 -15.85 -6.10
N PHE A 526 38.79 -16.72 -6.03
CA PHE A 526 37.77 -16.74 -7.06
C PHE A 526 36.95 -15.46 -7.03
N GLU A 527 36.58 -15.02 -5.82
CA GLU A 527 35.77 -13.82 -5.65
C GLU A 527 36.53 -12.58 -6.05
N LEU A 528 37.73 -12.40 -5.51
CA LEU A 528 38.52 -11.24 -5.91
C LEU A 528 38.89 -11.31 -7.38
N GLY A 529 38.92 -12.52 -7.96
CA GLY A 529 39.15 -12.64 -9.38
C GLY A 529 38.13 -11.90 -10.22
N LYS A 530 36.91 -11.75 -9.70
CA LYS A 530 35.83 -11.08 -10.41
C LYS A 530 35.68 -9.61 -10.02
N VAL A 531 36.63 -9.07 -9.27
CA VAL A 531 36.68 -7.65 -8.93
C VAL A 531 37.47 -6.94 -10.03
N VAL A 532 36.86 -5.90 -10.63
CA VAL A 532 37.47 -5.26 -11.79
C VAL A 532 38.58 -4.32 -11.37
N ARG A 533 38.37 -3.52 -10.30
CA ARG A 533 39.32 -2.48 -9.88
C ARG A 533 40.46 -3.10 -9.09
N PRO A 534 41.70 -3.09 -9.61
CA PRO A 534 42.74 -3.90 -8.97
C PRO A 534 43.10 -3.40 -7.59
N TRP A 535 42.90 -2.11 -7.31
CA TRP A 535 43.24 -1.58 -5.99
C TRP A 535 42.35 -2.14 -4.91
N ILE A 536 41.11 -2.52 -5.24
CA ILE A 536 40.26 -3.18 -4.26
C ILE A 536 40.84 -4.54 -3.88
N ARG A 537 41.32 -5.32 -4.86
CA ARG A 537 41.90 -6.63 -4.57
C ARG A 537 43.18 -6.50 -3.73
N GLU A 538 44.05 -5.56 -4.09
CA GLU A 538 45.24 -5.36 -3.30
C GLU A 538 44.90 -4.90 -1.89
N ARG A 539 43.82 -4.13 -1.74
CA ARG A 539 43.49 -3.66 -0.41
C ARG A 539 42.93 -4.78 0.46
N VAL A 540 42.15 -5.68 -0.13
CA VAL A 540 41.70 -6.86 0.61
C VAL A 540 42.90 -7.74 0.99
N VAL A 541 43.80 -8.00 0.03
CA VAL A 541 44.96 -8.84 0.36
C VAL A 541 45.76 -8.23 1.49
N ASN A 542 45.94 -6.91 1.46
CA ASN A 542 46.59 -6.21 2.57
C ASN A 542 45.92 -6.48 3.91
N GLN A 543 44.58 -6.43 3.97
CA GLN A 543 43.88 -6.82 5.21
C GLN A 543 44.29 -8.22 5.63
N LEU A 544 44.30 -9.16 4.68
CA LEU A 544 44.63 -10.55 5.01
C LEU A 544 46.00 -10.69 5.66
N THR A 545 46.96 -9.82 5.32
CA THR A 545 48.30 -9.95 5.91
C THR A 545 48.29 -9.70 7.42
N TYR A 546 47.21 -9.13 7.95
CA TYR A 546 47.05 -8.94 9.38
C TYR A 546 46.39 -10.12 10.07
N ILE A 547 45.97 -11.13 9.31
CA ILE A 547 45.34 -12.32 9.87
C ILE A 547 46.33 -13.47 9.88
N ASP A 548 46.81 -13.87 8.70
CA ASP A 548 47.85 -14.88 8.57
C ASP A 548 48.61 -14.60 7.28
N HIS A 549 49.95 -14.67 7.36
CA HIS A 549 50.79 -14.32 6.21
C HIS A 549 50.71 -15.37 5.11
N GLN A 550 50.54 -16.63 5.49
CA GLN A 550 50.41 -17.69 4.48
C GLN A 550 49.14 -17.49 3.66
N LEU A 551 48.05 -17.13 4.35
CA LEU A 551 46.78 -16.88 3.68
C LEU A 551 46.92 -15.73 2.68
N ALA A 552 47.40 -14.59 3.15
CA ALA A 552 47.64 -13.46 2.25
C ALA A 552 48.52 -13.86 1.07
N GLN A 553 49.63 -14.54 1.34
CA GLN A 553 50.54 -14.90 0.26
C GLN A 553 49.84 -15.76 -0.79
N SER A 554 49.10 -16.78 -0.34
CA SER A 554 48.42 -17.67 -1.27
C SER A 554 47.39 -16.93 -2.11
N VAL A 555 46.60 -16.04 -1.49
CA VAL A 555 45.63 -15.26 -2.26
C VAL A 555 46.36 -14.34 -3.24
N ALA A 556 47.40 -13.66 -2.75
CA ALA A 556 48.15 -12.73 -3.58
C ALA A 556 48.71 -13.41 -4.82
N ASP A 557 49.36 -14.56 -4.64
CA ASP A 557 49.87 -15.33 -5.76
C ASP A 557 48.77 -15.63 -6.77
N ASN A 558 47.60 -16.03 -6.28
CA ASN A 558 46.50 -16.35 -7.16
C ASN A 558 46.04 -15.15 -7.95
N LEU A 559 46.21 -13.95 -7.41
CA LEU A 559 45.73 -12.74 -8.06
C LEU A 559 46.82 -11.99 -8.79
N GLY A 560 48.01 -12.59 -8.91
CA GLY A 560 49.14 -11.92 -9.52
C GLY A 560 49.57 -10.70 -8.75
N ILE A 561 49.51 -10.76 -7.43
CA ILE A 561 49.83 -9.61 -6.59
C ILE A 561 51.17 -9.85 -5.91
N LYS A 562 52.10 -8.91 -6.05
CA LYS A 562 53.38 -8.95 -5.38
C LYS A 562 53.24 -8.30 -4.02
N LEU A 563 53.55 -9.05 -2.96
CA LEU A 563 53.46 -8.54 -1.61
C LEU A 563 54.79 -7.93 -1.20
N SER A 564 54.75 -6.72 -0.66
CA SER A 564 55.97 -6.12 -0.17
C SER A 564 56.48 -6.88 1.07
N GLN A 565 57.74 -6.65 1.42
CA GLN A 565 58.30 -7.33 2.57
C GLN A 565 57.68 -6.81 3.87
N GLU A 566 57.42 -5.51 3.94
CA GLU A 566 56.71 -4.96 5.09
C GLU A 566 55.36 -5.66 5.27
N GLN A 567 54.72 -6.03 4.17
CA GLN A 567 53.44 -6.71 4.26
C GLN A 567 53.61 -8.11 4.82
N LEU A 568 54.57 -8.86 4.29
CA LEU A 568 54.87 -10.17 4.83
C LEU A 568 55.16 -10.11 6.32
N LYS A 569 55.56 -8.95 6.83
CA LYS A 569 55.98 -8.83 8.22
C LYS A 569 54.94 -8.13 9.10
N HIS A 570 53.73 -7.94 8.60
CA HIS A 570 52.70 -7.28 9.41
C HIS A 570 52.47 -8.06 10.71
N PRO A 571 52.25 -7.37 11.82
CA PRO A 571 52.17 -8.07 13.12
C PRO A 571 50.84 -8.81 13.28
N LEU A 572 50.92 -10.04 13.83
CA LEU A 572 49.80 -10.96 13.96
C LEU A 572 49.24 -10.95 15.39
N PRO A 573 47.92 -11.04 15.55
CA PRO A 573 47.34 -11.01 16.89
C PRO A 573 47.72 -12.25 17.69
N GLY A 574 47.61 -12.11 19.01
CA GLY A 574 47.97 -13.18 19.91
C GLY A 574 46.78 -14.04 20.33
N PRO A 575 47.03 -14.96 21.25
CA PRO A 575 45.97 -15.90 21.63
C PRO A 575 44.88 -15.21 22.41
N ILE A 576 43.68 -15.79 22.33
CA ILE A 576 42.49 -15.25 22.98
C ILE A 576 42.24 -16.08 24.22
N ASN A 577 42.47 -15.49 25.39
CA ASN A 577 42.36 -16.22 26.66
C ASN A 577 43.21 -17.49 26.61
N GLY A 578 44.46 -17.32 26.21
CA GLY A 578 45.38 -18.43 26.06
C GLY A 578 45.02 -19.42 24.97
N LEU A 579 44.20 -19.02 24.00
CA LEU A 579 43.70 -19.93 22.97
C LEU A 579 44.16 -19.46 21.60
N SER A 580 44.69 -20.41 20.81
CA SER A 580 45.12 -20.14 19.45
C SER A 580 44.45 -21.02 18.40
N LYS A 581 43.89 -22.17 18.80
CA LYS A 581 43.00 -22.96 17.96
C LYS A 581 41.72 -23.22 18.75
N ASP A 582 40.68 -23.59 18.02
CA ASP A 582 39.49 -24.17 18.65
C ASP A 582 38.90 -25.19 17.69
N ARG A 583 38.97 -26.47 18.08
CA ARG A 583 38.60 -27.56 17.18
C ARG A 583 37.17 -27.44 16.68
N SER A 584 36.26 -26.90 17.51
CA SER A 584 34.88 -26.77 17.07
C SER A 584 34.72 -25.82 15.89
N LEU A 585 35.74 -25.04 15.56
CA LEU A 585 35.61 -24.10 14.45
C LEU A 585 35.88 -24.75 13.11
N SER A 586 36.22 -26.03 13.10
CA SER A 586 36.53 -26.73 11.87
C SER A 586 35.43 -27.74 11.60
N MET A 587 34.79 -27.61 10.43
CA MET A 587 33.73 -28.50 10.01
C MET A 587 34.17 -29.96 10.06
N TYR A 588 35.29 -30.28 9.43
CA TYR A 588 35.61 -31.66 9.15
C TYR A 588 36.42 -32.31 10.27
N ASP A 589 37.31 -31.56 10.93
CA ASP A 589 38.01 -32.10 12.08
C ASP A 589 37.17 -32.05 13.37
N GLY A 590 36.18 -31.16 13.44
CA GLY A 590 35.49 -30.89 14.70
C GLY A 590 34.05 -31.37 14.79
N HIS A 591 33.50 -31.84 13.69
CA HIS A 591 32.12 -32.26 13.67
C HIS A 591 32.00 -33.59 12.94
N HIS A 592 30.86 -34.25 13.06
CA HIS A 592 30.70 -35.59 12.49
C HIS A 592 30.04 -35.52 11.12
N GLN A 593 30.29 -36.56 10.33
CA GLN A 593 29.61 -36.75 9.04
C GLN A 593 28.73 -37.99 9.14
N ILE A 594 27.44 -37.82 8.86
CA ILE A 594 26.46 -38.89 8.98
C ILE A 594 26.20 -39.49 7.60
N LEU A 595 26.25 -40.82 7.54
CA LEU A 595 25.95 -41.52 6.30
C LEU A 595 24.46 -41.46 5.99
N LYS A 596 23.61 -41.54 7.01
CA LYS A 596 22.16 -41.60 6.82
C LYS A 596 21.66 -40.36 6.06
N SER A 597 20.70 -40.59 5.16
CA SER A 597 19.96 -39.65 4.32
C SER A 597 20.74 -39.22 3.06
N ARG A 598 22.02 -39.58 2.92
CA ARG A 598 22.74 -39.21 1.71
C ARG A 598 22.17 -39.93 0.47
N GLN A 599 22.54 -39.42 -0.70
CA GLN A 599 21.99 -39.87 -1.97
C GLN A 599 23.09 -40.44 -2.84
N VAL A 600 22.80 -41.57 -3.51
CA VAL A 600 23.74 -42.25 -4.38
C VAL A 600 23.11 -42.41 -5.75
N ALA A 601 23.81 -41.95 -6.77
CA ALA A 601 23.40 -42.21 -8.14
C ALA A 601 23.80 -43.61 -8.59
N ILE A 602 22.83 -44.37 -9.09
CA ILE A 602 23.09 -45.66 -9.69
C ILE A 602 22.92 -45.55 -11.20
N LEU A 603 24.03 -45.56 -11.94
CA LEU A 603 24.01 -45.42 -13.40
C LEU A 603 23.74 -46.79 -14.02
N ALA A 604 22.71 -46.87 -14.85
CA ALA A 604 22.32 -48.15 -15.42
C ALA A 604 21.46 -47.90 -16.66
N ALA A 605 21.63 -48.74 -17.66
CA ALA A 605 20.78 -48.76 -18.85
C ALA A 605 20.16 -50.14 -18.97
N ASP A 606 19.39 -50.35 -20.04
CA ASP A 606 18.82 -51.66 -20.29
C ASP A 606 19.96 -52.68 -20.40
N GLY A 607 19.75 -53.86 -19.83
CA GLY A 607 20.79 -54.86 -19.77
C GLY A 607 21.60 -54.87 -18.49
N VAL A 608 21.28 -54.02 -17.53
CA VAL A 608 21.96 -54.00 -16.24
C VAL A 608 21.71 -55.31 -15.47
N OCS A 609 22.68 -55.73 -14.69
CA OCS A 609 22.49 -56.87 -13.79
CB OCS A 609 23.81 -57.24 -13.13
SG OCS A 609 23.83 -58.87 -12.36
C OCS A 609 21.43 -56.55 -12.72
O OCS A 609 21.65 -55.68 -11.87
OD1 OCS A 609 23.96 -59.86 -13.38
OD2 OCS A 609 24.97 -58.96 -11.48
OD3 OCS A 609 22.62 -59.06 -11.60
N GLY A 610 20.31 -57.25 -12.75
CA GLY A 610 19.22 -57.00 -11.84
C GLY A 610 19.48 -57.35 -10.39
N ASP A 611 20.22 -58.42 -10.16
CA ASP A 611 20.57 -58.81 -8.80
C ASP A 611 21.56 -57.82 -8.19
N ALA A 612 22.49 -57.33 -8.99
CA ALA A 612 23.39 -56.28 -8.53
C ALA A 612 22.61 -55.09 -8.00
N ILE A 613 21.65 -54.58 -8.79
CA ILE A 613 20.85 -53.44 -8.36
C ILE A 613 20.16 -53.74 -7.04
N ASP A 614 19.45 -54.87 -6.97
CA ASP A 614 18.78 -55.27 -5.74
C ASP A 614 19.74 -55.28 -4.56
N ASN A 615 20.90 -55.93 -4.72
CA ASN A 615 21.86 -56.01 -3.64
C ASN A 615 22.41 -54.64 -3.24
N ILE A 616 22.70 -53.77 -4.22
CA ILE A 616 23.10 -52.39 -3.89
C ILE A 616 21.99 -51.70 -3.12
N MET A 617 20.76 -51.77 -3.64
CA MET A 617 19.65 -51.07 -3.02
C MET A 617 19.49 -51.50 -1.57
N LYS A 618 19.41 -52.82 -1.33
CA LYS A 618 19.14 -53.32 0.01
C LYS A 618 20.23 -52.88 0.98
N THR A 619 21.47 -52.82 0.49
CA THR A 619 22.58 -52.38 1.33
C THR A 619 22.47 -50.89 1.64
N LEU A 620 22.36 -50.07 0.61
CA LEU A 620 22.13 -48.65 0.82
C LEU A 620 21.05 -48.43 1.87
N LYS A 621 19.91 -49.13 1.70
CA LYS A 621 18.78 -48.95 2.61
C LYS A 621 19.14 -49.34 4.04
N LYS A 622 19.98 -50.38 4.20
CA LYS A 622 20.37 -50.81 5.54
C LYS A 622 21.06 -49.68 6.31
N TYR A 623 21.74 -48.77 5.60
CA TYR A 623 22.39 -47.63 6.23
C TYR A 623 21.62 -46.32 6.09
N GLY A 624 20.37 -46.38 5.60
CA GLY A 624 19.58 -45.18 5.46
C GLY A 624 19.93 -44.31 4.29
N VAL A 625 20.60 -44.85 3.27
CA VAL A 625 21.05 -44.09 2.10
C VAL A 625 20.08 -44.34 0.96
N HIS A 626 19.84 -43.32 0.16
CA HIS A 626 18.85 -43.40 -0.91
C HIS A 626 19.55 -43.62 -2.24
N GLY A 627 19.18 -44.71 -2.91
CA GLY A 627 19.71 -45.04 -4.20
C GLY A 627 18.75 -44.55 -5.28
N LYS A 628 19.30 -43.83 -6.25
CA LYS A 628 18.54 -43.21 -7.32
C LYS A 628 19.03 -43.78 -8.63
N ILE A 629 18.15 -44.40 -9.39
CA ILE A 629 18.53 -45.00 -10.65
C ILE A 629 18.44 -43.94 -11.74
N PHE A 630 19.57 -43.61 -12.33
CA PHE A 630 19.61 -42.70 -13.47
C PHE A 630 19.99 -43.51 -14.70
N ALA A 631 19.18 -43.41 -15.74
CA ALA A 631 19.23 -44.18 -16.96
C ALA A 631 19.17 -43.24 -18.16
N PRO A 632 19.50 -43.73 -19.36
CA PRO A 632 19.43 -42.84 -20.52
C PRO A 632 18.01 -42.41 -20.91
N HIS A 633 16.97 -43.04 -20.37
CA HIS A 633 15.58 -42.59 -20.59
C HIS A 633 14.78 -42.84 -19.33
N VAL A 634 13.65 -42.11 -19.19
CA VAL A 634 12.81 -42.32 -18.02
C VAL A 634 11.91 -43.54 -18.26
N GLY A 635 11.04 -43.80 -17.30
CA GLY A 635 10.16 -44.97 -17.33
C GLY A 635 10.79 -46.13 -16.56
N ARG A 636 10.94 -47.28 -17.23
CA ARG A 636 11.58 -48.45 -16.65
C ARG A 636 12.67 -48.93 -17.61
N ILE A 637 13.71 -49.53 -17.04
CA ILE A 637 14.71 -50.23 -17.83
C ILE A 637 14.51 -51.74 -17.61
N THR A 638 14.98 -52.52 -18.57
CA THR A 638 14.93 -53.97 -18.47
C THR A 638 16.29 -54.51 -18.07
N SER A 639 16.31 -55.38 -17.06
CA SER A 639 17.54 -56.02 -16.63
C SER A 639 17.86 -57.21 -17.54
N LEU A 640 19.11 -57.65 -17.50
CA LEU A 640 19.49 -58.80 -18.33
C LEU A 640 18.73 -60.06 -17.90
N GLN A 641 18.24 -60.11 -16.67
CA GLN A 641 17.33 -61.18 -16.24
C GLN A 641 15.89 -60.96 -16.72
N GLY A 642 15.60 -59.90 -17.46
CA GLY A 642 14.29 -59.70 -18.05
C GLY A 642 13.32 -58.88 -17.23
N ASN A 643 13.55 -58.73 -15.93
CA ASN A 643 12.70 -57.90 -15.08
C ASN A 643 12.81 -56.43 -15.45
N GLU A 644 11.75 -55.69 -15.10
CA GLU A 644 11.69 -54.26 -15.35
C GLU A 644 12.04 -53.51 -14.07
N ILE A 645 12.74 -52.39 -14.23
CA ILE A 645 13.22 -51.60 -13.09
C ILE A 645 12.83 -50.14 -13.30
N GLU A 646 12.16 -49.57 -12.30
CA GLU A 646 11.66 -48.20 -12.39
C GLU A 646 12.82 -47.21 -12.25
N VAL A 647 12.90 -46.27 -13.19
CA VAL A 647 14.02 -45.34 -13.27
C VAL A 647 13.67 -44.07 -12.50
N ASN A 648 14.67 -43.48 -11.85
CA ASN A 648 14.45 -42.27 -11.07
C ASN A 648 14.64 -40.99 -11.85
N GLY A 649 15.09 -41.07 -13.09
CA GLY A 649 15.37 -39.90 -13.90
C GLY A 649 16.48 -40.21 -14.88
N THR A 650 16.67 -39.30 -15.83
CA THR A 650 17.73 -39.57 -16.78
C THR A 650 19.08 -39.11 -16.23
N ILE A 651 20.14 -39.68 -16.80
CA ILE A 651 21.49 -39.23 -16.46
C ILE A 651 21.63 -37.75 -16.78
N GLU A 652 21.18 -37.36 -17.97
CA GLU A 652 21.33 -35.99 -18.43
C GLU A 652 20.58 -35.00 -17.53
N GLY A 653 19.50 -35.46 -16.89
CA GLY A 653 18.69 -34.58 -16.07
C GLY A 653 19.13 -34.48 -14.63
N ASN A 654 19.95 -35.41 -14.17
CA ASN A 654 20.40 -35.47 -12.78
C ASN A 654 21.91 -35.65 -12.72
N PRO A 655 22.67 -34.60 -12.98
CA PRO A 655 24.14 -34.73 -13.03
C PRO A 655 24.73 -35.02 -11.66
N SER A 656 26.02 -35.39 -11.67
CA SER A 656 26.69 -35.90 -10.48
C SER A 656 26.69 -34.91 -9.33
N VAL A 657 26.55 -33.61 -9.61
CA VAL A 657 26.57 -32.65 -8.52
C VAL A 657 25.36 -32.81 -7.60
N MET A 658 24.29 -33.48 -8.03
CA MET A 658 23.12 -33.67 -7.17
C MET A 658 23.18 -34.91 -6.29
N VAL A 659 24.29 -35.64 -6.25
CA VAL A 659 24.36 -36.83 -5.42
C VAL A 659 25.67 -36.84 -4.65
N ASP A 660 25.70 -37.63 -3.58
CA ASP A 660 26.87 -37.69 -2.73
C ASP A 660 27.94 -38.67 -3.24
N ALA A 661 27.54 -39.65 -4.03
CA ALA A 661 28.43 -40.71 -4.50
C ALA A 661 27.78 -41.36 -5.71
N VAL A 662 28.58 -42.13 -6.43
CA VAL A 662 28.17 -42.76 -7.68
C VAL A 662 28.53 -44.23 -7.64
N ILE A 663 27.61 -45.10 -8.03
CA ILE A 663 27.88 -46.53 -8.15
C ILE A 663 27.39 -47.00 -9.51
N ILE A 664 28.18 -47.88 -10.15
CA ILE A 664 27.84 -48.41 -11.46
C ILE A 664 27.77 -49.93 -11.43
N PRO A 665 26.58 -50.51 -11.50
CA PRO A 665 26.46 -51.97 -11.50
C PRO A 665 26.88 -52.60 -12.82
N ASP A 666 27.09 -53.91 -12.76
CA ASP A 666 27.52 -54.67 -13.92
C ASP A 666 26.36 -54.86 -14.90
N GLY A 667 26.69 -55.44 -16.06
CA GLY A 667 25.74 -55.77 -17.10
C GLY A 667 26.29 -55.31 -18.43
N GLU A 668 26.56 -56.26 -19.31
CA GLU A 668 27.35 -55.98 -20.51
C GLU A 668 26.69 -54.93 -21.38
N ASP A 669 25.38 -55.06 -21.61
CA ASP A 669 24.68 -54.14 -22.48
C ASP A 669 24.55 -52.76 -21.84
N SER A 670 24.38 -52.72 -20.52
CA SER A 670 24.32 -51.46 -19.80
C SER A 670 25.63 -50.70 -19.94
N ILE A 671 26.75 -51.35 -19.56
CA ILE A 671 28.08 -50.74 -19.64
C ILE A 671 28.34 -50.20 -21.05
N ASP A 672 28.06 -51.02 -22.07
CA ASP A 672 28.28 -50.61 -23.45
C ASP A 672 27.43 -49.41 -23.83
N SER A 673 26.18 -49.37 -23.36
CA SER A 673 25.35 -48.18 -23.57
C SER A 673 25.97 -46.95 -22.92
N LEU A 674 26.40 -47.10 -21.65
CA LEU A 674 26.98 -45.95 -20.96
C LEU A 674 28.27 -45.49 -21.60
N MET A 675 29.05 -46.40 -22.18
CA MET A 675 30.29 -45.95 -22.77
C MET A 675 30.06 -45.17 -24.07
N LYS A 676 28.93 -45.38 -24.72
CA LYS A 676 28.54 -44.57 -25.88
C LYS A 676 27.93 -43.23 -25.48
N ASN A 677 27.74 -42.96 -24.19
CA ASN A 677 27.01 -41.80 -23.68
C ASN A 677 28.00 -40.81 -23.06
N GLY A 678 28.24 -39.68 -23.74
CA GLY A 678 29.16 -38.69 -23.19
C GLY A 678 28.82 -38.23 -21.79
N ASN A 679 27.51 -38.08 -21.51
CA ASN A 679 27.05 -37.65 -20.18
C ASN A 679 27.41 -38.67 -19.11
N ALA A 680 27.18 -39.95 -19.40
CA ALA A 680 27.48 -41.00 -18.45
C ALA A 680 28.99 -41.08 -18.21
N LYS A 681 29.78 -40.98 -19.26
CA LYS A 681 31.22 -40.91 -19.05
C LYS A 681 31.57 -39.69 -18.22
N HIS A 682 30.94 -38.54 -18.54
CA HIS A 682 31.30 -37.32 -17.83
C HIS A 682 30.82 -37.34 -16.39
N TYR A 683 29.71 -38.05 -16.13
CA TYR A 683 29.26 -38.28 -14.76
C TYR A 683 30.40 -38.84 -13.90
N VAL A 684 31.20 -39.74 -14.46
CA VAL A 684 32.25 -40.35 -13.66
C VAL A 684 33.43 -39.40 -13.51
N ILE A 685 33.77 -38.67 -14.57
CA ILE A 685 34.89 -37.75 -14.50
C ILE A 685 34.61 -36.66 -13.47
N GLN A 686 33.37 -36.14 -13.47
CA GLN A 686 33.01 -35.02 -12.60
C GLN A 686 33.00 -35.43 -11.14
N ALA A 687 32.27 -36.51 -10.83
CA ALA A 687 32.27 -37.03 -9.46
C ALA A 687 33.69 -37.31 -8.95
N PHE A 688 34.56 -37.81 -9.81
CA PHE A 688 35.96 -37.97 -9.43
C PHE A 688 36.58 -36.66 -9.00
N LYS A 689 36.48 -35.65 -9.87
CA LYS A 689 37.04 -34.35 -9.61
C LYS A 689 36.39 -33.67 -8.40
N HIS A 690 35.14 -34.02 -8.08
CA HIS A 690 34.48 -33.51 -6.89
C HIS A 690 34.74 -34.38 -5.65
N LEU A 691 35.70 -35.30 -5.74
CA LEU A 691 36.25 -35.99 -4.57
C LEU A 691 35.26 -36.97 -3.97
N LYS A 692 34.39 -37.53 -4.79
CA LYS A 692 33.29 -38.37 -4.35
C LYS A 692 33.61 -39.84 -4.53
N ALA A 693 32.94 -40.67 -3.72
CA ALA A 693 33.12 -42.11 -3.80
C ALA A 693 32.44 -42.65 -5.05
N ILE A 694 33.16 -43.46 -5.82
CA ILE A 694 32.65 -44.10 -7.02
C ILE A 694 32.84 -45.60 -6.86
N GLY A 695 31.74 -46.35 -6.95
CA GLY A 695 31.77 -47.79 -6.92
C GLY A 695 31.58 -48.36 -8.32
N LEU A 696 32.39 -49.37 -8.66
CA LEU A 696 32.39 -49.98 -9.98
C LEU A 696 32.31 -51.49 -9.82
N GLN A 697 31.26 -52.10 -10.37
CA GLN A 697 31.12 -53.55 -10.33
C GLN A 697 31.52 -54.17 -11.67
N GLY A 698 32.49 -55.10 -11.62
CA GLY A 698 32.77 -55.96 -12.76
C GLY A 698 33.14 -55.19 -14.00
N LYS A 699 32.45 -55.49 -15.11
CA LYS A 699 32.73 -54.80 -16.37
C LYS A 699 32.61 -53.30 -16.27
N ALA A 700 31.98 -52.78 -15.20
CA ALA A 700 31.87 -51.34 -15.03
C ALA A 700 33.24 -50.69 -14.91
N PHE A 701 34.24 -51.40 -14.39
CA PHE A 701 35.57 -50.80 -14.31
C PHE A 701 36.11 -50.47 -15.70
N LYS A 702 35.70 -51.22 -16.72
CA LYS A 702 36.07 -50.91 -18.10
C LYS A 702 35.77 -49.45 -18.41
N LEU A 703 34.63 -48.96 -17.93
CA LEU A 703 34.21 -47.59 -18.22
C LEU A 703 35.17 -46.60 -17.60
N TYR A 704 35.48 -46.77 -16.32
CA TYR A 704 36.47 -45.92 -15.66
C TYR A 704 37.81 -45.98 -16.37
N ASP A 705 38.25 -47.19 -16.74
CA ASP A 705 39.57 -47.35 -17.33
C ASP A 705 39.68 -46.66 -18.69
N ALA A 706 38.57 -46.60 -19.43
CA ALA A 706 38.59 -45.96 -20.73
C ALA A 706 38.67 -44.43 -20.64
N LEU A 707 38.47 -43.85 -19.45
CA LEU A 707 38.39 -42.40 -19.28
C LEU A 707 39.74 -41.84 -18.92
N PRO A 708 39.97 -40.53 -19.19
CA PRO A 708 41.26 -39.90 -18.83
C PRO A 708 41.38 -39.62 -17.33
N LEU A 709 41.46 -40.71 -16.57
CA LEU A 709 41.46 -40.67 -15.12
C LEU A 709 42.65 -41.42 -14.56
N PRO A 710 43.29 -40.91 -13.50
CA PRO A 710 44.34 -41.68 -12.83
C PRO A 710 43.76 -42.97 -12.26
N LYS A 711 44.67 -43.83 -11.80
CA LYS A 711 44.28 -45.15 -11.35
C LYS A 711 43.41 -45.05 -10.09
N PRO A 712 42.63 -46.09 -9.79
CA PRO A 712 41.74 -46.04 -8.63
C PRO A 712 42.48 -45.74 -7.34
N ASP A 713 41.84 -44.93 -6.49
CA ASP A 713 42.38 -44.59 -5.17
C ASP A 713 41.45 -45.12 -4.10
N GLU A 714 41.58 -44.58 -2.88
CA GLU A 714 40.77 -45.06 -1.77
C GLU A 714 39.28 -44.86 -2.00
N GLY A 715 38.90 -43.93 -2.89
CA GLY A 715 37.51 -43.63 -3.18
C GLY A 715 36.97 -44.23 -4.45
N ILE A 716 37.73 -45.11 -5.10
CA ILE A 716 37.26 -45.88 -6.24
C ILE A 716 37.13 -47.32 -5.78
N VAL A 717 35.93 -47.73 -5.39
CA VAL A 717 35.71 -49.08 -4.88
C VAL A 717 35.41 -49.99 -6.06
N VAL A 718 36.24 -51.00 -6.26
CA VAL A 718 36.05 -51.94 -7.36
C VAL A 718 35.82 -53.32 -6.78
N GLY A 719 34.86 -54.04 -7.35
CA GLY A 719 34.53 -55.35 -6.84
C GLY A 719 33.72 -56.13 -7.85
N ASP A 720 33.67 -57.45 -7.65
CA ASP A 720 32.77 -58.28 -8.45
C ASP A 720 31.48 -58.64 -7.72
N LYS A 721 31.55 -58.95 -6.43
CA LYS A 721 30.33 -59.16 -5.65
C LYS A 721 29.64 -57.83 -5.37
N ALA A 722 28.35 -57.74 -5.69
CA ALA A 722 27.64 -56.48 -5.56
C ALA A 722 27.45 -56.11 -4.09
N ALA A 723 26.98 -57.07 -3.27
CA ALA A 723 26.75 -56.77 -1.85
C ALA A 723 28.02 -56.33 -1.16
N ASP A 724 29.10 -57.08 -1.34
CA ASP A 724 30.40 -56.70 -0.82
C ASP A 724 30.80 -55.31 -1.28
N LEU A 725 30.79 -55.10 -2.61
CA LEU A 725 31.19 -53.81 -3.14
C LEU A 725 30.41 -52.68 -2.50
N ALA A 726 29.10 -52.86 -2.34
CA ALA A 726 28.27 -51.78 -1.82
C ALA A 726 28.57 -51.51 -0.35
N GLU A 727 28.79 -52.57 0.44
CA GLU A 727 29.17 -52.37 1.83
C GLU A 727 30.48 -51.59 1.91
N ALA A 728 31.45 -51.94 1.09
CA ALA A 728 32.70 -51.20 1.07
C ALA A 728 32.46 -49.78 0.56
N PHE A 729 31.63 -49.65 -0.47
CA PHE A 729 31.30 -48.35 -0.99
C PHE A 729 30.64 -47.46 0.07
N CYS A 730 29.75 -48.04 0.87
CA CYS A 730 29.13 -47.25 1.94
C CYS A 730 30.18 -46.79 2.95
N ASN A 731 31.14 -47.65 3.26
CA ASN A 731 32.17 -47.30 4.26
C ASN A 731 33.01 -46.12 3.74
N VAL A 732 33.32 -46.09 2.46
CA VAL A 732 34.06 -44.95 1.92
C VAL A 732 33.24 -43.67 2.01
N MET A 733 31.92 -43.77 1.87
CA MET A 733 31.08 -42.58 1.93
C MET A 733 31.18 -41.89 3.28
N ARG A 734 31.38 -42.65 4.35
CA ARG A 734 31.43 -42.06 5.70
C ARG A 734 32.39 -40.88 5.78
N GLY A 735 33.48 -40.91 4.99
CA GLY A 735 34.45 -39.83 4.92
C GLY A 735 34.01 -38.59 4.16
N HIS A 736 32.82 -38.59 3.57
CA HIS A 736 32.28 -37.44 2.81
C HIS A 736 33.00 -37.21 1.49
N ARG A 737 34.30 -36.93 1.51
CA ARG A 737 35.06 -36.69 0.29
C ARG A 737 36.48 -37.23 0.41
N ILE A 738 37.07 -37.52 -0.74
CA ILE A 738 38.45 -38.04 -0.81
C ILE A 738 39.34 -36.81 -0.94
N TRP A 739 39.62 -36.18 0.20
CA TRP A 739 40.39 -34.94 0.21
C TRP A 739 41.76 -35.12 -0.46
N SER A 740 42.43 -36.25 -0.19
CA SER A 740 43.74 -36.50 -0.78
C SER A 740 43.71 -36.48 -2.30
N ARG A 741 42.54 -36.67 -2.92
CA ARG A 741 42.43 -36.65 -4.38
C ARG A 741 42.55 -35.25 -4.96
N GLU A 742 42.57 -34.22 -4.12
CA GLU A 742 42.25 -32.87 -4.62
C GLU A 742 43.36 -32.34 -5.53
N SER A 743 44.60 -32.68 -5.21
CA SER A 743 45.74 -32.25 -6.03
C SER A 743 45.61 -32.75 -7.47
N VAL A 744 45.50 -34.07 -7.65
CA VAL A 744 45.35 -34.59 -9.01
C VAL A 744 44.01 -34.15 -9.62
N ALA A 745 43.00 -33.86 -8.79
CA ALA A 745 41.71 -33.44 -9.33
C ALA A 745 41.80 -32.16 -10.17
N GLN A 746 42.75 -31.29 -9.85
CA GLN A 746 42.89 -30.00 -10.56
C GLN A 746 43.45 -30.20 -11.98
N GLU A 747 43.99 -31.38 -12.29
CA GLU A 747 44.51 -31.65 -13.62
C GLU A 747 43.51 -32.40 -14.48
N ILE A 748 42.38 -32.79 -13.91
CA ILE A 748 41.36 -33.57 -14.59
C ILE A 748 40.57 -32.65 -15.52
N ALA A 749 40.38 -33.11 -16.76
CA ALA A 749 39.61 -32.36 -17.76
C ALA A 749 38.14 -32.76 -17.65
N GLY A 750 37.43 -32.09 -16.75
CA GLY A 750 36.01 -32.33 -16.57
C GLY A 750 35.21 -31.16 -16.03
N ASN B 16 -30.10 21.65 -32.45
CA ASN B 16 -30.27 22.29 -31.15
C ASN B 16 -29.05 22.15 -30.26
N LYS B 17 -29.05 22.96 -29.20
CA LYS B 17 -27.90 23.06 -28.32
C LYS B 17 -28.03 22.18 -27.09
N ALA B 18 -29.18 21.53 -26.88
CA ALA B 18 -29.25 20.45 -25.90
C ALA B 18 -28.43 19.26 -26.37
N ILE B 19 -28.47 18.97 -27.68
CA ILE B 19 -27.65 17.90 -28.24
C ILE B 19 -26.17 18.21 -28.03
N SER B 20 -25.79 19.49 -28.15
CA SER B 20 -24.38 19.85 -28.09
C SER B 20 -23.77 19.56 -26.73
N THR B 21 -24.56 19.64 -25.65
CA THR B 21 -23.99 19.43 -24.31
C THR B 21 -23.50 18.00 -24.09
N VAL B 22 -24.00 17.03 -24.86
CA VAL B 22 -23.57 15.64 -24.75
C VAL B 22 -22.72 15.26 -25.95
N GLU B 23 -22.19 16.24 -26.64
CA GLU B 23 -21.19 16.06 -27.69
C GLU B 23 -19.90 16.76 -27.30
N PRO B 24 -18.78 16.39 -27.92
CA PRO B 24 -17.51 17.00 -27.49
C PRO B 24 -17.57 18.51 -27.57
N HIS B 25 -17.02 19.15 -26.54
CA HIS B 25 -17.15 20.60 -26.35
C HIS B 25 -15.89 21.26 -26.87
N TYR B 26 -15.95 21.72 -28.11
CA TYR B 26 -14.82 22.38 -28.74
C TYR B 26 -14.86 23.90 -28.61
N GLU B 27 -15.98 24.47 -28.16
CA GLU B 27 -16.15 25.92 -28.14
C GLU B 27 -16.03 26.49 -26.73
N ASP B 28 -15.74 27.78 -26.66
CA ASP B 28 -15.56 28.47 -25.39
C ASP B 28 -16.78 28.33 -24.50
N THR B 29 -16.56 28.43 -23.19
CA THR B 29 -17.63 28.27 -22.21
C THR B 29 -17.72 29.44 -21.25
N ALA B 30 -16.66 30.23 -21.11
CA ALA B 30 -16.73 31.42 -20.28
C ALA B 30 -17.54 32.50 -20.98
N PRO B 31 -18.21 33.36 -20.23
CA PRO B 31 -19.05 34.40 -20.86
C PRO B 31 -18.22 35.56 -21.40
N ALA B 32 -18.86 36.36 -22.25
CA ALA B 32 -18.15 37.39 -23.01
C ALA B 32 -17.46 38.41 -22.10
N GLU B 33 -18.22 39.02 -21.18
CA GLU B 33 -17.67 40.04 -20.27
C GLU B 33 -16.40 39.59 -19.55
N LYS B 34 -16.16 38.27 -19.47
CA LYS B 34 -15.13 37.66 -18.63
C LYS B 34 -15.46 37.92 -17.16
N VAL B 47 -16.25 40.43 -3.19
CA VAL B 47 -16.70 40.47 -4.57
C VAL B 47 -15.88 39.49 -5.43
N GLU B 48 -14.76 38.98 -4.90
CA GLU B 48 -13.88 38.09 -5.64
C GLU B 48 -13.78 36.70 -4.99
N PRO B 49 -13.85 35.63 -5.77
CA PRO B 49 -13.87 34.29 -5.20
C PRO B 49 -12.49 33.83 -4.74
N MET B 50 -12.49 32.97 -3.72
CA MET B 50 -11.25 32.31 -3.35
C MET B 50 -10.64 31.64 -4.58
N MET B 51 -9.33 31.74 -4.69
CA MET B 51 -8.60 31.17 -5.82
C MET B 51 -7.25 30.68 -5.33
N PRO B 52 -6.58 29.82 -6.11
CA PRO B 52 -5.20 29.45 -5.80
C PRO B 52 -4.34 30.67 -5.49
N GLY B 53 -3.43 30.50 -4.54
CA GLY B 53 -2.45 31.50 -4.19
C GLY B 53 -1.62 32.00 -5.36
N SER B 54 -1.47 31.19 -6.41
CA SER B 54 -0.68 31.62 -7.55
C SER B 54 -1.43 32.66 -8.37
N ASP B 55 -2.76 32.60 -8.39
CA ASP B 55 -3.54 33.58 -9.14
C ASP B 55 -3.78 34.86 -8.37
N LYS B 56 -3.85 34.81 -7.04
CA LYS B 56 -4.25 35.98 -6.26
C LYS B 56 -3.06 36.74 -5.69
N THR B 57 -2.05 36.03 -5.20
CA THR B 57 -0.86 36.67 -4.61
C THR B 57 0.41 36.14 -5.27
N PRO B 58 0.56 36.31 -6.59
CA PRO B 58 1.77 35.80 -7.26
C PRO B 58 3.03 36.56 -6.86
N LYS B 59 2.91 37.73 -6.25
CA LYS B 59 4.07 38.50 -5.82
C LYS B 59 4.56 38.10 -4.43
N ASN B 60 3.77 37.32 -3.67
CA ASN B 60 4.20 36.83 -2.35
C ASN B 60 5.07 35.59 -2.53
N ARG B 61 6.40 35.79 -2.52
CA ARG B 61 7.36 34.78 -2.96
C ARG B 61 8.29 34.40 -1.82
N ASN B 62 8.84 33.19 -1.91
CA ASN B 62 9.98 32.74 -1.13
C ASN B 62 10.65 31.61 -1.91
N GLU B 63 11.79 31.14 -1.39
CA GLU B 63 12.55 30.12 -2.11
C GLU B 63 11.71 28.85 -2.28
N LYS B 64 11.07 28.38 -1.20
CA LYS B 64 10.24 27.19 -1.27
C LYS B 64 9.18 27.30 -2.37
N LEU B 65 8.43 28.40 -2.37
CA LEU B 65 7.43 28.59 -3.42
C LEU B 65 8.05 28.51 -4.81
N THR B 66 9.26 29.09 -4.94
CA THR B 66 9.91 29.09 -6.25
C THR B 66 10.28 27.66 -6.66
N GLN B 67 10.77 26.86 -5.70
CA GLN B 67 11.03 25.44 -5.94
C GLN B 67 9.78 24.72 -6.42
N LEU B 68 8.61 25.11 -5.93
CA LEU B 68 7.37 24.46 -6.30
C LEU B 68 6.86 24.88 -7.68
N ASP B 69 7.30 26.02 -8.23
CA ASP B 69 6.81 26.49 -9.51
C ASP B 69 6.93 25.42 -10.59
N LYS B 70 8.05 24.68 -10.60
CA LYS B 70 8.28 23.68 -11.64
C LYS B 70 7.31 22.49 -11.59
N PHE B 71 6.49 22.37 -10.54
CA PHE B 71 5.45 21.33 -10.51
C PHE B 71 4.05 21.88 -10.81
N ARG B 72 3.96 23.10 -11.33
CA ARG B 72 2.71 23.78 -11.58
C ARG B 72 2.34 23.68 -13.06
N PHE B 73 1.05 23.76 -13.34
CA PHE B 73 0.57 23.63 -14.73
C PHE B 73 -0.03 24.92 -15.25
N ALA B 74 -0.01 25.09 -16.56
CA ALA B 74 -0.64 26.22 -17.23
C ALA B 74 -1.54 25.64 -18.33
N PRO B 75 -2.77 25.28 -18.00
CA PRO B 75 -3.60 24.54 -18.97
C PRO B 75 -4.13 25.39 -20.12
N GLN B 76 -4.00 26.71 -20.06
CA GLN B 76 -4.58 27.59 -21.08
C GLN B 76 -4.16 27.21 -22.49
N GLY B 77 -5.14 26.93 -23.34
CA GLY B 77 -4.86 26.53 -24.70
C GLY B 77 -4.53 25.07 -24.89
N GLU B 78 -4.43 24.30 -23.82
CA GLU B 78 -3.91 22.93 -23.93
C GLU B 78 -5.03 21.93 -24.20
N SER B 79 -4.68 20.87 -24.91
CA SER B 79 -5.61 19.77 -25.14
C SER B 79 -5.74 18.88 -23.91
N LEU B 80 -6.96 18.40 -23.70
CA LEU B 80 -7.22 17.36 -22.71
C LEU B 80 -6.57 16.06 -23.15
N ARG B 81 -5.78 15.43 -22.27
CA ARG B 81 -5.06 14.23 -22.64
C ARG B 81 -5.18 13.15 -21.56
N THR B 82 -4.90 11.92 -21.97
CA THR B 82 -4.62 10.85 -21.02
C THR B 82 -3.28 11.11 -20.31
N ASN B 83 -3.06 10.37 -19.22
CA ASN B 83 -1.80 10.49 -18.51
C ASN B 83 -0.59 10.09 -19.36
N GLN B 84 -0.82 9.42 -20.49
CA GLN B 84 0.23 9.03 -21.41
C GLN B 84 0.47 10.06 -22.50
N GLY B 85 -0.27 11.17 -22.49
CA GLY B 85 -0.08 12.25 -23.43
C GLY B 85 -0.94 12.18 -24.66
N VAL B 86 -2.01 11.41 -24.65
CA VAL B 86 -2.81 11.16 -25.85
C VAL B 86 -4.05 12.07 -25.82
N LYS B 87 -4.22 12.84 -26.90
CA LYS B 87 -5.31 13.80 -27.02
C LYS B 87 -6.65 13.10 -27.00
N ILE B 88 -7.61 13.63 -26.24
CA ILE B 88 -8.94 13.03 -26.14
C ILE B 88 -9.92 13.84 -27.00
N SER B 89 -10.64 13.15 -27.88
CA SER B 89 -11.59 13.84 -28.73
C SER B 89 -13.00 13.92 -28.13
N ASP B 90 -13.39 12.94 -27.31
CA ASP B 90 -14.75 12.84 -26.77
C ASP B 90 -14.71 12.46 -25.29
N ASN B 91 -14.72 13.47 -24.44
CA ASN B 91 -14.84 13.33 -23.00
C ASN B 91 -16.31 13.15 -22.52
N GLN B 92 -17.30 12.86 -23.39
CA GLN B 92 -18.69 12.71 -22.93
C GLN B 92 -19.22 11.29 -22.99
N ASN B 93 -18.57 10.38 -23.72
CA ASN B 93 -19.19 9.08 -23.98
C ASN B 93 -18.17 7.96 -23.86
N SER B 94 -18.59 6.88 -23.19
CA SER B 94 -17.81 5.65 -23.25
C SER B 94 -17.85 5.09 -24.67
N LEU B 95 -16.85 4.26 -24.98
CA LEU B 95 -16.84 3.51 -26.24
C LEU B 95 -17.76 2.31 -26.15
N LYS B 96 -18.67 2.19 -27.11
CA LYS B 96 -19.75 1.21 -27.04
C LYS B 96 -19.92 0.52 -28.39
N SER B 97 -20.66 -0.58 -28.35
CA SER B 97 -21.14 -1.25 -29.56
C SER B 97 -22.40 -0.52 -30.05
N GLY B 98 -22.16 0.59 -30.73
CA GLY B 98 -23.26 1.45 -31.15
C GLY B 98 -23.67 2.42 -30.06
N ALA B 99 -24.47 3.41 -30.45
CA ALA B 99 -24.78 4.51 -29.55
C ALA B 99 -25.64 4.08 -28.37
N ARG B 100 -26.31 2.92 -28.47
CA ARG B 100 -27.12 2.38 -27.39
C ARG B 100 -26.59 1.04 -26.89
N GLY B 101 -25.29 0.76 -27.07
CA GLY B 101 -24.75 -0.57 -26.87
C GLY B 101 -24.04 -0.78 -25.54
N SER B 102 -23.30 -1.89 -25.48
CA SER B 102 -22.58 -2.32 -24.29
C SER B 102 -21.16 -1.74 -24.28
N THR B 103 -20.72 -1.30 -23.11
CA THR B 103 -19.42 -0.66 -23.02
C THR B 103 -18.33 -1.69 -23.25
N LEU B 104 -17.31 -1.29 -24.00
CA LEU B 104 -16.27 -2.21 -24.43
C LEU B 104 -15.05 -2.13 -23.51
N LEU B 105 -14.52 -3.31 -23.17
CA LEU B 105 -13.32 -3.36 -22.33
C LEU B 105 -12.17 -2.58 -22.96
N GLU B 106 -12.13 -2.46 -24.29
CA GLU B 106 -11.03 -1.74 -24.95
C GLU B 106 -11.12 -0.22 -24.82
N ASP B 107 -12.09 0.35 -24.09
CA ASP B 107 -12.06 1.77 -23.81
C ASP B 107 -11.01 2.04 -22.73
N PHE B 108 -9.75 2.14 -23.16
CA PHE B 108 -8.67 2.48 -22.23
C PHE B 108 -8.81 3.91 -21.70
N ILE B 109 -9.48 4.80 -22.44
CA ILE B 109 -9.61 6.16 -21.94
C ILE B 109 -10.52 6.18 -20.73
N LEU B 110 -11.73 5.62 -20.88
CA LEU B 110 -12.64 5.46 -19.75
C LEU B 110 -11.90 4.83 -18.57
N ARG B 111 -11.28 3.69 -18.79
CA ARG B 111 -10.73 2.94 -17.66
C ARG B 111 -9.58 3.69 -17.00
N GLU B 112 -8.77 4.43 -17.77
CA GLU B 112 -7.75 5.26 -17.14
C GLU B 112 -8.38 6.37 -16.32
N LYS B 113 -9.38 7.06 -16.89
CA LYS B 113 -10.05 8.12 -16.16
C LYS B 113 -10.69 7.61 -14.87
N ILE B 114 -11.38 6.47 -14.93
CA ILE B 114 -12.09 5.98 -13.74
C ILE B 114 -11.10 5.38 -12.74
N THR B 115 -10.08 4.65 -13.23
CA THR B 115 -9.06 4.12 -12.33
C THR B 115 -8.48 5.22 -11.46
N HIS B 116 -8.05 6.32 -12.08
CA HIS B 116 -7.39 7.36 -11.30
C HIS B 116 -8.33 7.89 -10.25
N PHE B 117 -9.57 8.17 -10.65
CA PHE B 117 -10.55 8.65 -9.70
C PHE B 117 -10.78 7.65 -8.58
N ASP B 118 -10.93 6.37 -8.93
CA ASP B 118 -11.15 5.34 -7.92
C ASP B 118 -10.07 5.34 -6.85
N HIS B 119 -8.87 5.88 -7.13
CA HIS B 119 -7.76 5.78 -6.18
C HIS B 119 -7.25 7.15 -5.76
N GLU B 120 -8.12 8.13 -5.73
CA GLU B 120 -7.75 9.47 -5.30
C GLU B 120 -7.44 9.58 -3.83
N ARG B 121 -8.16 8.86 -3.01
CA ARG B 121 -8.01 8.93 -1.58
C ARG B 121 -6.81 8.26 -0.91
N ILE B 122 -6.31 8.92 0.11
CA ILE B 122 -5.22 8.39 0.89
C ILE B 122 -5.71 8.44 2.34
N PRO B 123 -5.10 7.65 3.24
CA PRO B 123 -5.53 7.72 4.64
C PRO B 123 -5.40 9.13 5.20
N GLU B 124 -6.37 9.52 6.00
CA GLU B 124 -6.27 10.75 6.78
C GLU B 124 -5.32 10.53 7.96
N ARG B 125 -4.73 11.62 8.43
CA ARG B 125 -3.93 11.57 9.64
C ARG B 125 -4.71 10.93 10.79
N VAL B 126 -4.01 10.12 11.59
CA VAL B 126 -4.72 9.38 12.64
C VAL B 126 -5.18 10.31 13.76
N VAL B 127 -4.48 11.42 13.95
CA VAL B 127 -4.94 12.53 14.79
C VAL B 127 -4.68 13.80 13.99
N HIS B 128 -5.46 14.84 14.26
CA HIS B 128 -5.35 16.10 13.52
C HIS B 128 -5.70 15.93 12.04
N ALA B 129 -6.63 15.02 11.73
CA ALA B 129 -7.04 14.79 10.34
C ALA B 129 -7.61 16.03 9.69
N ARG B 130 -8.20 16.91 10.47
CA ARG B 130 -8.92 18.06 9.94
C ARG B 130 -8.00 19.28 10.06
N GLY B 131 -7.59 19.84 8.93
CA GLY B 131 -6.66 20.93 9.06
C GLY B 131 -6.57 21.78 7.80
N THR B 132 -5.78 22.85 7.90
CA THR B 132 -5.65 23.79 6.81
C THR B 132 -4.27 24.42 6.85
N GLY B 133 -3.76 24.82 5.68
CA GLY B 133 -2.37 25.16 5.55
C GLY B 133 -2.13 26.41 4.73
N ALA B 134 -0.96 27.02 4.96
CA ALA B 134 -0.56 28.20 4.20
C ALA B 134 0.95 28.33 4.21
N HIS B 135 1.45 29.04 3.20
CA HIS B 135 2.85 29.37 3.02
C HIS B 135 3.18 30.73 3.62
N GLY B 136 4.44 30.90 4.00
CA GLY B 136 4.93 32.18 4.47
C GLY B 136 6.43 32.15 4.71
N TYR B 137 6.91 33.08 5.53
CA TYR B 137 8.35 33.14 5.79
C TYR B 137 8.60 33.59 7.23
N PHE B 138 9.77 33.20 7.74
CA PHE B 138 10.21 33.48 9.10
C PHE B 138 11.54 34.23 9.06
N GLN B 139 11.68 35.22 9.94
CA GLN B 139 12.96 35.89 10.15
C GLN B 139 13.25 35.98 11.63
N VAL B 140 14.49 35.77 11.99
CA VAL B 140 14.92 36.01 13.34
C VAL B 140 15.15 37.51 13.52
N TYR B 141 15.03 37.97 14.77
CA TYR B 141 15.20 39.40 15.02
C TYR B 141 16.67 39.78 15.05
N GLU B 142 17.48 38.97 15.72
CA GLU B 142 18.91 39.18 15.84
C GLU B 142 19.52 37.83 16.18
N SER B 143 20.78 37.63 15.78
CA SER B 143 21.43 36.34 15.97
C SER B 143 21.23 35.83 17.39
N LEU B 144 20.85 34.56 17.50
CA LEU B 144 20.79 33.88 18.80
C LEU B 144 22.02 33.00 19.02
N ALA B 145 23.17 33.43 18.49
CA ALA B 145 24.41 32.67 18.64
C ALA B 145 24.77 32.39 20.09
N SER B 146 24.28 33.19 21.04
CA SER B 146 24.61 32.92 22.44
C SER B 146 23.97 31.63 22.94
N TYR B 147 22.92 31.15 22.27
CA TYR B 147 22.16 30.01 22.74
C TYR B 147 22.14 28.82 21.79
N THR B 148 22.26 29.03 20.47
CA THR B 148 22.12 27.94 19.52
C THR B 148 22.93 28.25 18.27
N THR B 149 23.48 27.20 17.66
CA THR B 149 24.12 27.29 16.35
C THR B 149 23.13 27.19 15.20
N ALA B 150 21.84 26.99 15.48
CA ALA B 150 20.85 26.78 14.43
C ALA B 150 20.90 27.89 13.37
N GLU B 151 21.15 27.48 12.12
CA GLU B 151 21.36 28.43 11.03
C GLU B 151 20.20 29.42 10.92
N PHE B 152 18.96 28.92 10.99
CA PHE B 152 17.84 29.82 10.75
C PHE B 152 17.61 30.78 11.90
N LEU B 153 18.44 30.71 12.94
CA LEU B 153 18.35 31.66 14.04
C LEU B 153 19.61 32.51 14.16
N GLN B 154 20.41 32.61 13.09
CA GLN B 154 21.63 33.42 13.07
C GLN B 154 21.45 34.77 12.35
N ASP B 155 20.79 34.84 11.21
CA ASP B 155 20.86 36.02 10.35
C ASP B 155 19.47 36.63 10.07
N PRO B 156 19.17 37.80 10.63
CA PRO B 156 17.87 38.44 10.36
C PRO B 156 17.56 38.65 8.89
N SER B 157 18.59 38.72 8.03
CA SER B 157 18.38 38.93 6.59
C SER B 157 17.84 37.69 5.88
N VAL B 158 17.87 36.53 6.51
CA VAL B 158 17.38 35.34 5.83
C VAL B 158 15.86 35.34 5.88
N LYS B 159 15.23 35.03 4.76
CA LYS B 159 13.79 34.89 4.63
C LYS B 159 13.49 33.39 4.61
N THR B 160 13.37 32.80 5.80
CA THR B 160 13.20 31.34 5.84
C THR B 160 11.77 30.94 5.48
N PRO B 161 11.57 30.26 4.35
CA PRO B 161 10.22 29.79 4.01
C PRO B 161 9.66 28.85 5.08
N VAL B 162 8.37 29.04 5.38
CA VAL B 162 7.63 28.12 6.21
C VAL B 162 6.39 27.67 5.45
N PHE B 163 5.81 26.56 5.93
CA PHE B 163 4.46 26.12 5.60
C PHE B 163 3.85 25.68 6.93
N VAL B 164 2.66 26.15 7.22
CA VAL B 164 2.00 25.90 8.50
C VAL B 164 0.72 25.14 8.23
N ARG B 165 0.42 24.15 9.06
CA ARG B 165 -0.85 23.46 9.01
C ARG B 165 -1.47 23.63 10.38
N PHE B 166 -2.61 24.30 10.42
CA PHE B 166 -3.42 24.34 11.63
C PHE B 166 -4.40 23.18 11.53
N SER B 167 -4.89 22.73 12.68
CA SER B 167 -5.75 21.56 12.71
C SER B 167 -6.52 21.49 14.03
N THR B 168 -7.59 20.71 14.02
CA THR B 168 -8.17 20.22 15.25
C THR B 168 -7.46 18.91 15.58
N VAL B 169 -8.00 18.14 16.52
CA VAL B 169 -7.33 16.93 17.00
C VAL B 169 -8.18 15.69 16.80
N GLN B 170 -9.43 15.72 17.26
CA GLN B 170 -10.20 14.49 17.36
C GLN B 170 -10.89 14.13 16.05
N GLY B 171 -11.40 15.12 15.33
CA GLY B 171 -12.33 14.83 14.25
C GLY B 171 -11.64 14.36 12.99
N SER B 172 -12.37 13.58 12.19
CA SER B 172 -11.90 13.15 10.87
C SER B 172 -11.91 14.32 9.89
N ARG B 173 -11.44 14.10 8.66
N ARG B 173 -11.53 13.98 8.67
CA ARG B 173 -11.10 15.22 7.78
CA ARG B 173 -11.63 14.97 7.63
C ARG B 173 -12.30 16.03 7.32
C ARG B 173 -13.11 15.17 7.50
N GLY B 174 -13.53 15.56 7.54
N GLY B 174 -13.50 16.36 7.15
CA GLY B 174 -14.71 16.28 7.14
CA GLY B 174 -14.88 16.72 7.04
C GLY B 174 -15.41 17.00 8.27
C GLY B 174 -15.55 17.09 8.34
N SER B 175 -14.89 16.91 9.47
CA SER B 175 -15.51 17.43 10.69
C SER B 175 -15.32 18.94 10.75
N ALA B 176 -16.09 19.58 11.61
CA ALA B 176 -16.21 21.03 11.51
C ALA B 176 -15.07 21.74 12.21
N ASP B 177 -14.88 23.02 11.80
CA ASP B 177 -13.77 23.84 12.30
C ASP B 177 -13.99 24.30 13.75
N THR B 178 -15.15 24.85 14.07
CA THR B 178 -15.26 25.53 15.38
C THR B 178 -15.76 24.60 16.50
N VAL B 179 -15.16 23.40 16.58
CA VAL B 179 -15.42 22.48 17.66
C VAL B 179 -14.63 22.89 18.90
N ARG B 180 -15.05 22.39 20.06
CA ARG B 180 -14.23 22.54 21.25
C ARG B 180 -13.16 21.45 21.22
N ASP B 181 -11.91 21.86 21.11
CA ASP B 181 -10.82 20.91 20.96
C ASP B 181 -9.52 21.68 21.14
N ILE B 182 -8.44 20.94 21.35
CA ILE B 182 -7.11 21.49 21.14
C ILE B 182 -6.96 21.81 19.65
N ARG B 183 -6.16 22.81 19.33
CA ARG B 183 -5.76 23.05 17.96
C ARG B 183 -4.29 22.66 17.79
N GLY B 184 -3.99 21.91 16.73
CA GLY B 184 -2.64 21.70 16.35
C GLY B 184 -2.09 22.90 15.60
N TRP B 185 -0.76 23.03 15.64
CA TRP B 185 -0.05 24.15 15.02
C TRP B 185 1.34 23.63 14.65
N ALA B 186 1.51 23.26 13.38
CA ALA B 186 2.76 22.66 12.92
C ALA B 186 3.40 23.60 11.92
N THR B 187 4.65 23.95 12.18
CA THR B 187 5.42 24.85 11.32
C THR B 187 6.63 24.12 10.78
N LYS B 188 6.75 24.13 9.45
CA LYS B 188 7.87 23.52 8.74
C LYS B 188 8.79 24.64 8.29
N PHE B 189 9.97 24.73 8.89
CA PHE B 189 11.00 25.70 8.53
C PHE B 189 11.94 25.07 7.52
N TYR B 190 11.95 25.59 6.29
CA TYR B 190 12.83 25.08 5.25
C TYR B 190 14.16 25.83 5.33
N THR B 191 15.08 25.33 6.14
CA THR B 191 16.33 26.04 6.36
C THR B 191 17.43 25.51 5.47
N LYS B 192 18.48 26.29 5.35
CA LYS B 192 19.65 25.92 4.55
C LYS B 192 20.40 24.72 5.09
N GLU B 193 20.30 24.48 6.38
N GLU B 193 20.33 24.45 6.38
CA GLU B 193 20.95 23.32 6.97
CA GLU B 193 20.99 23.22 6.85
C GLU B 193 19.96 22.24 7.37
C GLU B 193 19.99 22.16 7.29
N GLY B 194 18.76 22.28 6.80
CA GLY B 194 17.77 21.25 7.09
C GLY B 194 16.34 21.70 7.35
N THR B 195 15.41 20.79 7.15
CA THR B 195 14.04 21.10 7.48
C THR B 195 13.81 20.91 8.97
N PHE B 196 13.36 21.97 9.65
CA PHE B 196 13.04 21.94 11.07
C PHE B 196 11.52 22.06 11.22
N ASP B 197 10.92 21.08 11.89
CA ASP B 197 9.48 21.08 12.16
C ASP B 197 9.26 21.43 13.63
N LEU B 198 8.40 22.40 13.87
CA LEU B 198 7.96 22.70 15.23
C LEU B 198 6.49 22.33 15.27
N VAL B 199 6.20 21.21 15.94
CA VAL B 199 4.91 20.54 15.91
C VAL B 199 4.28 20.73 17.28
N GLY B 200 3.53 21.81 17.44
CA GLY B 200 3.00 22.18 18.72
C GLY B 200 1.48 22.17 18.72
N ASN B 201 0.88 22.69 19.79
CA ASN B 201 -0.57 22.91 19.93
C ASN B 201 -0.83 24.36 20.36
N ASN B 202 -2.11 24.68 20.54
CA ASN B 202 -2.50 25.99 21.03
C ASN B 202 -2.69 26.03 22.55
N THR B 203 -2.26 25.01 23.28
CA THR B 203 -2.18 25.12 24.73
C THR B 203 -0.80 24.67 25.18
N PRO B 204 -0.31 25.21 26.31
CA PRO B 204 1.10 24.99 26.69
C PRO B 204 1.40 23.64 27.33
N VAL B 205 0.40 22.79 27.54
CA VAL B 205 0.61 21.50 28.17
C VAL B 205 -0.13 20.45 27.34
N PHE B 206 0.13 19.19 27.66
CA PHE B 206 -0.64 18.08 27.09
C PHE B 206 -1.30 17.26 28.19
N PHE B 207 -2.08 16.26 27.75
CA PHE B 207 -2.95 15.51 28.64
C PHE B 207 -2.20 14.44 29.39
N ILE B 208 -1.17 13.87 28.78
CA ILE B 208 -0.55 12.69 29.32
C ILE B 208 0.93 12.97 29.44
N GLN B 209 1.61 12.12 30.21
CA GLN B 209 3.02 12.33 30.53
C GLN B 209 3.95 11.42 29.73
N ASP B 210 3.53 10.18 29.43
CA ASP B 210 4.34 9.19 28.76
C ASP B 210 3.66 8.73 27.47
N ALA B 211 4.45 8.60 26.41
CA ALA B 211 3.90 8.30 25.09
C ALA B 211 3.20 6.95 25.02
N ILE B 212 3.51 6.01 25.93
CA ILE B 212 2.82 4.73 25.89
C ILE B 212 1.32 4.88 26.13
N LYS B 213 0.88 5.99 26.71
CA LYS B 213 -0.54 6.21 26.97
C LYS B 213 -1.26 6.86 25.80
N PHE B 214 -0.54 7.36 24.79
CA PHE B 214 -1.20 8.10 23.72
C PHE B 214 -2.28 7.29 23.02
N PRO B 215 -2.07 6.04 22.59
CA PRO B 215 -3.18 5.32 21.95
C PRO B 215 -4.40 5.22 22.87
N ASP B 216 -4.16 4.94 24.16
CA ASP B 216 -5.25 4.88 25.14
C ASP B 216 -6.01 6.21 25.20
N PHE B 217 -5.30 7.33 25.33
CA PHE B 217 -5.96 8.63 25.41
C PHE B 217 -6.70 8.96 24.11
N VAL B 218 -6.05 8.71 22.96
CA VAL B 218 -6.66 8.98 21.68
C VAL B 218 -7.91 8.13 21.50
N HIS B 219 -7.82 6.84 21.82
CA HIS B 219 -8.99 5.96 21.68
C HIS B 219 -10.16 6.44 22.54
N ALA B 220 -9.86 6.91 23.76
CA ALA B 220 -10.91 7.39 24.65
C ALA B 220 -11.60 8.63 24.07
N VAL B 221 -10.84 9.56 23.48
CA VAL B 221 -11.41 10.82 23.01
C VAL B 221 -12.09 10.66 21.67
N LYS B 222 -11.56 9.78 20.80
CA LYS B 222 -12.13 9.52 19.47
C LYS B 222 -13.57 9.01 19.52
N PRO B 223 -14.31 9.01 18.41
CA PRO B 223 -15.63 8.38 18.42
C PRO B 223 -15.53 6.94 18.92
N GLU B 224 -16.59 6.50 19.63
CA GLU B 224 -16.41 5.25 20.37
C GLU B 224 -16.48 4.06 19.39
N PRO B 225 -15.82 2.95 19.72
CA PRO B 225 -15.55 1.94 18.67
C PRO B 225 -16.77 1.24 18.12
N HIS B 226 -17.87 1.13 18.86
CA HIS B 226 -18.97 0.32 18.36
C HIS B 226 -19.75 1.06 17.28
N ASN B 227 -20.01 2.34 17.51
CA ASN B 227 -20.89 3.13 16.65
C ASN B 227 -20.19 4.31 15.97
N GLU B 228 -18.94 4.59 16.31
CA GLU B 228 -18.24 5.78 15.74
C GLU B 228 -19.03 7.06 16.05
N ILE B 229 -19.53 7.18 17.28
CA ILE B 229 -20.17 8.40 17.76
C ILE B 229 -19.39 8.79 19.01
N PRO B 230 -19.14 10.09 19.28
CA PRO B 230 -19.53 11.28 18.54
C PRO B 230 -18.45 11.90 17.68
N GLN B 231 -18.78 12.63 16.62
CA GLN B 231 -17.77 13.28 15.80
C GLN B 231 -17.40 14.64 16.36
N GLY B 232 -16.09 14.86 16.53
CA GLY B 232 -15.59 16.18 16.85
C GLY B 232 -15.81 16.64 18.27
N GLN B 233 -16.01 15.73 19.21
CA GLN B 233 -16.42 16.13 20.55
C GLN B 233 -15.82 15.20 21.57
N SER B 234 -15.40 15.75 22.70
CA SER B 234 -14.99 14.92 23.82
C SER B 234 -16.15 14.65 24.76
N ALA B 235 -17.34 15.11 24.42
CA ALA B 235 -18.51 14.97 25.29
C ALA B 235 -19.11 13.58 25.14
N HIS B 236 -18.39 12.59 25.66
CA HIS B 236 -18.90 11.22 25.65
C HIS B 236 -18.19 10.42 26.73
N ASP B 237 -18.80 9.27 27.07
CA ASP B 237 -18.42 8.52 28.28
C ASP B 237 -16.93 8.18 28.29
N THR B 238 -16.42 7.60 27.20
CA THR B 238 -15.08 7.01 27.27
C THR B 238 -14.01 8.06 27.53
N PHE B 239 -14.18 9.27 26.98
CA PHE B 239 -13.20 10.31 27.24
C PHE B 239 -13.10 10.63 28.73
N TRP B 240 -14.24 10.94 29.36
CA TRP B 240 -14.29 11.30 30.78
C TRP B 240 -14.05 10.11 31.69
N ASP B 241 -14.31 8.89 31.22
CA ASP B 241 -13.86 7.72 31.94
C ASP B 241 -12.34 7.76 32.10
N TYR B 242 -11.63 8.09 31.01
CA TYR B 242 -10.18 8.12 31.06
C TYR B 242 -9.68 9.24 31.96
N ILE B 243 -10.18 10.46 31.75
CA ILE B 243 -9.87 11.60 32.60
C ILE B 243 -10.03 11.24 34.07
N SER B 244 -11.23 10.78 34.44
CA SER B 244 -11.53 10.44 35.83
C SER B 244 -10.50 9.46 36.40
N LEU B 245 -10.01 8.55 35.58
CA LEU B 245 -9.07 7.55 36.06
C LEU B 245 -7.61 7.97 35.89
N GLN B 246 -7.33 9.09 35.23
CA GLN B 246 -5.96 9.52 34.94
C GLN B 246 -5.83 11.01 35.26
N PRO B 247 -5.71 11.36 36.54
CA PRO B 247 -5.73 12.79 36.92
C PRO B 247 -4.62 13.64 36.33
N GLU B 248 -3.50 13.03 35.88
CA GLU B 248 -2.48 13.80 35.18
C GLU B 248 -3.05 14.60 34.01
N THR B 249 -4.23 14.21 33.50
CA THR B 249 -4.88 14.87 32.36
C THR B 249 -5.62 16.14 32.74
N LEU B 250 -5.76 16.44 34.03
CA LEU B 250 -6.69 17.49 34.45
C LEU B 250 -6.25 18.87 33.94
N HIS B 251 -4.95 19.12 33.89
CA HIS B 251 -4.45 20.44 33.53
C HIS B 251 -4.90 20.86 32.12
N ASN B 252 -4.56 20.04 31.08
CA ASN B 252 -4.97 20.38 29.72
C ASN B 252 -6.48 20.30 29.53
N VAL B 253 -7.14 19.41 30.29
CA VAL B 253 -8.60 19.41 30.29
C VAL B 253 -9.13 20.76 30.73
N MET B 254 -8.54 21.34 31.79
CA MET B 254 -8.88 22.70 32.21
C MET B 254 -8.74 23.65 31.03
N TRP B 255 -7.65 23.50 30.27
CA TRP B 255 -7.41 24.38 29.13
C TRP B 255 -8.50 24.25 28.08
N VAL B 256 -8.87 23.02 27.72
CA VAL B 256 -9.79 22.82 26.60
C VAL B 256 -11.23 23.10 27.01
N MET B 257 -11.57 23.01 28.31
CA MET B 257 -12.90 23.43 28.75
C MET B 257 -13.02 24.93 28.89
N SER B 258 -11.90 25.64 28.97
CA SER B 258 -11.92 27.08 28.88
C SER B 258 -12.25 27.49 27.45
N ASP B 259 -12.31 28.80 27.23
CA ASP B 259 -12.50 29.26 25.87
C ASP B 259 -11.25 29.13 25.01
N ARG B 260 -10.11 28.72 25.58
CA ARG B 260 -8.97 28.36 24.74
C ARG B 260 -9.34 27.25 23.75
N GLY B 261 -10.27 26.37 24.11
CA GLY B 261 -10.71 25.33 23.23
C GLY B 261 -11.65 25.74 22.11
N ILE B 262 -12.07 27.00 22.03
CA ILE B 262 -12.87 27.42 20.88
C ILE B 262 -12.32 28.74 20.34
N PRO B 263 -11.13 28.75 19.74
CA PRO B 263 -10.54 30.01 19.29
C PRO B 263 -11.38 30.68 18.22
N ARG B 264 -11.20 31.99 18.11
CA ARG B 264 -11.94 32.74 17.11
C ARG B 264 -11.34 32.55 15.73
N SER B 265 -10.01 32.49 15.63
CA SER B 265 -9.32 32.29 14.39
C SER B 265 -7.96 31.67 14.68
N TYR B 266 -7.40 30.96 13.70
CA TYR B 266 -6.02 30.50 13.86
C TYR B 266 -5.03 31.65 13.93
N ARG B 267 -5.42 32.84 13.46
CA ARG B 267 -4.62 34.05 13.59
C ARG B 267 -4.67 34.64 14.99
N MET B 268 -5.53 34.10 15.86
CA MET B 268 -5.84 34.71 17.15
C MET B 268 -5.76 33.67 18.26
N MET B 269 -4.73 32.84 18.22
CA MET B 269 -4.51 31.89 19.30
C MET B 269 -3.00 31.84 19.53
N GLU B 270 -2.61 31.34 20.69
CA GLU B 270 -1.21 31.16 20.97
C GLU B 270 -0.77 29.77 20.53
N GLY B 271 0.55 29.58 20.41
CA GLY B 271 1.10 28.29 20.08
C GLY B 271 2.24 27.95 21.03
N PHE B 272 2.47 26.65 21.19
CA PHE B 272 3.43 26.16 22.17
C PHE B 272 4.04 24.85 21.68
N GLY B 273 5.37 24.75 21.71
CA GLY B 273 5.99 23.47 21.50
C GLY B 273 5.70 22.46 22.59
N ILE B 274 5.31 22.94 23.77
CA ILE B 274 4.95 22.15 24.95
C ILE B 274 6.17 21.49 25.59
N HIS B 275 7.00 20.81 24.80
CA HIS B 275 8.15 20.14 25.38
C HIS B 275 9.29 21.11 25.63
N THR B 276 10.09 20.78 26.64
CA THR B 276 11.40 21.40 26.79
C THR B 276 12.35 20.75 25.80
N TYR B 277 13.05 21.59 25.04
CA TYR B 277 14.08 21.11 24.15
C TYR B 277 15.42 21.56 24.71
N LYS B 278 16.41 21.57 23.84
CA LYS B 278 17.72 22.09 24.25
C LYS B 278 18.31 22.88 23.10
N MET B 279 18.83 24.07 23.37
CA MET B 279 19.62 24.75 22.37
C MET B 279 21.09 24.67 22.76
N ILE B 280 21.94 24.38 21.78
CA ILE B 280 23.37 24.17 21.99
C ILE B 280 24.10 25.22 21.19
N ASN B 281 24.87 26.07 21.85
CA ASN B 281 25.61 27.11 21.14
C ASN B 281 26.98 26.58 20.70
N ALA B 282 27.75 27.46 20.04
CA ALA B 282 28.99 27.04 19.42
C ALA B 282 30.08 26.68 20.43
N GLU B 283 29.95 27.14 21.66
CA GLU B 283 30.78 26.71 22.77
C GLU B 283 30.35 25.36 23.35
N GLY B 284 29.18 24.86 22.97
CA GLY B 284 28.70 23.64 23.55
C GLY B 284 27.97 23.81 24.86
N GLN B 285 27.50 25.03 25.14
CA GLN B 285 26.64 25.27 26.29
C GLN B 285 25.19 24.97 25.95
N CYS B 286 24.54 24.22 26.82
CA CYS B 286 23.14 23.84 26.63
C CYS B 286 22.24 24.71 27.50
N HIS B 287 21.20 25.28 26.89
CA HIS B 287 20.10 25.85 27.63
C HIS B 287 18.87 24.99 27.41
N PHE B 288 18.04 24.84 28.44
CA PHE B 288 16.71 24.29 28.24
C PHE B 288 15.84 25.37 27.62
N ILE B 289 15.02 24.96 26.66
CA ILE B 289 14.21 25.94 25.90
C ILE B 289 12.78 25.45 25.70
N ARG B 290 11.81 26.37 25.78
CA ARG B 290 10.43 26.09 25.39
C ARG B 290 9.98 27.10 24.34
N PHE B 291 9.31 26.59 23.31
CA PHE B 291 8.89 27.36 22.14
C PHE B 291 7.48 27.93 22.35
N HIS B 292 7.30 29.19 21.97
CA HIS B 292 6.00 29.87 22.01
C HIS B 292 5.77 30.59 20.69
N TRP B 293 4.51 30.66 20.28
CA TRP B 293 4.07 31.59 19.24
C TRP B 293 3.10 32.56 19.90
N LYS B 294 3.31 33.86 19.71
CA LYS B 294 2.40 34.88 20.21
C LYS B 294 1.77 35.61 19.03
N PRO B 295 0.45 35.61 18.90
CA PRO B 295 -0.18 36.18 17.71
C PRO B 295 -0.17 37.70 17.74
N VAL B 296 0.16 38.29 16.60
CA VAL B 296 0.17 39.74 16.48
C VAL B 296 -1.27 40.27 16.50
N TYR B 297 -2.23 39.49 16.03
CA TYR B 297 -3.64 39.87 16.06
C TYR B 297 -4.35 39.49 17.36
N GLY B 298 -3.61 39.09 18.40
CA GLY B 298 -4.18 38.91 19.72
C GLY B 298 -4.77 37.52 19.93
N VAL B 299 -5.35 37.33 21.11
CA VAL B 299 -5.89 36.04 21.53
C VAL B 299 -7.36 36.25 21.83
N SER B 300 -8.22 35.58 21.05
CA SER B 300 -9.65 35.77 21.17
C SER B 300 -10.36 34.45 20.87
N SER B 301 -11.55 34.32 21.45
CA SER B 301 -12.32 33.09 21.33
C SER B 301 -13.78 33.41 21.08
N LEU B 302 -14.43 32.49 20.39
CA LEU B 302 -15.88 32.40 20.37
C LEU B 302 -16.42 32.14 21.76
N ILE B 303 -17.75 32.17 21.87
CA ILE B 303 -18.43 31.61 23.03
C ILE B 303 -19.13 30.33 22.59
N TRP B 304 -19.25 29.38 23.52
CA TRP B 304 -19.62 28.01 23.19
C TRP B 304 -20.83 27.93 22.28
N ASP B 305 -21.88 28.69 22.58
CA ASP B 305 -23.14 28.58 21.80
C ASP B 305 -22.91 29.07 20.38
N GLU B 306 -22.14 30.14 20.22
CA GLU B 306 -21.84 30.63 18.88
C GLU B 306 -20.92 29.65 18.14
N ALA B 307 -19.99 29.04 18.86
CA ALA B 307 -19.11 28.05 18.24
C ALA B 307 -19.89 26.82 17.80
N GLN B 308 -20.91 26.42 18.57
CA GLN B 308 -21.69 25.27 18.14
C GLN B 308 -22.53 25.62 16.91
N LEU B 309 -23.12 26.81 16.90
CA LEU B 309 -23.91 27.23 15.75
C LEU B 309 -23.05 27.39 14.50
N LEU B 310 -21.78 27.78 14.65
CA LEU B 310 -20.93 27.96 13.47
C LEU B 310 -20.61 26.62 12.80
N THR B 311 -20.44 25.54 13.59
CA THR B 311 -20.26 24.22 12.98
C THR B 311 -21.44 23.86 12.08
N GLY B 312 -22.62 24.41 12.37
CA GLY B 312 -23.79 24.17 11.54
C GLY B 312 -23.83 24.99 10.27
N CYS B 313 -23.50 26.27 10.37
CA CYS B 313 -23.67 27.12 9.19
C CYS B 313 -22.38 27.38 8.43
N ASP B 314 -21.21 27.16 9.02
CA ASP B 314 -19.96 27.13 8.25
C ASP B 314 -18.96 26.18 8.90
N PRO B 315 -19.06 24.89 8.57
CA PRO B 315 -18.07 23.93 9.11
C PRO B 315 -16.65 24.22 8.67
N ASP B 316 -16.47 25.09 7.66
CA ASP B 316 -15.18 25.48 7.13
C ASP B 316 -14.70 26.86 7.62
N PHE B 317 -15.31 27.38 8.70
CA PHE B 317 -15.10 28.78 9.10
C PHE B 317 -13.61 29.14 9.28
N HIS B 318 -12.86 28.41 10.11
CA HIS B 318 -11.44 28.75 10.32
C HIS B 318 -10.62 28.61 9.03
N ARG B 319 -10.86 27.54 8.29
CA ARG B 319 -10.22 27.35 6.98
C ARG B 319 -10.54 28.51 6.05
N ARG B 320 -11.82 28.88 5.96
CA ARG B 320 -12.23 30.00 5.10
C ARG B 320 -11.61 31.30 5.58
N GLU B 321 -11.59 31.51 6.91
CA GLU B 321 -11.14 32.78 7.49
C GLU B 321 -9.67 33.01 7.21
N LEU B 322 -8.84 31.99 7.46
CA LEU B 322 -7.42 32.06 7.16
C LEU B 322 -7.18 32.34 5.69
N TRP B 323 -7.90 31.63 4.82
CA TRP B 323 -7.71 31.81 3.39
C TRP B 323 -8.13 33.21 2.95
N GLU B 324 -9.26 33.70 3.47
CA GLU B 324 -9.71 35.02 3.08
C GLU B 324 -8.84 36.10 3.72
N SER B 325 -8.38 35.87 4.94
CA SER B 325 -7.54 36.87 5.59
C SER B 325 -6.25 37.07 4.80
N ILE B 326 -5.67 35.99 4.30
CA ILE B 326 -4.46 36.10 3.48
C ILE B 326 -4.77 36.81 2.16
N GLU B 327 -5.91 36.47 1.55
CA GLU B 327 -6.29 37.11 0.29
C GLU B 327 -6.55 38.60 0.45
N ALA B 328 -6.86 39.06 1.66
CA ALA B 328 -7.16 40.46 1.93
C ALA B 328 -5.95 41.21 2.48
N GLY B 329 -4.78 40.58 2.53
CA GLY B 329 -3.65 41.27 3.12
C GLY B 329 -3.70 41.43 4.61
N ASP B 330 -4.60 40.73 5.31
CA ASP B 330 -4.54 40.65 6.78
C ASP B 330 -3.71 39.43 7.18
N TYR B 331 -2.46 39.46 6.77
CA TYR B 331 -1.63 38.27 6.86
C TYR B 331 -1.50 37.85 8.32
N PRO B 332 -1.77 36.59 8.65
CA PRO B 332 -1.34 36.06 9.95
C PRO B 332 0.11 36.44 10.20
N GLU B 333 0.36 37.00 11.40
CA GLU B 333 1.70 37.26 11.89
C GLU B 333 1.78 36.80 13.33
N TYR B 334 2.86 36.10 13.64
CA TYR B 334 3.10 35.59 14.98
C TYR B 334 4.55 35.86 15.32
N GLU B 335 4.84 36.00 16.62
CA GLU B 335 6.19 36.19 17.10
C GLU B 335 6.63 34.90 17.77
N LEU B 336 7.82 34.41 17.40
CA LEU B 336 8.36 33.22 18.04
C LEU B 336 9.00 33.61 19.36
N GLY B 337 8.74 32.84 20.37
CA GLY B 337 9.17 33.17 21.71
C GLY B 337 9.87 32.01 22.37
N LEU B 338 10.91 32.33 23.13
CA LEU B 338 11.66 31.34 23.87
C LEU B 338 11.57 31.63 25.35
N GLN B 339 11.28 30.58 26.13
CA GLN B 339 11.64 30.54 27.54
C GLN B 339 12.99 29.85 27.63
N ILE B 340 13.94 30.47 28.34
CA ILE B 340 15.33 30.05 28.31
C ILE B 340 15.80 29.79 29.73
N ILE B 341 16.20 28.55 30.00
CA ILE B 341 16.57 28.09 31.33
C ILE B 341 17.99 27.53 31.26
N PRO B 342 18.95 28.11 31.97
CA PRO B 342 20.30 27.54 31.99
C PRO B 342 20.30 26.13 32.54
N GLU B 343 21.20 25.30 32.01
CA GLU B 343 21.26 23.91 32.45
C GLU B 343 21.44 23.81 33.96
N GLU B 344 22.11 24.78 34.58
CA GLU B 344 22.33 24.75 36.02
C GLU B 344 21.02 24.89 36.81
N ASP B 345 19.96 25.45 36.20
CA ASP B 345 18.70 25.74 36.88
C ASP B 345 17.61 24.70 36.61
N GLU B 346 17.98 23.51 36.12
CA GLU B 346 16.94 22.55 35.74
C GLU B 346 16.00 22.22 36.90
N HIS B 347 16.53 22.11 38.12
CA HIS B 347 15.75 21.57 39.24
C HIS B 347 15.35 22.64 40.25
N LYS B 348 15.13 23.88 39.81
CA LYS B 348 14.82 24.97 40.72
C LYS B 348 13.35 25.36 40.69
N PHE B 349 12.45 24.45 40.29
CA PHE B 349 11.04 24.77 40.19
C PHE B 349 10.22 23.75 40.96
N ASP B 350 9.01 24.15 41.35
CA ASP B 350 8.08 23.27 42.05
C ASP B 350 7.31 22.44 41.03
N PHE B 351 8.00 21.90 40.06
CA PHE B 351 7.49 21.03 39.00
C PHE B 351 8.68 20.68 38.12
N ASP B 352 8.57 19.58 37.39
CA ASP B 352 9.61 19.12 36.48
C ASP B 352 9.41 19.79 35.14
N ILE B 353 10.45 20.49 34.63
CA ILE B 353 10.34 21.13 33.32
C ILE B 353 10.34 20.12 32.19
N LEU B 354 10.46 18.84 32.51
CA LEU B 354 10.38 17.74 31.54
C LEU B 354 9.03 17.08 31.54
N ASP B 355 8.16 17.48 32.46
CA ASP B 355 6.79 17.00 32.55
C ASP B 355 5.95 17.76 31.53
N PRO B 356 5.49 17.13 30.45
CA PRO B 356 4.68 17.85 29.46
C PRO B 356 3.31 18.29 29.99
N THR B 357 2.92 17.87 31.19
CA THR B 357 1.68 18.36 31.76
C THR B 357 1.90 19.61 32.58
N LYS B 358 3.14 20.04 32.76
CA LYS B 358 3.47 21.27 33.46
C LYS B 358 3.85 22.34 32.46
N LEU B 359 3.29 23.53 32.65
CA LEU B 359 3.82 24.71 31.98
C LEU B 359 4.87 25.38 32.86
N ILE B 360 5.67 26.24 32.23
CA ILE B 360 6.61 27.10 32.93
C ILE B 360 5.96 28.48 33.02
N PRO B 361 5.50 28.91 34.19
CA PRO B 361 4.81 30.20 34.27
C PRO B 361 5.71 31.34 33.80
N GLU B 362 5.16 32.18 32.91
CA GLU B 362 5.91 33.32 32.39
C GLU B 362 6.30 34.31 33.48
N SER B 363 5.55 34.33 34.59
CA SER B 363 5.95 35.13 35.76
C SER B 363 7.30 34.69 36.27
N LEU B 364 7.57 33.39 36.27
CA LEU B 364 8.86 32.88 36.70
C LEU B 364 9.90 32.99 35.60
N VAL B 365 9.64 32.40 34.43
CA VAL B 365 10.58 32.43 33.31
C VAL B 365 9.88 33.14 32.15
N PRO B 366 10.26 34.39 31.84
CA PRO B 366 9.56 35.13 30.79
C PRO B 366 9.92 34.61 29.41
N VAL B 367 9.05 34.93 28.46
CA VAL B 367 9.24 34.55 27.07
C VAL B 367 9.94 35.68 26.35
N HIS B 368 11.10 35.40 25.73
CA HIS B 368 11.78 36.38 24.91
C HIS B 368 11.32 36.23 23.45
N LEU B 369 10.83 37.32 22.86
CA LEU B 369 10.39 37.29 21.47
C LEU B 369 11.60 37.47 20.57
N VAL B 370 11.90 36.45 19.78
CA VAL B 370 13.15 36.38 19.03
C VAL B 370 12.95 36.44 17.52
N GLY B 371 11.73 36.25 17.02
CA GLY B 371 11.52 36.25 15.58
C GLY B 371 10.06 36.45 15.26
N LYS B 372 9.78 36.56 13.97
CA LYS B 372 8.43 36.76 13.48
C LYS B 372 8.20 35.89 12.25
N MET B 373 7.06 35.24 12.19
CA MET B 373 6.62 34.50 11.01
C MET B 373 5.35 35.14 10.47
N VAL B 374 5.24 35.16 9.14
CA VAL B 374 4.14 35.79 8.41
C VAL B 374 3.63 34.81 7.36
N LEU B 375 2.35 34.45 7.43
CA LEU B 375 1.73 33.61 6.40
C LEU B 375 1.10 34.51 5.33
N ASN B 376 1.50 34.33 4.08
CA ASN B 376 1.09 35.30 3.08
C ASN B 376 0.77 34.68 1.71
N ARG B 377 0.47 33.39 1.65
CA ARG B 377 0.16 32.78 0.37
C ARG B 377 -0.60 31.49 0.63
N ASN B 378 -1.83 31.43 0.11
CA ASN B 378 -2.56 30.19 0.16
C ASN B 378 -1.95 29.18 -0.81
N PRO B 379 -2.15 27.88 -0.57
CA PRO B 379 -1.79 26.87 -1.57
C PRO B 379 -2.52 27.06 -2.90
N ASP B 380 -1.99 26.36 -3.90
CA ASP B 380 -2.66 26.19 -5.19
C ASP B 380 -3.58 24.97 -5.21
N ASN B 381 -3.09 23.85 -4.70
CA ASN B 381 -3.85 22.61 -4.65
C ASN B 381 -3.81 22.11 -3.22
N TYR B 382 -4.98 21.98 -2.60
CA TYR B 382 -5.05 21.58 -1.20
C TYR B 382 -4.39 20.21 -0.99
N PHE B 383 -4.66 19.24 -1.87
CA PHE B 383 -4.19 17.89 -1.64
C PHE B 383 -2.68 17.82 -1.78
N SER B 384 -2.16 18.33 -2.88
CA SER B 384 -0.72 18.24 -3.13
C SER B 384 0.07 18.88 -2.00
N GLU B 385 -0.41 19.99 -1.43
CA GLU B 385 0.36 20.73 -0.44
C GLU B 385 -0.11 20.48 0.99
N THR B 386 -1.37 20.77 1.29
CA THR B 386 -1.86 20.71 2.67
C THR B 386 -2.07 19.26 3.14
N GLU B 387 -2.63 18.41 2.29
CA GLU B 387 -2.93 17.07 2.79
C GLU B 387 -1.65 16.22 2.86
N GLN B 388 -0.75 16.40 1.90
CA GLN B 388 0.44 15.59 1.74
C GLN B 388 1.62 16.03 2.60
N VAL B 389 1.56 17.20 3.24
CA VAL B 389 2.71 17.65 4.00
C VAL B 389 2.90 16.77 5.23
N ALA B 390 4.15 16.47 5.55
CA ALA B 390 4.49 15.63 6.68
C ALA B 390 5.40 16.39 7.62
N PHE B 391 5.01 16.50 8.88
CA PHE B 391 5.81 17.09 9.93
C PHE B 391 6.24 16.00 10.90
N CYS B 392 7.35 16.22 11.59
CA CYS B 392 7.71 15.28 12.67
C CYS B 392 8.63 15.99 13.65
N PRO B 393 8.39 15.89 14.97
CA PRO B 393 9.30 16.52 15.93
C PRO B 393 10.72 15.99 15.85
N GLY B 394 10.92 14.77 15.32
CA GLY B 394 12.26 14.28 15.09
C GLY B 394 13.02 15.05 14.04
N ASN B 395 12.33 15.85 13.21
CA ASN B 395 12.98 16.67 12.19
C ASN B 395 13.60 17.91 12.85
N ILE B 396 14.67 17.70 13.60
CA ILE B 396 15.39 18.82 14.22
C ILE B 396 16.61 19.16 13.37
N VAL B 397 17.26 20.27 13.71
CA VAL B 397 18.44 20.75 12.98
C VAL B 397 19.56 20.99 13.99
N PRO B 398 20.81 21.10 13.52
CA PRO B 398 21.92 21.32 14.46
C PRO B 398 21.76 22.63 15.22
N GLY B 399 21.98 22.56 16.54
CA GLY B 399 21.71 23.65 17.47
C GLY B 399 20.53 23.38 18.36
N ILE B 400 19.64 22.50 17.96
CA ILE B 400 18.52 22.05 18.76
C ILE B 400 18.75 20.58 19.09
N ASP B 401 18.30 20.18 20.28
CA ASP B 401 18.40 18.80 20.68
C ASP B 401 17.16 18.45 21.51
N PHE B 402 17.02 17.16 21.79
CA PHE B 402 15.90 16.62 22.54
C PHE B 402 16.15 16.68 24.04
N SER B 403 15.07 16.67 24.81
CA SER B 403 15.14 16.46 26.25
C SER B 403 14.60 15.07 26.59
N ASP B 404 14.73 14.68 27.85
CA ASP B 404 14.24 13.39 28.31
C ASP B 404 12.74 13.40 28.60
N ASP B 405 12.02 14.43 28.13
CA ASP B 405 10.56 14.44 28.18
C ASP B 405 10.06 13.13 27.62
N PRO B 406 9.44 12.26 28.42
CA PRO B 406 9.08 10.92 27.93
C PRO B 406 7.90 10.93 26.97
N LEU B 407 7.17 12.05 26.87
CA LEU B 407 6.18 12.21 25.81
C LEU B 407 6.86 12.59 24.49
N LEU B 408 7.72 13.61 24.54
CA LEU B 408 8.51 13.97 23.38
C LEU B 408 9.32 12.79 22.86
N GLN B 409 9.90 11.98 23.75
CA GLN B 409 10.75 10.88 23.30
C GLN B 409 9.97 9.89 22.45
N GLY B 410 8.73 9.59 22.83
CA GLY B 410 7.90 8.69 22.04
C GLY B 410 7.37 9.29 20.75
N ARG B 411 7.17 10.61 20.72
CA ARG B 411 6.72 11.25 19.48
C ARG B 411 7.73 11.05 18.37
N LEU B 412 9.02 11.09 18.68
CA LEU B 412 10.05 10.96 17.64
C LEU B 412 9.87 9.69 16.82
N PHE B 413 9.44 8.61 17.45
CA PHE B 413 9.17 7.37 16.71
C PHE B 413 7.99 7.55 15.77
N SER B 414 6.85 8.02 16.29
CA SER B 414 5.55 8.03 15.58
C SER B 414 5.48 8.74 14.23
N TYR B 415 5.99 9.95 14.14
CA TYR B 415 5.77 10.78 12.92
C TYR B 415 6.36 10.16 11.64
N ILE B 416 7.57 9.59 11.67
CA ILE B 416 8.08 8.93 10.43
C ILE B 416 7.31 7.63 10.20
N ASP B 417 7.08 6.87 11.25
CA ASP B 417 6.39 5.59 11.10
C ASP B 417 5.02 5.77 10.43
N THR B 418 4.16 6.64 10.99
CA THR B 418 2.79 6.78 10.47
C THR B 418 2.79 7.21 9.02
N GLN B 419 3.78 7.98 8.59
CA GLN B 419 3.73 8.47 7.22
C GLN B 419 4.07 7.40 6.19
N ILE B 420 4.65 6.27 6.61
CA ILE B 420 4.94 5.18 5.68
C ILE B 420 3.67 4.71 4.99
N SER B 421 2.61 4.48 5.76
CA SER B 421 1.37 4.07 5.15
C SER B 421 0.54 5.26 4.67
N ARG B 422 0.55 6.37 5.40
CA ARG B 422 -0.27 7.52 5.02
C ARG B 422 0.16 8.10 3.67
N LEU B 423 1.47 8.23 3.43
CA LEU B 423 1.95 8.84 2.20
C LEU B 423 2.54 7.82 1.24
N GLY B 424 2.42 6.53 1.53
CA GLY B 424 2.67 5.49 0.55
C GLY B 424 4.09 4.96 0.47
N GLY B 425 4.87 5.02 1.54
CA GLY B 425 6.25 4.59 1.43
C GLY B 425 7.24 5.56 2.05
N VAL B 426 8.53 5.28 1.86
CA VAL B 426 9.59 6.00 2.54
C VAL B 426 10.17 7.12 1.66
N ASN B 427 9.50 7.44 0.55
CA ASN B 427 9.96 8.50 -0.35
C ASN B 427 9.06 9.72 -0.27
N PHE B 428 8.33 9.87 0.84
CA PHE B 428 7.41 11.00 0.95
C PHE B 428 8.17 12.32 1.09
N HIS B 429 9.45 12.28 1.49
CA HIS B 429 10.28 13.48 1.45
C HIS B 429 10.51 13.97 0.02
N GLU B 430 10.25 13.14 -1.00
CA GLU B 430 10.33 13.58 -2.38
C GLU B 430 9.04 14.20 -2.90
N ILE B 431 7.94 14.15 -2.15
CA ILE B 431 6.75 14.92 -2.57
C ILE B 431 7.09 16.40 -2.48
N PRO B 432 6.71 17.24 -3.46
CA PRO B 432 7.30 18.59 -3.54
C PRO B 432 7.24 19.41 -2.25
N ILE B 433 6.07 19.47 -1.61
CA ILE B 433 5.92 20.26 -0.39
C ILE B 433 6.85 19.76 0.72
N ASN B 434 7.25 18.50 0.69
CA ASN B 434 8.09 17.99 1.76
C ASN B 434 9.58 18.10 1.46
N LYS B 435 9.94 18.39 0.26
CA LYS B 435 11.33 18.50 -0.07
C LYS B 435 12.06 19.63 0.63
N PRO B 436 13.29 19.36 1.10
CA PRO B 436 14.06 20.49 1.63
C PRO B 436 14.47 21.42 0.50
N ILE B 437 14.88 22.64 0.86
CA ILE B 437 15.46 23.53 -0.15
C ILE B 437 16.99 23.51 -0.14
N CYS B 438 17.61 22.84 0.82
CA CYS B 438 19.07 22.60 0.80
C CYS B 438 19.33 21.24 0.15
N PRO B 439 20.58 20.78 0.01
CA PRO B 439 20.79 19.45 -0.56
C PRO B 439 20.60 18.38 0.50
N PHE B 440 20.47 17.13 0.05
CA PHE B 440 20.18 16.05 0.98
C PHE B 440 20.72 14.71 0.45
N HIS B 441 22.00 14.72 0.07
CA HIS B 441 22.64 13.52 -0.51
C HIS B 441 22.94 12.46 0.53
N ASN B 442 22.57 11.20 0.23
CA ASN B 442 22.95 10.10 1.10
C ASN B 442 22.96 8.81 0.29
N HIS B 443 23.02 7.70 1.01
CA HIS B 443 23.15 6.38 0.40
C HIS B 443 21.85 5.61 0.41
N GLN B 444 20.76 6.21 0.85
CA GLN B 444 19.46 5.56 0.77
C GLN B 444 19.04 5.41 -0.69
N ARG B 445 18.38 4.30 -0.99
CA ARG B 445 17.99 4.01 -2.37
C ARG B 445 16.60 3.39 -2.40
N ASP B 446 16.00 3.50 -3.56
CA ASP B 446 14.75 2.82 -3.82
C ASP B 446 13.53 3.14 -2.99
N GLY B 447 12.71 2.13 -2.81
CA GLY B 447 11.45 2.39 -2.14
C GLY B 447 10.39 2.89 -3.12
N MET B 448 9.12 2.79 -2.71
CA MET B 448 8.02 3.06 -3.62
C MET B 448 8.05 4.52 -4.09
N HIS B 449 7.76 4.72 -5.37
N HIS B 449 7.87 4.69 -5.40
CA HIS B 449 7.77 6.04 -6.03
CA HIS B 449 7.77 5.99 -6.05
C HIS B 449 9.09 6.77 -5.80
C HIS B 449 9.07 6.79 -5.91
N ARG B 450 10.20 6.12 -6.17
CA ARG B 450 11.49 6.78 -6.12
C ARG B 450 11.61 7.73 -7.30
N MET B 451 11.67 9.02 -7.00
CA MET B 451 11.81 10.06 -8.06
C MET B 451 13.28 10.28 -8.42
N SER B 452 14.14 10.34 -7.42
CA SER B 452 15.55 10.61 -7.68
C SER B 452 16.21 9.44 -8.39
N ILE B 453 17.17 9.78 -9.25
CA ILE B 453 17.92 8.81 -10.05
C ILE B 453 19.38 8.88 -9.60
N SER B 454 19.83 7.90 -8.83
CA SER B 454 21.20 7.92 -8.34
C SER B 454 22.11 7.17 -9.29
N GLY B 455 23.41 7.47 -9.20
CA GLY B 455 24.37 6.91 -10.12
C GLY B 455 25.72 6.67 -9.47
N THR B 456 25.79 6.86 -8.16
CA THR B 456 27.03 6.72 -7.40
C THR B 456 26.87 5.65 -6.33
N ALA B 457 27.99 5.34 -5.69
CA ALA B 457 28.07 4.27 -4.69
C ALA B 457 27.01 4.43 -3.62
N ASN B 458 26.32 3.33 -3.33
CA ASN B 458 25.18 3.38 -2.42
C ASN B 458 25.56 2.87 -1.03
N TYR B 459 26.84 2.90 -0.70
CA TYR B 459 27.32 2.41 0.59
C TYR B 459 28.44 3.33 1.06
N GLU B 460 28.52 3.49 2.39
CA GLU B 460 29.55 4.25 3.05
C GLU B 460 30.23 3.36 4.08
N PRO B 461 31.58 3.31 4.14
CA PRO B 461 32.56 4.00 3.28
C PRO B 461 32.71 3.34 1.93
N ASN B 462 32.98 4.12 0.90
CA ASN B 462 33.29 3.59 -0.42
C ASN B 462 34.56 4.27 -0.93
N SER B 463 35.22 3.63 -1.89
CA SER B 463 36.34 4.23 -2.58
C SER B 463 36.06 4.47 -4.06
N ILE B 464 35.12 3.72 -4.64
CA ILE B 464 34.82 3.88 -6.06
C ILE B 464 34.30 5.29 -6.40
N ASN B 465 33.74 6.02 -5.43
CA ASN B 465 33.36 7.42 -5.63
C ASN B 465 34.03 8.32 -4.59
N ASN B 466 35.22 7.92 -4.12
CA ASN B 466 36.02 8.67 -3.13
C ASN B 466 35.22 9.03 -1.90
N ASN B 467 34.23 8.21 -1.58
CA ASN B 467 33.39 8.39 -0.39
C ASN B 467 32.65 9.71 -0.42
N TRP B 468 32.03 10.01 -1.57
CA TRP B 468 31.03 11.06 -1.58
C TRP B 468 29.65 10.44 -1.69
N PRO B 469 28.62 10.99 -0.99
CA PRO B 469 28.65 12.10 -0.03
C PRO B 469 29.31 11.73 1.29
N ARG B 470 29.80 12.71 2.04
CA ARG B 470 30.70 12.49 3.16
C ARG B 470 30.12 13.02 4.47
N GLU B 471 30.34 12.26 5.55
CA GLU B 471 29.97 12.74 6.87
C GLU B 471 30.72 14.04 7.17
N ALA B 472 30.04 14.94 7.88
CA ALA B 472 30.50 16.31 8.06
C ALA B 472 30.89 16.52 9.52
N PRO B 473 32.12 16.97 9.80
CA PRO B 473 32.54 17.12 11.19
C PRO B 473 31.62 18.06 11.94
N PRO B 474 31.49 17.89 13.26
CA PRO B 474 30.57 18.74 14.04
C PRO B 474 30.78 20.23 13.85
N THR B 475 32.04 20.67 13.79
CA THR B 475 32.32 22.07 13.58
C THR B 475 32.03 22.51 12.15
N GLU B 476 31.51 21.62 11.30
CA GLU B 476 31.09 21.98 9.96
C GLU B 476 29.57 21.97 9.82
N GLY B 477 28.86 21.77 10.92
CA GLY B 477 27.43 21.62 10.90
C GLY B 477 26.92 20.21 11.08
N GLY B 478 27.81 19.21 11.13
CA GLY B 478 27.35 17.84 11.26
C GLY B 478 26.60 17.64 12.56
N PHE B 479 25.43 17.01 12.51
CA PHE B 479 24.62 16.92 13.72
C PHE B 479 25.33 16.07 14.77
N THR B 480 25.33 16.56 16.01
CA THR B 480 25.83 15.79 17.14
C THR B 480 24.86 15.89 18.30
N THR B 481 24.78 14.82 19.09
CA THR B 481 23.95 14.83 20.29
C THR B 481 24.76 15.35 21.47
N TYR B 482 24.15 16.28 22.22
CA TYR B 482 24.78 16.85 23.41
C TYR B 482 25.03 15.74 24.43
N PRO B 483 26.24 15.60 24.95
CA PRO B 483 26.60 14.42 25.79
C PRO B 483 26.06 14.51 27.21
N GLN B 484 24.72 14.50 27.29
CA GLN B 484 24.05 14.58 28.60
C GLN B 484 24.32 13.32 29.41
N PRO B 485 24.55 13.44 30.73
CA PRO B 485 24.73 12.26 31.58
C PRO B 485 23.50 11.38 31.59
N VAL B 486 23.72 10.07 31.59
CA VAL B 486 22.67 9.07 31.70
C VAL B 486 23.01 8.15 32.86
N ASN B 487 22.18 8.18 33.91
CA ASN B 487 22.44 7.36 35.09
C ASN B 487 21.11 6.82 35.62
N GLY B 488 21.02 5.50 35.72
CA GLY B 488 19.84 4.89 36.30
C GLY B 488 19.85 3.39 36.08
N TYR B 489 18.67 2.80 36.23
CA TYR B 489 18.45 1.38 35.99
C TYR B 489 17.37 1.25 34.93
N LYS B 490 17.61 0.38 33.93
CA LYS B 490 16.56 0.05 32.96
C LYS B 490 15.27 -0.26 33.70
N SER B 491 14.24 0.55 33.45
CA SER B 491 13.03 0.39 34.23
C SER B 491 11.86 1.02 33.48
N ARG B 492 10.68 0.50 33.77
CA ARG B 492 9.41 1.14 33.38
C ARG B 492 8.82 1.71 34.66
N LYS B 493 8.89 3.04 34.81
CA LYS B 493 8.43 3.68 36.03
C LYS B 493 8.24 5.17 35.78
N ARG B 494 7.17 5.73 36.35
CA ARG B 494 6.94 7.16 36.27
C ARG B 494 7.78 7.91 37.29
N SER B 495 8.40 9.01 36.85
CA SER B 495 9.26 9.79 37.73
C SER B 495 8.46 10.33 38.90
N SER B 496 8.99 10.14 40.11
CA SER B 496 8.33 10.72 41.27
C SER B 496 8.15 12.22 41.10
N THR B 497 9.06 12.89 40.40
CA THR B 497 8.93 14.32 40.16
C THR B 497 7.75 14.66 39.24
N PHE B 498 7.07 13.66 38.68
CA PHE B 498 5.93 13.88 37.80
C PHE B 498 4.60 13.81 38.53
N ILE B 499 4.59 13.35 39.77
CA ILE B 499 3.34 13.04 40.49
C ILE B 499 2.90 14.33 41.16
N ASP B 500 2.23 15.18 40.37
CA ASP B 500 1.61 16.41 40.87
C ASP B 500 0.59 16.80 39.81
N PHE B 501 -0.67 16.53 40.10
CA PHE B 501 -1.71 16.63 39.10
C PHE B 501 -2.60 17.84 39.22
N TYR B 502 -2.59 18.52 40.37
CA TYR B 502 -3.61 19.49 40.71
C TYR B 502 -3.11 20.92 40.89
N SER B 503 -1.82 21.12 41.19
CA SER B 503 -1.37 22.48 41.45
C SER B 503 -1.51 23.36 40.23
N GLN B 504 -1.12 22.86 39.08
CA GLN B 504 -1.17 23.67 37.87
C GLN B 504 -2.60 23.86 37.37
N PRO B 505 -3.49 22.84 37.44
CA PRO B 505 -4.91 23.13 37.20
C PRO B 505 -5.46 24.21 38.12
N ARG B 506 -5.11 24.16 39.41
CA ARG B 506 -5.59 25.19 40.33
C ARG B 506 -5.01 26.55 39.96
N LEU B 507 -3.71 26.61 39.64
CA LEU B 507 -3.08 27.85 39.22
C LEU B 507 -3.76 28.41 37.97
N PHE B 508 -4.14 27.54 37.03
CA PHE B 508 -4.88 28.00 35.86
C PHE B 508 -6.24 28.57 36.26
N TRP B 509 -6.95 27.87 37.15
CA TRP B 509 -8.31 28.29 37.53
C TRP B 509 -8.31 29.66 38.19
N LEU B 510 -7.37 29.89 39.12
CA LEU B 510 -7.28 31.14 39.87
C LEU B 510 -6.73 32.28 39.02
N SER B 511 -6.22 32.00 37.83
CA SER B 511 -5.72 33.06 36.99
C SER B 511 -6.78 33.57 36.04
N GLN B 512 -7.95 32.94 36.04
CA GLN B 512 -9.00 33.27 35.11
C GLN B 512 -9.87 34.37 35.68
N THR B 513 -10.32 35.26 34.81
CA THR B 513 -11.35 36.20 35.22
C THR B 513 -12.62 35.43 35.59
N LYS B 514 -13.57 36.17 36.20
CA LYS B 514 -14.81 35.54 36.63
C LYS B 514 -15.59 34.99 35.44
N VAL B 515 -15.70 35.79 34.37
CA VAL B 515 -16.33 35.29 33.14
C VAL B 515 -15.65 34.01 32.68
N GLU B 516 -14.32 34.02 32.61
CA GLU B 516 -13.61 32.88 32.08
C GLU B 516 -13.86 31.66 32.95
N GLN B 517 -13.91 31.87 34.28
CA GLN B 517 -14.24 30.79 35.18
C GLN B 517 -15.63 30.23 34.93
N ASN B 518 -16.60 31.11 34.61
CA ASN B 518 -17.94 30.62 34.32
C ASN B 518 -17.95 29.79 33.05
N HIS B 519 -17.15 30.19 32.05
CA HIS B 519 -17.14 29.44 30.81
C HIS B 519 -16.48 28.09 30.98
N ILE B 520 -15.42 28.02 31.81
CA ILE B 520 -14.86 26.72 32.20
C ILE B 520 -15.90 25.84 32.88
N VAL B 521 -16.68 26.43 33.81
CA VAL B 521 -17.77 25.69 34.45
C VAL B 521 -18.77 25.21 33.41
N GLY B 522 -19.07 26.05 32.43
CA GLY B 522 -20.01 25.62 31.39
C GLY B 522 -19.46 24.47 30.56
N GLY B 523 -18.18 24.54 30.20
CA GLY B 523 -17.56 23.43 29.51
C GLY B 523 -17.74 22.09 30.18
N PHE B 524 -17.35 21.96 31.44
CA PHE B 524 -17.47 20.69 32.13
C PHE B 524 -18.93 20.25 32.21
N SER B 525 -19.83 21.18 32.58
CA SER B 525 -21.23 20.84 32.75
C SER B 525 -21.88 20.39 31.45
N PHE B 526 -21.60 21.11 30.35
CA PHE B 526 -22.16 20.74 29.06
C PHE B 526 -21.65 19.38 28.62
N GLU B 527 -20.32 19.22 28.64
CA GLU B 527 -19.70 17.96 28.25
C GLU B 527 -20.11 16.82 29.18
N LEU B 528 -20.02 17.02 30.50
CA LEU B 528 -20.36 15.93 31.40
C LEU B 528 -21.85 15.63 31.36
N GLY B 529 -22.64 16.57 30.85
CA GLY B 529 -24.05 16.29 30.69
C GLY B 529 -24.41 15.45 29.50
N LYS B 530 -23.45 15.14 28.63
CA LYS B 530 -23.70 14.14 27.60
C LYS B 530 -23.13 12.78 27.98
N VAL B 531 -22.55 12.67 29.17
CA VAL B 531 -22.01 11.40 29.66
C VAL B 531 -23.14 10.60 30.28
N VAL B 532 -23.35 9.37 29.80
CA VAL B 532 -24.55 8.61 30.16
C VAL B 532 -24.37 7.91 31.51
N ARG B 533 -23.20 7.27 31.72
CA ARG B 533 -22.95 6.54 32.97
C ARG B 533 -22.77 7.52 34.12
N PRO B 534 -23.62 7.48 35.16
CA PRO B 534 -23.53 8.51 36.19
C PRO B 534 -22.25 8.47 36.99
N TRP B 535 -21.70 7.29 37.27
CA TRP B 535 -20.51 7.22 38.10
C TRP B 535 -19.32 7.92 37.46
N ILE B 536 -19.33 8.08 36.14
CA ILE B 536 -18.24 8.78 35.46
C ILE B 536 -18.31 10.28 35.75
N ARG B 537 -19.52 10.85 35.67
CA ARG B 537 -19.71 12.25 36.04
C ARG B 537 -19.31 12.50 37.47
N GLU B 538 -19.71 11.60 38.38
CA GLU B 538 -19.41 11.81 39.80
C GLU B 538 -17.91 11.70 40.06
N ARG B 539 -17.23 10.79 39.38
CA ARG B 539 -15.78 10.72 39.54
C ARG B 539 -15.09 11.96 38.98
N VAL B 540 -15.58 12.49 37.85
CA VAL B 540 -14.96 13.70 37.31
C VAL B 540 -15.14 14.86 38.28
N VAL B 541 -16.37 15.02 38.78
CA VAL B 541 -16.62 16.04 39.80
C VAL B 541 -15.76 15.80 41.03
N ASN B 542 -15.51 14.53 41.37
CA ASN B 542 -14.65 14.25 42.52
C ASN B 542 -13.21 14.70 42.27
N GLN B 543 -12.71 14.60 41.02
CA GLN B 543 -11.38 15.12 40.74
C GLN B 543 -11.33 16.64 40.88
N LEU B 544 -12.43 17.32 40.55
CA LEU B 544 -12.45 18.78 40.59
C LEU B 544 -12.39 19.33 42.02
N THR B 545 -12.80 18.55 43.03
CA THR B 545 -12.63 18.94 44.44
C THR B 545 -11.18 18.93 44.90
N TYR B 546 -10.24 18.43 44.10
CA TYR B 546 -8.84 18.60 44.44
C TYR B 546 -8.21 19.80 43.75
N ILE B 547 -8.97 20.47 42.90
CA ILE B 547 -8.49 21.63 42.15
C ILE B 547 -8.98 22.91 42.79
N ASP B 548 -10.30 23.04 42.92
CA ASP B 548 -10.92 24.19 43.53
C ASP B 548 -12.25 23.73 44.07
N HIS B 549 -12.64 24.23 45.24
CA HIS B 549 -13.90 23.78 45.81
C HIS B 549 -15.11 24.42 45.12
N GLN B 550 -15.02 25.69 44.73
CA GLN B 550 -16.15 26.32 44.04
C GLN B 550 -16.38 25.68 42.68
N LEU B 551 -15.31 25.51 41.90
CA LEU B 551 -15.42 24.86 40.60
C LEU B 551 -16.17 23.55 40.72
N ALA B 552 -15.77 22.71 41.67
CA ALA B 552 -16.45 21.44 41.88
C ALA B 552 -17.93 21.65 42.20
N GLN B 553 -18.25 22.65 43.03
CA GLN B 553 -19.63 22.88 43.45
C GLN B 553 -20.49 23.42 42.30
N SER B 554 -19.95 24.39 41.56
CA SER B 554 -20.72 24.92 40.44
C SER B 554 -21.00 23.84 39.40
N VAL B 555 -20.03 22.96 39.16
CA VAL B 555 -20.25 21.93 38.14
C VAL B 555 -21.15 20.82 38.67
N ALA B 556 -20.96 20.40 39.92
CA ALA B 556 -21.83 19.39 40.51
C ALA B 556 -23.27 19.90 40.64
N ASP B 557 -23.46 21.21 40.78
CA ASP B 557 -24.81 21.76 40.76
C ASP B 557 -25.48 21.50 39.41
N ASN B 558 -24.79 21.81 38.31
CA ASN B 558 -25.33 21.60 36.98
C ASN B 558 -25.52 20.13 36.61
N LEU B 559 -24.96 19.20 37.39
CA LEU B 559 -25.09 17.78 37.08
C LEU B 559 -25.99 17.07 38.07
N GLY B 560 -26.62 17.81 38.97
CA GLY B 560 -27.47 17.21 39.99
C GLY B 560 -26.69 16.37 40.98
N ILE B 561 -25.46 16.76 41.28
CA ILE B 561 -24.57 15.99 42.13
C ILE B 561 -24.43 16.74 43.44
N LYS B 562 -24.81 16.09 44.54
CA LYS B 562 -24.62 16.67 45.86
C LYS B 562 -23.22 16.32 46.35
N LEU B 563 -22.43 17.34 46.65
CA LEU B 563 -21.10 17.11 47.18
C LEU B 563 -21.18 16.77 48.66
N SER B 564 -20.26 15.92 49.11
CA SER B 564 -20.21 15.54 50.50
C SER B 564 -19.27 16.47 51.28
N GLN B 565 -19.45 16.47 52.61
CA GLN B 565 -18.57 17.25 53.47
C GLN B 565 -17.15 16.76 53.35
N GLU B 566 -16.96 15.45 53.24
CA GLU B 566 -15.64 14.89 53.00
C GLU B 566 -15.03 15.49 51.73
N GLN B 567 -15.84 15.66 50.68
CA GLN B 567 -15.33 16.19 49.42
C GLN B 567 -15.06 17.68 49.52
N LEU B 568 -16.03 18.43 50.06
CA LEU B 568 -15.89 19.87 50.21
C LEU B 568 -14.73 20.25 51.13
N LYS B 569 -14.13 19.28 51.83
CA LYS B 569 -12.97 19.49 52.67
C LYS B 569 -11.70 18.87 52.07
N HIS B 570 -11.71 18.59 50.77
CA HIS B 570 -10.55 17.96 50.17
C HIS B 570 -9.39 18.95 50.10
N PRO B 571 -8.16 18.51 50.40
CA PRO B 571 -7.04 19.45 50.44
C PRO B 571 -6.72 20.03 49.07
N LEU B 572 -6.39 21.31 49.06
CA LEU B 572 -6.03 22.00 47.84
C LEU B 572 -4.52 22.21 47.77
N PRO B 573 -3.95 22.24 46.56
CA PRO B 573 -2.49 22.37 46.45
C PRO B 573 -2.03 23.77 46.80
N GLY B 574 -0.76 23.85 47.23
CA GLY B 574 -0.18 25.11 47.59
C GLY B 574 0.28 25.88 46.37
N PRO B 575 0.81 27.08 46.60
CA PRO B 575 1.30 27.92 45.50
C PRO B 575 2.51 27.28 44.82
N ILE B 576 2.83 27.82 43.64
CA ILE B 576 3.88 27.29 42.78
C ILE B 576 5.03 28.30 42.81
N ASN B 577 6.11 27.97 43.52
CA ASN B 577 7.24 28.88 43.71
C ASN B 577 6.73 30.27 44.12
N GLY B 578 5.88 30.28 45.15
CA GLY B 578 5.29 31.51 45.62
C GLY B 578 4.11 32.01 44.82
N LEU B 579 3.96 31.54 43.58
CA LEU B 579 2.95 32.06 42.67
C LEU B 579 1.60 31.39 42.90
N SER B 580 0.54 32.21 42.99
CA SER B 580 -0.81 31.66 43.04
C SER B 580 -1.62 31.91 41.77
N LYS B 581 -1.28 32.93 40.99
CA LYS B 581 -1.93 33.12 39.70
C LYS B 581 -1.01 33.94 38.80
N ASP B 582 -1.13 33.70 37.50
CA ASP B 582 -0.30 34.34 36.48
C ASP B 582 -1.18 34.96 35.41
N ARG B 583 -0.97 36.26 35.15
CA ARG B 583 -1.84 36.99 34.23
C ARG B 583 -1.83 36.42 32.83
N SER B 584 -0.72 35.78 32.41
CA SER B 584 -0.62 35.30 31.03
C SER B 584 -1.55 34.12 30.76
N LEU B 585 -1.94 33.39 31.80
CA LEU B 585 -2.86 32.26 31.64
C LEU B 585 -4.29 32.70 31.33
N SER B 586 -4.66 33.94 31.65
CA SER B 586 -5.99 34.42 31.28
C SER B 586 -5.95 34.99 29.88
N MET B 587 -6.90 34.55 29.05
CA MET B 587 -7.07 35.09 27.70
C MET B 587 -7.20 36.61 27.74
N TYR B 588 -8.26 37.09 28.40
CA TYR B 588 -8.76 38.44 28.27
C TYR B 588 -8.09 39.43 29.22
N ASP B 589 -7.74 39.01 30.45
CA ASP B 589 -6.91 39.88 31.28
C ASP B 589 -5.54 40.08 30.67
N GLY B 590 -4.84 38.97 30.38
CA GLY B 590 -3.43 39.02 30.07
C GLY B 590 -3.05 38.97 28.60
N HIS B 591 -3.98 39.28 27.72
CA HIS B 591 -3.65 39.35 26.33
C HIS B 591 -4.44 40.45 25.67
N HIS B 592 -3.95 40.95 24.55
CA HIS B 592 -4.56 42.05 23.81
C HIS B 592 -5.74 41.58 22.97
N GLN B 593 -6.72 42.45 22.79
CA GLN B 593 -7.71 42.34 21.72
C GLN B 593 -7.33 43.30 20.61
N ILE B 594 -7.48 42.86 19.36
CA ILE B 594 -7.05 43.65 18.20
C ILE B 594 -8.24 43.86 17.28
N LEU B 595 -8.42 45.09 16.84
CA LEU B 595 -9.58 45.48 16.05
C LEU B 595 -9.37 45.16 14.57
N LYS B 596 -8.14 45.30 14.09
CA LYS B 596 -7.84 45.03 12.69
C LYS B 596 -8.24 43.60 12.31
N SER B 597 -8.70 43.45 11.06
CA SER B 597 -9.17 42.23 10.39
C SER B 597 -10.56 41.77 10.84
N ARG B 598 -11.20 42.44 11.78
CA ARG B 598 -12.51 41.99 12.26
C ARG B 598 -13.58 42.20 11.21
N GLN B 599 -14.76 41.59 11.44
CA GLN B 599 -15.84 41.53 10.47
C GLN B 599 -17.14 42.08 11.05
N VAL B 600 -17.78 43.00 10.30
CA VAL B 600 -19.01 43.66 10.73
C VAL B 600 -20.11 43.37 9.72
N ALA B 601 -21.21 42.78 10.18
CA ALA B 601 -22.44 42.76 9.40
C ALA B 601 -23.04 44.16 9.37
N ILE B 602 -23.26 44.69 8.17
CA ILE B 602 -24.07 45.89 7.99
C ILE B 602 -25.39 45.40 7.40
N LEU B 603 -26.43 45.42 8.22
CA LEU B 603 -27.74 44.95 7.78
C LEU B 603 -28.45 46.06 7.02
N ALA B 604 -28.74 45.82 5.74
CA ALA B 604 -29.43 46.81 4.92
C ALA B 604 -30.30 46.10 3.89
N ALA B 605 -31.34 46.80 3.44
CA ALA B 605 -32.20 46.36 2.35
C ALA B 605 -32.54 47.59 1.52
N ASP B 606 -33.27 47.38 0.42
CA ASP B 606 -33.57 48.47 -0.51
C ASP B 606 -34.11 49.69 0.24
N GLY B 607 -33.65 50.87 -0.17
CA GLY B 607 -34.05 52.10 0.49
C GLY B 607 -33.23 52.48 1.70
N VAL B 608 -31.98 52.01 1.80
CA VAL B 608 -31.09 52.35 2.90
C VAL B 608 -30.37 53.67 2.65
N CSD B 609 -30.11 54.41 3.71
CA CSD B 609 -29.29 55.59 3.61
CB CSD B 609 -29.13 56.23 4.99
SG CSD B 609 -28.97 57.96 4.75
C CSD B 609 -27.90 55.32 3.03
O CSD B 609 -27.03 54.69 3.62
OD1 CSD B 609 -28.62 58.54 6.04
OD2 CSD B 609 -27.41 57.96 4.07
N GLY B 610 -27.69 55.85 1.83
CA GLY B 610 -26.45 55.64 1.10
C GLY B 610 -25.24 56.29 1.72
N ASP B 611 -25.44 57.48 2.31
CA ASP B 611 -24.33 58.22 2.90
C ASP B 611 -23.90 57.61 4.22
N ALA B 612 -24.85 57.09 5.00
CA ALA B 612 -24.52 56.36 6.22
C ALA B 612 -23.60 55.20 5.90
N ILE B 613 -23.93 54.42 4.88
CA ILE B 613 -23.15 53.23 4.55
C ILE B 613 -21.75 53.62 4.11
N ASP B 614 -21.62 54.69 3.32
CA ASP B 614 -20.29 55.13 2.92
C ASP B 614 -19.47 55.57 4.13
N ASN B 615 -20.07 56.31 5.05
CA ASN B 615 -19.36 56.77 6.24
C ASN B 615 -18.92 55.59 7.11
N ILE B 616 -19.87 54.70 7.43
CA ILE B 616 -19.54 53.54 8.26
C ILE B 616 -18.40 52.76 7.63
N MET B 617 -18.43 52.56 6.30
CA MET B 617 -17.36 51.85 5.61
C MET B 617 -16.04 52.62 5.73
N LYS B 618 -16.10 53.95 5.55
CA LYS B 618 -14.88 54.75 5.65
C LYS B 618 -14.22 54.55 7.02
N THR B 619 -15.03 54.57 8.08
CA THR B 619 -14.49 54.43 9.43
C THR B 619 -13.91 53.05 9.66
N LEU B 620 -14.72 52.01 9.42
CA LEU B 620 -14.23 50.64 9.51
C LEU B 620 -12.94 50.48 8.71
N LYS B 621 -12.93 50.97 7.48
CA LYS B 621 -11.72 50.91 6.67
C LYS B 621 -10.56 51.60 7.38
N LYS B 622 -10.82 52.74 8.01
CA LYS B 622 -9.75 53.43 8.74
C LYS B 622 -9.15 52.56 9.83
N TYR B 623 -9.92 51.64 10.40
CA TYR B 623 -9.42 50.80 11.48
C TYR B 623 -9.09 49.38 11.04
N GLY B 624 -9.02 49.13 9.72
CA GLY B 624 -8.74 47.80 9.22
C GLY B 624 -9.86 46.79 9.38
N VAL B 625 -11.10 47.27 9.69
CA VAL B 625 -12.25 46.40 9.93
C VAL B 625 -13.02 46.22 8.62
N HIS B 626 -13.57 45.03 8.42
CA HIS B 626 -14.27 44.68 7.19
C HIS B 626 -15.77 44.72 7.39
N GLY B 627 -16.43 45.59 6.64
CA GLY B 627 -17.88 45.65 6.61
C GLY B 627 -18.40 44.87 5.41
N LYS B 628 -19.39 44.02 5.68
CA LYS B 628 -20.08 43.30 4.63
C LYS B 628 -21.56 43.65 4.72
N ILE B 629 -22.15 44.03 3.59
CA ILE B 629 -23.58 44.36 3.56
C ILE B 629 -24.35 43.07 3.28
N PHE B 630 -25.14 42.65 4.27
CA PHE B 630 -26.01 41.49 4.15
C PHE B 630 -27.44 41.98 3.97
N ALA B 631 -28.11 41.50 2.91
CA ALA B 631 -29.46 41.94 2.56
C ALA B 631 -30.41 40.74 2.46
N PRO B 632 -31.71 40.96 2.30
CA PRO B 632 -32.62 39.83 2.07
C PRO B 632 -32.35 39.04 0.77
N HIS B 633 -31.59 39.59 -0.17
CA HIS B 633 -31.26 38.84 -1.41
C HIS B 633 -29.84 39.17 -1.87
N VAL B 634 -29.23 38.27 -2.66
CA VAL B 634 -27.89 38.55 -3.19
C VAL B 634 -28.03 39.51 -4.36
N GLY B 635 -26.90 40.04 -4.81
CA GLY B 635 -26.87 40.93 -5.96
C GLY B 635 -26.63 42.37 -5.53
N ARG B 636 -27.59 43.23 -5.84
CA ARG B 636 -27.49 44.65 -5.54
C ARG B 636 -28.74 45.10 -4.80
N ILE B 637 -28.56 46.03 -3.87
CA ILE B 637 -29.66 46.80 -3.34
C ILE B 637 -29.50 48.22 -3.86
N THR B 638 -30.54 49.03 -3.66
CA THR B 638 -30.52 50.42 -4.12
C THR B 638 -30.70 51.32 -2.91
N SER B 639 -29.89 52.37 -2.85
CA SER B 639 -29.87 53.26 -1.69
C SER B 639 -31.16 54.07 -1.61
N LEU B 640 -31.29 54.82 -0.51
CA LEU B 640 -32.33 55.84 -0.40
C LEU B 640 -32.22 56.84 -1.53
N GLN B 641 -31.01 57.38 -1.76
CA GLN B 641 -30.79 58.33 -2.84
C GLN B 641 -31.01 57.72 -4.22
N GLY B 642 -31.06 56.40 -4.31
CA GLY B 642 -31.23 55.72 -5.57
C GLY B 642 -29.94 55.25 -6.23
N ASN B 643 -28.90 55.00 -5.45
CA ASN B 643 -27.65 54.45 -5.96
C ASN B 643 -27.61 52.95 -5.73
N GLU B 644 -26.79 52.26 -6.53
CA GLU B 644 -26.69 50.81 -6.45
C GLU B 644 -25.58 50.41 -5.48
N ILE B 645 -25.87 49.45 -4.61
CA ILE B 645 -24.93 48.98 -3.59
C ILE B 645 -24.80 47.47 -3.71
N GLU B 646 -23.59 47.00 -4.02
CA GLU B 646 -23.34 45.56 -4.08
C GLU B 646 -23.42 44.97 -2.68
N VAL B 647 -24.19 43.89 -2.54
CA VAL B 647 -24.35 43.24 -1.25
C VAL B 647 -23.43 42.03 -1.20
N ASN B 648 -22.97 41.71 0.00
CA ASN B 648 -21.97 40.66 0.12
C ASN B 648 -22.61 39.28 0.21
N GLY B 649 -23.71 39.16 0.94
CA GLY B 649 -24.44 37.92 1.03
C GLY B 649 -25.87 38.19 1.47
N THR B 650 -26.62 37.11 1.63
CA THR B 650 -27.96 37.21 2.18
C THR B 650 -27.89 37.26 3.69
N ILE B 651 -28.87 37.95 4.29
CA ILE B 651 -29.03 37.88 5.73
C ILE B 651 -29.17 36.43 6.17
N GLU B 652 -29.86 35.62 5.37
CA GLU B 652 -30.13 34.25 5.79
C GLU B 652 -28.89 33.37 5.67
N GLY B 653 -28.05 33.62 4.67
CA GLY B 653 -26.86 32.82 4.47
C GLY B 653 -25.69 33.15 5.37
N ASN B 654 -25.75 34.29 6.06
CA ASN B 654 -24.65 34.78 6.88
C ASN B 654 -25.15 35.24 8.24
N PRO B 655 -25.59 34.30 9.09
CA PRO B 655 -26.06 34.67 10.44
C PRO B 655 -24.99 35.36 11.28
N SER B 656 -25.43 35.87 12.43
CA SER B 656 -24.60 36.75 13.24
C SER B 656 -23.37 36.03 13.80
N VAL B 657 -23.43 34.70 13.94
CA VAL B 657 -22.28 33.93 14.38
C VAL B 657 -21.07 34.13 13.47
N MET B 658 -21.28 34.52 12.22
CA MET B 658 -20.18 34.69 11.27
C MET B 658 -19.50 36.06 11.35
N VAL B 659 -20.09 37.05 12.03
CA VAL B 659 -19.46 38.35 12.18
C VAL B 659 -19.07 38.59 13.63
N ASP B 660 -18.27 39.64 13.85
CA ASP B 660 -17.87 40.08 15.18
C ASP B 660 -18.79 41.13 15.77
N ALA B 661 -19.50 41.88 14.93
CA ALA B 661 -20.31 42.98 15.39
C ALA B 661 -21.28 43.34 14.27
N VAL B 662 -22.41 43.94 14.67
CA VAL B 662 -23.46 44.35 13.75
C VAL B 662 -23.70 45.84 13.87
N ILE B 663 -23.92 46.49 12.74
CA ILE B 663 -24.33 47.88 12.68
C ILE B 663 -25.48 47.99 11.68
N ILE B 664 -26.45 48.85 11.98
CA ILE B 664 -27.65 48.99 11.16
C ILE B 664 -27.83 50.46 10.78
N PRO B 665 -27.59 50.71 9.48
CA PRO B 665 -27.75 52.05 9.01
C PRO B 665 -29.19 52.45 8.93
N ASP B 666 -29.43 53.74 9.01
CA ASP B 666 -30.76 54.27 8.89
C ASP B 666 -31.33 54.24 7.47
N GLY B 667 -32.65 54.31 7.35
CA GLY B 667 -33.31 54.41 6.05
C GLY B 667 -34.59 53.68 6.32
N GLU B 668 -35.70 54.36 6.14
CA GLU B 668 -36.94 53.74 6.54
C GLU B 668 -37.36 52.49 5.81
N ASP B 669 -37.24 52.50 4.50
CA ASP B 669 -37.70 51.34 3.78
C ASP B 669 -36.83 50.18 4.19
N SER B 670 -35.55 50.46 4.30
CA SER B 670 -34.63 49.43 4.74
C SER B 670 -34.96 49.02 6.16
N ILE B 671 -35.19 49.98 7.06
CA ILE B 671 -35.57 49.55 8.40
C ILE B 671 -36.87 48.76 8.36
N ASP B 672 -37.86 49.29 7.63
CA ASP B 672 -39.15 48.64 7.51
C ASP B 672 -39.01 47.21 7.02
N SER B 673 -38.25 47.02 5.94
CA SER B 673 -38.10 45.69 5.36
C SER B 673 -37.42 44.73 6.33
N LEU B 674 -36.68 45.25 7.31
CA LEU B 674 -35.99 44.38 8.26
C LEU B 674 -36.90 43.94 9.39
N MET B 675 -37.77 44.83 9.88
CA MET B 675 -38.71 44.43 10.93
C MET B 675 -39.72 43.41 10.41
N LYS B 676 -39.99 43.42 9.12
CA LYS B 676 -40.79 42.36 8.53
C LYS B 676 -40.00 41.07 8.42
N ASN B 677 -38.69 41.18 8.19
CA ASN B 677 -37.80 40.04 7.98
C ASN B 677 -37.50 39.39 9.32
N GLY B 678 -38.03 38.17 9.53
CA GLY B 678 -37.74 37.46 10.76
C GLY B 678 -36.27 37.15 10.95
N ASN B 679 -35.53 36.97 9.84
CA ASN B 679 -34.10 36.67 9.92
C ASN B 679 -33.33 37.83 10.53
N ALA B 680 -33.60 39.05 10.05
CA ALA B 680 -32.89 40.21 10.57
C ALA B 680 -33.18 40.43 12.04
N LYS B 681 -34.43 40.31 12.46
CA LYS B 681 -34.72 40.53 13.86
C LYS B 681 -33.98 39.53 14.72
N HIS B 682 -33.92 38.28 14.29
CA HIS B 682 -33.12 37.28 15.04
C HIS B 682 -31.65 37.69 15.02
N TYR B 683 -31.19 38.25 13.90
CA TYR B 683 -29.80 38.68 13.82
C TYR B 683 -29.42 39.55 15.03
N VAL B 684 -30.30 40.46 15.42
CA VAL B 684 -29.99 41.37 16.52
C VAL B 684 -30.06 40.65 17.86
N ILE B 685 -31.06 39.79 18.04
CA ILE B 685 -31.19 39.04 19.29
C ILE B 685 -29.99 38.14 19.49
N GLN B 686 -29.53 37.50 18.41
CA GLN B 686 -28.44 36.55 18.51
C GLN B 686 -27.13 37.26 18.80
N ALA B 687 -26.84 38.32 18.04
CA ALA B 687 -25.68 39.14 18.36
C ALA B 687 -25.72 39.61 19.82
N PHE B 688 -26.91 39.94 20.31
CA PHE B 688 -27.03 40.41 21.69
C PHE B 688 -26.67 39.30 22.67
N LYS B 689 -27.30 38.12 22.51
CA LYS B 689 -27.01 37.04 23.45
C LYS B 689 -25.58 36.55 23.34
N HIS B 690 -24.93 36.77 22.20
CA HIS B 690 -23.55 36.39 21.99
C HIS B 690 -22.58 37.49 22.42
N LEU B 691 -23.09 38.54 23.10
CA LEU B 691 -22.26 39.53 23.77
C LEU B 691 -21.48 40.40 22.79
N LYS B 692 -22.02 40.61 21.60
CA LYS B 692 -21.34 41.38 20.58
C LYS B 692 -21.86 42.82 20.53
N ALA B 693 -21.02 43.71 20.01
CA ALA B 693 -21.36 45.12 19.86
C ALA B 693 -22.47 45.28 18.82
N ILE B 694 -23.43 46.17 19.10
CA ILE B 694 -24.54 46.44 18.18
C ILE B 694 -24.69 47.95 17.97
N GLY B 695 -24.63 48.38 16.71
CA GLY B 695 -24.71 49.79 16.36
C GLY B 695 -25.98 50.19 15.64
N LEU B 696 -26.74 51.10 16.21
CA LEU B 696 -28.06 51.46 15.70
C LEU B 696 -28.08 52.93 15.32
N GLN B 697 -28.23 53.22 14.02
CA GLN B 697 -28.25 54.61 13.52
C GLN B 697 -29.69 55.09 13.38
N GLY B 698 -30.15 55.88 14.35
CA GLY B 698 -31.42 56.57 14.22
C GLY B 698 -32.65 55.69 14.34
N LYS B 699 -33.43 55.61 13.27
CA LYS B 699 -34.63 54.77 13.31
C LYS B 699 -34.31 53.28 13.33
N ALA B 700 -33.02 52.91 13.32
CA ALA B 700 -32.66 51.53 13.63
C ALA B 700 -32.95 51.18 15.08
N PHE B 701 -33.11 52.18 15.94
CA PHE B 701 -33.55 51.92 17.30
C PHE B 701 -35.02 51.55 17.36
N LYS B 702 -35.81 51.90 16.33
CA LYS B 702 -37.17 51.40 16.25
C LYS B 702 -37.17 49.89 16.17
N LEU B 703 -36.12 49.34 15.57
CA LEU B 703 -35.99 47.86 15.53
C LEU B 703 -35.60 47.38 16.93
N TYR B 704 -34.63 48.04 17.55
CA TYR B 704 -34.17 47.57 18.85
C TYR B 704 -35.28 47.63 19.89
N ASP B 705 -36.06 48.72 19.90
CA ASP B 705 -37.19 48.85 20.81
C ASP B 705 -38.25 47.78 20.54
N ALA B 706 -38.58 47.57 19.26
CA ALA B 706 -39.53 46.54 18.86
C ALA B 706 -39.17 45.15 19.38
N LEU B 707 -37.89 44.83 19.53
CA LEU B 707 -37.48 43.50 20.01
C LEU B 707 -37.44 43.43 21.53
N PRO B 708 -37.66 42.24 22.09
CA PRO B 708 -37.76 42.14 23.56
C PRO B 708 -36.40 42.18 24.25
N LEU B 709 -35.67 43.27 24.03
CA LEU B 709 -34.34 43.38 24.58
C LEU B 709 -34.29 44.47 25.65
N PRO B 710 -33.44 44.31 26.66
CA PRO B 710 -33.41 45.28 27.77
C PRO B 710 -32.88 46.63 27.36
N LYS B 711 -32.74 47.55 28.32
CA LYS B 711 -32.34 48.90 27.98
C LYS B 711 -30.90 48.90 27.47
N PRO B 712 -30.60 49.72 26.46
CA PRO B 712 -29.25 49.72 25.86
C PRO B 712 -28.16 49.79 26.92
N ASP B 713 -27.11 48.99 26.70
CA ASP B 713 -25.94 48.94 27.54
C ASP B 713 -24.72 49.46 26.76
N GLU B 714 -23.54 49.25 27.33
CA GLU B 714 -22.27 49.74 26.73
C GLU B 714 -21.98 49.04 25.42
N GLY B 715 -22.55 47.87 25.19
CA GLY B 715 -22.39 47.17 23.93
C GLY B 715 -23.41 47.53 22.88
N ILE B 716 -24.38 48.36 23.24
CA ILE B 716 -25.40 48.88 22.32
C ILE B 716 -25.08 50.34 22.08
N VAL B 717 -24.78 50.70 20.84
CA VAL B 717 -24.28 52.02 20.50
C VAL B 717 -25.30 52.68 19.58
N VAL B 718 -25.92 53.76 20.07
CA VAL B 718 -26.98 54.45 19.34
C VAL B 718 -26.55 55.89 19.06
N GLY B 719 -26.78 56.34 17.84
CA GLY B 719 -26.38 57.68 17.42
C GLY B 719 -27.08 58.04 16.13
N ASP B 720 -26.94 59.30 15.75
CA ASP B 720 -27.61 59.83 14.57
C ASP B 720 -26.68 60.24 13.46
N LYS B 721 -25.44 60.62 13.77
CA LYS B 721 -24.42 60.83 12.76
C LYS B 721 -23.75 59.50 12.45
N ALA B 722 -23.38 59.29 11.19
CA ALA B 722 -22.87 57.99 10.77
C ALA B 722 -21.44 57.77 11.27
N ALA B 723 -20.53 58.69 10.92
CA ALA B 723 -19.14 58.51 11.31
C ALA B 723 -18.97 58.53 12.83
N ASP B 724 -19.76 59.35 13.53
CA ASP B 724 -19.68 59.37 14.98
C ASP B 724 -20.11 58.03 15.55
N LEU B 725 -21.17 57.44 14.99
CA LEU B 725 -21.66 56.17 15.49
C LEU B 725 -20.69 55.03 15.21
N ALA B 726 -20.06 55.06 14.03
CA ALA B 726 -19.05 54.05 13.70
C ALA B 726 -17.84 54.16 14.61
N GLU B 727 -17.48 55.38 15.01
CA GLU B 727 -16.28 55.55 15.83
C GLU B 727 -16.49 54.95 17.22
N ALA B 728 -17.60 55.30 17.87
CA ALA B 728 -17.89 54.71 19.17
C ALA B 728 -18.09 53.20 19.04
N PHE B 729 -18.67 52.77 17.92
CA PHE B 729 -18.89 51.35 17.66
C PHE B 729 -17.57 50.58 17.61
N CYS B 730 -16.63 51.05 16.79
CA CYS B 730 -15.32 50.41 16.73
C CYS B 730 -14.64 50.43 18.09
N ASN B 731 -14.76 51.53 18.83
CA ASN B 731 -14.14 51.57 20.17
C ASN B 731 -14.80 50.52 21.06
N VAL B 732 -16.11 50.33 20.91
CA VAL B 732 -16.74 49.28 21.72
C VAL B 732 -16.27 47.91 21.24
N MET B 733 -16.13 47.73 19.91
CA MET B 733 -15.62 46.45 19.41
C MET B 733 -14.26 46.08 20.01
N ARG B 734 -13.50 47.07 20.44
CA ARG B 734 -12.18 46.81 21.01
C ARG B 734 -12.19 45.91 22.24
N GLY B 735 -13.36 45.68 22.84
CA GLY B 735 -13.49 44.78 23.98
C GLY B 735 -13.78 43.35 23.64
N HIS B 736 -13.95 43.05 22.36
CA HIS B 736 -14.29 41.70 21.86
C HIS B 736 -15.72 41.35 22.17
N ARG B 737 -16.06 41.36 23.44
CA ARG B 737 -17.38 41.01 23.86
C ARG B 737 -17.83 41.80 25.08
N ILE B 738 -19.12 41.87 25.29
CA ILE B 738 -19.69 42.58 26.43
C ILE B 738 -19.97 41.61 27.57
N TRP B 739 -18.93 41.23 28.31
CA TRP B 739 -19.06 40.15 29.29
C TRP B 739 -20.16 40.43 30.31
N SER B 740 -20.33 41.69 30.69
CA SER B 740 -21.34 42.06 31.70
C SER B 740 -22.75 41.71 31.26
N ARG B 741 -22.98 41.58 29.95
CA ARG B 741 -24.29 41.23 29.42
C ARG B 741 -24.66 39.76 29.61
N GLU B 742 -23.74 38.94 30.12
CA GLU B 742 -23.99 37.51 30.18
C GLU B 742 -25.25 37.19 30.99
N SER B 743 -25.42 37.85 32.14
CA SER B 743 -26.48 37.47 33.06
C SER B 743 -27.86 37.78 32.46
N VAL B 744 -28.05 38.97 31.90
CA VAL B 744 -29.32 39.27 31.25
C VAL B 744 -29.49 38.44 29.99
N ALA B 745 -28.38 38.06 29.35
CA ALA B 745 -28.46 37.35 28.07
C ALA B 745 -29.12 35.98 28.24
N GLN B 746 -28.87 35.32 29.38
CA GLN B 746 -29.39 33.97 29.60
C GLN B 746 -30.91 33.91 29.60
N GLU B 747 -31.60 35.05 29.70
CA GLU B 747 -33.06 35.03 29.71
C GLU B 747 -33.69 35.36 28.37
N ILE B 748 -32.91 35.85 27.42
CA ILE B 748 -33.43 36.16 26.09
C ILE B 748 -33.71 34.88 25.32
N ALA B 749 -34.87 34.82 24.67
CA ALA B 749 -35.18 33.72 23.78
C ALA B 749 -34.72 34.09 22.39
N GLY B 750 -33.69 33.40 21.89
CA GLY B 750 -33.19 33.65 20.56
C GLY B 750 -32.09 32.69 20.14
N ASN C 16 -0.57 5.56 48.56
CA ASN C 16 -0.60 6.85 47.87
C ASN C 16 -1.43 6.72 46.59
N LYS C 17 -2.62 7.34 46.60
CA LYS C 17 -3.61 7.08 45.56
C LYS C 17 -3.34 7.86 44.29
N ALA C 18 -2.77 9.06 44.40
CA ALA C 18 -2.35 9.77 43.20
C ALA C 18 -1.24 8.99 42.50
N ILE C 19 -0.29 8.44 43.26
CA ILE C 19 0.77 7.63 42.68
C ILE C 19 0.18 6.41 41.99
N SER C 20 -0.79 5.74 42.63
CA SER C 20 -1.30 4.48 42.11
C SER C 20 -1.88 4.61 40.70
N THR C 21 -2.32 5.81 40.30
CA THR C 21 -2.88 5.96 38.95
C THR C 21 -1.82 5.73 37.88
N VAL C 22 -0.57 6.09 38.13
CA VAL C 22 0.50 5.94 37.14
C VAL C 22 1.29 4.65 37.35
N GLU C 23 0.74 3.69 38.05
CA GLU C 23 1.36 2.39 38.26
C GLU C 23 0.46 1.33 37.65
N PRO C 24 0.99 0.13 37.38
CA PRO C 24 0.14 -0.93 36.82
C PRO C 24 -1.18 -1.09 37.57
N HIS C 25 -2.28 -1.17 36.81
CA HIS C 25 -3.64 -1.26 37.38
C HIS C 25 -4.06 -2.72 37.43
N TYR C 26 -3.92 -3.33 38.60
CA TYR C 26 -4.22 -4.74 38.80
C TYR C 26 -5.57 -4.96 39.48
N GLU C 27 -6.27 -3.89 39.84
CA GLU C 27 -7.47 -3.90 40.65
C GLU C 27 -8.67 -3.44 39.82
N ASP C 28 -9.87 -3.77 40.29
CA ASP C 28 -11.12 -3.36 39.65
C ASP C 28 -11.19 -1.86 39.41
N THR C 29 -12.02 -1.42 38.46
CA THR C 29 -12.23 -0.01 38.21
C THR C 29 -13.70 0.38 38.15
N ALA C 30 -14.60 -0.55 37.88
CA ALA C 30 -16.01 -0.23 37.84
C ALA C 30 -16.53 -0.02 39.26
N PRO C 31 -17.61 0.73 39.41
CA PRO C 31 -18.28 0.77 40.71
C PRO C 31 -18.89 -0.59 41.01
N ALA C 32 -18.75 -1.03 42.26
CA ALA C 32 -19.01 -2.42 42.59
C ALA C 32 -20.48 -2.82 42.48
N GLU C 33 -21.42 -1.85 42.41
CA GLU C 33 -22.79 -2.23 42.10
C GLU C 33 -22.93 -2.73 40.67
N LYS C 34 -21.99 -2.37 39.79
CA LYS C 34 -21.90 -2.89 38.43
C LYS C 34 -23.24 -2.91 37.70
N VAL C 47 -32.05 5.49 29.42
CA VAL C 47 -31.29 5.15 30.61
C VAL C 47 -29.94 4.54 30.26
N GLU C 48 -29.91 3.62 29.28
CA GLU C 48 -28.77 2.76 28.97
C GLU C 48 -27.86 3.40 27.92
N PRO C 49 -26.53 3.23 28.02
CA PRO C 49 -25.67 3.70 26.93
C PRO C 49 -25.77 2.79 25.71
N MET C 50 -25.66 3.39 24.53
CA MET C 50 -25.50 2.60 23.32
C MET C 50 -24.36 1.62 23.52
N MET C 51 -24.51 0.45 22.91
CA MET C 51 -23.57 -0.64 23.12
C MET C 51 -23.38 -1.45 21.83
N PRO C 52 -22.31 -2.25 21.77
CA PRO C 52 -22.19 -3.25 20.69
C PRO C 52 -23.44 -4.11 20.60
N GLY C 53 -23.78 -4.52 19.37
CA GLY C 53 -24.97 -5.32 19.15
C GLY C 53 -24.98 -6.66 19.85
N SER C 54 -23.80 -7.23 20.10
CA SER C 54 -23.69 -8.49 20.84
C SER C 54 -24.13 -8.32 22.28
N ASP C 55 -23.97 -7.12 22.83
CA ASP C 55 -24.31 -6.86 24.21
C ASP C 55 -25.78 -6.50 24.40
N LYS C 56 -26.38 -5.82 23.42
CA LYS C 56 -27.71 -5.25 23.56
C LYS C 56 -28.80 -6.10 22.92
N THR C 57 -28.51 -6.77 21.79
CA THR C 57 -29.52 -7.59 21.10
C THR C 57 -28.97 -8.96 20.70
N PRO C 58 -28.33 -9.69 21.63
CA PRO C 58 -27.73 -10.98 21.23
C PRO C 58 -28.73 -11.97 20.68
N LYS C 59 -30.01 -11.81 20.99
CA LYS C 59 -31.04 -12.74 20.54
C LYS C 59 -31.38 -12.56 19.08
N ASN C 60 -31.04 -11.43 18.47
CA ASN C 60 -31.29 -11.23 17.06
C ASN C 60 -30.14 -11.86 16.28
N ARG C 61 -30.43 -12.95 15.56
CA ARG C 61 -29.37 -13.72 14.96
C ARG C 61 -29.69 -14.00 13.49
N ASN C 62 -28.64 -14.34 12.76
CA ASN C 62 -28.77 -14.91 11.42
C ASN C 62 -27.48 -15.64 11.11
N GLU C 63 -27.40 -16.23 9.93
CA GLU C 63 -26.24 -17.03 9.56
C GLU C 63 -24.98 -16.22 9.35
N LYS C 64 -25.12 -15.02 8.82
CA LYS C 64 -23.94 -14.18 8.70
C LYS C 64 -23.39 -13.79 10.06
N LEU C 65 -24.23 -13.25 10.93
CA LEU C 65 -23.79 -12.93 12.29
C LEU C 65 -23.11 -14.12 12.98
N THR C 66 -23.71 -15.32 12.86
CA THR C 66 -23.09 -16.51 13.42
C THR C 66 -21.69 -16.75 12.84
N GLN C 67 -21.55 -16.56 11.53
CA GLN C 67 -20.22 -16.69 10.92
C GLN C 67 -19.24 -15.69 11.54
N LEU C 68 -19.69 -14.47 11.80
CA LEU C 68 -18.83 -13.45 12.39
C LEU C 68 -18.44 -13.76 13.82
N ASP C 69 -19.18 -14.63 14.51
CA ASP C 69 -18.91 -14.89 15.92
C ASP C 69 -17.51 -15.44 16.16
N LYS C 70 -16.95 -16.17 15.19
CA LYS C 70 -15.62 -16.75 15.40
C LYS C 70 -14.53 -15.71 15.48
N PHE C 71 -14.81 -14.47 15.10
CA PHE C 71 -13.81 -13.42 15.12
C PHE C 71 -13.97 -12.48 16.30
N ARG C 72 -14.96 -12.72 17.16
CA ARG C 72 -15.24 -11.90 18.32
C ARG C 72 -14.38 -12.30 19.51
N PHE C 73 -14.30 -11.37 20.45
CA PHE C 73 -13.46 -11.60 21.64
C PHE C 73 -14.24 -11.31 22.91
N ALA C 74 -13.91 -12.02 23.97
CA ALA C 74 -14.46 -11.78 25.31
C ALA C 74 -13.29 -11.56 26.26
N PRO C 75 -12.86 -10.31 26.47
CA PRO C 75 -11.65 -10.07 27.28
C PRO C 75 -11.81 -10.25 28.79
N GLN C 76 -13.04 -10.41 29.27
CA GLN C 76 -13.35 -10.63 30.69
C GLN C 76 -12.40 -11.63 31.32
N GLY C 77 -11.54 -11.18 32.22
CA GLY C 77 -10.62 -12.06 32.92
C GLY C 77 -9.29 -12.29 32.25
N GLU C 78 -9.03 -11.65 31.10
CA GLU C 78 -7.86 -11.89 30.29
C GLU C 78 -6.75 -10.87 30.57
N SER C 79 -5.51 -11.35 30.47
CA SER C 79 -4.36 -10.45 30.54
C SER C 79 -4.25 -9.59 29.30
N LEU C 80 -3.95 -8.30 29.50
CA LEU C 80 -3.42 -7.42 28.45
C LEU C 80 -2.09 -7.96 27.87
N ARG C 81 -2.01 -8.08 26.55
CA ARG C 81 -0.89 -8.74 25.91
C ARG C 81 -0.48 -7.99 24.64
N THR C 82 0.78 -8.22 24.24
CA THR C 82 1.24 -7.91 22.89
C THR C 82 0.49 -8.77 21.85
N ASN C 83 0.63 -8.37 20.59
CA ASN C 83 0.03 -9.11 19.49
C ASN C 83 0.60 -10.51 19.35
N GLN C 84 1.81 -10.75 19.89
CA GLN C 84 2.44 -12.05 19.92
C GLN C 84 2.00 -12.91 21.10
N GLY C 85 1.11 -12.40 21.96
CA GLY C 85 0.65 -13.12 23.14
C GLY C 85 1.51 -12.98 24.39
N VAL C 86 2.35 -11.96 24.51
CA VAL C 86 3.17 -11.78 25.71
C VAL C 86 2.44 -10.86 26.68
N LYS C 87 2.32 -11.30 27.94
CA LYS C 87 1.64 -10.54 28.98
C LYS C 87 2.39 -9.26 29.32
N ILE C 88 1.65 -8.15 29.43
CA ILE C 88 2.22 -6.83 29.76
C ILE C 88 2.06 -6.58 31.25
N SER C 89 3.14 -6.13 31.90
CA SER C 89 3.12 -5.88 33.33
C SER C 89 2.86 -4.42 33.68
N ASP C 90 3.05 -3.51 32.73
CA ASP C 90 3.13 -2.09 33.04
C ASP C 90 2.81 -1.36 31.73
N ASN C 91 1.53 -1.04 31.56
CA ASN C 91 0.98 -0.32 30.42
C ASN C 91 0.98 1.20 30.65
N GLN C 92 1.72 1.69 31.64
CA GLN C 92 1.72 3.10 32.00
C GLN C 92 3.01 3.83 31.66
N ASN C 93 4.10 3.11 31.42
CA ASN C 93 5.42 3.71 31.33
C ASN C 93 6.25 3.10 30.21
N SER C 94 6.89 3.96 29.44
CA SER C 94 7.96 3.51 28.55
C SER C 94 9.15 2.95 29.33
N LEU C 95 9.91 2.08 28.67
CA LEU C 95 11.17 1.61 29.23
C LEU C 95 12.23 2.69 29.02
N LYS C 96 12.84 3.15 30.12
CA LYS C 96 13.78 4.26 30.10
C LYS C 96 15.05 3.87 30.85
N SER C 97 16.09 4.70 30.67
CA SER C 97 17.37 4.48 31.34
C SER C 97 17.27 4.64 32.86
N GLY C 98 16.25 5.33 33.36
CA GLY C 98 15.91 5.41 34.77
C GLY C 98 14.47 5.90 34.83
N ALA C 99 14.00 6.21 36.04
CA ALA C 99 12.65 6.76 36.13
C ALA C 99 12.55 8.12 35.44
N ARG C 100 13.69 8.76 35.20
CA ARG C 100 13.72 10.09 34.60
C ARG C 100 14.73 10.13 33.48
N GLY C 101 14.86 9.03 32.72
CA GLY C 101 15.86 8.91 31.70
C GLY C 101 15.31 8.98 30.29
N SER C 102 16.12 8.55 29.34
CA SER C 102 15.77 8.51 27.93
C SER C 102 15.06 7.20 27.63
N THR C 103 14.14 7.24 26.66
CA THR C 103 13.44 6.03 26.24
C THR C 103 14.35 5.14 25.43
N LEU C 104 14.35 3.83 25.74
CA LEU C 104 15.26 2.90 25.09
C LEU C 104 14.62 2.34 23.81
N LEU C 105 15.45 2.13 22.78
CA LEU C 105 14.92 1.55 21.55
C LEU C 105 14.43 0.13 21.79
N GLU C 106 14.99 -0.56 22.80
CA GLU C 106 14.64 -1.95 23.02
C GLU C 106 13.22 -2.13 23.60
N ASP C 107 12.47 -1.06 23.85
CA ASP C 107 11.08 -1.19 24.32
C ASP C 107 10.17 -1.63 23.17
N PHE C 108 10.14 -2.94 22.93
CA PHE C 108 9.33 -3.46 21.83
C PHE C 108 7.83 -3.33 22.12
N ILE C 109 7.42 -3.33 23.39
CA ILE C 109 6.01 -3.18 23.74
C ILE C 109 5.52 -1.80 23.33
N LEU C 110 6.24 -0.76 23.73
CA LEU C 110 5.99 0.60 23.28
C LEU C 110 5.84 0.66 21.76
N ARG C 111 6.85 0.20 21.04
CA ARG C 111 6.86 0.38 19.59
C ARG C 111 5.73 -0.40 18.92
N GLU C 112 5.42 -1.60 19.41
CA GLU C 112 4.31 -2.36 18.83
C GLU C 112 2.98 -1.64 19.05
N LYS C 113 2.78 -1.08 20.24
CA LYS C 113 1.55 -0.36 20.54
C LYS C 113 1.44 0.89 19.68
N ILE C 114 2.53 1.66 19.57
CA ILE C 114 2.49 2.91 18.80
C ILE C 114 2.46 2.61 17.31
N THR C 115 3.17 1.57 16.86
CA THR C 115 3.11 1.20 15.45
C THR C 115 1.67 0.94 15.04
N HIS C 116 0.96 0.10 15.80
CA HIS C 116 -0.39 -0.25 15.39
C HIS C 116 -1.26 0.99 15.33
N PHE C 117 -1.22 1.78 16.40
CA PHE C 117 -1.93 3.06 16.43
C PHE C 117 -1.65 3.90 15.20
N ASP C 118 -0.37 4.04 14.85
CA ASP C 118 0.07 4.88 13.73
C ASP C 118 -0.52 4.48 12.39
N HIS C 119 -0.93 3.22 12.24
CA HIS C 119 -1.43 2.71 10.97
C HIS C 119 -2.88 2.24 11.08
N GLU C 120 -3.64 2.85 12.00
CA GLU C 120 -5.07 2.50 12.17
C GLU C 120 -5.92 2.89 10.97
N ARG C 121 -5.61 4.01 10.33
CA ARG C 121 -6.49 4.60 9.32
C ARG C 121 -6.23 4.01 7.94
N ILE C 122 -7.32 3.77 7.21
CA ILE C 122 -7.29 3.33 5.83
C ILE C 122 -7.98 4.42 5.01
N PRO C 123 -7.79 4.46 3.70
CA PRO C 123 -8.44 5.52 2.92
C PRO C 123 -9.95 5.40 3.03
N GLU C 124 -10.63 6.55 3.05
CA GLU C 124 -12.08 6.56 3.04
C GLU C 124 -12.61 6.29 1.63
N ARG C 125 -13.90 5.95 1.53
CA ARG C 125 -14.50 5.80 0.22
C ARG C 125 -14.42 7.12 -0.54
N VAL C 126 -14.27 7.03 -1.87
CA VAL C 126 -14.02 8.21 -2.68
C VAL C 126 -15.31 9.04 -2.77
N VAL C 127 -16.46 8.37 -2.79
CA VAL C 127 -17.77 8.97 -2.58
C VAL C 127 -18.47 8.11 -1.53
N HIS C 128 -19.49 8.70 -0.89
CA HIS C 128 -20.22 8.04 0.20
C HIS C 128 -19.31 7.70 1.39
N ALA C 129 -18.37 8.60 1.69
CA ALA C 129 -17.40 8.31 2.77
C ALA C 129 -18.09 8.26 4.12
N ARG C 130 -19.15 9.04 4.29
CA ARG C 130 -19.85 9.17 5.56
C ARG C 130 -21.04 8.20 5.55
N GLY C 131 -21.00 7.21 6.44
CA GLY C 131 -22.01 6.17 6.34
C GLY C 131 -22.18 5.41 7.63
N THR C 132 -23.25 4.63 7.68
CA THR C 132 -23.59 3.90 8.88
C THR C 132 -24.24 2.58 8.49
N GLY C 133 -23.98 1.52 9.27
CA GLY C 133 -24.38 0.19 8.87
C GLY C 133 -25.16 -0.55 9.94
N ALA C 134 -25.85 -1.61 9.51
CA ALA C 134 -26.60 -2.45 10.43
C ALA C 134 -26.84 -3.83 9.81
N HIS C 135 -27.00 -4.82 10.67
CA HIS C 135 -27.29 -6.17 10.23
C HIS C 135 -28.80 -6.42 10.23
N GLY C 136 -29.23 -7.37 9.40
CA GLY C 136 -30.62 -7.78 9.40
C GLY C 136 -30.85 -8.97 8.50
N TYR C 137 -32.09 -9.12 8.07
CA TYR C 137 -32.44 -10.26 7.23
C TYR C 137 -33.49 -9.83 6.24
N PHE C 138 -33.61 -10.60 5.17
CA PHE C 138 -34.61 -10.39 4.14
C PHE C 138 -35.35 -11.70 3.92
N GLN C 139 -36.63 -11.58 3.60
CA GLN C 139 -37.52 -12.70 3.32
C GLN C 139 -38.35 -12.37 2.09
N VAL C 140 -38.46 -13.33 1.16
CA VAL C 140 -39.29 -13.15 -0.03
C VAL C 140 -40.72 -13.55 0.33
N TYR C 141 -41.70 -12.82 -0.19
CA TYR C 141 -43.08 -13.11 0.21
C TYR C 141 -43.58 -14.42 -0.40
N GLU C 142 -43.30 -14.62 -1.69
CA GLU C 142 -43.54 -15.90 -2.33
C GLU C 142 -42.64 -16.00 -3.55
N SER C 143 -42.35 -17.23 -3.94
CA SER C 143 -41.39 -17.52 -4.99
C SER C 143 -41.61 -16.61 -6.20
N LEU C 144 -40.52 -16.06 -6.73
CA LEU C 144 -40.54 -15.28 -7.95
C LEU C 144 -40.07 -16.09 -9.15
N ALA C 145 -40.08 -17.42 -8.99
CA ALA C 145 -39.50 -18.35 -9.98
C ALA C 145 -40.01 -18.08 -11.38
N SER C 146 -41.19 -17.47 -11.50
CA SER C 146 -41.71 -17.13 -12.81
C SER C 146 -40.84 -16.08 -13.48
N TYR C 147 -40.19 -15.22 -12.69
CA TYR C 147 -39.40 -14.13 -13.25
C TYR C 147 -37.91 -14.35 -13.16
N THR C 148 -37.42 -15.10 -12.18
CA THR C 148 -36.00 -15.16 -11.96
C THR C 148 -35.66 -16.49 -11.29
N THR C 149 -34.47 -17.00 -11.59
CA THR C 149 -33.96 -18.16 -10.87
C THR C 149 -33.20 -17.77 -9.62
N ALA C 150 -33.14 -16.46 -9.30
CA ALA C 150 -32.34 -15.99 -8.18
C ALA C 150 -32.76 -16.71 -6.90
N GLU C 151 -31.83 -17.45 -6.29
CA GLU C 151 -32.17 -18.28 -5.14
C GLU C 151 -32.81 -17.51 -4.03
N PHE C 152 -32.25 -16.37 -3.70
CA PHE C 152 -32.79 -15.67 -2.55
C PHE C 152 -34.18 -15.11 -2.80
N LEU C 153 -34.75 -15.32 -3.99
CA LEU C 153 -36.13 -14.93 -4.25
C LEU C 153 -37.05 -16.12 -4.48
N GLN C 154 -36.59 -17.36 -4.25
CA GLN C 154 -37.41 -18.52 -4.56
C GLN C 154 -38.17 -19.10 -3.38
N ASP C 155 -37.74 -18.84 -2.14
CA ASP C 155 -38.27 -19.56 -0.98
C ASP C 155 -38.64 -18.67 0.20
N PRO C 156 -39.94 -18.39 0.42
CA PRO C 156 -40.36 -17.57 1.56
C PRO C 156 -39.89 -18.05 2.94
N SER C 157 -39.60 -19.35 3.12
CA SER C 157 -39.19 -19.82 4.43
C SER C 157 -37.76 -19.43 4.79
N VAL C 158 -36.97 -18.92 3.85
CA VAL C 158 -35.58 -18.61 4.13
C VAL C 158 -35.45 -17.20 4.66
N LYS C 159 -34.50 -17.03 5.56
CA LYS C 159 -34.09 -15.74 6.09
C LYS C 159 -32.71 -15.43 5.53
N THR C 160 -32.65 -14.54 4.55
CA THR C 160 -31.38 -14.17 3.95
C THR C 160 -30.71 -13.09 4.79
N PRO C 161 -29.51 -13.34 5.33
CA PRO C 161 -28.81 -12.27 6.06
C PRO C 161 -28.53 -11.11 5.11
N VAL C 162 -28.59 -9.89 5.66
CA VAL C 162 -28.20 -8.68 4.95
C VAL C 162 -27.29 -7.85 5.85
N PHE C 163 -26.43 -7.07 5.21
CA PHE C 163 -25.81 -5.92 5.84
C PHE C 163 -26.12 -4.71 4.99
N VAL C 164 -26.39 -3.59 5.64
CA VAL C 164 -26.81 -2.38 4.95
C VAL C 164 -25.92 -1.23 5.40
N ARG C 165 -25.48 -0.42 4.44
CA ARG C 165 -24.78 0.82 4.75
C ARG C 165 -25.54 1.97 4.13
N PHE C 166 -26.04 2.88 4.97
CA PHE C 166 -26.61 4.13 4.51
C PHE C 166 -25.52 5.19 4.49
N SER C 167 -25.70 6.23 3.68
CA SER C 167 -24.61 7.19 3.55
C SER C 167 -25.08 8.48 2.89
N THR C 168 -24.31 9.54 3.12
CA THR C 168 -24.34 10.70 2.23
C THR C 168 -23.38 10.41 1.07
N VAL C 169 -23.14 11.41 0.25
CA VAL C 169 -22.39 11.26 -0.99
C VAL C 169 -21.12 12.09 -0.97
N GLN C 170 -21.26 13.39 -0.71
CA GLN C 170 -20.17 14.33 -0.94
C GLN C 170 -19.18 14.36 0.23
N GLY C 171 -19.66 14.38 1.47
CA GLY C 171 -18.78 14.67 2.58
C GLY C 171 -17.77 13.57 2.86
N SER C 172 -16.65 13.98 3.45
CA SER C 172 -15.66 13.06 3.96
C SER C 172 -16.20 12.37 5.22
N ARG C 173 -15.41 11.43 5.73
N ARG C 173 -15.48 11.35 5.71
CA ARG C 173 -15.66 10.90 7.06
CA ARG C 173 -16.00 10.45 6.79
C ARG C 173 -15.65 12.04 8.04
C ARG C 173 -16.45 11.12 8.09
N GLY C 174 -16.57 11.98 9.00
N GLY C 174 -15.97 12.31 8.39
CA GLY C 174 -16.71 13.03 9.95
CA GLY C 174 -16.35 13.01 9.60
C GLY C 174 -17.53 14.21 9.48
C GLY C 174 -17.38 14.10 9.42
N SER C 175 -17.93 14.25 8.21
CA SER C 175 -18.91 15.28 7.86
C SER C 175 -20.27 14.95 8.47
N ALA C 176 -21.18 15.92 8.44
CA ALA C 176 -22.40 15.78 9.22
C ALA C 176 -23.44 14.97 8.46
N ASP C 177 -24.41 14.44 9.23
CA ASP C 177 -25.46 13.57 8.72
C ASP C 177 -26.55 14.31 7.94
N THR C 178 -27.17 15.31 8.56
CA THR C 178 -28.39 15.92 8.00
C THR C 178 -28.07 17.04 7.02
N VAL C 179 -27.03 16.87 6.20
CA VAL C 179 -26.72 17.77 5.10
C VAL C 179 -27.77 17.64 3.99
N ARG C 180 -27.76 18.55 3.04
CA ARG C 180 -28.54 18.38 1.83
C ARG C 180 -27.68 17.61 0.83
N ASP C 181 -28.09 16.38 0.56
CA ASP C 181 -27.33 15.47 -0.30
C ASP C 181 -28.25 14.30 -0.65
N ILE C 182 -27.93 13.67 -1.77
CA ILE C 182 -28.40 12.30 -2.02
C ILE C 182 -27.96 11.40 -0.87
N ARG C 183 -28.81 10.44 -0.51
CA ARG C 183 -28.40 9.39 0.41
C ARG C 183 -28.10 8.12 -0.39
N GLY C 184 -27.02 7.45 -0.03
CA GLY C 184 -26.72 6.13 -0.58
C GLY C 184 -27.31 5.01 0.27
N TRP C 185 -27.64 3.90 -0.38
CA TRP C 185 -28.34 2.79 0.26
C TRP C 185 -27.83 1.50 -0.37
N ALA C 186 -26.95 0.81 0.35
CA ALA C 186 -26.28 -0.38 -0.15
C ALA C 186 -26.71 -1.57 0.70
N THR C 187 -27.27 -2.58 0.05
CA THR C 187 -27.72 -3.79 0.72
C THR C 187 -26.90 -4.98 0.21
N LYS C 188 -26.27 -5.69 1.11
CA LYS C 188 -25.57 -6.92 0.76
C LYS C 188 -26.44 -8.10 1.18
N PHE C 189 -26.90 -8.88 0.21
CA PHE C 189 -27.64 -10.10 0.50
C PHE C 189 -26.66 -11.26 0.51
N TYR C 190 -26.47 -11.89 1.66
CA TYR C 190 -25.63 -13.09 1.70
C TYR C 190 -26.50 -14.30 1.33
N THR C 191 -26.56 -14.60 0.03
CA THR C 191 -27.33 -15.75 -0.46
C THR C 191 -26.52 -17.03 -0.57
N LYS C 192 -27.19 -18.17 -0.67
CA LYS C 192 -26.52 -19.46 -0.75
C LYS C 192 -25.88 -19.64 -2.10
N GLU C 193 -26.37 -18.93 -3.09
N GLU C 193 -26.37 -18.93 -3.09
CA GLU C 193 -25.77 -19.01 -4.41
CA GLU C 193 -25.83 -19.01 -4.43
C GLU C 193 -24.92 -17.79 -4.71
C GLU C 193 -24.82 -17.87 -4.69
N GLY C 194 -24.54 -17.08 -3.66
CA GLY C 194 -23.65 -15.93 -3.85
C GLY C 194 -24.05 -14.65 -3.19
N THR C 195 -23.10 -13.74 -3.09
CA THR C 195 -23.43 -12.51 -2.38
C THR C 195 -23.96 -11.51 -3.40
N PHE C 196 -25.19 -11.03 -3.19
CA PHE C 196 -25.83 -10.06 -4.07
C PHE C 196 -25.74 -8.68 -3.46
N ASP C 197 -25.23 -7.72 -4.22
CA ASP C 197 -25.10 -6.34 -3.79
C ASP C 197 -26.13 -5.52 -4.55
N LEU C 198 -27.06 -4.90 -3.83
CA LEU C 198 -27.99 -3.94 -4.39
C LEU C 198 -27.54 -2.57 -3.92
N VAL C 199 -27.00 -1.77 -4.82
CA VAL C 199 -26.28 -0.56 -4.46
C VAL C 199 -27.05 0.63 -5.00
N GLY C 200 -27.82 1.28 -4.14
CA GLY C 200 -28.72 2.31 -4.63
C GLY C 200 -28.57 3.64 -3.92
N ASN C 201 -29.52 4.53 -4.19
CA ASN C 201 -29.66 5.84 -3.58
C ASN C 201 -31.12 5.99 -3.16
N ASN C 202 -31.44 7.14 -2.53
CA ASN C 202 -32.81 7.40 -2.11
C ASN C 202 -33.58 8.28 -3.09
N THR C 203 -33.06 8.48 -4.29
CA THR C 203 -33.88 9.04 -5.36
C THR C 203 -33.82 8.10 -6.56
N PRO C 204 -34.86 8.08 -7.39
CA PRO C 204 -34.98 7.04 -8.42
C PRO C 204 -34.16 7.26 -9.68
N VAL C 205 -33.36 8.32 -9.74
CA VAL C 205 -32.58 8.67 -10.93
C VAL C 205 -31.20 9.12 -10.47
N PHE C 206 -30.28 9.25 -11.40
CA PHE C 206 -28.99 9.81 -11.07
C PHE C 206 -28.72 11.03 -11.93
N PHE C 207 -27.62 11.74 -11.62
CA PHE C 207 -27.31 13.03 -12.25
C PHE C 207 -26.81 12.90 -13.69
N ILE C 208 -26.21 11.79 -14.08
CA ILE C 208 -25.54 11.74 -15.36
C ILE C 208 -25.86 10.42 -16.06
N GLN C 209 -25.66 10.40 -17.38
CA GLN C 209 -26.05 9.28 -18.23
C GLN C 209 -24.92 8.31 -18.56
N ASP C 210 -23.65 8.75 -18.50
CA ASP C 210 -22.53 7.91 -18.90
C ASP C 210 -21.48 7.90 -17.81
N ALA C 211 -20.92 6.71 -17.52
CA ALA C 211 -19.94 6.59 -16.44
C ALA C 211 -18.77 7.54 -16.61
N ILE C 212 -18.35 7.80 -17.86
CA ILE C 212 -17.20 8.64 -18.14
C ILE C 212 -17.33 10.07 -17.59
N LYS C 213 -18.55 10.55 -17.33
CA LYS C 213 -18.69 11.86 -16.70
C LYS C 213 -18.57 11.81 -15.19
N PHE C 214 -18.58 10.63 -14.58
CA PHE C 214 -18.66 10.57 -13.13
C PHE C 214 -17.55 11.34 -12.41
N PRO C 215 -16.25 11.19 -12.73
CA PRO C 215 -15.24 12.00 -12.02
C PRO C 215 -15.44 13.49 -12.21
N ASP C 216 -15.90 13.92 -13.40
CA ASP C 216 -16.21 15.34 -13.60
C ASP C 216 -17.31 15.79 -12.65
N PHE C 217 -18.42 15.06 -12.61
CA PHE C 217 -19.53 15.51 -11.78
C PHE C 217 -19.15 15.49 -10.30
N VAL C 218 -18.39 14.47 -9.90
CA VAL C 218 -18.01 14.33 -8.50
C VAL C 218 -17.02 15.43 -8.12
N HIS C 219 -16.03 15.66 -8.98
CA HIS C 219 -15.06 16.72 -8.73
C HIS C 219 -15.77 18.06 -8.55
N ALA C 220 -16.79 18.31 -9.36
CA ALA C 220 -17.54 19.57 -9.31
C ALA C 220 -18.34 19.71 -8.02
N VAL C 221 -18.96 18.62 -7.55
CA VAL C 221 -19.73 18.72 -6.31
C VAL C 221 -18.83 18.71 -5.06
N LYS C 222 -17.69 17.96 -5.08
CA LYS C 222 -16.73 17.86 -3.97
C LYS C 222 -16.20 19.23 -3.55
N PRO C 223 -15.54 19.35 -2.39
CA PRO C 223 -14.93 20.64 -2.05
C PRO C 223 -13.93 21.06 -3.13
N GLU C 224 -13.76 22.37 -3.27
CA GLU C 224 -12.99 22.79 -4.43
C GLU C 224 -11.50 22.55 -4.18
N PRO C 225 -10.73 22.29 -5.25
CA PRO C 225 -9.37 21.68 -5.07
C PRO C 225 -8.33 22.63 -4.52
N HIS C 226 -8.52 23.94 -4.61
CA HIS C 226 -7.50 24.84 -4.08
C HIS C 226 -7.58 24.93 -2.57
N ASN C 227 -8.80 24.99 -2.01
CA ASN C 227 -8.96 25.26 -0.58
C ASN C 227 -9.75 24.20 0.16
N GLU C 228 -10.27 23.19 -0.54
CA GLU C 228 -11.14 22.17 0.02
C GLU C 228 -12.28 22.79 0.84
N ILE C 229 -13.07 23.62 0.17
CA ILE C 229 -14.26 24.26 0.74
C ILE C 229 -15.33 24.18 -0.35
N PRO C 230 -16.59 23.83 -0.03
CA PRO C 230 -17.17 23.54 1.29
C PRO C 230 -17.42 22.07 1.56
N GLN C 231 -17.53 21.74 2.84
CA GLN C 231 -17.77 20.37 3.26
C GLN C 231 -19.26 20.03 3.30
N GLY C 232 -19.62 18.89 2.71
CA GLY C 232 -20.99 18.41 2.79
C GLY C 232 -22.02 19.29 2.12
N GLN C 233 -21.61 20.08 1.13
CA GLN C 233 -22.48 21.10 0.55
C GLN C 233 -22.28 21.16 -0.95
N SER C 234 -23.38 21.19 -1.69
CA SER C 234 -23.30 21.43 -3.12
C SER C 234 -23.43 22.91 -3.43
N ALA C 235 -23.60 23.75 -2.40
CA ALA C 235 -23.83 25.18 -2.53
C ALA C 235 -22.49 25.90 -2.76
N HIS C 236 -21.94 25.67 -3.94
CA HIS C 236 -20.70 26.34 -4.31
C HIS C 236 -20.54 26.32 -5.82
N ASP C 237 -19.59 27.15 -6.29
CA ASP C 237 -19.55 27.54 -7.69
C ASP C 237 -19.37 26.34 -8.63
N THR C 238 -18.38 25.47 -8.38
CA THR C 238 -18.05 24.47 -9.40
C THR C 238 -19.23 23.53 -9.65
N PHE C 239 -19.96 23.17 -8.59
CA PHE C 239 -21.10 22.27 -8.77
C PHE C 239 -22.13 22.89 -9.70
N TRP C 240 -22.55 24.12 -9.41
CA TRP C 240 -23.60 24.73 -10.21
C TRP C 240 -23.11 25.04 -11.60
N ASP C 241 -21.81 25.31 -11.74
CA ASP C 241 -21.21 25.51 -13.04
C ASP C 241 -21.39 24.27 -13.90
N TYR C 242 -21.01 23.09 -13.37
CA TYR C 242 -21.25 21.82 -14.05
C TYR C 242 -22.73 21.64 -14.37
N ILE C 243 -23.61 21.84 -13.38
CA ILE C 243 -25.05 21.71 -13.60
C ILE C 243 -25.49 22.56 -14.79
N SER C 244 -25.11 23.84 -14.82
CA SER C 244 -25.65 24.75 -15.83
C SER C 244 -25.22 24.38 -17.23
N LEU C 245 -24.17 23.58 -17.35
CA LEU C 245 -23.60 23.14 -18.62
C LEU C 245 -23.95 21.71 -18.96
N GLN C 246 -24.53 20.95 -18.03
CA GLN C 246 -24.91 19.55 -18.26
C GLN C 246 -26.38 19.35 -17.88
N PRO C 247 -27.30 19.74 -18.75
CA PRO C 247 -28.72 19.68 -18.37
C PRO C 247 -29.26 18.26 -18.12
N GLU C 248 -28.51 17.19 -18.44
CA GLU C 248 -28.95 15.85 -18.04
C GLU C 248 -29.10 15.75 -16.53
N THR C 249 -28.32 16.56 -15.79
CA THR C 249 -28.35 16.57 -14.33
C THR C 249 -29.61 17.18 -13.74
N LEU C 250 -30.42 17.89 -14.52
CA LEU C 250 -31.48 18.69 -13.89
C LEU C 250 -32.51 17.82 -13.15
N HIS C 251 -32.82 16.63 -13.64
CA HIS C 251 -33.82 15.81 -12.94
C HIS C 251 -33.36 15.46 -11.53
N ASN C 252 -32.14 14.91 -11.37
CA ASN C 252 -31.74 14.55 -10.02
C ASN C 252 -31.45 15.78 -9.16
N VAL C 253 -31.06 16.90 -9.77
CA VAL C 253 -30.96 18.15 -9.02
C VAL C 253 -32.32 18.53 -8.42
N MET C 254 -33.39 18.36 -9.20
CA MET C 254 -34.73 18.65 -8.67
C MET C 254 -34.99 17.85 -7.40
N TRP C 255 -34.64 16.55 -7.42
CA TRP C 255 -34.89 15.70 -6.26
C TRP C 255 -34.13 16.19 -5.04
N VAL C 256 -32.86 16.59 -5.21
CA VAL C 256 -32.04 16.86 -4.04
C VAL C 256 -32.30 18.27 -3.51
N MET C 257 -32.71 19.20 -4.37
CA MET C 257 -33.27 20.49 -3.94
C MET C 257 -34.62 20.35 -3.26
N SER C 258 -35.35 19.27 -3.50
CA SER C 258 -36.58 19.06 -2.77
C SER C 258 -36.27 18.58 -1.36
N ASP C 259 -37.31 18.43 -0.54
CA ASP C 259 -37.09 17.89 0.79
C ASP C 259 -36.59 16.44 0.79
N ARG C 260 -36.65 15.76 -0.35
CA ARG C 260 -36.03 14.45 -0.45
C ARG C 260 -34.56 14.48 -0.05
N GLY C 261 -33.89 15.61 -0.28
CA GLY C 261 -32.50 15.79 0.04
C GLY C 261 -32.20 15.95 1.51
N ILE C 262 -33.20 15.98 2.39
CA ILE C 262 -32.96 16.12 3.83
C ILE C 262 -33.87 15.17 4.60
N PRO C 263 -33.58 13.87 4.58
CA PRO C 263 -34.51 12.92 5.17
C PRO C 263 -34.45 12.95 6.68
N ARG C 264 -35.61 12.71 7.27
CA ARG C 264 -35.71 12.71 8.72
C ARG C 264 -34.98 11.52 9.32
N SER C 265 -34.88 10.42 8.58
CA SER C 265 -34.32 9.19 9.08
C SER C 265 -34.02 8.28 7.90
N TYR C 266 -32.92 7.50 8.01
CA TYR C 266 -32.70 6.41 7.06
C TYR C 266 -33.84 5.41 7.08
N ARG C 267 -34.63 5.39 8.14
CA ARG C 267 -35.82 4.56 8.22
C ARG C 267 -37.04 5.17 7.56
N MET C 268 -36.99 6.44 7.16
CA MET C 268 -38.14 7.15 6.59
C MET C 268 -37.80 7.74 5.23
N MET C 269 -37.21 6.90 4.38
CA MET C 269 -36.81 7.34 3.05
C MET C 269 -37.02 6.19 2.06
N GLU C 270 -37.20 6.52 0.78
CA GLU C 270 -37.36 5.47 -0.22
C GLU C 270 -35.99 5.09 -0.79
N GLY C 271 -35.93 3.89 -1.35
CA GLY C 271 -34.70 3.39 -1.92
C GLY C 271 -34.92 2.93 -3.35
N PHE C 272 -33.85 3.01 -4.16
CA PHE C 272 -33.92 2.77 -5.60
C PHE C 272 -32.61 2.17 -6.12
N GLY C 273 -32.71 1.07 -6.87
CA GLY C 273 -31.57 0.63 -7.63
C GLY C 273 -31.19 1.56 -8.78
N ILE C 274 -32.15 2.37 -9.25
CA ILE C 274 -32.02 3.34 -10.33
C ILE C 274 -31.95 2.66 -11.70
N HIS C 275 -30.93 1.85 -11.95
CA HIS C 275 -30.76 1.26 -13.27
C HIS C 275 -31.83 0.20 -13.55
N THR C 276 -32.11 0.01 -14.84
CA THR C 276 -32.79 -1.19 -15.29
C THR C 276 -31.87 -2.41 -15.22
N TYR C 277 -32.35 -3.48 -14.60
CA TYR C 277 -31.69 -4.77 -14.61
C TYR C 277 -32.54 -5.77 -15.39
N LYS C 278 -31.95 -6.93 -15.66
CA LYS C 278 -32.70 -8.05 -16.22
C LYS C 278 -32.90 -9.10 -15.14
N MET C 279 -34.07 -9.76 -15.16
CA MET C 279 -34.21 -11.04 -14.47
C MET C 279 -34.48 -12.11 -15.51
N ILE C 280 -33.88 -13.28 -15.30
CA ILE C 280 -34.00 -14.41 -16.21
C ILE C 280 -34.63 -15.55 -15.43
N ASN C 281 -35.70 -16.14 -15.98
CA ASN C 281 -36.30 -17.28 -15.33
C ASN C 281 -35.72 -18.58 -15.89
N ALA C 282 -36.18 -19.72 -15.35
CA ALA C 282 -35.62 -21.04 -15.67
C ALA C 282 -35.85 -21.46 -17.10
N GLU C 283 -36.73 -20.78 -17.83
CA GLU C 283 -36.96 -21.04 -19.23
C GLU C 283 -36.17 -20.11 -20.13
N GLY C 284 -35.46 -19.14 -19.57
CA GLY C 284 -34.66 -18.24 -20.37
C GLY C 284 -35.36 -16.97 -20.81
N GLN C 285 -36.59 -16.73 -20.37
CA GLN C 285 -37.28 -15.49 -20.67
C GLN C 285 -36.73 -14.36 -19.81
N CYS C 286 -36.73 -13.15 -20.39
CA CYS C 286 -36.06 -12.01 -19.79
C CYS C 286 -37.08 -10.93 -19.49
N HIS C 287 -37.09 -10.45 -18.25
CA HIS C 287 -37.91 -9.30 -17.86
C HIS C 287 -37.01 -8.16 -17.45
N PHE C 288 -37.32 -6.96 -17.94
CA PHE C 288 -36.65 -5.78 -17.44
C PHE C 288 -37.21 -5.43 -16.08
N ILE C 289 -36.33 -5.06 -15.15
CA ILE C 289 -36.74 -4.76 -13.79
C ILE C 289 -36.04 -3.51 -13.29
N ARG C 290 -36.61 -2.95 -12.23
CA ARG C 290 -35.99 -1.91 -11.43
C ARG C 290 -36.30 -2.20 -9.98
N PHE C 291 -35.33 -1.96 -9.10
CA PHE C 291 -35.47 -2.28 -7.69
C PHE C 291 -35.98 -1.05 -6.93
N HIS C 292 -36.79 -1.31 -5.90
CA HIS C 292 -37.28 -0.27 -5.01
C HIS C 292 -37.21 -0.79 -3.58
N TRP C 293 -37.00 0.14 -2.64
CA TRP C 293 -37.29 -0.06 -1.23
C TRP C 293 -38.38 0.92 -0.82
N LYS C 294 -39.42 0.41 -0.17
CA LYS C 294 -40.49 1.25 0.37
C LYS C 294 -40.50 1.16 1.89
N PRO C 295 -40.29 2.26 2.61
CA PRO C 295 -40.20 2.18 4.08
C PRO C 295 -41.55 1.94 4.75
N VAL C 296 -41.56 0.99 5.68
CA VAL C 296 -42.74 0.74 6.51
C VAL C 296 -42.98 1.91 7.46
N TYR C 297 -41.93 2.60 7.89
CA TYR C 297 -42.10 3.76 8.74
C TYR C 297 -42.39 5.05 7.96
N GLY C 298 -42.73 4.96 6.68
CA GLY C 298 -43.16 6.13 5.94
C GLY C 298 -42.01 6.92 5.38
N VAL C 299 -42.36 7.99 4.66
CA VAL C 299 -41.39 8.86 4.02
C VAL C 299 -41.54 10.23 4.66
N SER C 300 -40.51 10.67 5.39
CA SER C 300 -40.55 11.92 6.14
C SER C 300 -39.23 12.66 6.00
N SER C 301 -39.33 13.97 5.86
CA SER C 301 -38.13 14.78 5.73
C SER C 301 -38.08 15.82 6.83
N LEU C 302 -36.91 16.42 6.97
CA LEU C 302 -36.72 17.64 7.72
C LEU C 302 -37.02 18.80 6.81
N ILE C 303 -37.00 20.01 7.38
CA ILE C 303 -36.99 21.24 6.60
C ILE C 303 -35.61 21.89 6.75
N TRP C 304 -35.22 22.67 5.73
CA TRP C 304 -33.81 22.99 5.55
C TRP C 304 -33.22 23.67 6.78
N ASP C 305 -33.91 24.69 7.31
CA ASP C 305 -33.37 25.38 8.47
C ASP C 305 -33.11 24.41 9.61
N GLU C 306 -34.00 23.44 9.76
CA GLU C 306 -33.86 22.49 10.85
C GLU C 306 -32.67 21.56 10.60
N ALA C 307 -32.52 21.08 9.36
CA ALA C 307 -31.43 20.20 9.01
C ALA C 307 -30.08 20.86 9.28
N GLN C 308 -29.93 22.12 8.88
CA GLN C 308 -28.66 22.81 9.07
C GLN C 308 -28.29 22.91 10.55
N LEU C 309 -29.25 23.37 11.37
CA LEU C 309 -29.01 23.50 12.80
C LEU C 309 -28.64 22.16 13.41
N LEU C 310 -29.24 21.10 12.88
CA LEU C 310 -28.98 19.76 13.34
C LEU C 310 -27.56 19.30 12.99
N THR C 311 -26.99 19.76 11.88
CA THR C 311 -25.57 19.48 11.65
C THR C 311 -24.71 20.12 12.73
N GLY C 312 -25.18 21.20 13.34
CA GLY C 312 -24.42 21.86 14.36
C GLY C 312 -24.45 21.14 15.71
N CYS C 313 -25.62 20.70 16.13
CA CYS C 313 -25.76 20.18 17.50
C CYS C 313 -25.81 18.67 17.58
N ASP C 314 -26.04 17.96 16.46
CA ASP C 314 -25.78 16.53 16.40
C ASP C 314 -25.37 16.15 14.98
N PRO C 315 -24.07 16.24 14.67
CA PRO C 315 -23.60 15.78 13.34
C PRO C 315 -23.77 14.28 13.12
N ASP C 316 -24.05 13.52 14.18
CA ASP C 316 -24.25 12.08 14.12
C ASP C 316 -25.72 11.69 14.17
N PHE C 317 -26.62 12.66 13.95
CA PHE C 317 -28.04 12.44 14.21
C PHE C 317 -28.59 11.17 13.56
N HIS C 318 -28.49 11.08 12.23
CA HIS C 318 -29.01 9.91 11.51
C HIS C 318 -28.38 8.62 12.00
N ARG C 319 -27.08 8.65 12.27
CA ARG C 319 -26.38 7.44 12.67
C ARG C 319 -26.78 7.03 14.09
N ARG C 320 -26.82 8.01 14.99
CA ARG C 320 -27.31 7.71 16.34
C ARG C 320 -28.76 7.22 16.30
N GLU C 321 -29.59 7.86 15.47
CA GLU C 321 -31.01 7.52 15.40
C GLU C 321 -31.21 6.08 14.93
N LEU C 322 -30.46 5.68 13.90
CA LEU C 322 -30.58 4.30 13.44
C LEU C 322 -30.10 3.31 14.51
N TRP C 323 -29.01 3.65 15.20
CA TRP C 323 -28.49 2.76 16.21
C TRP C 323 -29.47 2.60 17.36
N GLU C 324 -30.08 3.70 17.78
CA GLU C 324 -30.94 3.64 18.96
C GLU C 324 -32.30 3.04 18.64
N SER C 325 -32.82 3.29 17.43
CA SER C 325 -34.06 2.63 17.01
C SER C 325 -33.93 1.11 17.04
N ILE C 326 -32.75 0.57 16.75
CA ILE C 326 -32.61 -0.89 16.79
C ILE C 326 -32.51 -1.36 18.23
N GLU C 327 -31.81 -0.60 19.09
CA GLU C 327 -31.78 -0.92 20.52
C GLU C 327 -33.15 -0.76 21.16
N ALA C 328 -33.99 0.17 20.66
CA ALA C 328 -35.35 0.31 21.16
C ALA C 328 -36.34 -0.64 20.48
N GLY C 329 -35.90 -1.48 19.55
CA GLY C 329 -36.84 -2.35 18.89
C GLY C 329 -37.72 -1.69 17.85
N ASP C 330 -37.42 -0.44 17.47
CA ASP C 330 -38.09 0.22 16.35
C ASP C 330 -37.40 -0.14 15.03
N TYR C 331 -37.40 -1.43 14.72
CA TYR C 331 -36.49 -1.91 13.68
C TYR C 331 -36.83 -1.30 12.33
N PRO C 332 -35.86 -0.71 11.64
CA PRO C 332 -36.06 -0.32 10.24
C PRO C 332 -36.61 -1.50 9.46
N GLU C 333 -37.74 -1.26 8.79
CA GLU C 333 -38.38 -2.24 7.91
C GLU C 333 -38.64 -1.62 6.56
N TYR C 334 -38.49 -2.42 5.52
CA TYR C 334 -38.63 -1.92 4.16
C TYR C 334 -39.12 -3.06 3.29
N GLU C 335 -39.95 -2.74 2.33
CA GLU C 335 -40.43 -3.73 1.40
C GLU C 335 -39.67 -3.57 0.11
N LEU C 336 -39.23 -4.69 -0.44
CA LEU C 336 -38.54 -4.69 -1.72
C LEU C 336 -39.58 -4.73 -2.83
N GLY C 337 -39.46 -3.81 -3.78
CA GLY C 337 -40.40 -3.71 -4.87
C GLY C 337 -39.71 -3.85 -6.20
N LEU C 338 -40.46 -4.34 -7.19
CA LEU C 338 -39.97 -4.53 -8.54
C LEU C 338 -40.99 -3.94 -9.49
N GLN C 339 -40.53 -3.05 -10.37
CA GLN C 339 -41.24 -2.74 -11.60
C GLN C 339 -40.80 -3.74 -12.64
N ILE C 340 -41.75 -4.38 -13.29
CA ILE C 340 -41.47 -5.52 -14.14
C ILE C 340 -41.99 -5.21 -15.53
N ILE C 341 -41.07 -5.14 -16.48
CA ILE C 341 -41.39 -4.82 -17.87
C ILE C 341 -40.95 -5.99 -18.74
N PRO C 342 -41.88 -6.68 -19.40
CA PRO C 342 -41.47 -7.78 -20.29
C PRO C 342 -40.49 -7.26 -21.35
N GLU C 343 -39.72 -8.17 -21.92
CA GLU C 343 -38.68 -7.73 -22.83
C GLU C 343 -39.25 -6.96 -24.02
N GLU C 344 -40.46 -7.32 -24.48
CA GLU C 344 -41.02 -6.73 -25.71
C GLU C 344 -41.61 -5.33 -25.52
N ASP C 345 -41.84 -4.90 -24.29
CA ASP C 345 -42.32 -3.55 -24.00
C ASP C 345 -41.19 -2.55 -23.78
N GLU C 346 -39.96 -2.92 -24.12
CA GLU C 346 -38.80 -2.06 -23.89
C GLU C 346 -38.98 -0.67 -24.50
N HIS C 347 -39.40 -0.63 -25.76
CA HIS C 347 -39.46 0.62 -26.51
C HIS C 347 -40.85 1.23 -26.53
N LYS C 348 -41.68 0.98 -25.53
CA LYS C 348 -43.04 1.50 -25.51
C LYS C 348 -43.21 2.74 -24.66
N PHE C 349 -42.12 3.35 -24.21
CA PHE C 349 -42.16 4.48 -23.29
C PHE C 349 -41.68 5.72 -23.99
N ASP C 350 -41.99 6.88 -23.40
CA ASP C 350 -41.59 8.18 -23.90
C ASP C 350 -40.25 8.61 -23.32
N PHE C 351 -39.36 7.65 -23.16
CA PHE C 351 -38.00 7.79 -22.64
C PHE C 351 -37.37 6.40 -22.73
N ASP C 352 -36.04 6.36 -22.55
CA ASP C 352 -35.31 5.10 -22.55
C ASP C 352 -35.25 4.58 -21.13
N ILE C 353 -35.72 3.34 -20.91
CA ILE C 353 -35.55 2.73 -19.60
C ILE C 353 -34.09 2.34 -19.32
N LEU C 354 -33.22 2.43 -20.32
CA LEU C 354 -31.78 2.33 -20.12
C LEU C 354 -31.17 3.64 -19.66
N ASP C 355 -31.96 4.72 -19.58
CA ASP C 355 -31.44 6.04 -19.20
C ASP C 355 -31.57 6.22 -17.70
N PRO C 356 -30.47 6.35 -16.95
CA PRO C 356 -30.57 6.44 -15.48
C PRO C 356 -30.93 7.82 -14.97
N THR C 357 -31.04 8.82 -15.84
CA THR C 357 -31.65 10.10 -15.45
C THR C 357 -33.18 10.06 -15.55
N LYS C 358 -33.74 8.97 -16.06
CA LYS C 358 -35.18 8.80 -16.19
C LYS C 358 -35.68 7.81 -15.15
N LEU C 359 -36.82 8.13 -14.54
CA LEU C 359 -37.54 7.16 -13.74
C LEU C 359 -38.68 6.58 -14.55
N ILE C 360 -39.17 5.43 -14.12
CA ILE C 360 -40.38 4.83 -14.69
C ILE C 360 -41.53 5.23 -13.77
N PRO C 361 -42.48 6.04 -14.23
CA PRO C 361 -43.59 6.46 -13.35
C PRO C 361 -44.32 5.26 -12.78
N GLU C 362 -44.54 5.28 -11.46
CA GLU C 362 -45.27 4.19 -10.85
C GLU C 362 -46.69 4.06 -11.38
N SER C 363 -47.30 5.16 -11.87
CA SER C 363 -48.61 5.09 -12.52
C SER C 363 -48.55 4.37 -13.86
N LEU C 364 -47.39 4.30 -14.51
CA LEU C 364 -47.29 3.50 -15.72
C LEU C 364 -47.01 2.04 -15.41
N VAL C 365 -46.01 1.79 -14.57
CA VAL C 365 -45.54 0.44 -14.22
C VAL C 365 -45.54 0.29 -12.71
N PRO C 366 -46.48 -0.45 -12.12
CA PRO C 366 -46.60 -0.44 -10.66
C PRO C 366 -45.44 -1.18 -10.00
N VAL C 367 -45.17 -0.79 -8.77
CA VAL C 367 -44.16 -1.44 -7.95
C VAL C 367 -44.83 -2.60 -7.24
N HIS C 368 -44.43 -3.82 -7.58
CA HIS C 368 -44.96 -5.02 -6.96
C HIS C 368 -44.13 -5.35 -5.73
N LEU C 369 -44.76 -5.33 -4.57
CA LEU C 369 -44.04 -5.61 -3.33
C LEU C 369 -43.79 -7.10 -3.22
N VAL C 370 -42.51 -7.50 -3.20
CA VAL C 370 -42.16 -8.91 -3.31
C VAL C 370 -41.48 -9.44 -2.06
N GLY C 371 -41.14 -8.60 -1.09
CA GLY C 371 -40.46 -9.07 0.10
C GLY C 371 -40.22 -7.94 1.08
N LYS C 372 -39.68 -8.32 2.24
CA LYS C 372 -39.44 -7.39 3.34
C LYS C 372 -38.04 -7.64 3.92
N MET C 373 -37.35 -6.55 4.24
CA MET C 373 -36.06 -6.57 4.93
C MET C 373 -36.18 -5.85 6.26
N VAL C 374 -35.58 -6.40 7.31
CA VAL C 374 -35.60 -5.82 8.65
C VAL C 374 -34.17 -5.71 9.14
N LEU C 375 -33.76 -4.51 9.53
CA LEU C 375 -32.45 -4.33 10.15
C LEU C 375 -32.62 -4.42 11.66
N ASN C 376 -32.00 -5.40 12.30
CA ASN C 376 -32.34 -5.63 13.70
C ASN C 376 -31.14 -5.83 14.61
N ARG C 377 -29.93 -5.48 14.16
CA ARG C 377 -28.77 -5.72 15.01
C ARG C 377 -27.65 -4.79 14.62
N ASN C 378 -27.15 -4.01 15.56
CA ASN C 378 -26.05 -3.13 15.29
C ASN C 378 -24.75 -3.89 15.27
N PRO C 379 -23.72 -3.31 14.65
CA PRO C 379 -22.38 -3.93 14.68
C PRO C 379 -21.78 -3.94 16.08
N ASP C 380 -20.78 -4.79 16.27
CA ASP C 380 -20.00 -4.68 17.49
C ASP C 380 -18.85 -3.70 17.33
N ASN C 381 -18.24 -3.62 16.15
CA ASN C 381 -17.08 -2.76 15.92
C ASN C 381 -17.27 -2.05 14.58
N TYR C 382 -17.44 -0.73 14.63
CA TYR C 382 -17.82 0.00 13.43
C TYR C 382 -16.77 -0.17 12.32
N PHE C 383 -15.48 -0.15 12.67
CA PHE C 383 -14.45 -0.22 11.63
C PHE C 383 -14.43 -1.61 10.97
N SER C 384 -14.34 -2.66 11.80
CA SER C 384 -14.31 -4.03 11.28
C SER C 384 -15.46 -4.35 10.35
N GLU C 385 -16.63 -3.73 10.58
CA GLU C 385 -17.84 -4.13 9.88
C GLU C 385 -18.29 -3.08 8.88
N THR C 386 -18.55 -1.86 9.33
CA THR C 386 -19.11 -0.81 8.49
C THR C 386 -18.05 -0.13 7.63
N GLU C 387 -16.88 0.17 8.19
CA GLU C 387 -15.84 0.82 7.40
C GLU C 387 -15.28 -0.13 6.33
N GLN C 388 -15.10 -1.40 6.67
CA GLN C 388 -14.45 -2.32 5.75
C GLN C 388 -15.40 -3.03 4.79
N VAL C 389 -16.73 -2.84 4.90
CA VAL C 389 -17.60 -3.58 4.01
C VAL C 389 -17.41 -3.04 2.59
N ALA C 390 -17.53 -3.94 1.59
CA ALA C 390 -17.33 -3.56 0.20
C ALA C 390 -18.52 -4.05 -0.60
N PHE C 391 -19.29 -3.10 -1.19
CA PHE C 391 -20.36 -3.40 -2.11
C PHE C 391 -19.89 -3.20 -3.56
N CYS C 392 -20.53 -3.86 -4.48
CA CYS C 392 -20.32 -3.46 -5.89
C CYS C 392 -21.52 -3.92 -6.70
N PRO C 393 -22.04 -3.06 -7.58
CA PRO C 393 -23.10 -3.49 -8.50
C PRO C 393 -22.69 -4.69 -9.34
N GLY C 394 -21.41 -4.86 -9.62
CA GLY C 394 -20.94 -6.05 -10.31
C GLY C 394 -21.32 -7.34 -9.60
N ASN C 395 -21.56 -7.29 -8.29
CA ASN C 395 -21.83 -8.49 -7.50
C ASN C 395 -23.30 -8.93 -7.69
N ILE C 396 -23.54 -9.60 -8.82
CA ILE C 396 -24.85 -10.16 -9.09
C ILE C 396 -24.84 -11.67 -8.82
N VAL C 397 -25.98 -12.30 -9.02
CA VAL C 397 -26.18 -13.73 -8.80
C VAL C 397 -26.94 -14.31 -9.99
N PRO C 398 -26.85 -15.63 -10.20
CA PRO C 398 -27.64 -16.25 -11.28
C PRO C 398 -29.12 -15.90 -11.10
N GLY C 399 -29.77 -15.57 -12.21
CA GLY C 399 -31.13 -15.08 -12.20
C GLY C 399 -31.26 -13.59 -12.44
N ILE C 400 -30.19 -12.84 -12.26
CA ILE C 400 -30.18 -11.40 -12.47
C ILE C 400 -29.07 -11.09 -13.47
N ASP C 401 -29.30 -10.04 -14.24
CA ASP C 401 -28.32 -9.65 -15.21
C ASP C 401 -28.32 -8.15 -15.44
N PHE C 402 -27.33 -7.67 -16.17
CA PHE C 402 -27.15 -6.26 -16.46
C PHE C 402 -27.89 -5.85 -17.73
N SER C 403 -28.31 -4.60 -17.76
CA SER C 403 -28.78 -3.98 -19.00
C SER C 403 -27.66 -3.16 -19.62
N ASP C 404 -27.99 -2.48 -20.72
CA ASP C 404 -27.03 -1.68 -21.46
C ASP C 404 -26.99 -0.23 -20.98
N ASP C 405 -27.52 0.03 -19.78
CA ASP C 405 -27.42 1.33 -19.13
C ASP C 405 -25.96 1.78 -19.08
N PRO C 406 -25.57 2.81 -19.84
CA PRO C 406 -24.14 3.17 -19.93
C PRO C 406 -23.54 3.69 -18.65
N LEU C 407 -24.36 4.16 -17.69
CA LEU C 407 -23.82 4.47 -16.37
C LEU C 407 -23.51 3.17 -15.62
N LEU C 408 -24.48 2.26 -15.58
CA LEU C 408 -24.33 1.00 -14.86
C LEU C 408 -23.10 0.23 -15.36
N GLN C 409 -22.89 0.21 -16.68
CA GLN C 409 -21.78 -0.54 -17.25
C GLN C 409 -20.42 -0.06 -16.74
N GLY C 410 -20.22 1.26 -16.68
CA GLY C 410 -18.99 1.76 -16.11
C GLY C 410 -18.89 1.57 -14.61
N ARG C 411 -20.02 1.57 -13.91
CA ARG C 411 -19.99 1.26 -12.47
C ARG C 411 -19.38 -0.10 -12.23
N LEU C 412 -19.65 -1.07 -13.11
CA LEU C 412 -19.22 -2.44 -12.85
C LEU C 412 -17.70 -2.53 -12.69
N PHE C 413 -16.92 -1.71 -13.37
CA PHE C 413 -15.46 -1.67 -13.20
C PHE C 413 -14.96 -1.04 -11.91
N SER C 414 -15.54 0.09 -11.54
CA SER C 414 -15.04 0.87 -10.40
C SER C 414 -15.06 0.26 -9.00
N TYR C 415 -16.11 -0.43 -8.63
CA TYR C 415 -16.21 -0.90 -7.27
C TYR C 415 -15.12 -1.93 -6.91
N ILE C 416 -14.82 -2.90 -7.75
CA ILE C 416 -13.69 -3.79 -7.47
C ILE C 416 -12.34 -3.05 -7.49
N ASP C 417 -12.11 -2.23 -8.48
CA ASP C 417 -10.89 -1.42 -8.59
C ASP C 417 -10.58 -0.55 -7.38
N THR C 418 -11.54 0.23 -6.95
CA THR C 418 -11.34 1.15 -5.83
C THR C 418 -11.00 0.38 -4.56
N GLN C 419 -11.62 -0.74 -4.37
CA GLN C 419 -11.36 -1.53 -3.20
C GLN C 419 -9.95 -2.12 -3.14
N ILE C 420 -9.23 -2.10 -4.25
CA ILE C 420 -7.85 -2.61 -4.25
C ILE C 420 -6.97 -1.77 -3.35
N SER C 421 -7.18 -0.46 -3.34
CA SER C 421 -6.43 0.39 -2.40
C SER C 421 -7.19 0.70 -1.13
N ARG C 422 -8.52 0.81 -1.17
CA ARG C 422 -9.25 1.15 0.05
C ARG C 422 -9.04 0.08 1.11
N LEU C 423 -9.07 -1.19 0.70
CA LEU C 423 -9.05 -2.31 1.63
C LEU C 423 -7.79 -3.14 1.52
N GLY C 424 -6.80 -2.68 0.75
CA GLY C 424 -5.46 -3.22 0.82
C GLY C 424 -5.14 -4.40 -0.08
N GLY C 425 -5.77 -4.50 -1.25
CA GLY C 425 -5.42 -5.60 -2.13
C GLY C 425 -6.62 -6.41 -2.55
N VAL C 426 -6.35 -7.56 -3.17
CA VAL C 426 -7.40 -8.33 -3.83
C VAL C 426 -7.99 -9.39 -2.91
N ASN C 427 -7.66 -9.36 -1.62
CA ASN C 427 -8.18 -10.36 -0.70
C ASN C 427 -9.20 -9.81 0.28
N PHE C 428 -9.83 -8.67 -0.08
CA PHE C 428 -10.78 -8.00 0.82
C PHE C 428 -12.06 -8.80 0.98
N HIS C 429 -12.39 -9.68 0.03
CA HIS C 429 -13.49 -10.64 0.20
C HIS C 429 -13.25 -11.60 1.38
N GLU C 430 -12.01 -11.72 1.88
CA GLU C 430 -11.70 -12.55 3.03
C GLU C 430 -11.82 -11.81 4.35
N ILE C 431 -11.99 -10.49 4.31
CA ILE C 431 -12.36 -9.73 5.51
C ILE C 431 -13.70 -10.25 6.00
N PRO C 432 -13.87 -10.55 7.30
CA PRO C 432 -15.07 -11.26 7.75
C PRO C 432 -16.42 -10.67 7.28
N ILE C 433 -16.63 -9.35 7.32
CA ILE C 433 -17.94 -8.83 6.92
C ILE C 433 -18.19 -9.05 5.42
N ASN C 434 -17.15 -9.18 4.61
CA ASN C 434 -17.29 -9.34 3.17
C ASN C 434 -17.41 -10.79 2.74
N LYS C 435 -17.11 -11.73 3.64
CA LYS C 435 -17.15 -13.14 3.25
C LYS C 435 -18.56 -13.55 2.85
N PRO C 436 -18.72 -14.29 1.76
CA PRO C 436 -20.00 -14.96 1.52
C PRO C 436 -20.24 -16.02 2.56
N ILE C 437 -21.49 -16.50 2.64
CA ILE C 437 -21.80 -17.61 3.54
C ILE C 437 -21.96 -18.93 2.81
N CYS C 438 -21.81 -18.96 1.50
CA CYS C 438 -21.75 -20.18 0.70
C CYS C 438 -20.29 -20.51 0.39
N PRO C 439 -20.00 -21.66 -0.23
CA PRO C 439 -18.60 -21.95 -0.58
C PRO C 439 -18.17 -21.07 -1.74
N PHE C 440 -16.85 -21.03 -1.97
CA PHE C 440 -16.26 -20.13 -2.95
C PHE C 440 -14.91 -20.61 -3.47
N HIS C 441 -14.78 -21.90 -3.77
CA HIS C 441 -13.54 -22.46 -4.29
C HIS C 441 -13.22 -21.96 -5.72
N ASN C 442 -11.96 -21.61 -5.94
CA ASN C 442 -11.49 -21.30 -7.28
C ASN C 442 -9.97 -21.49 -7.34
N HIS C 443 -9.37 -21.06 -8.45
CA HIS C 443 -7.94 -21.23 -8.69
C HIS C 443 -7.13 -19.97 -8.42
N GLN C 444 -7.77 -18.95 -7.86
CA GLN C 444 -7.07 -17.72 -7.48
C GLN C 444 -6.21 -17.93 -6.23
N ARG C 445 -5.09 -17.23 -6.22
CA ARG C 445 -4.14 -17.40 -5.14
C ARG C 445 -3.36 -16.18 -4.73
N ASP C 446 -2.86 -16.21 -3.53
CA ASP C 446 -2.02 -15.16 -3.04
C ASP C 446 -2.64 -13.81 -2.91
N GLY C 447 -1.84 -12.78 -3.11
CA GLY C 447 -2.29 -11.44 -2.88
C GLY C 447 -1.99 -11.07 -1.43
N MET C 448 -2.03 -9.79 -1.12
CA MET C 448 -1.74 -9.35 0.23
C MET C 448 -2.80 -9.82 1.24
N HIS C 449 -2.26 -10.14 2.32
N HIS C 449 -2.22 -10.12 2.32
CA HIS C 449 -3.14 -10.61 3.42
CA HIS C 449 -3.01 -10.67 3.42
C HIS C 449 -3.86 -11.91 3.07
C HIS C 449 -3.86 -11.85 2.96
N ARG C 450 -3.19 -12.86 2.41
CA ARG C 450 -3.91 -14.05 1.99
C ARG C 450 -4.25 -14.87 3.24
N MET C 451 -5.54 -15.08 3.50
CA MET C 451 -5.93 -15.82 4.70
C MET C 451 -6.17 -17.32 4.45
N SER C 452 -6.80 -17.69 3.33
CA SER C 452 -7.01 -19.09 3.05
C SER C 452 -5.69 -19.81 2.71
N ILE C 453 -5.65 -21.10 3.03
CA ILE C 453 -4.48 -21.95 2.72
C ILE C 453 -4.92 -22.98 1.69
N SER C 454 -4.36 -22.92 0.48
CA SER C 454 -4.78 -23.80 -0.62
C SER C 454 -3.72 -24.87 -0.88
N GLY C 455 -4.15 -26.13 -1.00
CA GLY C 455 -3.22 -27.24 -1.22
C GLY C 455 -3.56 -28.06 -2.45
N THR C 456 -4.36 -27.52 -3.37
CA THR C 456 -4.65 -28.21 -4.61
C THR C 456 -4.23 -27.35 -5.81
N ALA C 457 -4.35 -27.94 -7.00
CA ALA C 457 -3.92 -27.31 -8.24
C ALA C 457 -4.57 -25.95 -8.45
N ASN C 458 -3.76 -25.00 -8.89
CA ASN C 458 -4.16 -23.59 -8.98
C ASN C 458 -4.45 -23.17 -10.42
N TYR C 459 -4.92 -24.10 -11.26
CA TYR C 459 -5.14 -23.87 -12.68
C TYR C 459 -6.18 -24.87 -13.15
N GLU C 460 -6.99 -24.42 -14.11
CA GLU C 460 -8.05 -25.16 -14.75
C GLU C 460 -7.84 -25.06 -16.26
N PRO C 461 -7.96 -26.18 -16.97
CA PRO C 461 -8.20 -27.54 -16.47
C PRO C 461 -6.92 -28.15 -15.91
N ASN C 462 -7.03 -28.93 -14.84
CA ASN C 462 -5.96 -29.77 -14.35
C ASN C 462 -6.46 -31.21 -14.30
N SER C 463 -5.53 -32.16 -14.39
CA SER C 463 -5.84 -33.54 -14.06
C SER C 463 -5.27 -33.99 -12.73
N ILE C 464 -4.30 -33.25 -12.17
CA ILE C 464 -3.63 -33.70 -10.96
C ILE C 464 -4.56 -33.70 -9.75
N ASN C 465 -5.68 -32.96 -9.82
CA ASN C 465 -6.69 -32.97 -8.78
C ASN C 465 -8.06 -33.25 -9.38
N ASN C 466 -8.07 -33.93 -10.53
CA ASN C 466 -9.29 -34.31 -11.24
C ASN C 466 -10.15 -33.10 -11.58
N ASN C 467 -9.49 -31.98 -11.87
CA ASN C 467 -10.18 -30.73 -12.23
C ASN C 467 -11.26 -30.38 -11.20
N TRP C 468 -10.88 -30.39 -9.92
CA TRP C 468 -11.73 -29.74 -8.94
C TRP C 468 -11.02 -28.50 -8.43
N PRO C 469 -11.74 -27.39 -8.18
CA PRO C 469 -13.18 -27.21 -8.33
C PRO C 469 -13.57 -27.14 -9.80
N ARG C 470 -14.80 -27.48 -10.13
CA ARG C 470 -15.20 -27.69 -11.51
C ARG C 470 -16.24 -26.64 -11.93
N GLU C 471 -16.17 -26.25 -13.21
CA GLU C 471 -17.20 -25.44 -13.81
C GLU C 471 -18.58 -26.06 -13.56
N ALA C 472 -19.58 -25.20 -13.38
CA ALA C 472 -20.94 -25.66 -13.14
C ALA C 472 -21.81 -25.35 -14.35
N PRO C 473 -22.47 -26.34 -14.94
CA PRO C 473 -23.36 -26.05 -16.07
C PRO C 473 -24.48 -25.11 -15.68
N PRO C 474 -25.02 -24.35 -16.64
CA PRO C 474 -26.14 -23.43 -16.31
C PRO C 474 -27.33 -24.09 -15.61
N THR C 475 -27.81 -25.21 -16.13
CA THR C 475 -28.87 -25.94 -15.44
C THR C 475 -28.47 -26.38 -14.03
N GLU C 476 -27.17 -26.39 -13.70
CA GLU C 476 -26.74 -26.60 -12.32
C GLU C 476 -26.46 -25.29 -11.58
N GLY C 477 -26.94 -24.17 -12.12
CA GLY C 477 -26.77 -22.88 -11.47
C GLY C 477 -25.48 -22.15 -11.77
N GLY C 478 -24.81 -22.46 -12.87
CA GLY C 478 -23.61 -21.70 -13.25
C GLY C 478 -24.03 -20.41 -13.94
N PHE C 479 -23.31 -19.34 -13.64
CA PHE C 479 -23.72 -18.04 -14.17
C PHE C 479 -23.54 -17.99 -15.69
N THR C 480 -24.59 -17.51 -16.37
CA THR C 480 -24.61 -17.33 -17.82
C THR C 480 -25.22 -15.98 -18.13
N THR C 481 -24.65 -15.29 -19.12
CA THR C 481 -25.21 -14.03 -19.59
C THR C 481 -26.35 -14.32 -20.56
N TYR C 482 -27.45 -13.60 -20.40
CA TYR C 482 -28.56 -13.72 -21.33
C TYR C 482 -28.12 -13.26 -22.71
N PRO C 483 -28.33 -14.08 -23.76
CA PRO C 483 -27.79 -13.75 -25.09
C PRO C 483 -28.53 -12.61 -25.80
N GLN C 484 -28.33 -11.41 -25.29
CA GLN C 484 -28.92 -10.21 -25.88
C GLN C 484 -28.27 -9.94 -27.24
N PRO C 485 -29.07 -9.54 -28.24
CA PRO C 485 -28.48 -9.08 -29.51
C PRO C 485 -27.66 -7.82 -29.32
N VAL C 486 -26.64 -7.67 -30.16
CA VAL C 486 -25.70 -6.56 -30.10
C VAL C 486 -25.43 -6.17 -31.55
N ASN C 487 -25.87 -4.99 -31.95
CA ASN C 487 -25.65 -4.54 -33.31
C ASN C 487 -25.30 -3.06 -33.31
N GLY C 488 -24.25 -2.69 -34.03
CA GLY C 488 -23.86 -1.31 -34.15
C GLY C 488 -22.42 -1.19 -34.63
N TYR C 489 -21.91 0.03 -34.54
CA TYR C 489 -20.53 0.34 -34.84
C TYR C 489 -19.85 0.77 -33.55
N LYS C 490 -18.58 0.37 -33.38
CA LYS C 490 -17.80 0.90 -32.29
C LYS C 490 -17.80 2.42 -32.37
N SER C 491 -18.23 3.06 -31.29
CA SER C 491 -18.38 4.51 -31.34
C SER C 491 -18.46 5.07 -29.93
N ARG C 492 -18.12 6.34 -29.82
CA ARG C 492 -18.30 7.14 -28.61
C ARG C 492 -19.36 8.16 -28.97
N LYS C 493 -20.61 7.90 -28.56
CA LYS C 493 -21.71 8.77 -28.96
C LYS C 493 -22.89 8.51 -28.04
N ARG C 494 -23.52 9.59 -27.59
CA ARG C 494 -24.68 9.49 -26.71
C ARG C 494 -25.89 9.07 -27.55
N SER C 495 -26.64 8.10 -27.04
CA SER C 495 -27.81 7.62 -27.75
C SER C 495 -28.85 8.73 -27.87
N SER C 496 -29.42 8.87 -29.07
CA SER C 496 -30.40 9.93 -29.30
C SER C 496 -31.66 9.72 -28.46
N THR C 497 -31.99 8.47 -28.10
CA THR C 497 -33.07 8.21 -27.16
C THR C 497 -32.81 8.81 -25.77
N PHE C 498 -31.63 9.37 -25.53
CA PHE C 498 -31.26 9.97 -24.25
C PHE C 498 -31.42 11.49 -24.23
N ILE C 499 -31.44 12.16 -25.38
CA ILE C 499 -31.50 13.62 -25.43
C ILE C 499 -32.90 14.08 -25.06
N ASP C 500 -33.17 14.13 -23.76
CA ASP C 500 -34.43 14.58 -23.20
C ASP C 500 -34.12 14.96 -21.74
N PHE C 501 -33.82 16.22 -21.53
CA PHE C 501 -33.32 16.64 -20.24
C PHE C 501 -34.36 17.29 -19.36
N TYR C 502 -35.55 17.60 -19.89
CA TYR C 502 -36.48 18.46 -19.19
C TYR C 502 -37.84 17.84 -18.90
N SER C 503 -38.27 16.83 -19.67
CA SER C 503 -39.63 16.31 -19.47
C SER C 503 -39.82 15.78 -18.05
N GLN C 504 -38.82 15.06 -17.49
CA GLN C 504 -39.03 14.48 -16.17
C GLN C 504 -38.79 15.49 -15.05
N PRO C 505 -37.88 16.45 -15.18
CA PRO C 505 -37.89 17.54 -14.19
C PRO C 505 -39.24 18.24 -14.09
N ARG C 506 -39.93 18.44 -15.21
CA ARG C 506 -41.27 19.01 -15.16
C ARG C 506 -42.25 18.06 -14.48
N LEU C 507 -42.26 16.80 -14.91
CA LEU C 507 -43.10 15.81 -14.24
C LEU C 507 -42.90 15.83 -12.74
N PHE C 508 -41.65 15.91 -12.30
CA PHE C 508 -41.41 15.97 -10.87
C PHE C 508 -42.05 17.21 -10.25
N TRP C 509 -41.77 18.38 -10.82
CA TRP C 509 -42.26 19.63 -10.27
C TRP C 509 -43.80 19.67 -10.20
N LEU C 510 -44.48 19.31 -11.29
CA LEU C 510 -45.95 19.33 -11.30
C LEU C 510 -46.54 18.36 -10.29
N SER C 511 -45.78 17.37 -9.86
CA SER C 511 -46.26 16.36 -8.91
C SER C 511 -46.19 16.82 -7.48
N GLN C 512 -45.54 17.94 -7.21
CA GLN C 512 -45.33 18.38 -5.84
C GLN C 512 -46.50 19.23 -5.34
N THR C 513 -46.84 19.07 -4.07
CA THR C 513 -47.71 20.05 -3.44
C THR C 513 -47.03 21.42 -3.45
N LYS C 514 -47.81 22.45 -3.10
CA LYS C 514 -47.28 23.81 -3.12
C LYS C 514 -46.22 24.00 -2.04
N VAL C 515 -46.44 23.45 -0.84
CA VAL C 515 -45.41 23.52 0.19
C VAL C 515 -44.14 22.86 -0.31
N GLU C 516 -44.27 21.71 -0.97
CA GLU C 516 -43.10 21.00 -1.47
C GLU C 516 -42.42 21.78 -2.57
N GLN C 517 -43.20 22.47 -3.41
CA GLN C 517 -42.59 23.31 -4.45
C GLN C 517 -41.85 24.50 -3.85
N ASN C 518 -42.29 24.99 -2.70
CA ASN C 518 -41.67 26.17 -2.09
C ASN C 518 -40.32 25.75 -1.51
N HIS C 519 -40.26 24.56 -0.93
CA HIS C 519 -38.99 24.09 -0.40
C HIS C 519 -38.00 23.84 -1.53
N ILE C 520 -38.50 23.36 -2.68
CA ILE C 520 -37.66 23.22 -3.87
C ILE C 520 -37.10 24.57 -4.26
N VAL C 521 -37.98 25.57 -4.42
CA VAL C 521 -37.53 26.92 -4.74
C VAL C 521 -36.56 27.42 -3.68
N GLY C 522 -36.82 27.11 -2.40
CA GLY C 522 -35.92 27.53 -1.35
C GLY C 522 -34.56 26.85 -1.46
N GLY C 523 -34.55 25.56 -1.82
CA GLY C 523 -33.27 24.88 -2.00
C GLY C 523 -32.43 25.51 -3.08
N PHE C 524 -33.01 25.71 -4.27
CA PHE C 524 -32.27 26.35 -5.34
C PHE C 524 -31.77 27.73 -4.90
N SER C 525 -32.62 28.50 -4.20
CA SER C 525 -32.28 29.88 -3.88
C SER C 525 -31.16 29.96 -2.85
N PHE C 526 -31.23 29.13 -1.81
CA PHE C 526 -30.19 29.14 -0.78
C PHE C 526 -28.84 28.69 -1.36
N GLU C 527 -28.87 27.67 -2.21
CA GLU C 527 -27.65 27.12 -2.79
C GLU C 527 -27.03 28.10 -3.78
N LEU C 528 -27.86 28.66 -4.66
CA LEU C 528 -27.35 29.62 -5.63
C LEU C 528 -26.85 30.89 -4.93
N GLY C 529 -27.46 31.25 -3.81
CA GLY C 529 -27.03 32.42 -3.08
C GLY C 529 -25.63 32.31 -2.51
N LYS C 530 -25.04 31.12 -2.50
CA LYS C 530 -23.66 30.98 -2.07
C LYS C 530 -22.72 30.84 -3.26
N VAL C 531 -23.23 31.01 -4.47
CA VAL C 531 -22.44 30.91 -5.67
C VAL C 531 -21.90 32.31 -6.00
N VAL C 532 -20.57 32.43 -6.05
CA VAL C 532 -19.94 33.75 -6.11
C VAL C 532 -20.03 34.34 -7.50
N ARG C 533 -19.78 33.55 -8.53
CA ARG C 533 -19.75 34.05 -9.89
C ARG C 533 -21.18 34.26 -10.39
N PRO C 534 -21.60 35.49 -10.69
CA PRO C 534 -23.02 35.71 -11.04
C PRO C 534 -23.48 34.93 -12.26
N TRP C 535 -22.62 34.76 -13.25
CA TRP C 535 -23.09 34.17 -14.50
C TRP C 535 -23.49 32.70 -14.32
N ILE C 536 -22.91 32.01 -13.32
CA ILE C 536 -23.33 30.65 -13.04
C ILE C 536 -24.78 30.64 -12.55
N ARG C 537 -25.09 31.50 -11.57
CA ARG C 537 -26.47 31.69 -11.11
C ARG C 537 -27.41 32.00 -12.26
N GLU C 538 -26.99 32.88 -13.17
CA GLU C 538 -27.83 33.23 -14.31
C GLU C 538 -28.07 32.03 -15.21
N ARG C 539 -27.05 31.22 -15.44
CA ARG C 539 -27.25 30.12 -16.36
C ARG C 539 -28.06 28.98 -15.75
N VAL C 540 -28.01 28.80 -14.44
CA VAL C 540 -28.84 27.78 -13.80
C VAL C 540 -30.31 28.19 -13.88
N VAL C 541 -30.61 29.42 -13.46
CA VAL C 541 -31.97 29.93 -13.59
C VAL C 541 -32.44 29.78 -15.02
N ASN C 542 -31.56 30.07 -15.99
CA ASN C 542 -31.93 29.85 -17.38
C ASN C 542 -32.37 28.41 -17.63
N GLN C 543 -31.62 27.41 -17.14
CA GLN C 543 -32.06 26.03 -17.29
C GLN C 543 -33.48 25.84 -16.74
N LEU C 544 -33.77 26.45 -15.59
CA LEU C 544 -35.06 26.26 -14.96
C LEU C 544 -36.20 26.76 -15.86
N THR C 545 -35.93 27.73 -16.74
CA THR C 545 -36.98 28.22 -17.64
C THR C 545 -37.41 27.19 -18.66
N TYR C 546 -36.66 26.10 -18.81
CA TYR C 546 -36.99 24.97 -19.66
C TYR C 546 -37.72 23.85 -18.90
N ILE C 547 -37.89 24.00 -17.59
CA ILE C 547 -38.60 23.04 -16.77
C ILE C 547 -39.97 23.57 -16.38
N ASP C 548 -40.02 24.79 -15.85
CA ASP C 548 -41.26 25.47 -15.49
C ASP C 548 -41.00 26.96 -15.25
N HIS C 549 -41.95 27.80 -15.68
CA HIS C 549 -41.77 29.24 -15.63
C HIS C 549 -41.95 29.80 -14.21
N GLN C 550 -42.89 29.25 -13.43
CA GLN C 550 -43.02 29.73 -12.06
C GLN C 550 -41.78 29.41 -11.26
N LEU C 551 -41.25 28.20 -11.42
CA LEU C 551 -40.04 27.79 -10.73
C LEU C 551 -38.88 28.72 -11.08
N ALA C 552 -38.66 28.93 -12.38
CA ALA C 552 -37.61 29.83 -12.84
C ALA C 552 -37.78 31.22 -12.27
N GLN C 553 -38.99 31.79 -12.39
CA GLN C 553 -39.22 33.14 -11.94
C GLN C 553 -38.99 33.28 -10.43
N SER C 554 -39.50 32.33 -9.64
CA SER C 554 -39.37 32.45 -8.19
C SER C 554 -37.91 32.37 -7.75
N VAL C 555 -37.13 31.47 -8.36
CA VAL C 555 -35.71 31.40 -8.03
C VAL C 555 -35.01 32.68 -8.45
N ALA C 556 -35.36 33.20 -9.63
CA ALA C 556 -34.77 34.45 -10.12
C ALA C 556 -34.95 35.59 -9.11
N ASP C 557 -36.16 35.75 -8.56
CA ASP C 557 -36.41 36.84 -7.62
C ASP C 557 -35.51 36.74 -6.40
N ASN C 558 -35.48 35.57 -5.75
CA ASN C 558 -34.61 35.42 -4.59
C ASN C 558 -33.16 35.74 -4.91
N LEU C 559 -32.77 35.71 -6.19
CA LEU C 559 -31.39 35.94 -6.60
C LEU C 559 -31.15 37.29 -7.25
N GLY C 560 -32.18 38.14 -7.35
CA GLY C 560 -32.01 39.44 -7.97
C GLY C 560 -31.77 39.39 -9.46
N ILE C 561 -32.32 38.39 -10.14
CA ILE C 561 -32.15 38.21 -11.58
C ILE C 561 -33.45 38.60 -12.26
N LYS C 562 -33.38 39.58 -13.15
CA LYS C 562 -34.52 39.91 -13.99
C LYS C 562 -34.51 38.99 -15.20
N LEU C 563 -35.53 38.17 -15.34
CA LEU C 563 -35.66 37.31 -16.51
C LEU C 563 -36.09 38.14 -17.71
N SER C 564 -35.57 37.80 -18.87
CA SER C 564 -36.00 38.47 -20.09
C SER C 564 -37.31 37.87 -20.57
N GLN C 565 -38.05 38.68 -21.34
CA GLN C 565 -39.30 38.23 -21.93
C GLN C 565 -39.13 36.91 -22.68
N GLU C 566 -38.03 36.79 -23.44
CA GLU C 566 -37.79 35.57 -24.21
C GLU C 566 -37.65 34.36 -23.30
N GLN C 567 -37.08 34.53 -22.11
CA GLN C 567 -36.83 33.37 -21.25
C GLN C 567 -38.14 32.79 -20.73
N LEU C 568 -39.10 33.64 -20.34
CA LEU C 568 -40.41 33.14 -19.98
C LEU C 568 -41.22 32.65 -21.17
N LYS C 569 -40.71 32.82 -22.39
CA LYS C 569 -41.32 32.24 -23.58
C LYS C 569 -40.68 30.90 -23.95
N HIS C 570 -39.77 30.38 -23.11
CA HIS C 570 -39.02 29.18 -23.47
C HIS C 570 -39.96 27.97 -23.51
N PRO C 571 -39.87 27.13 -24.54
CA PRO C 571 -40.84 26.02 -24.68
C PRO C 571 -40.70 24.99 -23.56
N LEU C 572 -41.86 24.47 -23.12
CA LEU C 572 -41.89 23.52 -22.03
C LEU C 572 -42.17 22.12 -22.55
N PRO C 573 -41.58 21.09 -21.93
CA PRO C 573 -41.72 19.73 -22.44
C PRO C 573 -43.12 19.20 -22.19
N GLY C 574 -43.59 18.35 -23.09
CA GLY C 574 -44.91 17.79 -23.01
C GLY C 574 -45.03 16.64 -22.03
N PRO C 575 -46.16 15.94 -22.07
CA PRO C 575 -46.41 14.86 -21.11
C PRO C 575 -45.67 13.59 -21.48
N ILE C 576 -45.72 12.65 -20.55
CA ILE C 576 -44.98 11.40 -20.63
C ILE C 576 -45.99 10.27 -20.53
N ASN C 577 -46.18 9.56 -21.65
CA ASN C 577 -47.14 8.46 -21.74
C ASN C 577 -48.45 8.81 -21.04
N GLY C 578 -48.97 9.99 -21.37
CA GLY C 578 -50.27 10.41 -20.89
C GLY C 578 -50.27 11.05 -19.52
N LEU C 579 -49.10 11.19 -18.90
CA LEU C 579 -48.97 11.67 -17.55
C LEU C 579 -48.45 13.09 -17.55
N SER C 580 -49.09 13.95 -16.78
CA SER C 580 -48.60 15.28 -16.46
C SER C 580 -47.94 15.34 -15.10
N LYS C 581 -48.37 14.46 -14.18
CA LYS C 581 -47.87 14.39 -12.82
C LYS C 581 -48.06 12.95 -12.36
N ASP C 582 -47.50 12.63 -11.20
CA ASP C 582 -47.64 11.29 -10.64
C ASP C 582 -47.61 11.44 -9.13
N ARG C 583 -48.75 11.18 -8.49
CA ARG C 583 -48.88 11.35 -7.05
C ARG C 583 -47.72 10.69 -6.29
N SER C 584 -47.20 9.58 -6.81
CA SER C 584 -46.14 8.88 -6.08
C SER C 584 -44.85 9.70 -6.01
N LEU C 585 -44.73 10.73 -6.84
CA LEU C 585 -43.51 11.55 -6.88
C LEU C 585 -43.47 12.56 -5.73
N SER C 586 -44.60 12.80 -5.07
CA SER C 586 -44.71 13.74 -3.98
C SER C 586 -44.60 13.01 -2.65
N MET C 587 -43.73 13.50 -1.77
CA MET C 587 -43.53 12.88 -0.47
C MET C 587 -44.80 12.90 0.37
N TYR C 588 -45.41 14.06 0.49
CA TYR C 588 -46.40 14.29 1.53
C TYR C 588 -47.81 14.01 1.05
N ASP C 589 -48.06 14.18 -0.24
CA ASP C 589 -49.33 13.81 -0.84
C ASP C 589 -49.35 12.36 -1.30
N GLY C 590 -48.19 11.73 -1.40
CA GLY C 590 -48.09 10.41 -1.99
C GLY C 590 -47.64 9.29 -1.08
N HIS C 591 -47.26 9.62 0.14
CA HIS C 591 -46.75 8.62 1.06
C HIS C 591 -47.23 8.84 2.48
N HIS C 592 -47.09 7.85 3.33
CA HIS C 592 -47.66 7.93 4.66
C HIS C 592 -46.69 8.57 5.64
N GLN C 593 -47.25 9.09 6.73
CA GLN C 593 -46.51 9.51 7.92
C GLN C 593 -46.88 8.56 9.04
N ILE C 594 -45.85 8.06 9.73
CA ILE C 594 -46.04 7.11 10.83
C ILE C 594 -45.63 7.78 12.14
N LEU C 595 -46.45 7.59 13.15
CA LEU C 595 -46.22 8.12 14.50
C LEU C 595 -45.17 7.33 15.24
N LYS C 596 -45.17 6.01 15.11
CA LYS C 596 -44.28 5.16 15.89
C LYS C 596 -42.82 5.53 15.64
N SER C 597 -42.01 5.56 16.69
CA SER C 597 -40.57 5.85 16.59
C SER C 597 -40.22 7.33 16.78
N ARG C 598 -41.21 8.22 16.76
CA ARG C 598 -40.90 9.64 16.86
C ARG C 598 -40.46 10.00 18.27
N GLN C 599 -39.84 11.17 18.38
CA GLN C 599 -39.23 11.69 19.60
C GLN C 599 -39.96 12.94 20.06
N VAL C 600 -40.15 13.07 21.37
CA VAL C 600 -40.82 14.25 21.93
C VAL C 600 -40.06 14.74 23.15
N ALA C 601 -39.76 16.04 23.15
CA ALA C 601 -39.12 16.71 24.28
C ALA C 601 -40.18 17.10 25.31
N ILE C 602 -39.98 16.64 26.54
CA ILE C 602 -40.80 17.03 27.68
C ILE C 602 -39.98 18.03 28.48
N LEU C 603 -40.39 19.30 28.45
CA LEU C 603 -39.65 20.37 29.12
C LEU C 603 -40.11 20.49 30.57
N ALA C 604 -39.19 20.30 31.51
CA ALA C 604 -39.54 20.29 32.92
C ALA C 604 -38.35 20.75 33.75
N ALA C 605 -38.63 21.41 34.86
CA ALA C 605 -37.64 21.74 35.89
C ALA C 605 -38.17 21.27 37.23
N ASP C 606 -37.39 21.50 38.29
CA ASP C 606 -37.82 21.08 39.63
C ASP C 606 -39.19 21.70 39.95
N GLY C 607 -40.01 20.93 40.67
CA GLY C 607 -41.35 21.36 41.00
C GLY C 607 -42.41 21.00 39.98
N VAL C 608 -42.08 20.21 38.97
CA VAL C 608 -43.02 19.76 37.96
C VAL C 608 -44.05 18.80 38.57
N CSD C 609 -45.23 18.73 37.96
CA CSD C 609 -46.26 17.78 38.33
CB CSD C 609 -47.56 18.21 37.63
SG CSD C 609 -49.08 17.59 38.32
C CSD C 609 -45.85 16.37 37.95
O CSD C 609 -45.71 15.99 36.77
OD1 CSD C 609 -49.09 16.14 38.15
OD2 CSD C 609 -48.65 17.49 39.94
N GLY C 610 -45.61 15.55 38.97
CA GLY C 610 -45.18 14.17 38.76
C GLY C 610 -46.21 13.32 38.05
N ASP C 611 -47.48 13.53 38.36
CA ASP C 611 -48.56 12.78 37.72
C ASP C 611 -48.60 13.07 36.23
N ALA C 612 -48.54 14.35 35.86
CA ALA C 612 -48.60 14.72 34.45
C ALA C 612 -47.46 14.08 33.65
N ILE C 613 -46.26 14.05 34.23
CA ILE C 613 -45.13 13.43 33.53
C ILE C 613 -45.38 11.94 33.34
N ASP C 614 -45.81 11.26 34.41
CA ASP C 614 -46.25 9.89 34.34
C ASP C 614 -47.23 9.67 33.19
N ASN C 615 -48.32 10.44 33.16
CA ASN C 615 -49.37 10.20 32.17
C ASN C 615 -48.98 10.64 30.77
N ILE C 616 -48.16 11.68 30.64
CA ILE C 616 -47.65 12.02 29.31
C ILE C 616 -46.74 10.93 28.77
N MET C 617 -45.81 10.47 29.62
CA MET C 617 -44.84 9.45 29.19
C MET C 617 -45.55 8.16 28.81
N LYS C 618 -46.61 7.80 29.54
CA LYS C 618 -47.30 6.54 29.26
C LYS C 618 -48.12 6.64 27.98
N THR C 619 -48.80 7.78 27.77
CA THR C 619 -49.56 7.98 26.54
C THR C 619 -48.66 7.97 25.32
N LEU C 620 -47.53 8.67 25.40
CA LEU C 620 -46.59 8.70 24.29
C LEU C 620 -46.12 7.29 23.92
N LYS C 621 -45.71 6.52 24.93
CA LYS C 621 -45.26 5.16 24.66
C LYS C 621 -46.38 4.24 24.20
N LYS C 622 -47.63 4.55 24.54
CA LYS C 622 -48.72 3.72 24.05
C LYS C 622 -48.77 3.79 22.53
N TYR C 623 -48.25 4.87 21.94
CA TYR C 623 -48.17 5.03 20.51
C TYR C 623 -46.75 4.87 19.96
N GLY C 624 -45.84 4.27 20.73
CA GLY C 624 -44.48 4.04 20.25
C GLY C 624 -43.69 5.31 20.06
N VAL C 625 -44.03 6.35 20.82
CA VAL C 625 -43.36 7.64 20.76
C VAL C 625 -42.51 7.74 22.01
N HIS C 626 -41.32 8.27 21.85
CA HIS C 626 -40.37 8.34 22.95
C HIS C 626 -40.39 9.74 23.52
N GLY C 627 -40.72 9.84 24.81
CA GLY C 627 -40.63 11.09 25.52
C GLY C 627 -39.27 11.19 26.19
N LYS C 628 -38.63 12.34 26.04
CA LYS C 628 -37.36 12.63 26.68
C LYS C 628 -37.52 13.89 27.52
N ILE C 629 -37.28 13.77 28.82
CA ILE C 629 -37.32 14.91 29.72
C ILE C 629 -36.03 15.72 29.57
N PHE C 630 -36.17 17.00 29.26
CA PHE C 630 -35.04 17.92 29.27
C PHE C 630 -35.26 18.96 30.35
N ALA C 631 -34.29 19.09 31.25
CA ALA C 631 -34.35 19.97 32.40
C ALA C 631 -33.13 20.87 32.42
N PRO C 632 -33.09 21.86 33.33
CA PRO C 632 -31.89 22.70 33.45
C PRO C 632 -30.66 21.99 34.00
N HIS C 633 -30.76 20.73 34.43
CA HIS C 633 -29.58 19.98 34.87
C HIS C 633 -29.86 18.49 34.70
N VAL C 634 -28.80 17.69 34.63
CA VAL C 634 -28.96 16.25 34.49
C VAL C 634 -29.08 15.62 35.87
N GLY C 635 -29.20 14.31 35.91
CA GLY C 635 -29.50 13.61 37.15
C GLY C 635 -31.00 13.51 37.35
N ARG C 636 -31.49 14.07 38.45
CA ARG C 636 -32.91 14.00 38.77
C ARG C 636 -33.47 15.38 39.02
N ILE C 637 -34.74 15.55 38.68
CA ILE C 637 -35.54 16.67 39.15
C ILE C 637 -36.57 16.13 40.12
N THR C 638 -36.88 16.93 41.13
CA THR C 638 -37.90 16.54 42.10
C THR C 638 -39.25 17.15 41.69
N SER C 639 -40.28 16.32 41.69
CA SER C 639 -41.64 16.75 41.36
C SER C 639 -42.24 17.55 42.50
N LEU C 640 -43.34 18.26 42.19
CA LEU C 640 -44.02 18.98 43.26
C LEU C 640 -44.51 18.03 44.35
N GLN C 641 -44.85 16.79 43.98
CA GLN C 641 -45.13 15.73 44.95
C GLN C 641 -43.90 15.27 45.70
N GLY C 642 -42.73 15.84 45.43
CA GLY C 642 -41.52 15.44 46.12
C GLY C 642 -40.93 14.14 45.65
N ASN C 643 -41.19 13.72 44.42
CA ASN C 643 -40.59 12.52 43.86
C ASN C 643 -39.51 12.88 42.85
N GLU C 644 -38.55 11.96 42.68
CA GLU C 644 -37.40 12.20 41.83
C GLU C 644 -37.62 11.61 40.45
N ILE C 645 -37.40 12.42 39.41
CA ILE C 645 -37.61 12.04 38.02
C ILE C 645 -36.26 12.08 37.30
N GLU C 646 -35.87 10.96 36.70
CA GLU C 646 -34.63 10.94 35.95
C GLU C 646 -34.74 11.80 34.71
N VAL C 647 -33.69 12.57 34.45
CA VAL C 647 -33.66 13.49 33.34
C VAL C 647 -32.81 12.89 32.22
N ASN C 648 -33.28 13.06 30.99
CA ASN C 648 -32.58 12.52 29.83
C ASN C 648 -31.44 13.41 29.38
N GLY C 649 -31.51 14.70 29.69
CA GLY C 649 -30.45 15.62 29.33
C GLY C 649 -30.88 17.04 29.61
N THR C 650 -29.99 17.97 29.32
CA THR C 650 -30.32 19.36 29.54
C THR C 650 -31.06 19.92 28.32
N ILE C 651 -31.80 21.01 28.56
CA ILE C 651 -32.42 21.72 27.45
C ILE C 651 -31.35 22.32 26.55
N GLU C 652 -30.32 22.90 27.17
CA GLU C 652 -29.14 23.38 26.46
C GLU C 652 -28.62 22.31 25.50
N GLY C 653 -28.36 21.12 26.02
CA GLY C 653 -27.74 20.07 25.26
C GLY C 653 -28.61 19.38 24.24
N ASN C 654 -29.92 19.61 24.23
CA ASN C 654 -30.85 18.85 23.38
C ASN C 654 -31.87 19.78 22.76
N PRO C 655 -31.43 20.68 21.88
CA PRO C 655 -32.35 21.68 21.33
C PRO C 655 -33.42 21.01 20.49
N SER C 656 -34.44 21.82 20.16
CA SER C 656 -35.67 21.34 19.57
C SER C 656 -35.49 20.67 18.21
N VAL C 657 -34.43 21.00 17.48
CA VAL C 657 -34.27 20.40 16.16
C VAL C 657 -34.06 18.89 16.27
N MET C 658 -33.66 18.42 17.45
CA MET C 658 -33.47 16.99 17.74
C MET C 658 -34.77 16.22 18.02
N VAL C 659 -35.92 16.86 18.12
CA VAL C 659 -37.16 16.15 18.43
C VAL C 659 -38.20 16.50 17.39
N ASP C 660 -39.25 15.70 17.32
CA ASP C 660 -40.32 15.93 16.39
C ASP C 660 -41.41 16.83 16.94
N ALA C 661 -41.49 16.96 18.27
CA ALA C 661 -42.56 17.71 18.89
C ALA C 661 -42.16 18.02 20.32
N VAL C 662 -42.92 18.93 20.95
CA VAL C 662 -42.59 19.44 22.29
C VAL C 662 -43.86 19.50 23.13
N ILE C 663 -43.75 19.07 24.38
CA ILE C 663 -44.84 19.15 25.34
C ILE C 663 -44.31 19.67 26.68
N ILE C 664 -45.06 20.56 27.31
CA ILE C 664 -44.65 21.11 28.60
C ILE C 664 -45.73 20.80 29.64
N PRO C 665 -45.43 19.99 30.64
CA PRO C 665 -46.41 19.68 31.68
C PRO C 665 -46.51 20.83 32.69
N ASP C 666 -47.44 20.67 33.63
CA ASP C 666 -47.71 21.69 34.62
C ASP C 666 -46.81 21.51 35.84
N GLY C 667 -47.04 22.36 36.84
CA GLY C 667 -46.15 22.51 37.97
C GLY C 667 -45.78 23.97 38.08
N GLU C 668 -46.14 24.62 39.19
CA GLU C 668 -45.99 26.06 39.26
C GLU C 668 -44.51 26.45 39.25
N ASP C 669 -43.71 25.75 40.06
CA ASP C 669 -42.29 26.09 40.19
C ASP C 669 -41.49 25.67 38.95
N SER C 670 -41.96 24.66 38.23
CA SER C 670 -41.29 24.27 36.99
C SER C 670 -41.51 25.31 35.90
N ILE C 671 -42.75 25.79 35.75
CA ILE C 671 -43.05 26.74 34.68
C ILE C 671 -42.33 28.06 34.93
N ASP C 672 -42.20 28.48 36.20
CA ASP C 672 -41.57 29.76 36.45
C ASP C 672 -40.06 29.67 36.25
N SER C 673 -39.45 28.54 36.63
CA SER C 673 -38.06 28.28 36.30
C SER C 673 -37.83 28.40 34.79
N LEU C 674 -38.70 27.79 34.00
CA LEU C 674 -38.51 27.76 32.56
C LEU C 674 -38.73 29.13 31.93
N MET C 675 -39.56 29.98 32.54
CA MET C 675 -39.77 31.30 31.98
C MET C 675 -38.56 32.21 32.20
N LYS C 676 -37.68 31.88 33.14
CA LYS C 676 -36.42 32.60 33.29
C LYS C 676 -35.28 31.96 32.49
N ASN C 677 -35.60 31.07 31.55
CA ASN C 677 -34.61 30.29 30.80
C ASN C 677 -34.76 30.62 29.32
N GLY C 678 -33.79 31.36 28.77
CA GLY C 678 -33.87 31.74 27.37
C GLY C 678 -33.85 30.53 26.45
N ASN C 679 -33.05 29.52 26.81
CA ASN C 679 -33.06 28.24 26.09
C ASN C 679 -34.46 27.64 26.06
N ALA C 680 -35.10 27.51 27.22
CA ALA C 680 -36.43 26.93 27.32
C ALA C 680 -37.43 27.69 26.46
N LYS C 681 -37.42 29.02 26.55
CA LYS C 681 -38.35 29.80 25.75
C LYS C 681 -38.04 29.67 24.26
N HIS C 682 -36.76 29.67 23.89
CA HIS C 682 -36.41 29.57 22.48
C HIS C 682 -36.80 28.21 21.91
N TYR C 683 -36.68 27.15 22.73
CA TYR C 683 -37.19 25.83 22.38
C TYR C 683 -38.57 25.93 21.74
N VAL C 684 -39.46 26.70 22.36
CA VAL C 684 -40.85 26.74 21.92
C VAL C 684 -41.00 27.60 20.68
N ILE C 685 -40.29 28.72 20.61
CA ILE C 685 -40.28 29.56 19.42
C ILE C 685 -39.72 28.80 18.24
N GLN C 686 -38.64 28.06 18.45
CA GLN C 686 -38.00 27.33 17.37
C GLN C 686 -38.88 26.18 16.89
N ALA C 687 -39.39 25.38 17.82
CA ALA C 687 -40.30 24.30 17.45
C ALA C 687 -41.49 24.85 16.68
N PHE C 688 -41.96 26.03 17.08
CA PHE C 688 -43.04 26.69 16.36
C PHE C 688 -42.62 27.01 14.93
N LYS C 689 -41.46 27.66 14.76
CA LYS C 689 -41.02 28.05 13.42
C LYS C 689 -40.75 26.84 12.55
N HIS C 690 -40.49 25.69 13.16
CA HIS C 690 -40.24 24.48 12.40
C HIS C 690 -41.48 23.62 12.28
N LEU C 691 -42.66 24.22 12.50
CA LEU C 691 -43.95 23.64 12.11
C LEU C 691 -44.28 22.40 12.91
N LYS C 692 -43.83 22.33 14.15
CA LYS C 692 -43.97 21.14 14.97
C LYS C 692 -45.12 21.30 15.98
N ALA C 693 -45.65 20.14 16.40
CA ALA C 693 -46.65 20.08 17.46
C ALA C 693 -46.09 20.58 18.79
N ILE C 694 -46.89 21.40 19.48
CA ILE C 694 -46.57 21.92 20.81
C ILE C 694 -47.75 21.66 21.72
N GLY C 695 -47.51 20.97 22.82
CA GLY C 695 -48.55 20.68 23.81
C GLY C 695 -48.26 21.40 25.12
N LEU C 696 -49.29 22.09 25.63
CA LEU C 696 -49.15 22.90 26.85
C LEU C 696 -50.22 22.51 27.85
N GLN C 697 -49.81 22.13 29.07
CA GLN C 697 -50.72 21.72 30.13
C GLN C 697 -50.82 22.78 31.21
N GLY C 698 -52.01 23.37 31.36
CA GLY C 698 -52.30 24.19 32.53
C GLY C 698 -51.55 25.50 32.50
N LYS C 699 -50.86 25.81 33.61
CA LYS C 699 -50.08 27.05 33.72
C LYS C 699 -49.04 27.18 32.63
N ALA C 700 -48.60 26.06 32.03
CA ALA C 700 -47.62 26.08 30.96
C ALA C 700 -48.04 27.00 29.81
N PHE C 701 -49.34 27.18 29.61
CA PHE C 701 -49.75 28.12 28.57
C PHE C 701 -49.33 29.55 28.86
N LYS C 702 -49.13 29.91 30.14
CA LYS C 702 -48.64 31.24 30.43
C LYS C 702 -47.25 31.45 29.86
N LEU C 703 -46.52 30.35 29.63
CA LEU C 703 -45.20 30.42 29.01
C LEU C 703 -45.30 30.65 27.50
N TYR C 704 -46.35 30.13 26.86
CA TYR C 704 -46.54 30.36 25.42
C TYR C 704 -47.05 31.77 25.15
N ASP C 705 -47.93 32.25 26.03
CA ASP C 705 -48.53 33.57 25.89
C ASP C 705 -47.47 34.67 25.92
N ALA C 706 -46.43 34.50 26.76
CA ALA C 706 -45.39 35.51 26.92
C ALA C 706 -44.49 35.66 25.70
N LEU C 707 -44.54 34.73 24.73
CA LEU C 707 -43.71 34.78 23.54
C LEU C 707 -44.45 35.46 22.38
N PRO C 708 -43.69 36.07 21.44
CA PRO C 708 -44.27 36.72 20.26
C PRO C 708 -44.72 35.75 19.18
N LEU C 709 -45.44 34.70 19.60
CA LEU C 709 -46.09 33.67 18.81
C LEU C 709 -47.59 33.95 18.75
N PRO C 710 -48.25 33.67 17.63
CA PRO C 710 -49.67 34.05 17.52
C PRO C 710 -50.60 33.14 18.30
N LYS C 711 -51.91 33.36 18.14
CA LYS C 711 -52.91 32.53 18.78
C LYS C 711 -52.66 31.07 18.41
N PRO C 712 -52.82 30.13 19.35
CA PRO C 712 -52.70 28.70 19.02
C PRO C 712 -53.33 28.29 17.71
N ASP C 713 -52.57 27.64 16.83
CA ASP C 713 -53.16 27.10 15.62
C ASP C 713 -53.54 25.65 15.86
N GLU C 714 -53.82 24.90 14.77
CA GLU C 714 -54.24 23.52 14.93
C GLU C 714 -53.10 22.61 15.38
N GLY C 715 -51.86 23.10 15.43
CA GLY C 715 -50.75 22.34 15.95
C GLY C 715 -50.27 22.83 17.30
N ILE C 716 -51.15 23.51 18.03
CA ILE C 716 -50.89 23.94 19.40
C ILE C 716 -52.01 23.40 20.26
N VAL C 717 -51.68 22.55 21.23
CA VAL C 717 -52.70 21.82 21.95
C VAL C 717 -52.56 22.16 23.43
N VAL C 718 -53.65 22.68 24.00
CA VAL C 718 -53.69 23.12 25.38
C VAL C 718 -54.82 22.42 26.09
N GLY C 719 -54.57 22.06 27.34
CA GLY C 719 -55.59 21.46 28.18
C GLY C 719 -55.05 21.38 29.58
N ASP C 720 -55.83 20.79 30.46
CA ASP C 720 -55.38 20.62 31.83
C ASP C 720 -55.23 19.16 32.23
N LYS C 721 -56.10 18.27 31.74
CA LYS C 721 -55.92 16.86 32.04
C LYS C 721 -54.77 16.33 31.17
N ALA C 722 -53.75 15.78 31.83
CA ALA C 722 -52.50 15.51 31.13
C ALA C 722 -52.64 14.33 30.17
N ALA C 723 -53.40 13.31 30.55
CA ALA C 723 -53.64 12.17 29.65
C ALA C 723 -54.42 12.59 28.41
N ASP C 724 -55.52 13.32 28.60
CA ASP C 724 -56.31 13.77 27.46
C ASP C 724 -55.50 14.71 26.58
N LEU C 725 -54.68 15.57 27.20
CA LEU C 725 -53.83 16.46 26.41
C LEU C 725 -52.81 15.68 25.61
N ALA C 726 -52.14 14.71 26.25
CA ALA C 726 -51.16 13.90 25.54
C ALA C 726 -51.79 13.18 24.36
N GLU C 727 -53.06 12.74 24.50
CA GLU C 727 -53.72 12.03 23.43
C GLU C 727 -53.93 12.92 22.21
N ALA C 728 -54.44 14.13 22.41
CA ALA C 728 -54.68 15.03 21.29
C ALA C 728 -53.37 15.49 20.66
N PHE C 729 -52.36 15.75 21.49
CA PHE C 729 -51.01 16.01 21.00
C PHE C 729 -50.55 14.92 20.04
N CYS C 730 -50.56 13.65 20.48
CA CYS C 730 -50.13 12.56 19.62
C CYS C 730 -50.90 12.56 18.32
N ASN C 731 -52.18 12.93 18.38
CA ASN C 731 -53.01 12.97 17.18
C ASN C 731 -52.57 14.08 16.23
N VAL C 732 -52.18 15.24 16.77
CA VAL C 732 -51.58 16.30 15.96
C VAL C 732 -50.25 15.84 15.34
N MET C 733 -49.40 15.14 16.10
CA MET C 733 -48.11 14.75 15.53
C MET C 733 -48.25 13.83 14.32
N ARG C 734 -49.46 13.32 14.05
CA ARG C 734 -49.69 12.49 12.87
C ARG C 734 -49.57 13.26 11.57
N GLY C 735 -49.67 14.58 11.60
CA GLY C 735 -49.53 15.36 10.39
C GLY C 735 -48.12 15.60 9.98
N HIS C 736 -47.17 15.08 10.77
CA HIS C 736 -45.72 15.29 10.64
C HIS C 736 -45.34 16.74 10.93
N ARG C 737 -45.71 17.67 10.03
CA ARG C 737 -45.46 19.09 10.23
C ARG C 737 -46.75 19.87 10.00
N ILE C 738 -46.84 21.03 10.65
CA ILE C 738 -48.01 21.92 10.50
C ILE C 738 -47.72 22.85 9.33
N TRP C 739 -48.03 22.40 8.11
CA TRP C 739 -47.64 23.18 6.94
C TRP C 739 -48.34 24.53 6.87
N SER C 740 -49.61 24.58 7.28
CA SER C 740 -50.36 25.84 7.15
C SER C 740 -49.72 26.97 7.94
N ARG C 741 -48.88 26.63 8.93
CA ARG C 741 -48.18 27.59 9.76
C ARG C 741 -47.00 28.24 9.07
N GLU C 742 -46.59 27.72 7.90
CA GLU C 742 -45.34 28.12 7.27
C GLU C 742 -45.27 29.63 7.05
N SER C 743 -46.40 30.26 6.74
CA SER C 743 -46.37 31.67 6.36
C SER C 743 -46.07 32.58 7.56
N VAL C 744 -46.73 32.33 8.69
CA VAL C 744 -46.55 33.21 9.83
C VAL C 744 -45.21 32.96 10.51
N ALA C 745 -44.69 31.73 10.41
CA ALA C 745 -43.39 31.45 11.03
C ALA C 745 -42.26 32.23 10.37
N GLN C 746 -42.50 32.82 9.19
CA GLN C 746 -41.45 33.58 8.52
C GLN C 746 -41.16 34.89 9.23
N GLU C 747 -42.15 35.46 9.90
CA GLU C 747 -41.95 36.72 10.61
C GLU C 747 -41.37 36.51 12.00
N ILE C 748 -41.59 35.34 12.59
CA ILE C 748 -41.22 35.12 13.99
C ILE C 748 -39.69 35.14 14.10
N ALA C 749 -39.21 35.76 15.17
CA ALA C 749 -37.81 36.13 15.33
C ALA C 749 -37.08 35.06 16.13
N GLY C 750 -36.63 34.03 15.42
CA GLY C 750 -35.89 32.93 16.06
C GLY C 750 -35.29 32.00 15.04
N ASN D 16 45.72 5.60 15.37
CA ASN D 16 45.91 4.28 14.76
C ASN D 16 44.82 4.02 13.71
N LYS D 17 45.21 3.41 12.58
CA LYS D 17 44.29 3.27 11.46
C LYS D 17 43.10 2.38 11.80
N ALA D 18 43.30 1.34 12.61
CA ALA D 18 42.19 0.43 12.92
C ALA D 18 41.10 1.15 13.70
N ILE D 19 41.47 1.93 14.71
CA ILE D 19 40.46 2.75 15.40
C ILE D 19 39.79 3.69 14.42
N SER D 20 40.54 4.21 13.44
CA SER D 20 39.97 5.20 12.55
C SER D 20 38.85 4.63 11.68
N THR D 21 38.82 3.30 11.44
CA THR D 21 37.78 2.81 10.55
C THR D 21 36.40 2.77 11.19
N VAL D 22 36.29 2.90 12.51
CA VAL D 22 34.99 2.92 13.21
C VAL D 22 34.67 4.30 13.76
N GLU D 23 35.37 5.33 13.30
CA GLU D 23 35.08 6.72 13.59
C GLU D 23 34.80 7.41 12.27
N PRO D 24 34.18 8.60 12.30
CA PRO D 24 33.73 9.25 11.06
C PRO D 24 34.86 9.45 10.07
N HIS D 25 34.54 9.24 8.79
CA HIS D 25 35.50 9.17 7.70
C HIS D 25 35.53 10.53 6.99
N TYR D 26 36.44 11.39 7.43
CA TYR D 26 36.53 12.73 6.91
C TYR D 26 37.54 12.90 5.79
N GLU D 27 38.24 11.84 5.39
CA GLU D 27 39.32 11.97 4.41
C GLU D 27 39.05 11.12 3.18
N ASP D 28 39.88 11.32 2.16
CA ASP D 28 39.70 10.61 0.90
C ASP D 28 39.90 9.11 1.09
N THR D 29 39.30 8.35 0.19
CA THR D 29 39.45 6.91 0.18
C THR D 29 39.86 6.38 -1.19
N ALA D 30 39.73 7.18 -2.24
CA ALA D 30 40.16 6.74 -3.57
C ALA D 30 41.69 6.59 -3.60
N PRO D 31 42.20 5.73 -4.47
CA PRO D 31 43.66 5.57 -4.60
C PRO D 31 44.29 6.72 -5.37
N ALA D 32 45.59 6.91 -5.10
CA ALA D 32 46.37 8.00 -5.69
C ALA D 32 46.59 7.83 -7.19
N GLU D 33 47.50 6.95 -7.59
CA GLU D 33 47.87 6.82 -9.00
C GLU D 33 48.62 5.51 -9.22
N LYS D 34 49.21 5.37 -10.42
CA LYS D 34 49.96 4.24 -10.97
C LYS D 34 49.06 3.31 -11.79
N VAL D 35 47.75 3.37 -11.53
CA VAL D 35 46.75 2.71 -12.36
C VAL D 35 45.40 3.29 -11.94
N VAL D 47 38.44 -4.15 -19.38
CA VAL D 47 39.39 -3.37 -18.60
C VAL D 47 38.63 -2.44 -17.66
N GLU D 48 37.59 -1.77 -18.19
CA GLU D 48 36.84 -0.83 -17.36
C GLU D 48 35.63 -1.50 -16.73
N PRO D 49 35.30 -1.16 -15.50
CA PRO D 49 34.08 -1.68 -14.88
C PRO D 49 32.84 -1.13 -15.58
N MET D 50 31.78 -1.91 -15.51
CA MET D 50 30.48 -1.42 -15.96
C MET D 50 30.08 -0.20 -15.13
N MET D 51 29.50 0.81 -15.80
CA MET D 51 29.23 2.11 -15.19
C MET D 51 27.85 2.61 -15.57
N PRO D 52 27.24 3.45 -14.73
CA PRO D 52 25.99 4.11 -15.13
C PRO D 52 26.17 4.79 -16.50
N GLY D 53 25.13 4.70 -17.32
CA GLY D 53 25.23 5.22 -18.68
C GLY D 53 25.64 6.66 -18.75
N SER D 54 25.36 7.44 -17.70
CA SER D 54 25.80 8.83 -17.70
C SER D 54 27.31 8.93 -17.52
N ASP D 55 27.92 7.95 -16.85
CA ASP D 55 29.38 7.91 -16.74
C ASP D 55 30.02 7.49 -18.07
N LYS D 56 29.50 6.45 -18.70
CA LYS D 56 30.22 5.92 -19.86
C LYS D 56 29.79 6.53 -21.18
N THR D 57 28.50 6.78 -21.39
CA THR D 57 28.09 7.25 -22.71
C THR D 57 27.32 8.56 -22.66
N PRO D 58 27.86 9.62 -22.04
CA PRO D 58 27.07 10.86 -21.91
C PRO D 58 26.74 11.55 -23.23
N LYS D 59 27.45 11.25 -24.33
CA LYS D 59 27.17 11.88 -25.61
C LYS D 59 26.03 11.23 -26.36
N ASN D 60 25.60 10.05 -25.95
CA ASN D 60 24.43 9.41 -26.54
C ASN D 60 23.19 10.02 -25.87
N ARG D 61 22.52 10.91 -26.57
CA ARG D 61 21.46 11.70 -25.97
C ARG D 61 20.17 11.49 -26.72
N ASN D 62 19.07 11.87 -26.05
CA ASN D 62 17.77 12.01 -26.71
C ASN D 62 16.90 12.90 -25.83
N GLU D 63 15.68 13.16 -26.31
CA GLU D 63 14.81 14.10 -25.58
C GLU D 63 14.38 13.54 -24.23
N LYS D 64 14.27 12.21 -24.11
CA LYS D 64 13.86 11.58 -22.86
C LYS D 64 14.96 11.66 -21.81
N LEU D 65 16.19 11.29 -22.20
CA LEU D 65 17.30 11.35 -21.26
C LEU D 65 17.48 12.76 -20.73
N THR D 66 17.34 13.77 -21.60
CA THR D 66 17.41 15.16 -21.13
C THR D 66 16.32 15.45 -20.09
N GLN D 67 15.09 15.00 -20.35
CA GLN D 67 14.05 15.10 -19.32
C GLN D 67 14.50 14.44 -18.02
N LEU D 68 15.13 13.27 -18.11
CA LEU D 68 15.56 12.56 -16.90
C LEU D 68 16.75 13.26 -16.23
N ASP D 69 17.49 14.09 -16.96
CA ASP D 69 18.65 14.75 -16.38
C ASP D 69 18.27 15.56 -15.13
N LYS D 70 17.05 16.04 -15.05
CA LYS D 70 16.65 16.85 -13.92
C LYS D 70 16.58 16.07 -12.62
N PHE D 71 16.49 14.75 -12.70
CA PHE D 71 16.29 13.95 -11.50
C PHE D 71 17.57 13.30 -11.01
N ARG D 72 18.73 13.66 -11.58
CA ARG D 72 20.03 13.08 -11.26
C ARG D 72 20.80 13.97 -10.29
N PHE D 73 21.83 13.39 -9.65
CA PHE D 73 22.55 14.12 -8.60
C PHE D 73 24.04 13.73 -8.54
N ALA D 74 24.87 14.75 -8.34
CA ALA D 74 26.31 14.63 -8.22
C ALA D 74 26.68 14.77 -6.76
N PRO D 75 26.96 13.68 -6.04
CA PRO D 75 27.37 13.79 -4.63
C PRO D 75 28.76 14.35 -4.42
N GLN D 76 29.56 14.52 -5.48
CA GLN D 76 30.95 14.96 -5.33
C GLN D 76 31.03 16.23 -4.49
N GLY D 77 31.79 16.15 -3.39
CA GLY D 77 31.94 17.27 -2.49
C GLY D 77 30.72 17.60 -1.64
N GLU D 78 29.70 16.75 -1.63
CA GLU D 78 28.51 16.98 -0.83
C GLU D 78 28.58 16.26 0.51
N SER D 79 27.95 16.85 1.51
CA SER D 79 27.85 16.24 2.83
C SER D 79 26.81 15.13 2.83
N LEU D 80 27.02 14.17 3.72
CA LEU D 80 26.04 13.12 3.97
C LEU D 80 24.94 13.69 4.86
N ARG D 81 23.69 13.48 4.45
CA ARG D 81 22.57 14.18 5.08
C ARG D 81 21.41 13.22 5.36
N THR D 82 20.57 13.60 6.31
CA THR D 82 19.25 13.01 6.41
C THR D 82 18.44 13.35 5.17
N ASN D 83 17.28 12.71 5.05
CA ASN D 83 16.35 13.09 3.99
C ASN D 83 15.76 14.47 4.20
N GLN D 84 15.91 15.04 5.38
CA GLN D 84 15.48 16.41 5.65
C GLN D 84 16.59 17.43 5.43
N GLY D 85 17.76 16.99 4.99
CA GLY D 85 18.84 17.90 4.67
C GLY D 85 19.80 18.20 5.79
N VAL D 86 19.81 17.40 6.86
CA VAL D 86 20.63 17.67 8.04
C VAL D 86 21.93 16.89 7.94
N LYS D 87 23.05 17.60 7.97
CA LYS D 87 24.36 16.96 7.89
C LYS D 87 24.53 15.93 8.99
N ILE D 88 25.12 14.79 8.64
CA ILE D 88 25.42 13.71 9.58
C ILE D 88 26.90 13.75 9.93
N SER D 89 27.19 13.76 11.23
CA SER D 89 28.58 13.80 11.67
C SER D 89 29.17 12.41 11.88
N ASP D 90 28.40 11.44 12.36
CA ASP D 90 28.90 10.10 12.66
C ASP D 90 27.97 9.05 12.05
N ASN D 91 28.33 8.55 10.87
CA ASN D 91 27.61 7.47 10.19
C ASN D 91 28.13 6.07 10.59
N GLN D 92 28.86 5.95 11.70
CA GLN D 92 29.38 4.65 12.10
C GLN D 92 28.79 4.13 13.40
N ASN D 93 28.04 4.96 14.13
CA ASN D 93 27.54 4.58 15.45
C ASN D 93 26.12 5.06 15.69
N SER D 94 25.31 4.16 16.23
CA SER D 94 24.06 4.54 16.84
C SER D 94 24.31 5.42 18.06
N LEU D 95 23.34 6.26 18.38
CA LEU D 95 23.37 7.02 19.62
C LEU D 95 22.92 6.12 20.77
N LYS D 96 23.80 5.95 21.74
CA LYS D 96 23.55 5.11 22.90
C LYS D 96 23.74 5.93 24.18
N SER D 97 23.43 5.29 25.31
CA SER D 97 23.79 5.85 26.62
C SER D 97 25.18 5.35 26.98
N GLY D 98 26.18 5.98 26.40
CA GLY D 98 27.54 5.56 26.62
C GLY D 98 28.05 4.69 25.48
N ALA D 99 29.38 4.65 25.34
CA ALA D 99 29.99 3.90 24.26
C ALA D 99 29.64 2.42 24.32
N ARG D 100 29.24 1.91 25.49
CA ARG D 100 28.87 0.51 25.64
C ARG D 100 27.44 0.34 26.13
N GLY D 101 26.56 1.30 25.83
CA GLY D 101 25.25 1.36 26.43
C GLY D 101 24.12 0.91 25.51
N SER D 102 22.89 1.24 25.94
CA SER D 102 21.68 0.94 25.18
C SER D 102 21.41 2.01 24.13
N THR D 103 20.90 1.58 22.97
CA THR D 103 20.60 2.51 21.89
C THR D 103 19.35 3.33 22.22
N LEU D 104 19.45 4.64 22.01
CA LEU D 104 18.38 5.55 22.41
C LEU D 104 17.31 5.69 21.33
N LEU D 105 16.05 5.74 21.77
CA LEU D 105 14.96 5.94 20.82
C LEU D 105 15.11 7.27 20.08
N GLU D 106 15.68 8.29 20.72
CA GLU D 106 15.82 9.63 20.12
C GLU D 106 16.77 9.67 18.92
N ASP D 107 17.39 8.56 18.53
CA ASP D 107 18.32 8.57 17.40
C ASP D 107 17.52 8.53 16.10
N PHE D 108 17.08 9.73 15.68
CA PHE D 108 16.34 9.84 14.42
C PHE D 108 17.19 9.53 13.20
N ILE D 109 18.50 9.81 13.25
CA ILE D 109 19.38 9.50 12.13
C ILE D 109 19.35 7.99 11.85
N LEU D 110 19.60 7.18 12.88
CA LEU D 110 19.48 5.73 12.75
C LEU D 110 18.10 5.33 12.23
N ARG D 111 17.06 5.77 12.92
CA ARG D 111 15.73 5.29 12.55
C ARG D 111 15.37 5.69 11.13
N GLU D 112 15.72 6.91 10.70
CA GLU D 112 15.44 7.32 9.32
C GLU D 112 16.16 6.44 8.32
N LYS D 113 17.43 6.14 8.58
CA LYS D 113 18.21 5.33 7.65
C LYS D 113 17.70 3.89 7.60
N ILE D 114 17.40 3.30 8.74
CA ILE D 114 16.90 1.92 8.75
C ILE D 114 15.49 1.85 8.17
N THR D 115 14.65 2.83 8.51
CA THR D 115 13.30 2.86 7.95
C THR D 115 13.35 2.78 6.44
N HIS D 116 14.14 3.65 5.82
CA HIS D 116 14.13 3.70 4.37
C HIS D 116 14.61 2.38 3.80
N PHE D 117 15.70 1.84 4.36
CA PHE D 117 16.22 0.55 3.94
C PHE D 117 15.16 -0.54 4.09
N ASP D 118 14.51 -0.59 5.26
CA ASP D 118 13.42 -1.54 5.50
C ASP D 118 12.34 -1.53 4.43
N HIS D 119 12.20 -0.44 3.65
CA HIS D 119 11.08 -0.33 2.72
C HIS D 119 11.55 -0.15 1.27
N GLU D 120 12.73 -0.68 0.94
CA GLU D 120 13.27 -0.51 -0.40
C GLU D 120 12.51 -1.30 -1.46
N ARG D 121 11.98 -2.46 -1.11
CA ARG D 121 11.49 -3.41 -2.09
C ARG D 121 10.03 -3.13 -2.41
N ILE D 122 9.67 -3.32 -3.68
CA ILE D 122 8.29 -3.23 -4.14
C ILE D 122 7.97 -4.57 -4.77
N PRO D 123 6.71 -4.88 -5.06
CA PRO D 123 6.39 -6.17 -5.67
C PRO D 123 7.07 -6.30 -7.03
N GLU D 124 7.54 -7.50 -7.33
CA GLU D 124 8.00 -7.76 -8.68
C GLU D 124 6.80 -7.89 -9.62
N ARG D 125 7.06 -7.74 -10.92
CA ARG D 125 6.04 -8.03 -11.92
C ARG D 125 5.60 -9.48 -11.78
N VAL D 126 4.28 -9.70 -11.90
CA VAL D 126 3.69 -11.03 -11.73
C VAL D 126 4.13 -11.98 -12.85
N VAL D 127 4.47 -11.43 -14.02
CA VAL D 127 5.17 -12.18 -15.06
C VAL D 127 6.23 -11.27 -15.65
N HIS D 128 7.25 -11.88 -16.27
CA HIS D 128 8.41 -11.12 -16.76
C HIS D 128 9.07 -10.31 -15.64
N ALA D 129 9.09 -10.86 -14.43
CA ALA D 129 9.77 -10.19 -13.32
C ALA D 129 11.29 -10.06 -13.53
N ARG D 130 11.91 -10.89 -14.36
CA ARG D 130 13.37 -10.82 -14.57
C ARG D 130 13.63 -10.11 -15.89
N GLY D 131 14.22 -8.91 -15.84
CA GLY D 131 14.35 -8.10 -17.05
C GLY D 131 15.48 -7.09 -17.02
N THR D 132 15.84 -6.59 -18.20
CA THR D 132 16.88 -5.58 -18.32
C THR D 132 16.44 -4.48 -19.27
N GLY D 133 16.84 -3.25 -18.98
CA GLY D 133 16.42 -2.13 -19.77
C GLY D 133 17.56 -1.31 -20.36
N ALA D 134 17.28 -0.59 -21.44
CA ALA D 134 18.28 0.26 -22.04
C ALA D 134 17.55 1.37 -22.76
N HIS D 135 18.14 2.56 -22.76
CA HIS D 135 17.59 3.68 -23.52
C HIS D 135 18.09 3.61 -24.97
N GLY D 136 17.32 4.20 -25.88
CA GLY D 136 17.69 4.33 -27.27
C GLY D 136 16.83 5.31 -28.05
N TYR D 137 16.74 5.13 -29.36
CA TYR D 137 15.93 6.00 -30.20
C TYR D 137 15.49 5.21 -31.43
N PHE D 138 14.35 5.62 -31.97
CA PHE D 138 13.72 5.04 -33.15
C PHE D 138 13.66 6.09 -34.25
N GLN D 139 13.87 5.66 -35.51
CA GLN D 139 13.71 6.55 -36.66
C GLN D 139 12.95 5.82 -37.75
N VAL D 140 11.85 6.43 -38.25
CA VAL D 140 11.09 5.88 -39.37
C VAL D 140 11.83 6.19 -40.68
N TYR D 141 11.76 5.25 -41.63
CA TYR D 141 12.49 5.37 -42.90
C TYR D 141 11.82 6.36 -43.85
N GLU D 142 10.51 6.25 -43.98
CA GLU D 142 9.72 7.13 -44.82
C GLU D 142 8.36 7.30 -44.15
N SER D 143 7.67 8.39 -44.42
CA SER D 143 6.34 8.62 -43.86
C SER D 143 5.42 7.45 -44.15
N LEU D 144 4.77 6.95 -43.10
CA LEU D 144 3.79 5.89 -43.26
C LEU D 144 2.38 6.44 -43.40
N ALA D 145 2.25 7.71 -43.82
CA ALA D 145 0.98 8.44 -43.80
C ALA D 145 -0.13 7.73 -44.58
N SER D 146 0.21 6.95 -45.60
CA SER D 146 -0.85 6.27 -46.34
C SER D 146 -1.44 5.10 -45.58
N TYR D 147 -0.86 4.73 -44.43
CA TYR D 147 -1.38 3.66 -43.59
C TYR D 147 -1.78 4.11 -42.18
N THR D 148 -1.22 5.21 -41.67
CA THR D 148 -1.44 5.59 -40.28
C THR D 148 -1.15 7.08 -40.12
N THR D 149 -1.87 7.71 -39.21
CA THR D 149 -1.54 9.06 -38.79
C THR D 149 -0.54 9.11 -37.64
N ALA D 150 -0.13 7.96 -37.09
CA ALA D 150 0.72 7.96 -35.91
C ALA D 150 1.95 8.84 -36.10
N GLU D 151 2.08 9.88 -35.26
CA GLU D 151 3.04 10.94 -35.54
C GLU D 151 4.47 10.42 -35.59
N PHE D 152 4.81 9.41 -34.79
CA PHE D 152 6.19 8.96 -34.75
C PHE D 152 6.58 8.14 -35.98
N LEU D 153 5.62 7.82 -36.86
CA LEU D 153 5.86 7.15 -38.12
C LEU D 153 5.62 8.06 -39.32
N GLN D 154 5.74 9.38 -39.13
CA GLN D 154 5.46 10.37 -40.16
C GLN D 154 6.70 11.03 -40.75
N ASP D 155 7.78 11.17 -39.98
CA ASP D 155 8.88 12.06 -40.30
C ASP D 155 10.23 11.40 -40.07
N PRO D 156 10.94 11.00 -41.14
CA PRO D 156 12.27 10.38 -40.94
C PRO D 156 13.29 11.23 -40.23
N SER D 157 13.07 12.55 -40.12
CA SER D 157 14.05 13.43 -39.49
C SER D 157 14.08 13.30 -37.98
N VAL D 158 12.97 12.90 -37.38
CA VAL D 158 12.85 12.96 -35.93
C VAL D 158 13.45 11.70 -35.32
N LYS D 159 14.05 11.87 -34.15
CA LYS D 159 14.59 10.77 -33.35
C LYS D 159 13.65 10.57 -32.18
N THR D 160 12.82 9.53 -32.27
CA THR D 160 11.87 9.22 -31.22
C THR D 160 12.56 8.46 -30.11
N PRO D 161 12.65 9.00 -28.89
CA PRO D 161 13.28 8.25 -27.79
C PRO D 161 12.53 6.96 -27.46
N VAL D 162 13.28 5.91 -27.14
CA VAL D 162 12.65 4.68 -26.67
C VAL D 162 13.31 4.23 -25.36
N PHE D 163 12.56 3.47 -24.57
CA PHE D 163 13.13 2.64 -23.53
C PHE D 163 12.64 1.21 -23.72
N VAL D 164 13.57 0.27 -23.79
CA VAL D 164 13.23 -1.13 -24.00
C VAL D 164 13.53 -1.91 -22.73
N ARG D 165 12.63 -2.82 -22.38
CA ARG D 165 12.87 -3.79 -21.32
C ARG D 165 12.74 -5.17 -21.93
N PHE D 166 13.84 -5.94 -21.93
CA PHE D 166 13.84 -7.35 -22.25
C PHE D 166 13.67 -8.14 -20.98
N SER D 167 13.16 -9.37 -21.09
CA SER D 167 12.86 -10.17 -19.91
C SER D 167 12.70 -11.63 -20.30
N THR D 168 12.74 -12.51 -19.29
CA THR D 168 12.14 -13.83 -19.39
C THR D 168 10.68 -13.71 -18.94
N VAL D 169 9.98 -14.82 -18.76
CA VAL D 169 8.57 -14.82 -18.37
C VAL D 169 8.37 -15.40 -16.96
N GLN D 170 8.72 -16.67 -16.76
CA GLN D 170 8.22 -17.43 -15.63
C GLN D 170 8.89 -17.00 -14.32
N GLY D 171 10.22 -16.83 -14.33
CA GLY D 171 10.96 -16.72 -13.10
C GLY D 171 10.81 -15.38 -12.41
N SER D 172 11.06 -15.40 -11.10
CA SER D 172 11.12 -14.21 -10.27
C SER D 172 12.38 -13.40 -10.56
N ARG D 173 12.44 -12.29 -9.84
N ARG D 173 12.46 -12.20 -9.96
CA ARG D 173 13.62 -11.49 -9.91
CA ARG D 173 13.51 -11.20 -10.29
C ARG D 173 14.62 -12.42 -9.30
C ARG D 173 14.97 -11.70 -10.17
N GLY D 174 15.84 -12.31 -9.72
N GLY D 174 15.22 -12.72 -9.38
CA GLY D 174 16.88 -13.19 -9.26
CA GLY D 174 16.58 -13.21 -9.16
C GLY D 174 17.04 -14.48 -10.05
C GLY D 174 16.96 -14.39 -10.02
N SER D 175 16.00 -14.93 -10.76
CA SER D 175 16.18 -16.10 -11.60
C SER D 175 17.15 -15.80 -12.73
N ALA D 176 17.51 -16.82 -13.48
CA ALA D 176 18.69 -16.69 -14.33
C ALA D 176 18.31 -16.28 -15.76
N ASP D 177 19.29 -15.66 -16.43
CA ASP D 177 19.03 -15.11 -17.77
C ASP D 177 18.77 -16.21 -18.80
N THR D 178 19.69 -17.17 -18.90
CA THR D 178 19.70 -18.10 -20.04
C THR D 178 18.86 -19.34 -19.80
N VAL D 179 17.69 -19.20 -19.17
CA VAL D 179 16.75 -20.31 -19.00
C VAL D 179 16.13 -20.62 -20.36
N ARG D 180 15.45 -21.76 -20.46
CA ARG D 180 14.55 -21.97 -21.58
C ARG D 180 13.21 -21.31 -21.28
N ASP D 181 12.89 -20.25 -22.01
CA ASP D 181 11.65 -19.52 -21.78
C ASP D 181 11.37 -18.68 -23.01
N ILE D 182 10.12 -18.22 -23.13
CA ILE D 182 9.81 -17.09 -24.01
C ILE D 182 10.53 -15.86 -23.48
N ARG D 183 10.96 -14.99 -24.37
CA ARG D 183 11.55 -13.72 -23.95
C ARG D 183 10.57 -12.60 -24.23
N GLY D 184 10.39 -11.71 -23.24
CA GLY D 184 9.58 -10.54 -23.42
C GLY D 184 10.41 -9.41 -23.99
N TRP D 185 9.74 -8.51 -24.70
CA TRP D 185 10.41 -7.43 -25.42
C TRP D 185 9.42 -6.26 -25.50
N ALA D 186 9.52 -5.36 -24.53
CA ALA D 186 8.61 -4.24 -24.45
C ALA D 186 9.36 -2.96 -24.81
N THR D 187 8.78 -2.17 -25.71
CA THR D 187 9.41 -0.96 -26.21
C THR D 187 8.47 0.21 -25.98
N LYS D 188 8.92 1.19 -25.20
CA LYS D 188 8.16 2.39 -24.94
C LYS D 188 8.71 3.47 -25.86
N PHE D 189 7.84 4.02 -26.72
CA PHE D 189 8.18 5.09 -27.67
C PHE D 189 7.65 6.40 -27.10
N TYR D 190 8.53 7.33 -26.76
CA TYR D 190 8.06 8.59 -26.21
C TYR D 190 7.75 9.52 -27.39
N THR D 191 6.56 9.42 -27.95
CA THR D 191 6.28 10.24 -29.12
C THR D 191 5.68 11.58 -28.69
N LYS D 192 5.62 12.50 -29.65
CA LYS D 192 5.18 13.85 -29.37
C LYS D 192 3.67 14.00 -29.21
N GLU D 193 2.88 13.00 -29.59
N GLU D 193 2.87 13.00 -29.58
CA GLU D 193 1.44 13.00 -29.32
CA GLU D 193 1.44 13.03 -29.29
C GLU D 193 1.06 11.77 -28.50
C GLU D 193 1.05 11.80 -28.48
N GLY D 194 1.90 11.42 -27.53
CA GLY D 194 1.61 10.34 -26.63
C GLY D 194 2.67 9.26 -26.53
N THR D 195 2.71 8.59 -25.40
CA THR D 195 3.61 7.47 -25.21
C THR D 195 2.98 6.21 -25.77
N PHE D 196 3.65 5.55 -26.70
CA PHE D 196 3.14 4.33 -27.32
C PHE D 196 3.99 3.14 -26.86
N ASP D 197 3.33 2.12 -26.31
CA ASP D 197 3.99 0.91 -25.85
C ASP D 197 3.73 -0.23 -26.84
N LEU D 198 4.79 -0.77 -27.40
CA LEU D 198 4.71 -2.00 -28.18
C LEU D 198 5.24 -3.13 -27.29
N VAL D 199 4.33 -3.96 -26.80
CA VAL D 199 4.65 -4.91 -25.73
C VAL D 199 4.63 -6.31 -26.34
N GLY D 200 5.80 -6.88 -26.66
CA GLY D 200 5.88 -8.08 -27.46
C GLY D 200 6.70 -9.19 -26.82
N ASN D 201 6.85 -10.28 -27.57
CA ASN D 201 7.61 -11.46 -27.16
C ASN D 201 8.57 -11.83 -28.30
N ASN D 202 9.46 -12.80 -28.05
CA ASN D 202 10.44 -13.20 -29.05
C ASN D 202 10.03 -14.41 -29.89
N THR D 203 8.76 -14.85 -29.79
CA THR D 203 8.13 -15.72 -30.78
C THR D 203 6.87 -15.05 -31.32
N PRO D 204 6.39 -15.44 -32.51
CA PRO D 204 5.25 -14.73 -33.15
C PRO D 204 3.85 -15.20 -32.75
N VAL D 205 3.72 -16.14 -31.81
CA VAL D 205 2.42 -16.61 -31.35
C VAL D 205 2.45 -16.66 -29.84
N PHE D 206 1.28 -16.80 -29.24
CA PHE D 206 1.22 -17.05 -27.81
C PHE D 206 0.61 -18.43 -27.56
N PHE D 207 0.62 -18.83 -26.29
CA PHE D 207 0.17 -20.16 -25.90
C PHE D 207 -1.36 -20.28 -25.91
N ILE D 208 -2.08 -19.22 -25.59
CA ILE D 208 -3.52 -19.35 -25.34
C ILE D 208 -4.28 -18.38 -26.22
N GLN D 209 -5.56 -18.71 -26.43
CA GLN D 209 -6.42 -17.93 -27.30
C GLN D 209 -7.20 -16.82 -26.57
N ASP D 210 -7.48 -16.97 -25.28
CA ASP D 210 -8.38 -16.05 -24.60
C ASP D 210 -7.84 -15.63 -23.25
N ALA D 211 -7.92 -14.32 -22.99
CA ALA D 211 -7.39 -13.71 -21.76
C ALA D 211 -7.83 -14.41 -20.48
N ILE D 212 -9.04 -14.98 -20.44
CA ILE D 212 -9.50 -15.59 -19.20
C ILE D 212 -8.62 -16.77 -18.82
N LYS D 213 -7.95 -17.38 -19.78
CA LYS D 213 -7.09 -18.52 -19.50
C LYS D 213 -5.73 -18.12 -18.94
N PHE D 214 -5.36 -16.85 -19.04
CA PHE D 214 -4.02 -16.42 -18.67
C PHE D 214 -3.61 -16.81 -17.24
N PRO D 215 -4.41 -16.60 -16.19
CA PRO D 215 -3.94 -17.02 -14.86
C PRO D 215 -3.75 -18.52 -14.74
N ASP D 216 -4.62 -19.31 -15.39
CA ASP D 216 -4.45 -20.77 -15.39
C ASP D 216 -3.12 -21.17 -16.01
N PHE D 217 -2.85 -20.66 -17.22
CA PHE D 217 -1.60 -20.98 -17.90
C PHE D 217 -0.41 -20.55 -17.07
N VAL D 218 -0.40 -19.29 -16.60
CA VAL D 218 0.71 -18.79 -15.80
C VAL D 218 0.88 -19.61 -14.52
N HIS D 219 -0.22 -19.88 -13.80
CA HIS D 219 -0.13 -20.72 -12.62
C HIS D 219 0.48 -22.08 -12.96
N ALA D 220 0.08 -22.62 -14.11
CA ALA D 220 0.60 -23.90 -14.56
C ALA D 220 2.11 -23.87 -14.75
N VAL D 221 2.63 -22.79 -15.39
CA VAL D 221 4.07 -22.74 -15.69
C VAL D 221 4.91 -22.28 -14.49
N LYS D 222 4.35 -21.40 -13.64
CA LYS D 222 5.04 -20.89 -12.45
C LYS D 222 5.39 -22.02 -11.49
N PRO D 223 6.29 -21.78 -10.52
CA PRO D 223 6.62 -22.84 -9.55
C PRO D 223 5.35 -23.34 -8.88
N GLU D 224 5.35 -24.63 -8.52
CA GLU D 224 4.12 -25.25 -8.05
C GLU D 224 3.77 -24.75 -6.65
N PRO D 225 2.48 -24.59 -6.32
CA PRO D 225 2.11 -23.77 -5.16
C PRO D 225 2.43 -24.39 -3.81
N HIS D 226 2.65 -25.70 -3.70
CA HIS D 226 2.97 -26.26 -2.39
C HIS D 226 4.40 -25.90 -1.96
N ASN D 227 5.37 -26.07 -2.87
CA ASN D 227 6.79 -25.97 -2.52
C ASN D 227 7.53 -24.85 -3.26
N GLU D 228 6.84 -24.10 -4.13
CA GLU D 228 7.45 -23.12 -5.03
C GLU D 228 8.66 -23.71 -5.78
N ILE D 229 8.42 -24.82 -6.45
CA ILE D 229 9.45 -25.44 -7.30
C ILE D 229 8.82 -25.74 -8.67
N PRO D 230 9.51 -25.49 -9.78
CA PRO D 230 10.90 -25.02 -9.90
C PRO D 230 11.04 -23.59 -10.44
N GLN D 231 12.19 -22.98 -10.20
CA GLN D 231 12.49 -21.63 -10.67
C GLN D 231 12.98 -21.60 -12.12
N GLY D 232 12.34 -20.76 -12.93
CA GLY D 232 12.76 -20.57 -14.33
C GLY D 232 12.75 -21.83 -15.18
N GLN D 233 11.75 -22.69 -15.00
CA GLN D 233 11.61 -23.89 -15.81
C GLN D 233 10.14 -24.24 -15.97
N SER D 234 9.77 -24.61 -17.19
CA SER D 234 8.52 -25.30 -17.48
C SER D 234 8.59 -26.80 -17.28
N ALA D 235 9.77 -27.34 -16.96
CA ALA D 235 9.96 -28.79 -16.87
C ALA D 235 9.42 -29.31 -15.54
N HIS D 236 8.09 -29.29 -15.41
CA HIS D 236 7.45 -29.89 -14.25
C HIS D 236 5.99 -30.20 -14.58
N ASP D 237 5.36 -30.95 -13.68
CA ASP D 237 4.13 -31.66 -14.01
C ASP D 237 3.00 -30.71 -14.39
N THR D 238 2.79 -29.63 -13.60
CA THR D 238 1.59 -28.79 -13.78
C THR D 238 1.60 -28.10 -15.14
N PHE D 239 2.77 -27.67 -15.60
CA PHE D 239 2.84 -27.02 -16.90
C PHE D 239 2.42 -27.98 -17.99
N TRP D 240 3.03 -29.17 -18.02
CA TRP D 240 2.73 -30.12 -19.06
C TRP D 240 1.40 -30.81 -18.85
N ASP D 241 0.89 -30.86 -17.61
CA ASP D 241 -0.52 -31.19 -17.41
C ASP D 241 -1.41 -30.22 -18.19
N TYR D 242 -1.19 -28.91 -18.01
CA TYR D 242 -2.02 -27.93 -18.72
C TYR D 242 -1.89 -28.10 -20.24
N ILE D 243 -0.65 -28.21 -20.72
CA ILE D 243 -0.40 -28.36 -22.16
C ILE D 243 -1.20 -29.53 -22.72
N SER D 244 -1.14 -30.66 -22.02
CA SER D 244 -1.79 -31.88 -22.51
C SER D 244 -3.30 -31.75 -22.57
N LEU D 245 -3.89 -30.86 -21.78
CA LEU D 245 -5.34 -30.67 -21.76
C LEU D 245 -5.80 -29.49 -22.62
N GLN D 246 -4.89 -28.69 -23.16
CA GLN D 246 -5.23 -27.45 -23.87
C GLN D 246 -4.42 -27.40 -25.14
N PRO D 247 -4.83 -28.15 -26.17
CA PRO D 247 -3.98 -28.26 -27.37
C PRO D 247 -3.74 -26.94 -28.08
N GLU D 248 -4.51 -25.87 -27.78
CA GLU D 248 -4.18 -24.56 -28.35
C GLU D 248 -2.75 -24.13 -28.00
N THR D 249 -2.20 -24.64 -26.90
CA THR D 249 -0.85 -24.25 -26.49
C THR D 249 0.25 -24.78 -27.39
N LEU D 250 -0.04 -25.72 -28.30
CA LEU D 250 1.04 -26.55 -28.88
C LEU D 250 1.95 -25.76 -29.80
N HIS D 251 1.40 -24.79 -30.54
CA HIS D 251 2.22 -24.02 -31.46
C HIS D 251 3.32 -23.27 -30.71
N ASN D 252 2.94 -22.44 -29.71
CA ASN D 252 3.97 -21.70 -28.99
C ASN D 252 4.88 -22.61 -28.17
N VAL D 253 4.44 -23.84 -27.88
CA VAL D 253 5.30 -24.79 -27.18
C VAL D 253 6.38 -25.31 -28.12
N MET D 254 6.04 -25.54 -29.39
CA MET D 254 7.06 -25.86 -30.40
C MET D 254 8.15 -24.81 -30.45
N TRP D 255 7.75 -23.52 -30.45
CA TRP D 255 8.73 -22.43 -30.52
C TRP D 255 9.67 -22.47 -29.32
N VAL D 256 9.12 -22.65 -28.11
CA VAL D 256 9.96 -22.57 -26.93
C VAL D 256 10.79 -23.84 -26.77
N MET D 257 10.33 -24.97 -27.29
CA MET D 257 11.08 -26.24 -27.24
C MET D 257 12.19 -26.25 -28.28
N SER D 258 12.04 -25.46 -29.35
CA SER D 258 13.09 -25.21 -30.31
C SER D 258 14.21 -24.43 -29.64
N ASP D 259 15.23 -24.09 -30.42
CA ASP D 259 16.26 -23.23 -29.85
C ASP D 259 15.84 -21.76 -29.81
N ARG D 260 14.66 -21.40 -30.33
CA ARG D 260 14.20 -20.04 -30.09
C ARG D 260 14.10 -19.75 -28.60
N GLY D 261 13.86 -20.78 -27.78
CA GLY D 261 13.74 -20.60 -26.35
C GLY D 261 15.04 -20.35 -25.60
N ILE D 262 16.19 -20.36 -26.27
CA ILE D 262 17.44 -20.06 -25.57
C ILE D 262 18.30 -19.14 -26.41
N PRO D 263 17.88 -17.88 -26.59
CA PRO D 263 18.61 -16.96 -27.47
C PRO D 263 20.03 -16.69 -27.00
N ARG D 264 20.90 -16.46 -27.98
CA ARG D 264 22.29 -16.12 -27.68
C ARG D 264 22.40 -14.81 -26.91
N SER D 265 21.53 -13.86 -27.25
CA SER D 265 21.65 -12.48 -26.83
C SER D 265 20.35 -11.78 -27.20
N TYR D 266 19.97 -10.77 -26.40
CA TYR D 266 18.79 -10.02 -26.78
C TYR D 266 19.02 -9.25 -28.08
N ARG D 267 20.30 -9.11 -28.47
CA ARG D 267 20.64 -8.46 -29.73
C ARG D 267 20.45 -9.38 -30.92
N MET D 268 20.20 -10.67 -30.68
CA MET D 268 20.20 -11.65 -31.77
C MET D 268 18.98 -12.53 -31.69
N MET D 269 17.81 -11.89 -31.53
CA MET D 269 16.53 -12.58 -31.53
C MET D 269 15.52 -11.66 -32.22
N GLU D 270 14.45 -12.26 -32.69
CA GLU D 270 13.35 -11.51 -33.28
C GLU D 270 12.32 -11.14 -32.22
N GLY D 271 11.51 -10.15 -32.56
CA GLY D 271 10.41 -9.73 -31.70
C GLY D 271 9.15 -9.54 -32.51
N PHE D 272 8.02 -9.72 -31.84
CA PHE D 272 6.72 -9.71 -32.49
C PHE D 272 5.72 -9.11 -31.51
N GLY D 273 4.80 -8.28 -32.03
CA GLY D 273 3.65 -7.91 -31.22
C GLY D 273 2.65 -9.04 -31.06
N ILE D 274 2.76 -10.07 -31.88
CA ILE D 274 1.86 -11.23 -31.91
C ILE D 274 0.48 -10.85 -32.42
N HIS D 275 -0.20 -9.92 -31.73
CA HIS D 275 -1.57 -9.57 -32.10
C HIS D 275 -1.66 -8.84 -33.42
N THR D 276 -2.72 -9.11 -34.16
CA THR D 276 -3.17 -8.21 -35.20
C THR D 276 -3.66 -6.92 -34.55
N TYR D 277 -3.06 -5.81 -34.92
CA TYR D 277 -3.57 -4.50 -34.61
C TYR D 277 -4.19 -3.90 -35.88
N LYS D 278 -4.66 -2.68 -35.74
CA LYS D 278 -5.09 -1.89 -36.88
C LYS D 278 -4.18 -0.67 -37.00
N MET D 279 -4.01 -0.19 -38.22
CA MET D 279 -3.54 1.18 -38.42
C MET D 279 -4.61 1.94 -39.19
N ILE D 280 -4.73 3.23 -38.88
CA ILE D 280 -5.79 4.08 -39.41
C ILE D 280 -5.14 5.33 -40.02
N ASN D 281 -5.32 5.53 -41.33
CA ASN D 281 -4.74 6.71 -41.94
C ASN D 281 -5.68 7.90 -41.77
N ALA D 282 -5.26 9.07 -42.26
CA ALA D 282 -6.05 10.29 -42.05
C ALA D 282 -7.40 10.23 -42.75
N GLU D 283 -7.55 9.32 -43.70
CA GLU D 283 -8.79 9.15 -44.45
C GLU D 283 -9.71 8.12 -43.83
N GLY D 284 -9.42 7.66 -42.60
CA GLY D 284 -10.26 6.68 -41.95
C GLY D 284 -10.15 5.27 -42.49
N GLN D 285 -9.22 5.01 -43.41
CA GLN D 285 -9.01 3.65 -43.88
C GLN D 285 -8.34 2.81 -42.81
N CYS D 286 -8.74 1.54 -42.71
CA CYS D 286 -8.16 0.62 -41.75
C CYS D 286 -7.33 -0.44 -42.47
N HIS D 287 -6.11 -0.67 -41.98
CA HIS D 287 -5.31 -1.81 -42.39
C HIS D 287 -5.05 -2.67 -41.16
N PHE D 288 -5.26 -3.98 -41.29
CA PHE D 288 -4.81 -4.92 -40.27
C PHE D 288 -3.31 -5.07 -40.34
N ILE D 289 -2.62 -4.96 -39.20
CA ILE D 289 -1.15 -5.11 -39.19
C ILE D 289 -0.72 -6.02 -38.04
N ARG D 290 0.55 -6.45 -38.13
CA ARG D 290 1.27 -7.19 -37.09
C ARG D 290 2.70 -6.66 -37.03
N PHE D 291 3.19 -6.41 -35.83
CA PHE D 291 4.50 -5.79 -35.65
C PHE D 291 5.59 -6.85 -35.61
N HIS D 292 6.77 -6.48 -36.11
CA HIS D 292 7.94 -7.35 -36.10
C HIS D 292 9.18 -6.53 -35.73
N TRP D 293 10.12 -7.16 -35.01
CA TRP D 293 11.47 -6.63 -34.85
C TRP D 293 12.46 -7.59 -35.50
N LYS D 294 13.28 -7.05 -36.40
CA LYS D 294 14.29 -7.87 -37.08
C LYS D 294 15.68 -7.38 -36.68
N PRO D 295 16.49 -8.22 -36.03
CA PRO D 295 17.79 -7.76 -35.54
C PRO D 295 18.82 -7.65 -36.66
N VAL D 296 19.57 -6.55 -36.63
CA VAL D 296 20.70 -6.37 -37.52
C VAL D 296 21.79 -7.40 -37.23
N TYR D 297 21.97 -7.78 -35.97
CA TYR D 297 23.00 -8.75 -35.64
C TYR D 297 22.57 -10.21 -35.86
N GLY D 298 21.47 -10.46 -36.59
CA GLY D 298 21.05 -11.82 -36.92
C GLY D 298 20.30 -12.52 -35.79
N VAL D 299 19.83 -13.74 -36.09
CA VAL D 299 19.20 -14.63 -35.11
C VAL D 299 20.16 -15.77 -34.77
N SER D 300 20.63 -15.83 -33.53
CA SER D 300 21.47 -16.91 -33.05
C SER D 300 21.02 -17.39 -31.68
N SER D 301 20.97 -18.70 -31.52
CA SER D 301 20.57 -19.28 -30.25
C SER D 301 21.71 -20.10 -29.64
N LEU D 302 21.70 -20.18 -28.32
CA LEU D 302 22.50 -21.16 -27.59
C LEU D 302 22.00 -22.57 -27.89
N ILE D 303 22.72 -23.56 -27.36
CA ILE D 303 22.21 -24.93 -27.29
C ILE D 303 21.98 -25.29 -25.82
N TRP D 304 21.11 -26.28 -25.59
CA TRP D 304 20.54 -26.44 -24.25
C TRP D 304 21.60 -26.67 -23.18
N ASP D 305 22.46 -27.70 -23.36
CA ASP D 305 23.49 -28.00 -22.37
C ASP D 305 24.28 -26.76 -22.04
N GLU D 306 24.59 -25.97 -23.06
CA GLU D 306 25.34 -24.72 -22.88
C GLU D 306 24.53 -23.70 -22.09
N ALA D 307 23.30 -23.40 -22.56
CA ALA D 307 22.40 -22.49 -21.85
C ALA D 307 22.27 -22.85 -20.38
N GLN D 308 22.07 -24.14 -20.07
CA GLN D 308 21.94 -24.58 -18.68
C GLN D 308 23.23 -24.34 -17.88
N LEU D 309 24.37 -24.65 -18.46
CA LEU D 309 25.61 -24.34 -17.75
C LEU D 309 25.74 -22.84 -17.55
N LEU D 310 25.40 -22.06 -18.57
CA LEU D 310 25.44 -20.62 -18.49
C LEU D 310 24.63 -20.06 -17.30
N THR D 311 23.47 -20.63 -16.98
CA THR D 311 22.73 -20.11 -15.81
C THR D 311 23.48 -20.36 -14.51
N GLY D 312 24.36 -21.38 -14.47
CA GLY D 312 25.14 -21.60 -13.27
C GLY D 312 26.33 -20.66 -13.09
N CYS D 313 27.15 -20.51 -14.12
CA CYS D 313 28.34 -19.66 -14.00
C CYS D 313 28.07 -18.16 -14.25
N ASP D 314 26.96 -17.78 -14.92
CA ASP D 314 26.61 -16.37 -15.01
C ASP D 314 25.10 -16.19 -15.16
N PRO D 315 24.34 -16.14 -14.06
CA PRO D 315 22.88 -15.88 -14.17
C PRO D 315 22.55 -14.53 -14.80
N ASP D 316 23.50 -13.60 -14.84
CA ASP D 316 23.30 -12.27 -15.39
C ASP D 316 23.75 -12.16 -16.85
N PHE D 317 23.80 -13.27 -17.57
CA PHE D 317 24.55 -13.31 -18.82
C PHE D 317 23.99 -12.35 -19.87
N HIS D 318 22.66 -12.33 -20.07
CA HIS D 318 22.07 -11.46 -21.10
C HIS D 318 22.08 -9.99 -20.67
N ARG D 319 21.68 -9.74 -19.43
CA ARG D 319 21.81 -8.42 -18.80
C ARG D 319 23.22 -7.86 -18.94
N ARG D 320 24.25 -8.66 -18.58
CA ARG D 320 25.64 -8.21 -18.71
C ARG D 320 26.01 -7.96 -20.17
N GLU D 321 25.78 -8.96 -21.02
CA GLU D 321 26.09 -8.84 -22.45
C GLU D 321 25.44 -7.59 -23.07
N LEU D 322 24.14 -7.35 -22.78
CA LEU D 322 23.49 -6.16 -23.33
C LEU D 322 24.16 -4.90 -22.83
N TRP D 323 24.32 -4.77 -21.52
CA TRP D 323 24.99 -3.61 -20.96
C TRP D 323 26.38 -3.41 -21.55
N GLU D 324 27.16 -4.51 -21.66
CA GLU D 324 28.52 -4.39 -22.18
C GLU D 324 28.53 -4.17 -23.69
N SER D 325 27.53 -4.69 -24.40
CA SER D 325 27.45 -4.39 -25.82
C SER D 325 27.34 -2.88 -26.05
N ILE D 326 26.56 -2.20 -25.20
CA ILE D 326 26.37 -0.77 -25.39
C ILE D 326 27.64 0.00 -25.00
N GLU D 327 28.29 -0.41 -23.92
CA GLU D 327 29.53 0.25 -23.54
C GLU D 327 30.61 0.03 -24.62
N ALA D 328 30.53 -1.08 -25.34
CA ALA D 328 31.47 -1.40 -26.41
C ALA D 328 31.18 -0.66 -27.72
N GLY D 329 29.99 -0.09 -27.88
CA GLY D 329 29.59 0.47 -29.15
C GLY D 329 29.00 -0.51 -30.14
N ASP D 330 28.84 -1.78 -29.75
CA ASP D 330 28.08 -2.74 -30.53
C ASP D 330 26.58 -2.57 -30.21
N TYR D 331 26.07 -1.38 -30.51
CA TYR D 331 24.73 -1.00 -30.10
C TYR D 331 23.69 -2.00 -30.64
N PRO D 332 22.80 -2.51 -29.81
CA PRO D 332 21.67 -3.28 -30.33
C PRO D 332 20.96 -2.49 -31.42
N GLU D 333 20.68 -3.15 -32.55
CA GLU D 333 20.05 -2.51 -33.69
C GLU D 333 18.93 -3.40 -34.20
N TYR D 334 17.78 -2.81 -34.44
CA TYR D 334 16.63 -3.58 -34.86
C TYR D 334 15.81 -2.76 -35.84
N GLU D 335 15.31 -3.43 -36.87
CA GLU D 335 14.44 -2.79 -37.85
C GLU D 335 13.00 -3.15 -37.54
N LEU D 336 12.14 -2.14 -37.41
CA LEU D 336 10.72 -2.40 -37.19
C LEU D 336 10.09 -2.87 -38.49
N GLY D 337 9.31 -3.95 -38.43
CA GLY D 337 8.66 -4.48 -39.61
C GLY D 337 7.16 -4.55 -39.47
N LEU D 338 6.44 -4.53 -40.59
CA LEU D 338 4.98 -4.49 -40.61
C LEU D 338 4.47 -5.49 -41.63
N GLN D 339 3.65 -6.45 -41.18
CA GLN D 339 2.78 -7.17 -42.09
C GLN D 339 1.50 -6.37 -42.19
N ILE D 340 1.07 -6.06 -43.42
CA ILE D 340 -0.06 -5.18 -43.66
C ILE D 340 -1.10 -5.94 -44.45
N ILE D 341 -2.33 -5.94 -43.95
CA ILE D 341 -3.42 -6.69 -44.56
C ILE D 341 -4.60 -5.74 -44.74
N PRO D 342 -5.00 -5.44 -45.96
CA PRO D 342 -6.20 -4.61 -46.15
C PRO D 342 -7.40 -5.25 -45.47
N GLU D 343 -8.25 -4.40 -44.89
CA GLU D 343 -9.50 -4.80 -44.25
C GLU D 343 -10.25 -5.90 -45.00
N GLU D 344 -10.24 -5.83 -46.34
CA GLU D 344 -10.99 -6.77 -47.18
C GLU D 344 -10.34 -8.15 -47.28
N ASP D 345 -9.08 -8.27 -46.90
CA ASP D 345 -8.40 -9.56 -46.97
C ASP D 345 -8.55 -10.36 -45.69
N GLU D 346 -9.40 -9.91 -44.77
CA GLU D 346 -9.41 -10.45 -43.42
C GLU D 346 -9.66 -11.95 -43.40
N HIS D 347 -10.46 -12.46 -44.32
CA HIS D 347 -10.98 -13.82 -44.22
C HIS D 347 -10.39 -14.74 -45.27
N LYS D 348 -9.30 -14.33 -45.90
CA LYS D 348 -8.66 -15.05 -46.99
C LYS D 348 -7.66 -16.13 -46.57
N PHE D 349 -7.39 -16.30 -45.27
CA PHE D 349 -6.31 -17.19 -44.86
C PHE D 349 -6.89 -18.46 -44.25
N ASP D 350 -6.09 -19.53 -44.30
CA ASP D 350 -6.48 -20.81 -43.71
C ASP D 350 -6.43 -20.76 -42.18
N PHE D 351 -6.50 -19.56 -41.63
CA PHE D 351 -6.47 -19.35 -40.19
C PHE D 351 -7.05 -17.98 -39.92
N ASP D 352 -7.39 -17.72 -38.67
CA ASP D 352 -7.97 -16.44 -38.28
C ASP D 352 -6.84 -15.52 -37.84
N ILE D 353 -6.75 -14.34 -38.46
CA ILE D 353 -5.69 -13.41 -38.10
C ILE D 353 -5.92 -12.74 -36.75
N LEU D 354 -7.09 -12.96 -36.14
CA LEU D 354 -7.35 -12.55 -34.77
C LEU D 354 -6.98 -13.61 -33.75
N ASP D 355 -6.47 -14.76 -34.19
CA ASP D 355 -6.09 -15.86 -33.32
C ASP D 355 -4.62 -15.74 -32.93
N PRO D 356 -4.29 -15.52 -31.65
CA PRO D 356 -2.89 -15.25 -31.28
C PRO D 356 -2.00 -16.51 -31.17
N THR D 357 -2.58 -17.70 -31.31
CA THR D 357 -1.82 -18.92 -31.53
C THR D 357 -1.50 -19.13 -33.01
N LYS D 358 -1.75 -18.13 -33.85
CA LYS D 358 -1.53 -18.23 -35.29
C LYS D 358 -0.55 -17.15 -35.71
N LEU D 359 0.44 -17.53 -36.51
CA LEU D 359 1.25 -16.54 -37.19
C LEU D 359 0.74 -16.37 -38.62
N ILE D 360 1.11 -15.24 -39.21
CA ILE D 360 0.89 -15.00 -40.64
C ILE D 360 2.19 -15.35 -41.35
N PRO D 361 2.26 -16.46 -42.08
CA PRO D 361 3.52 -16.86 -42.71
C PRO D 361 4.09 -15.72 -43.54
N GLU D 362 5.39 -15.48 -43.41
CA GLU D 362 5.96 -14.33 -44.10
C GLU D 362 6.04 -14.52 -45.60
N SER D 363 5.90 -15.76 -46.08
CA SER D 363 5.82 -16.06 -47.49
C SER D 363 4.39 -16.04 -48.03
N LEU D 364 3.40 -15.75 -47.18
CA LEU D 364 2.08 -15.31 -47.63
C LEU D 364 1.94 -13.79 -47.56
N VAL D 365 2.27 -13.20 -46.42
CA VAL D 365 2.29 -11.76 -46.24
C VAL D 365 3.69 -11.35 -45.81
N PRO D 366 4.44 -10.63 -46.65
CA PRO D 366 5.83 -10.34 -46.32
C PRO D 366 5.93 -9.25 -45.27
N VAL D 367 7.10 -9.17 -44.64
CA VAL D 367 7.34 -8.18 -43.59
C VAL D 367 8.03 -6.99 -44.24
N HIS D 368 7.45 -5.80 -44.07
CA HIS D 368 7.98 -4.59 -44.67
C HIS D 368 8.71 -3.79 -43.61
N LEU D 369 10.03 -3.62 -43.78
CA LEU D 369 10.85 -2.86 -42.83
C LEU D 369 10.59 -1.37 -43.01
N VAL D 370 10.20 -0.68 -41.94
CA VAL D 370 9.74 0.70 -42.02
C VAL D 370 10.52 1.64 -41.12
N GLY D 371 11.43 1.14 -40.29
CA GLY D 371 12.16 2.01 -39.40
C GLY D 371 13.22 1.21 -38.67
N LYS D 372 13.96 1.91 -37.80
CA LYS D 372 15.14 1.33 -37.18
C LYS D 372 15.29 1.82 -35.75
N MET D 373 15.35 0.90 -34.79
CA MET D 373 15.64 1.18 -33.39
C MET D 373 17.11 0.92 -33.07
N VAL D 374 17.73 1.84 -32.32
CA VAL D 374 19.09 1.64 -31.81
C VAL D 374 19.09 1.92 -30.31
N LEU D 375 19.59 0.98 -29.52
CA LEU D 375 19.74 1.17 -28.08
C LEU D 375 21.18 1.55 -27.81
N ASN D 376 21.40 2.74 -27.26
CA ASN D 376 22.75 3.27 -27.17
C ASN D 376 23.09 3.87 -25.81
N ARG D 377 22.27 3.64 -24.77
CA ARG D 377 22.61 4.15 -23.44
C ARG D 377 22.04 3.21 -22.38
N ASN D 378 22.82 2.91 -21.41
CA ASN D 378 22.41 2.11 -20.27
C ASN D 378 21.87 3.02 -19.17
N PRO D 379 20.98 2.49 -18.33
CA PRO D 379 20.46 3.27 -17.19
C PRO D 379 21.54 3.86 -16.29
N ASP D 380 21.16 4.80 -15.44
CA ASP D 380 22.00 5.18 -14.30
C ASP D 380 21.63 4.42 -13.05
N ASN D 381 20.34 4.11 -12.88
CA ASN D 381 19.88 3.43 -11.68
C ASN D 381 18.85 2.39 -12.09
N TYR D 382 19.23 1.12 -11.96
CA TYR D 382 18.35 0.04 -12.38
C TYR D 382 16.96 0.14 -11.77
N PHE D 383 16.89 0.41 -10.47
CA PHE D 383 15.59 0.46 -9.81
C PHE D 383 14.77 1.62 -10.36
N SER D 384 15.39 2.79 -10.46
CA SER D 384 14.66 3.97 -10.89
C SER D 384 14.10 3.81 -12.30
N GLU D 385 14.88 3.22 -13.20
CA GLU D 385 14.45 3.22 -14.60
C GLU D 385 13.91 1.86 -15.03
N THR D 386 14.70 0.80 -14.88
CA THR D 386 14.28 -0.50 -15.39
C THR D 386 13.17 -1.10 -14.53
N GLU D 387 13.31 -1.05 -13.20
CA GLU D 387 12.34 -1.75 -12.37
C GLU D 387 11.00 -1.04 -12.38
N GLN D 388 11.01 0.29 -12.35
CA GLN D 388 9.83 1.11 -12.18
C GLN D 388 9.11 1.43 -13.50
N VAL D 389 9.72 1.12 -14.64
CA VAL D 389 9.03 1.37 -15.91
C VAL D 389 7.78 0.52 -15.97
N ALA D 390 6.72 1.10 -16.54
CA ALA D 390 5.43 0.43 -16.70
C ALA D 390 5.07 0.50 -18.18
N PHE D 391 4.85 -0.65 -18.79
CA PHE D 391 4.37 -0.75 -20.16
C PHE D 391 2.93 -1.26 -20.12
N CYS D 392 2.16 -0.96 -21.15
CA CYS D 392 0.81 -1.55 -21.28
C CYS D 392 0.40 -1.44 -22.75
N PRO D 393 -0.12 -2.53 -23.34
CA PRO D 393 -0.60 -2.46 -24.73
C PRO D 393 -1.86 -1.62 -24.86
N GLY D 394 -2.49 -1.23 -23.75
CA GLY D 394 -3.50 -0.22 -23.84
C GLY D 394 -2.95 1.15 -24.13
N ASN D 395 -1.62 1.30 -24.13
CA ASN D 395 -0.98 2.61 -24.34
C ASN D 395 -0.68 2.81 -25.83
N ILE D 396 -1.75 3.02 -26.60
CA ILE D 396 -1.60 3.28 -28.03
C ILE D 396 -1.63 4.78 -28.28
N VAL D 397 -1.43 5.17 -29.53
CA VAL D 397 -1.50 6.58 -29.95
C VAL D 397 -2.44 6.66 -31.13
N PRO D 398 -2.99 7.84 -31.43
CA PRO D 398 -3.85 7.97 -32.61
C PRO D 398 -3.12 7.56 -33.88
N GLY D 399 -3.83 6.83 -34.74
CA GLY D 399 -3.24 6.15 -35.86
C GLY D 399 -3.19 4.65 -35.68
N ILE D 400 -3.28 4.15 -34.45
CA ILE D 400 -3.23 2.72 -34.16
C ILE D 400 -4.48 2.37 -33.37
N ASP D 401 -5.07 1.23 -33.66
CA ASP D 401 -6.25 0.78 -32.94
C ASP D 401 -6.12 -0.70 -32.61
N PHE D 402 -7.04 -1.18 -31.79
CA PHE D 402 -7.06 -2.57 -31.38
C PHE D 402 -7.87 -3.39 -32.36
N SER D 403 -7.56 -4.68 -32.43
CA SER D 403 -8.43 -5.61 -33.11
C SER D 403 -9.21 -6.41 -32.07
N ASP D 404 -10.10 -7.26 -32.54
CA ASP D 404 -10.93 -8.08 -31.66
C ASP D 404 -10.22 -9.33 -31.13
N ASP D 405 -8.91 -9.47 -31.33
CA ASP D 405 -8.15 -10.57 -30.75
C ASP D 405 -8.56 -10.73 -29.28
N PRO D 406 -9.17 -11.86 -28.89
CA PRO D 406 -9.67 -11.99 -27.51
C PRO D 406 -8.57 -12.09 -26.47
N LEU D 407 -7.33 -12.37 -26.88
CA LEU D 407 -6.25 -12.29 -25.92
C LEU D 407 -5.86 -10.84 -25.71
N LEU D 408 -5.69 -10.09 -26.81
CA LEU D 408 -5.29 -8.69 -26.71
C LEU D 408 -6.28 -7.89 -25.90
N GLN D 409 -7.58 -8.15 -26.09
CA GLN D 409 -8.60 -7.34 -25.43
C GLN D 409 -8.49 -7.43 -23.92
N GLY D 410 -8.23 -8.64 -23.40
CA GLY D 410 -8.02 -8.79 -21.97
C GLY D 410 -6.75 -8.14 -21.50
N ARG D 411 -5.72 -8.09 -22.34
CA ARG D 411 -4.46 -7.47 -21.91
C ARG D 411 -4.67 -6.01 -21.58
N LEU D 412 -5.55 -5.34 -22.31
CA LEU D 412 -5.72 -3.91 -22.10
C LEU D 412 -6.09 -3.63 -20.65
N PHE D 413 -6.90 -4.49 -20.06
CA PHE D 413 -7.31 -4.28 -18.68
C PHE D 413 -6.14 -4.45 -17.73
N SER D 414 -5.41 -5.55 -17.85
CA SER D 414 -4.37 -5.99 -16.86
C SER D 414 -3.21 -5.04 -16.57
N TYR D 415 -2.58 -4.47 -17.58
CA TYR D 415 -1.33 -3.68 -17.36
C TYR D 415 -1.56 -2.45 -16.47
N ILE D 416 -2.64 -1.68 -16.67
CA ILE D 416 -2.94 -0.54 -15.77
C ILE D 416 -3.25 -1.08 -14.39
N ASP D 417 -4.19 -2.00 -14.33
CA ASP D 417 -4.60 -2.57 -13.04
C ASP D 417 -3.41 -3.11 -12.24
N THR D 418 -2.55 -3.93 -12.87
CA THR D 418 -1.45 -4.51 -12.11
C THR D 418 -0.56 -3.43 -11.52
N GLN D 419 -0.34 -2.36 -12.24
CA GLN D 419 0.58 -1.32 -11.81
C GLN D 419 0.13 -0.50 -10.60
N ILE D 420 -1.15 -0.56 -10.27
CA ILE D 420 -1.64 0.15 -9.10
C ILE D 420 -1.01 -0.38 -7.83
N SER D 421 -0.81 -1.69 -7.74
CA SER D 421 -0.13 -2.17 -6.54
C SER D 421 1.37 -2.27 -6.75
N ARG D 422 1.84 -2.60 -7.96
CA ARG D 422 3.27 -2.72 -8.15
C ARG D 422 3.96 -1.37 -7.99
N LEU D 423 3.37 -0.30 -8.52
CA LEU D 423 4.00 1.01 -8.46
C LEU D 423 3.37 1.92 -7.41
N GLY D 424 2.53 1.38 -6.54
CA GLY D 424 2.10 2.14 -5.39
C GLY D 424 0.96 3.12 -5.63
N GLY D 425 0.23 2.99 -6.73
CA GLY D 425 -0.97 3.81 -6.91
C GLY D 425 -1.10 4.29 -8.34
N VAL D 426 -2.01 5.24 -8.54
CA VAL D 426 -2.43 5.61 -9.89
C VAL D 426 -1.64 6.78 -10.44
N ASN D 427 -0.60 7.22 -9.74
CA ASN D 427 0.27 8.29 -10.24
C ASN D 427 1.64 7.76 -10.69
N PHE D 428 1.70 6.47 -11.06
CA PHE D 428 2.94 5.90 -11.54
C PHE D 428 3.38 6.54 -12.85
N HIS D 429 2.51 7.26 -13.54
CA HIS D 429 2.89 7.99 -14.78
C HIS D 429 3.77 9.20 -14.44
N GLU D 430 3.78 9.64 -13.18
CA GLU D 430 4.64 10.73 -12.77
C GLU D 430 6.04 10.29 -12.37
N ILE D 431 6.26 8.99 -12.14
CA ILE D 431 7.63 8.50 -12.00
C ILE D 431 8.41 8.88 -13.26
N PRO D 432 9.61 9.47 -13.13
CA PRO D 432 10.30 10.03 -14.32
C PRO D 432 10.36 9.13 -15.54
N ILE D 433 10.84 7.88 -15.40
CA ILE D 433 10.98 7.01 -16.56
C ILE D 433 9.65 6.84 -17.29
N ASN D 434 8.54 6.97 -16.58
CA ASN D 434 7.23 6.75 -17.18
C ASN D 434 6.63 8.00 -17.79
N LYS D 435 7.06 9.19 -17.36
CA LYS D 435 6.51 10.45 -17.87
C LYS D 435 6.56 10.50 -19.40
N PRO D 436 5.51 11.01 -20.05
CA PRO D 436 5.63 11.32 -21.48
C PRO D 436 6.45 12.60 -21.68
N ILE D 437 6.89 12.80 -22.93
CA ILE D 437 7.64 14.01 -23.23
C ILE D 437 6.78 15.10 -23.87
N CYS D 438 5.48 14.87 -24.04
CA CYS D 438 4.58 15.90 -24.54
C CYS D 438 3.71 16.44 -23.40
N PRO D 439 2.88 17.47 -23.61
CA PRO D 439 1.97 17.93 -22.55
C PRO D 439 0.99 16.83 -22.15
N PHE D 440 0.33 17.03 -20.99
CA PHE D 440 -0.61 15.98 -20.57
C PHE D 440 -1.68 16.46 -19.59
N HIS D 441 -2.16 17.67 -19.80
CA HIS D 441 -3.15 18.26 -18.91
C HIS D 441 -4.45 17.47 -18.96
N ASN D 442 -5.07 17.30 -17.80
CA ASN D 442 -6.43 16.79 -17.75
C ASN D 442 -7.04 17.19 -16.41
N HIS D 443 -8.12 16.52 -16.03
CA HIS D 443 -8.81 16.85 -14.79
C HIS D 443 -8.61 15.82 -13.71
N GLN D 444 -7.72 14.85 -13.91
CA GLN D 444 -7.37 13.91 -12.86
C GLN D 444 -6.64 14.65 -11.74
N ARG D 445 -6.79 14.15 -10.50
CA ARG D 445 -6.19 14.79 -9.34
C ARG D 445 -5.87 13.76 -8.26
N ASP D 446 -4.98 14.15 -7.35
CA ASP D 446 -4.80 13.45 -6.09
C ASP D 446 -4.22 12.06 -6.32
N GLY D 447 -4.51 11.11 -5.43
CA GLY D 447 -3.93 9.80 -5.46
C GLY D 447 -2.58 9.77 -4.78
N MET D 448 -2.13 8.58 -4.44
CA MET D 448 -0.90 8.49 -3.66
C MET D 448 0.30 9.02 -4.45
N HIS D 449 1.11 9.81 -3.74
N HIS D 449 1.18 9.76 -3.77
CA HIS D 449 2.34 10.45 -4.21
CA HIS D 449 2.38 10.34 -4.39
C HIS D 449 2.11 11.31 -5.44
C HIS D 449 2.05 11.28 -5.55
N ARG D 450 1.12 12.21 -5.33
CA ARG D 450 0.85 13.20 -6.36
C ARG D 450 2.00 14.18 -6.43
N MET D 451 2.69 14.26 -7.57
CA MET D 451 3.80 15.21 -7.66
C MET D 451 3.34 16.55 -8.20
N SER D 452 2.64 16.53 -9.32
CA SER D 452 2.24 17.77 -9.95
C SER D 452 1.24 18.53 -9.08
N ILE D 453 1.30 19.86 -9.15
CA ILE D 453 0.41 20.73 -8.37
C ILE D 453 -0.52 21.44 -9.35
N SER D 454 -1.81 21.09 -9.30
CA SER D 454 -2.80 21.68 -10.19
C SER D 454 -3.48 22.89 -9.56
N GLY D 455 -3.86 23.84 -10.39
CA GLY D 455 -4.50 25.02 -9.84
C GLY D 455 -5.71 25.50 -10.62
N THR D 456 -6.21 24.70 -11.55
CA THR D 456 -7.36 25.10 -12.37
C THR D 456 -8.51 24.11 -12.17
N ALA D 457 -9.65 24.41 -12.80
CA ALA D 457 -10.84 23.59 -12.64
C ALA D 457 -10.53 22.11 -12.89
N ASN D 458 -11.09 21.26 -12.03
CA ASN D 458 -10.85 19.82 -12.05
C ASN D 458 -12.04 19.04 -12.62
N TYR D 459 -12.88 19.69 -13.43
CA TYR D 459 -14.02 19.05 -14.07
C TYR D 459 -14.20 19.65 -15.46
N GLU D 460 -14.86 18.87 -16.32
CA GLU D 460 -15.16 19.20 -17.69
C GLU D 460 -16.60 18.76 -17.96
N PRO D 461 -17.46 19.65 -18.49
CA PRO D 461 -17.15 21.00 -18.94
C PRO D 461 -17.03 21.94 -17.74
N ASN D 462 -16.25 23.00 -17.86
CA ASN D 462 -16.22 24.07 -16.88
C ASN D 462 -16.26 25.42 -17.58
N SER D 463 -16.71 26.44 -16.85
CA SER D 463 -16.62 27.81 -17.34
C SER D 463 -15.66 28.67 -16.56
N ILE D 464 -15.34 28.32 -15.30
CA ILE D 464 -14.49 29.17 -14.48
C ILE D 464 -13.06 29.27 -15.03
N ASN D 465 -12.57 28.26 -15.79
CA ASN D 465 -11.31 28.37 -16.51
C ASN D 465 -11.51 28.18 -18.02
N ASN D 466 -12.72 28.50 -18.51
CA ASN D 466 -13.05 28.49 -19.93
C ASN D 466 -12.81 27.13 -20.58
N ASN D 467 -13.09 26.06 -19.84
CA ASN D 467 -12.98 24.69 -20.32
C ASN D 467 -11.56 24.36 -20.84
N TRP D 468 -10.54 24.84 -20.15
CA TRP D 468 -9.21 24.34 -20.47
C TRP D 468 -8.74 23.40 -19.37
N PRO D 469 -8.09 22.25 -19.67
CA PRO D 469 -7.75 21.71 -21.00
C PRO D 469 -8.98 21.23 -21.74
N ARG D 470 -8.94 21.27 -23.07
CA ARG D 470 -10.12 21.09 -23.90
C ARG D 470 -9.98 19.84 -24.76
N GLU D 471 -11.10 19.19 -25.02
CA GLU D 471 -11.14 18.09 -25.97
C GLU D 471 -10.59 18.55 -27.32
N ALA D 472 -10.07 17.61 -28.11
CA ALA D 472 -9.43 17.95 -29.34
C ALA D 472 -10.13 17.23 -30.47
N PRO D 473 -10.53 17.93 -31.54
CA PRO D 473 -11.23 17.27 -32.63
C PRO D 473 -10.36 16.21 -33.29
N PRO D 474 -10.97 15.14 -33.82
CA PRO D 474 -10.17 14.09 -34.47
C PRO D 474 -9.25 14.62 -35.55
N THR D 475 -9.74 15.54 -36.39
CA THR D 475 -8.89 16.19 -37.38
C THR D 475 -7.78 17.02 -36.74
N GLU D 476 -7.84 17.30 -35.43
CA GLU D 476 -6.75 17.91 -34.71
C GLU D 476 -5.85 16.88 -34.02
N GLY D 477 -6.16 15.60 -34.14
CA GLY D 477 -5.37 14.57 -33.49
C GLY D 477 -5.96 14.02 -32.21
N GLY D 478 -7.24 14.29 -31.92
CA GLY D 478 -7.88 13.65 -30.77
C GLY D 478 -8.17 12.21 -31.11
N PHE D 479 -7.81 11.29 -30.20
CA PHE D 479 -8.02 9.86 -30.44
C PHE D 479 -9.48 9.58 -30.78
N THR D 480 -9.68 8.68 -31.73
CA THR D 480 -11.00 8.16 -32.06
C THR D 480 -10.84 6.69 -32.37
N THR D 481 -11.83 5.90 -31.95
CA THR D 481 -11.92 4.50 -32.36
C THR D 481 -12.51 4.41 -33.77
N TYR D 482 -11.86 3.61 -34.62
CA TYR D 482 -12.39 3.35 -35.94
C TYR D 482 -13.71 2.59 -35.83
N PRO D 483 -14.78 3.05 -36.50
CA PRO D 483 -16.11 2.46 -36.27
C PRO D 483 -16.29 1.08 -36.90
N GLN D 484 -15.62 0.07 -36.34
CA GLN D 484 -15.80 -1.28 -36.83
C GLN D 484 -17.20 -1.77 -36.52
N PRO D 485 -17.86 -2.45 -37.46
CA PRO D 485 -19.19 -3.02 -37.16
C PRO D 485 -19.11 -4.08 -36.08
N VAL D 486 -20.19 -4.18 -35.30
CA VAL D 486 -20.31 -5.13 -34.20
C VAL D 486 -21.67 -5.81 -34.32
N ASN D 487 -21.66 -7.12 -34.53
CA ASN D 487 -22.89 -7.89 -34.69
C ASN D 487 -22.72 -9.27 -34.08
N GLY D 488 -23.57 -9.59 -33.11
CA GLY D 488 -23.53 -10.92 -32.50
C GLY D 488 -24.51 -10.98 -31.36
N TYR D 489 -24.34 -11.99 -30.52
CA TYR D 489 -25.09 -12.11 -29.28
C TYR D 489 -24.12 -12.11 -28.12
N LYS D 490 -24.51 -11.47 -27.02
CA LYS D 490 -23.71 -11.55 -25.80
C LYS D 490 -23.51 -13.01 -25.45
N SER D 491 -22.24 -13.44 -25.37
CA SER D 491 -22.00 -14.86 -25.22
C SER D 491 -20.54 -15.12 -24.86
N ARG D 492 -20.36 -16.19 -24.12
CA ARG D 492 -19.05 -16.76 -23.83
C ARG D 492 -18.92 -17.99 -24.71
N LYS D 493 -18.13 -17.89 -25.77
CA LYS D 493 -18.00 -18.98 -26.73
C LYS D 493 -16.68 -18.81 -27.47
N ARG D 494 -15.97 -19.92 -27.71
CA ARG D 494 -14.76 -19.83 -28.53
C ARG D 494 -15.15 -19.84 -30.00
N SER D 495 -14.66 -18.85 -30.75
CA SER D 495 -14.97 -18.79 -32.18
C SER D 495 -14.55 -20.09 -32.89
N SER D 496 -15.49 -20.65 -33.65
CA SER D 496 -15.19 -21.84 -34.45
C SER D 496 -13.95 -21.68 -35.32
N THR D 497 -13.66 -20.47 -35.76
CA THR D 497 -12.50 -20.24 -36.61
C THR D 497 -11.17 -20.37 -35.86
N PHE D 498 -11.20 -20.48 -34.53
CA PHE D 498 -10.01 -20.67 -33.72
C PHE D 498 -9.65 -22.14 -33.53
N ILE D 499 -10.55 -23.05 -33.90
CA ILE D 499 -10.41 -24.45 -33.58
C ILE D 499 -9.53 -25.13 -34.61
N ASP D 500 -8.23 -24.86 -34.53
CA ASP D 500 -7.23 -25.45 -35.42
C ASP D 500 -5.92 -25.41 -34.63
N PHE D 501 -5.63 -26.51 -33.93
CA PHE D 501 -4.51 -26.52 -33.00
C PHE D 501 -3.23 -27.11 -33.57
N TYR D 502 -3.29 -27.76 -34.73
CA TYR D 502 -2.17 -28.61 -35.14
C TYR D 502 -1.51 -28.24 -36.45
N SER D 503 -2.16 -27.45 -37.30
CA SER D 503 -1.58 -27.16 -38.62
C SER D 503 -0.35 -26.26 -38.50
N GLN D 504 -0.41 -25.26 -37.62
CA GLN D 504 0.73 -24.34 -37.54
C GLN D 504 1.89 -24.95 -36.76
N PRO D 505 1.66 -25.75 -35.70
CA PRO D 505 2.79 -26.54 -35.19
C PRO D 505 3.42 -27.43 -36.25
N ARG D 506 2.59 -28.08 -37.09
CA ARG D 506 3.15 -28.89 -38.16
C ARG D 506 3.91 -28.03 -39.14
N LEU D 507 3.32 -26.92 -39.57
CA LEU D 507 4.01 -25.99 -40.44
C LEU D 507 5.39 -25.63 -39.88
N PHE D 508 5.44 -25.29 -38.60
CA PHE D 508 6.70 -24.92 -37.96
C PHE D 508 7.70 -26.07 -37.98
N TRP D 509 7.25 -27.29 -37.65
CA TRP D 509 8.14 -28.44 -37.61
C TRP D 509 8.75 -28.74 -38.99
N LEU D 510 7.91 -28.82 -40.03
CA LEU D 510 8.40 -29.15 -41.36
C LEU D 510 9.34 -28.09 -41.92
N SER D 511 9.35 -26.89 -41.34
CA SER D 511 10.25 -25.83 -41.79
C SER D 511 11.61 -25.84 -41.12
N GLN D 512 11.84 -26.69 -40.12
CA GLN D 512 13.13 -26.72 -39.43
C GLN D 512 14.11 -27.64 -40.14
N THR D 513 15.41 -27.30 -40.10
CA THR D 513 16.39 -28.29 -40.54
C THR D 513 16.33 -29.53 -39.64
N LYS D 514 17.04 -30.58 -40.06
CA LYS D 514 17.06 -31.77 -39.23
C LYS D 514 17.74 -31.50 -37.89
N VAL D 515 18.71 -30.59 -37.88
CA VAL D 515 19.40 -30.22 -36.65
C VAL D 515 18.43 -29.51 -35.70
N GLU D 516 17.73 -28.49 -36.20
CA GLU D 516 16.71 -27.80 -35.41
C GLU D 516 15.64 -28.76 -34.96
N GLN D 517 15.24 -29.69 -35.82
CA GLN D 517 14.26 -30.69 -35.41
C GLN D 517 14.78 -31.53 -34.26
N ASN D 518 16.04 -31.97 -34.32
CA ASN D 518 16.59 -32.75 -33.22
C ASN D 518 16.55 -31.97 -31.91
N HIS D 519 16.92 -30.69 -31.95
CA HIS D 519 16.88 -29.85 -30.76
C HIS D 519 15.46 -29.66 -30.22
N ILE D 520 14.46 -29.65 -31.10
CA ILE D 520 13.08 -29.62 -30.61
C ILE D 520 12.75 -30.91 -29.88
N VAL D 521 13.16 -32.05 -30.43
CA VAL D 521 12.93 -33.34 -29.77
C VAL D 521 13.65 -33.39 -28.43
N GLY D 522 14.86 -32.84 -28.37
CA GLY D 522 15.60 -32.84 -27.12
C GLY D 522 14.97 -31.94 -26.07
N GLY D 523 14.35 -30.84 -26.50
CA GLY D 523 13.65 -29.97 -25.58
C GLY D 523 12.42 -30.65 -24.98
N PHE D 524 11.60 -31.27 -25.82
CA PHE D 524 10.47 -32.03 -25.31
C PHE D 524 10.94 -33.14 -24.36
N SER D 525 12.02 -33.83 -24.73
CA SER D 525 12.41 -35.02 -23.98
C SER D 525 13.02 -34.65 -22.63
N PHE D 526 13.85 -33.61 -22.61
CA PHE D 526 14.44 -33.18 -21.34
C PHE D 526 13.34 -32.68 -20.40
N GLU D 527 12.45 -31.84 -20.92
CA GLU D 527 11.37 -31.28 -20.11
C GLU D 527 10.43 -32.37 -19.60
N LEU D 528 9.95 -33.23 -20.49
CA LEU D 528 9.06 -34.29 -20.04
C LEU D 528 9.78 -35.31 -19.19
N GLY D 529 11.10 -35.40 -19.30
CA GLY D 529 11.83 -36.29 -18.40
C GLY D 529 11.70 -35.88 -16.95
N LYS D 530 11.53 -34.59 -16.68
CA LYS D 530 11.37 -34.11 -15.31
C LYS D 530 9.91 -34.10 -14.86
N VAL D 531 9.00 -34.68 -15.63
CA VAL D 531 7.61 -34.76 -15.23
C VAL D 531 7.37 -36.11 -14.54
N VAL D 532 6.97 -36.04 -13.26
CA VAL D 532 6.84 -37.20 -12.41
C VAL D 532 5.67 -38.08 -12.82
N ARG D 533 4.48 -37.50 -12.94
CA ARG D 533 3.30 -38.29 -13.27
C ARG D 533 3.40 -38.83 -14.70
N PRO D 534 3.45 -40.15 -14.91
CA PRO D 534 3.71 -40.65 -16.27
C PRO D 534 2.55 -40.41 -17.22
N TRP D 535 1.30 -40.41 -16.74
CA TRP D 535 0.19 -40.18 -17.65
C TRP D 535 0.27 -38.80 -18.29
N ILE D 536 0.88 -37.83 -17.60
CA ILE D 536 1.06 -36.53 -18.23
C ILE D 536 2.07 -36.63 -19.37
N ARG D 537 3.19 -37.34 -19.16
CA ARG D 537 4.14 -37.54 -20.24
C ARG D 537 3.49 -38.22 -21.43
N GLU D 538 2.64 -39.23 -21.16
CA GLU D 538 1.97 -39.95 -22.23
C GLU D 538 0.97 -39.05 -22.97
N ARG D 539 0.25 -38.21 -22.23
CA ARG D 539 -0.74 -37.37 -22.89
C ARG D 539 -0.09 -36.34 -23.80
N VAL D 540 1.09 -35.86 -23.43
CA VAL D 540 1.78 -34.90 -24.28
C VAL D 540 2.26 -35.58 -25.55
N VAL D 541 2.96 -36.72 -25.38
CA VAL D 541 3.41 -37.53 -26.51
C VAL D 541 2.24 -37.85 -27.43
N ASN D 542 1.07 -38.16 -26.85
CA ASN D 542 -0.11 -38.37 -27.68
C ASN D 542 -0.48 -37.11 -28.46
N GLN D 543 -0.42 -35.94 -27.83
CA GLN D 543 -0.72 -34.71 -28.57
C GLN D 543 0.24 -34.51 -29.73
N LEU D 544 1.50 -34.97 -29.60
CA LEU D 544 2.48 -34.81 -30.66
C LEU D 544 2.18 -35.70 -31.85
N THR D 545 1.42 -36.78 -31.68
CA THR D 545 1.11 -37.64 -32.81
C THR D 545 0.20 -36.94 -33.82
N TYR D 546 -0.59 -35.96 -33.37
CA TYR D 546 -1.40 -35.17 -34.29
C TYR D 546 -0.63 -34.08 -35.00
N ILE D 547 0.65 -33.90 -34.68
CA ILE D 547 1.48 -32.88 -35.30
C ILE D 547 2.44 -33.50 -36.31
N ASP D 548 3.21 -34.49 -35.88
CA ASP D 548 4.14 -35.22 -36.74
C ASP D 548 4.43 -36.55 -36.05
N HIS D 549 4.27 -37.65 -36.79
CA HIS D 549 4.45 -38.97 -36.20
C HIS D 549 5.89 -39.20 -35.80
N GLN D 550 6.83 -38.72 -36.61
CA GLN D 550 8.25 -38.87 -36.30
C GLN D 550 8.64 -38.05 -35.08
N LEU D 551 8.10 -36.82 -34.96
CA LEU D 551 8.30 -36.03 -33.75
C LEU D 551 7.87 -36.82 -32.52
N ALA D 552 6.63 -37.32 -32.53
CA ALA D 552 6.12 -38.11 -31.42
C ALA D 552 7.02 -39.29 -31.13
N GLN D 553 7.44 -40.00 -32.18
CA GLN D 553 8.16 -41.26 -31.99
C GLN D 553 9.51 -41.03 -31.35
N SER D 554 10.25 -40.03 -31.85
CA SER D 554 11.54 -39.68 -31.26
C SER D 554 11.39 -39.33 -29.79
N VAL D 555 10.39 -38.50 -29.46
CA VAL D 555 10.20 -38.11 -28.07
C VAL D 555 9.76 -39.30 -27.24
N ALA D 556 8.91 -40.17 -27.80
CA ALA D 556 8.44 -41.32 -27.05
C ALA D 556 9.57 -42.29 -26.77
N ASP D 557 10.49 -42.47 -27.74
CA ASP D 557 11.68 -43.27 -27.52
C ASP D 557 12.46 -42.76 -26.32
N ASN D 558 12.73 -41.45 -26.27
CA ASN D 558 13.47 -40.87 -25.16
C ASN D 558 12.71 -40.90 -23.84
N LEU D 559 11.43 -41.25 -23.85
CA LEU D 559 10.66 -41.32 -22.61
C LEU D 559 10.26 -42.73 -22.24
N GLY D 560 10.67 -43.72 -23.03
CA GLY D 560 10.27 -45.08 -22.73
C GLY D 560 8.83 -45.35 -23.04
N ILE D 561 8.24 -44.56 -23.91
CA ILE D 561 6.84 -44.73 -24.25
C ILE D 561 6.78 -45.46 -25.58
N LYS D 562 5.94 -46.49 -25.64
CA LYS D 562 5.69 -47.23 -26.87
C LYS D 562 4.38 -46.69 -27.46
N LEU D 563 4.45 -46.15 -28.67
CA LEU D 563 3.26 -45.63 -29.34
C LEU D 563 2.49 -46.77 -29.99
N SER D 564 1.16 -46.68 -29.92
CA SER D 564 0.33 -47.71 -30.52
C SER D 564 0.24 -47.50 -32.03
N GLN D 565 -0.21 -48.54 -32.72
CA GLN D 565 -0.44 -48.46 -34.15
C GLN D 565 -1.49 -47.40 -34.47
N GLU D 566 -2.48 -47.27 -33.60
CA GLU D 566 -3.54 -46.30 -33.82
C GLU D 566 -3.06 -44.87 -33.60
N GLN D 567 -2.04 -44.68 -32.76
CA GLN D 567 -1.46 -43.35 -32.55
C GLN D 567 -0.62 -42.93 -33.75
N LEU D 568 0.08 -43.88 -34.38
CA LEU D 568 0.87 -43.55 -35.55
C LEU D 568 0.03 -43.39 -36.82
N LYS D 569 -1.26 -43.75 -36.78
CA LYS D 569 -2.18 -43.51 -37.88
C LYS D 569 -3.16 -42.37 -37.57
N HIS D 570 -2.82 -41.51 -36.61
CA HIS D 570 -3.62 -40.35 -36.33
C HIS D 570 -3.53 -39.34 -37.49
N PRO D 571 -4.65 -38.69 -37.84
CA PRO D 571 -4.64 -37.80 -39.01
C PRO D 571 -3.79 -36.55 -38.75
N LEU D 572 -2.98 -36.20 -39.74
CA LEU D 572 -2.16 -35.01 -39.76
C LEU D 572 -2.86 -33.91 -40.54
N PRO D 573 -2.65 -32.65 -40.19
CA PRO D 573 -3.36 -31.56 -40.87
C PRO D 573 -2.74 -31.24 -42.21
N GLY D 574 -3.54 -30.61 -43.06
CA GLY D 574 -3.14 -30.26 -44.40
C GLY D 574 -2.42 -28.92 -44.46
N PRO D 575 -2.01 -28.53 -45.67
CA PRO D 575 -1.23 -27.30 -45.83
C PRO D 575 -2.07 -26.06 -45.59
N ILE D 576 -1.38 -24.95 -45.42
CA ILE D 576 -1.98 -23.68 -45.04
C ILE D 576 -1.87 -22.78 -46.24
N ASN D 577 -3.00 -22.45 -46.87
CA ASN D 577 -3.00 -21.73 -48.15
C ASN D 577 -1.89 -22.25 -49.06
N GLY D 578 -1.86 -23.58 -49.20
CA GLY D 578 -0.89 -24.24 -50.03
C GLY D 578 0.54 -24.29 -49.51
N LEU D 579 0.76 -23.97 -48.24
CA LEU D 579 2.10 -23.97 -47.64
C LEU D 579 2.28 -25.18 -46.75
N SER D 580 3.39 -25.88 -46.95
CA SER D 580 3.84 -26.91 -46.01
C SER D 580 5.17 -26.56 -45.35
N LYS D 581 5.87 -25.53 -45.84
CA LYS D 581 7.11 -25.05 -45.25
C LYS D 581 7.17 -23.55 -45.43
N ASP D 582 7.80 -22.88 -44.48
CA ASP D 582 8.11 -21.45 -44.60
C ASP D 582 9.53 -21.24 -44.10
N ARG D 583 10.40 -20.71 -44.97
CA ARG D 583 11.81 -20.60 -44.65
C ARG D 583 12.06 -19.69 -43.46
N SER D 584 11.31 -18.60 -43.35
CA SER D 584 11.52 -17.65 -42.27
C SER D 584 11.33 -18.28 -40.90
N LEU D 585 10.63 -19.42 -40.82
CA LEU D 585 10.40 -20.12 -39.56
C LEU D 585 11.58 -20.97 -39.12
N SER D 586 12.64 -21.04 -39.91
CA SER D 586 13.88 -21.70 -39.50
C SER D 586 14.86 -20.62 -39.08
N MET D 587 15.48 -20.83 -37.92
CA MET D 587 16.41 -19.82 -37.44
C MET D 587 17.69 -19.82 -38.27
N TYR D 588 18.22 -20.98 -38.60
CA TYR D 588 19.54 -21.04 -39.22
C TYR D 588 19.49 -21.19 -40.74
N ASP D 589 18.44 -21.81 -41.27
CA ASP D 589 18.24 -21.83 -42.72
C ASP D 589 17.72 -20.50 -43.23
N GLY D 590 16.82 -19.87 -42.48
CA GLY D 590 16.10 -18.70 -42.94
C GLY D 590 16.53 -17.36 -42.36
N HIS D 591 17.65 -17.34 -41.66
CA HIS D 591 18.14 -16.12 -41.07
C HIS D 591 19.65 -15.97 -41.14
N HIS D 592 20.16 -14.82 -40.76
CA HIS D 592 21.58 -14.52 -40.92
C HIS D 592 22.33 -14.75 -39.62
N GLN D 593 23.58 -15.19 -39.75
CA GLN D 593 24.56 -15.13 -38.68
C GLN D 593 25.45 -13.93 -38.94
N ILE D 594 25.75 -13.15 -37.89
CA ILE D 594 26.59 -11.96 -37.99
C ILE D 594 27.85 -12.19 -37.16
N LEU D 595 29.01 -11.90 -37.75
CA LEU D 595 30.26 -12.15 -37.05
C LEU D 595 30.54 -11.06 -36.03
N LYS D 596 30.37 -9.80 -36.43
CA LYS D 596 30.65 -8.67 -35.55
C LYS D 596 29.93 -8.78 -34.21
N SER D 597 30.72 -8.54 -33.14
CA SER D 597 30.37 -8.42 -31.71
C SER D 597 30.53 -9.74 -30.97
N ARG D 598 30.84 -10.81 -31.70
CA ARG D 598 31.04 -12.08 -31.03
C ARG D 598 32.33 -12.04 -30.20
N GLN D 599 32.45 -13.03 -29.31
CA GLN D 599 33.49 -13.08 -28.29
C GLN D 599 34.32 -14.35 -28.44
N VAL D 600 35.62 -14.22 -28.23
CA VAL D 600 36.57 -15.30 -28.45
C VAL D 600 37.46 -15.43 -27.22
N ALA D 601 37.52 -16.64 -26.66
CA ALA D 601 38.48 -16.92 -25.59
C ALA D 601 39.86 -17.11 -26.21
N ILE D 602 40.82 -16.31 -25.76
CA ILE D 602 42.22 -16.55 -26.07
C ILE D 602 42.85 -17.15 -24.82
N LEU D 603 43.19 -18.43 -24.88
CA LEU D 603 43.74 -19.13 -23.73
C LEU D 603 45.25 -19.03 -23.75
N ALA D 604 45.82 -18.55 -22.65
CA ALA D 604 47.25 -18.31 -22.58
C ALA D 604 47.66 -18.29 -21.13
N ALA D 605 48.91 -18.68 -20.90
CA ALA D 605 49.58 -18.63 -19.60
C ALA D 605 50.97 -18.02 -19.81
N ASP D 606 51.72 -17.93 -18.72
CA ASP D 606 53.07 -17.37 -18.81
C ASP D 606 53.89 -18.15 -19.82
N GLY D 607 54.54 -17.41 -20.73
CA GLY D 607 55.29 -18.01 -21.81
C GLY D 607 54.60 -18.01 -23.16
N VAL D 608 53.45 -17.37 -23.27
CA VAL D 608 52.72 -17.35 -24.53
C VAL D 608 53.50 -16.53 -25.58
N CSD D 609 53.39 -16.93 -26.84
CA CSD D 609 53.90 -16.13 -27.93
CB CSD D 609 53.80 -16.89 -29.24
SG CSD D 609 55.09 -16.46 -30.37
C CSD D 609 53.15 -14.80 -28.03
O CSD D 609 51.99 -14.69 -28.46
OD1 CSD D 609 54.51 -16.61 -31.70
OD2 CSD D 609 55.05 -14.74 -30.34
N GLY D 610 53.85 -13.74 -27.62
CA GLY D 610 53.31 -12.40 -27.64
C GLY D 610 52.85 -11.92 -29.00
N ASP D 611 53.67 -12.16 -30.02
CA ASP D 611 53.31 -11.70 -31.36
C ASP D 611 52.12 -12.47 -31.91
N ALA D 612 51.92 -13.72 -31.48
CA ALA D 612 50.72 -14.43 -31.88
C ALA D 612 49.48 -13.75 -31.32
N ILE D 613 49.54 -13.32 -30.05
CA ILE D 613 48.39 -12.67 -29.44
C ILE D 613 48.09 -11.34 -30.13
N ASP D 614 49.13 -10.57 -30.45
CA ASP D 614 48.93 -9.31 -31.15
C ASP D 614 48.25 -9.51 -32.50
N ASN D 615 48.78 -10.44 -33.31
CA ASN D 615 48.21 -10.68 -34.64
C ASN D 615 46.81 -11.27 -34.54
N ILE D 616 46.55 -12.05 -33.50
CA ILE D 616 45.20 -12.56 -33.29
C ILE D 616 44.26 -11.40 -32.93
N MET D 617 44.62 -10.66 -31.87
CA MET D 617 43.85 -9.52 -31.42
C MET D 617 43.51 -8.58 -32.57
N LYS D 618 44.48 -8.31 -33.44
CA LYS D 618 44.24 -7.35 -34.51
C LYS D 618 43.40 -7.94 -35.63
N THR D 619 43.52 -9.24 -35.90
CA THR D 619 42.63 -9.86 -36.89
C THR D 619 41.20 -9.90 -36.37
N LEU D 620 41.02 -10.17 -35.08
CA LEU D 620 39.69 -10.13 -34.49
C LEU D 620 39.12 -8.73 -34.56
N LYS D 621 39.91 -7.74 -34.11
CA LYS D 621 39.51 -6.35 -34.20
C LYS D 621 39.07 -5.99 -35.62
N LYS D 622 39.72 -6.58 -36.62
CA LYS D 622 39.40 -6.27 -38.01
C LYS D 622 37.93 -6.55 -38.33
N TYR D 623 37.38 -7.66 -37.84
CA TYR D 623 35.99 -8.01 -38.06
C TYR D 623 35.10 -7.60 -36.91
N GLY D 624 35.62 -6.82 -35.96
CA GLY D 624 34.82 -6.43 -34.81
C GLY D 624 34.48 -7.61 -33.92
N VAL D 625 35.41 -8.53 -33.75
CA VAL D 625 35.27 -9.62 -32.79
C VAL D 625 36.11 -9.27 -31.57
N HIS D 626 35.56 -9.50 -30.39
CA HIS D 626 36.25 -9.16 -29.15
C HIS D 626 37.00 -10.38 -28.66
N GLY D 627 38.31 -10.25 -28.53
CA GLY D 627 39.15 -11.31 -27.98
C GLY D 627 39.36 -11.09 -26.49
N LYS D 628 39.27 -12.17 -25.71
CA LYS D 628 39.45 -12.13 -24.27
C LYS D 628 40.55 -13.09 -23.85
N ILE D 629 41.61 -12.53 -23.24
CA ILE D 629 42.69 -13.34 -22.71
C ILE D 629 42.27 -13.91 -21.35
N PHE D 630 42.18 -15.23 -21.27
CA PHE D 630 41.84 -15.94 -20.04
C PHE D 630 43.04 -16.79 -19.66
N ALA D 631 43.56 -16.57 -18.45
CA ALA D 631 44.80 -17.15 -17.97
C ALA D 631 44.55 -17.82 -16.63
N PRO D 632 45.51 -18.59 -16.12
CA PRO D 632 45.32 -19.20 -14.79
C PRO D 632 45.22 -18.21 -13.63
N HIS D 633 45.43 -16.90 -13.84
CA HIS D 633 45.38 -15.93 -12.76
C HIS D 633 45.15 -14.56 -13.36
N VAL D 634 44.44 -13.69 -12.62
CA VAL D 634 44.14 -12.36 -13.13
C VAL D 634 45.40 -11.52 -13.05
N GLY D 635 45.32 -10.27 -13.50
CA GLY D 635 46.48 -9.39 -13.54
C GLY D 635 47.20 -9.51 -14.89
N ARG D 636 48.47 -9.93 -14.84
CA ARG D 636 49.33 -9.94 -16.02
C ARG D 636 50.01 -11.28 -16.20
N ILE D 637 50.04 -11.76 -17.45
CA ILE D 637 50.94 -12.81 -17.88
C ILE D 637 52.10 -12.17 -18.62
N THR D 638 53.25 -12.84 -18.61
CA THR D 638 54.44 -12.38 -19.33
C THR D 638 54.75 -13.30 -20.51
N SER D 639 54.89 -12.71 -21.69
CA SER D 639 55.17 -13.46 -22.90
C SER D 639 56.59 -14.01 -22.86
N LEU D 640 56.88 -14.91 -23.79
CA LEU D 640 58.25 -15.41 -23.93
C LEU D 640 59.18 -14.28 -24.37
N GLN D 641 58.66 -13.33 -25.16
CA GLN D 641 59.43 -12.13 -25.49
C GLN D 641 59.78 -11.32 -24.24
N GLY D 642 59.03 -11.51 -23.15
CA GLY D 642 59.32 -10.86 -21.88
C GLY D 642 58.36 -9.77 -21.48
N ASN D 643 57.36 -9.47 -22.32
CA ASN D 643 56.43 -8.36 -22.13
C ASN D 643 55.20 -8.79 -21.35
N GLU D 644 54.63 -7.85 -20.61
CA GLU D 644 53.46 -8.10 -19.78
C GLU D 644 52.18 -7.90 -20.58
N ILE D 645 51.21 -8.77 -20.36
CA ILE D 645 49.93 -8.79 -21.06
C ILE D 645 48.83 -8.78 -20.02
N GLU D 646 48.02 -7.72 -20.01
CA GLU D 646 46.88 -7.68 -19.11
C GLU D 646 45.86 -8.73 -19.51
N VAL D 647 45.40 -9.54 -18.55
CA VAL D 647 44.48 -10.64 -18.85
C VAL D 647 43.06 -10.19 -18.52
N ASN D 648 42.09 -10.85 -19.15
CA ASN D 648 40.69 -10.51 -18.98
C ASN D 648 40.01 -11.27 -17.85
N GLY D 649 40.68 -12.23 -17.24
CA GLY D 649 40.10 -12.98 -16.14
C GLY D 649 40.58 -14.42 -16.19
N THR D 650 40.18 -15.19 -15.19
CA THR D 650 40.70 -16.55 -15.10
C THR D 650 39.92 -17.50 -16.00
N ILE D 651 40.64 -18.51 -16.49
CA ILE D 651 39.99 -19.63 -17.18
C ILE D 651 38.88 -20.19 -16.30
N GLU D 652 39.20 -20.44 -15.03
CA GLU D 652 38.23 -20.96 -14.07
C GLU D 652 36.99 -20.07 -13.97
N GLY D 653 37.18 -18.76 -13.81
CA GLY D 653 36.04 -17.85 -13.68
C GLY D 653 35.34 -17.47 -14.96
N ASN D 654 35.75 -18.02 -16.09
CA ASN D 654 35.18 -17.68 -17.39
C ASN D 654 35.13 -18.87 -18.34
N PRO D 655 34.36 -19.92 -18.02
CA PRO D 655 34.34 -21.12 -18.87
C PRO D 655 33.93 -20.85 -20.30
N SER D 656 34.02 -21.92 -21.10
CA SER D 656 33.78 -21.85 -22.54
C SER D 656 32.35 -21.51 -22.89
N VAL D 657 31.39 -21.70 -21.98
CA VAL D 657 30.00 -21.38 -22.31
C VAL D 657 29.81 -19.88 -22.48
N MET D 658 30.70 -19.06 -21.91
CA MET D 658 30.61 -17.62 -22.06
C MET D 658 31.18 -17.06 -23.35
N VAL D 659 31.61 -17.89 -24.31
CA VAL D 659 32.20 -17.37 -25.53
C VAL D 659 31.66 -18.11 -26.75
N ASP D 660 31.83 -17.46 -27.90
CA ASP D 660 31.38 -18.04 -29.16
C ASP D 660 32.36 -19.03 -29.75
N ALA D 661 33.66 -18.89 -29.44
CA ALA D 661 34.71 -19.71 -30.03
C ALA D 661 36.00 -19.53 -29.22
N VAL D 662 36.95 -20.43 -29.44
CA VAL D 662 38.17 -20.51 -28.63
C VAL D 662 39.39 -20.60 -29.55
N ILE D 663 40.46 -19.91 -29.18
CA ILE D 663 41.72 -19.98 -29.91
C ILE D 663 42.87 -20.03 -28.90
N ILE D 664 43.86 -20.86 -29.19
CA ILE D 664 44.98 -21.10 -28.28
C ILE D 664 46.28 -20.75 -29.00
N PRO D 665 46.88 -19.61 -28.67
CA PRO D 665 48.16 -19.23 -29.30
C PRO D 665 49.30 -20.14 -28.89
N ASP D 666 50.44 -19.94 -29.56
CA ASP D 666 51.61 -20.77 -29.33
C ASP D 666 52.39 -20.28 -28.11
N GLY D 667 53.44 -21.02 -27.75
CA GLY D 667 54.22 -20.72 -26.59
C GLY D 667 54.42 -21.97 -25.77
N GLU D 668 55.61 -22.57 -25.86
CA GLU D 668 55.82 -23.89 -25.26
C GLU D 668 55.58 -23.85 -23.75
N ASP D 669 55.96 -22.75 -23.10
CA ASP D 669 55.70 -22.64 -21.67
C ASP D 669 54.21 -22.43 -21.39
N SER D 670 53.50 -21.77 -22.30
CA SER D 670 52.08 -21.57 -22.12
C SER D 670 51.32 -22.89 -22.29
N ILE D 671 51.54 -23.57 -23.43
CA ILE D 671 50.94 -24.88 -23.67
C ILE D 671 51.19 -25.82 -22.50
N ASP D 672 52.44 -25.82 -22.00
CA ASP D 672 52.83 -26.71 -20.92
C ASP D 672 52.05 -26.41 -19.64
N SER D 673 51.79 -25.13 -19.38
CA SER D 673 50.95 -24.73 -18.25
C SER D 673 49.52 -25.20 -18.43
N LEU D 674 48.92 -24.89 -19.59
CA LEU D 674 47.51 -25.22 -19.80
C LEU D 674 47.28 -26.72 -19.81
N MET D 675 48.26 -27.50 -20.30
CA MET D 675 48.12 -28.94 -20.32
C MET D 675 48.08 -29.53 -18.90
N LYS D 676 48.60 -28.81 -17.91
CA LYS D 676 48.45 -29.17 -16.50
C LYS D 676 47.23 -28.52 -15.86
N ASN D 677 46.49 -27.67 -16.58
CA ASN D 677 45.28 -27.03 -16.07
C ASN D 677 44.07 -27.88 -16.49
N GLY D 678 43.39 -28.48 -15.51
CA GLY D 678 42.19 -29.24 -15.81
C GLY D 678 41.08 -28.42 -16.47
N ASN D 679 40.93 -27.13 -16.11
CA ASN D 679 39.88 -26.31 -16.73
C ASN D 679 40.24 -25.88 -18.14
N ALA D 680 41.54 -25.71 -18.42
CA ALA D 680 41.94 -25.32 -19.76
C ALA D 680 41.75 -26.47 -20.73
N LYS D 681 42.00 -27.70 -20.28
CA LYS D 681 41.74 -28.85 -21.13
C LYS D 681 40.25 -29.07 -21.31
N HIS D 682 39.49 -28.95 -20.22
CA HIS D 682 38.04 -29.06 -20.35
C HIS D 682 37.47 -27.94 -21.21
N TYR D 683 38.11 -26.76 -21.19
CA TYR D 683 37.70 -25.67 -22.05
C TYR D 683 37.60 -26.12 -23.51
N VAL D 684 38.62 -26.83 -24.00
CA VAL D 684 38.64 -27.29 -25.39
C VAL D 684 37.57 -28.37 -25.61
N ILE D 685 37.52 -29.36 -24.71
CA ILE D 685 36.54 -30.43 -24.79
C ILE D 685 35.12 -29.86 -24.84
N GLN D 686 34.82 -28.94 -23.92
CA GLN D 686 33.47 -28.40 -23.81
C GLN D 686 33.10 -27.57 -25.03
N ALA D 687 34.01 -26.68 -25.46
CA ALA D 687 33.79 -25.92 -26.68
C ALA D 687 33.66 -26.83 -27.90
N PHE D 688 34.33 -27.99 -27.88
CA PHE D 688 34.14 -28.93 -28.98
C PHE D 688 32.74 -29.54 -28.93
N LYS D 689 32.31 -29.97 -27.75
CA LYS D 689 31.00 -30.61 -27.64
C LYS D 689 29.87 -29.62 -27.90
N HIS D 690 30.10 -28.34 -27.62
CA HIS D 690 29.11 -27.30 -27.89
C HIS D 690 29.23 -26.75 -29.31
N LEU D 691 29.86 -27.51 -30.22
CA LEU D 691 29.86 -27.23 -31.65
C LEU D 691 30.56 -25.92 -32.00
N LYS D 692 31.48 -25.48 -31.15
CA LYS D 692 32.14 -24.22 -31.37
C LYS D 692 33.45 -24.38 -32.13
N ALA D 693 33.90 -23.27 -32.74
CA ALA D 693 35.12 -23.24 -33.53
C ALA D 693 36.32 -23.12 -32.62
N ILE D 694 37.34 -23.92 -32.92
CA ILE D 694 38.55 -23.99 -32.09
C ILE D 694 39.78 -23.78 -32.99
N GLY D 695 40.59 -22.79 -32.63
CA GLY D 695 41.79 -22.46 -33.37
C GLY D 695 43.02 -22.75 -32.53
N LEU D 696 43.95 -23.50 -33.11
CA LEU D 696 45.17 -23.91 -32.42
C LEU D 696 46.37 -23.54 -33.27
N GLN D 697 47.36 -22.89 -32.64
CA GLN D 697 48.56 -22.43 -33.33
C GLN D 697 49.77 -23.22 -32.84
N GLY D 698 50.39 -23.96 -33.75
CA GLY D 698 51.68 -24.58 -33.44
C GLY D 698 51.54 -25.62 -32.35
N LYS D 699 52.35 -25.46 -31.29
CA LYS D 699 52.34 -26.42 -30.18
C LYS D 699 50.98 -26.55 -29.51
N ALA D 700 50.04 -25.64 -29.81
CA ALA D 700 48.72 -25.75 -29.21
C ALA D 700 48.06 -27.08 -29.55
N PHE D 701 48.25 -27.58 -30.78
CA PHE D 701 47.61 -28.84 -31.16
C PHE D 701 48.05 -29.99 -30.27
N LYS D 702 49.29 -29.94 -29.80
CA LYS D 702 49.76 -30.90 -28.80
C LYS D 702 48.74 -31.04 -27.67
N LEU D 703 48.19 -29.92 -27.21
CA LEU D 703 47.15 -29.98 -26.19
C LEU D 703 45.91 -30.70 -26.72
N TYR D 704 45.54 -30.43 -27.99
CA TYR D 704 44.32 -31.02 -28.55
C TYR D 704 44.45 -32.53 -28.66
N ASP D 705 45.57 -33.02 -29.21
CA ASP D 705 45.73 -34.45 -29.44
C ASP D 705 45.72 -35.25 -28.14
N ALA D 706 46.27 -34.66 -27.07
CA ALA D 706 46.27 -35.31 -25.77
C ALA D 706 44.88 -35.44 -25.17
N LEU D 707 43.91 -34.69 -25.69
CA LEU D 707 42.52 -34.81 -25.19
C LEU D 707 41.84 -36.00 -25.87
N PRO D 708 40.68 -36.46 -25.37
CA PRO D 708 39.92 -37.55 -26.01
C PRO D 708 39.04 -37.05 -27.16
N LEU D 709 39.66 -36.38 -28.13
CA LEU D 709 38.88 -35.78 -29.21
C LEU D 709 39.29 -36.37 -30.55
N PRO D 710 38.35 -36.45 -31.52
CA PRO D 710 38.66 -37.15 -32.78
C PRO D 710 39.51 -36.36 -33.75
N LYS D 711 39.64 -36.92 -34.97
CA LYS D 711 40.32 -36.25 -36.08
C LYS D 711 39.77 -34.84 -36.26
N PRO D 712 40.63 -33.83 -36.29
CA PRO D 712 40.17 -32.43 -36.45
C PRO D 712 39.19 -32.26 -37.61
N ASP D 713 38.11 -31.53 -37.37
CA ASP D 713 37.08 -31.40 -38.39
C ASP D 713 37.06 -29.99 -38.98
N GLU D 714 36.00 -29.66 -39.72
CA GLU D 714 35.89 -28.35 -40.32
C GLU D 714 35.91 -27.23 -39.29
N GLY D 715 35.58 -27.51 -38.04
CA GLY D 715 35.52 -26.49 -37.00
C GLY D 715 36.78 -26.38 -36.16
N ILE D 716 37.80 -27.18 -36.45
CA ILE D 716 39.12 -27.03 -35.88
C ILE D 716 40.02 -26.41 -36.95
N VAL D 717 40.64 -25.27 -36.62
CA VAL D 717 41.54 -24.58 -37.53
C VAL D 717 42.93 -24.69 -36.94
N VAL D 718 43.86 -25.28 -37.68
CA VAL D 718 45.24 -25.47 -37.21
C VAL D 718 46.18 -24.77 -38.18
N GLY D 719 47.10 -23.99 -37.64
CA GLY D 719 48.08 -23.31 -38.47
C GLY D 719 49.21 -22.79 -37.61
N ASP D 720 50.35 -22.59 -38.26
CA ASP D 720 51.50 -22.07 -37.53
C ASP D 720 51.55 -20.55 -37.54
N LYS D 721 51.12 -19.92 -38.63
CA LYS D 721 51.17 -18.47 -38.75
C LYS D 721 49.90 -17.90 -38.11
N ALA D 722 50.08 -16.94 -37.20
CA ALA D 722 48.99 -16.50 -36.33
C ALA D 722 47.90 -15.76 -37.10
N ALA D 723 48.23 -14.64 -37.75
CA ALA D 723 47.23 -13.88 -38.50
C ALA D 723 46.59 -14.71 -39.61
N ASP D 724 47.35 -15.61 -40.23
CA ASP D 724 46.78 -16.59 -41.16
C ASP D 724 45.71 -17.42 -40.46
N LEU D 725 46.05 -17.95 -39.29
CA LEU D 725 45.13 -18.82 -38.57
C LEU D 725 43.90 -18.05 -38.11
N ALA D 726 44.10 -16.83 -37.60
CA ALA D 726 42.96 -16.01 -37.18
C ALA D 726 42.01 -15.78 -38.34
N GLU D 727 42.53 -15.46 -39.52
CA GLU D 727 41.67 -15.23 -40.68
C GLU D 727 40.80 -16.45 -40.96
N ALA D 728 41.43 -17.63 -41.04
CA ALA D 728 40.65 -18.86 -41.21
C ALA D 728 39.75 -19.13 -40.01
N PHE D 729 40.20 -18.72 -38.83
CA PHE D 729 39.39 -18.90 -37.63
C PHE D 729 38.12 -18.06 -37.72
N CYS D 730 38.26 -16.78 -38.07
CA CYS D 730 37.12 -15.88 -38.12
C CYS D 730 36.12 -16.34 -39.16
N ASN D 731 36.60 -16.93 -40.26
CA ASN D 731 35.69 -17.37 -41.35
C ASN D 731 34.96 -18.65 -40.94
N VAL D 732 35.55 -19.44 -40.05
CA VAL D 732 34.80 -20.58 -39.53
C VAL D 732 33.74 -20.12 -38.54
N MET D 733 34.00 -19.02 -37.81
CA MET D 733 33.03 -18.48 -36.87
C MET D 733 31.75 -18.05 -37.58
N ARG D 734 31.81 -17.91 -38.91
CA ARG D 734 30.69 -17.39 -39.68
C ARG D 734 29.50 -18.33 -39.68
N GLY D 735 29.72 -19.63 -39.48
CA GLY D 735 28.62 -20.58 -39.46
C GLY D 735 27.91 -20.72 -38.13
N HIS D 736 28.26 -19.89 -37.15
CA HIS D 736 27.77 -19.90 -35.77
C HIS D 736 28.17 -21.17 -35.01
N ARG D 737 27.70 -22.34 -35.45
CA ARG D 737 28.05 -23.61 -34.83
C ARG D 737 28.34 -24.64 -35.91
N ILE D 738 29.06 -25.69 -35.51
CA ILE D 738 29.46 -26.75 -36.44
C ILE D 738 28.50 -27.92 -36.30
N TRP D 739 27.36 -27.83 -36.98
CA TRP D 739 26.27 -28.79 -36.75
C TRP D 739 26.63 -30.21 -37.17
N SER D 740 27.53 -30.37 -38.15
CA SER D 740 27.93 -31.71 -38.57
C SER D 740 28.66 -32.46 -37.46
N ARG D 741 29.21 -31.74 -36.49
CA ARG D 741 29.91 -32.35 -35.38
C ARG D 741 28.96 -32.91 -34.33
N GLU D 742 27.66 -32.64 -34.49
CA GLU D 742 26.69 -32.91 -33.43
C GLU D 742 26.62 -34.40 -33.09
N SER D 743 26.64 -35.27 -34.09
CA SER D 743 26.49 -36.68 -33.79
C SER D 743 27.68 -37.23 -33.02
N VAL D 744 28.90 -36.76 -33.31
CA VAL D 744 30.06 -37.25 -32.57
C VAL D 744 30.12 -36.60 -31.19
N ALA D 745 29.67 -35.34 -31.06
CA ALA D 745 29.81 -34.65 -29.78
C ALA D 745 29.03 -35.34 -28.67
N GLN D 746 28.00 -36.05 -29.00
CA GLN D 746 27.26 -36.74 -28.00
C GLN D 746 28.11 -37.78 -27.28
N GLU D 747 29.02 -38.42 -27.98
CA GLU D 747 29.87 -39.46 -27.38
C GLU D 747 30.97 -38.89 -26.52
N ILE D 748 31.36 -37.63 -26.75
CA ILE D 748 32.52 -37.04 -26.09
C ILE D 748 32.25 -36.87 -24.61
N ALA D 749 33.22 -37.28 -23.78
CA ALA D 749 33.06 -37.25 -22.33
C ALA D 749 33.00 -35.80 -21.87
N GLY D 750 31.79 -35.24 -21.95
CA GLY D 750 31.36 -33.98 -21.37
C GLY D 750 32.31 -32.81 -21.15
CHA HEM E . 15.65 -10.77 8.01
CHB HEM E . 19.12 -12.72 10.60
CHC HEM E . 21.01 -8.40 11.33
CHD HEM E . 17.24 -6.49 9.29
C1A HEM E . 16.49 -11.69 8.58
C2A HEM E . 16.37 -13.08 8.45
C3A HEM E . 17.35 -13.61 9.18
C4A HEM E . 18.07 -12.59 9.76
CMA HEM E . 17.60 -15.06 9.33
CAA HEM E . 15.34 -13.82 7.64
CBA HEM E . 14.08 -14.16 8.42
CGA HEM E . 13.02 -14.86 7.62
O1A HEM E . 11.98 -14.35 7.39
O2A HEM E . 13.15 -15.98 7.19
C1B HEM E . 19.96 -11.70 11.04
C2B HEM E . 21.14 -11.90 11.77
C3B HEM E . 21.68 -10.70 11.97
C4B HEM E . 20.79 -9.76 11.33
CMB HEM E . 21.67 -13.23 12.22
CAB HEM E . 22.90 -10.34 12.66
CBB HEM E . 23.26 -10.94 13.75
C1C HEM E . 20.15 -7.48 10.86
C2C HEM E . 20.27 -6.11 10.98
C3C HEM E . 19.19 -5.59 10.38
C4C HEM E . 18.41 -6.64 9.93
CMC HEM E . 21.36 -5.32 11.60
CAC HEM E . 18.88 -4.20 10.25
CBC HEM E . 18.71 -3.48 11.31
C1D HEM E . 16.52 -7.53 8.76
C2D HEM E . 15.35 -7.30 7.95
C3D HEM E . 14.91 -8.48 7.60
C4D HEM E . 15.82 -9.43 8.19
CMD HEM E . 14.74 -5.99 7.61
CAD HEM E . 13.70 -8.77 6.79
CBD HEM E . 12.62 -9.13 7.77
CGD HEM E . 11.37 -9.48 7.05
O1D HEM E . 10.62 -10.29 7.49
O2D HEM E . 11.08 -9.00 5.99
NA HEM E . 17.57 -11.37 9.47
NB HEM E . 19.83 -10.36 10.78
NC HEM E . 18.96 -7.73 10.36
ND HEM E . 16.66 -8.69 8.93
FE HEM E . 18.26 -9.53 9.84
CHA HEM F . 0.13 14.70 14.41
CHB HEM F . 1.00 17.80 17.93
CHC HEM F . 1.75 14.16 20.94
CHD HEM F . 1.52 11.15 17.29
C1A HEM F . 0.23 15.83 15.16
C2A HEM F . -0.05 17.09 14.65
C3A HEM F . 0.19 17.96 15.62
C4A HEM F . 0.64 17.25 16.73
CMA HEM F . 0.02 19.42 15.56
CAA HEM F . -0.54 17.38 13.26
CBA HEM F . 0.56 17.72 12.27
CGA HEM F . 0.03 18.03 10.90
O1A HEM F . 0.18 17.27 9.98
O2A HEM F . -0.56 19.02 10.64
C1B HEM F . 1.26 17.06 19.07
C2B HEM F . 1.47 17.66 20.33
C3B HEM F . 1.67 16.63 21.19
C4B HEM F . 1.59 15.40 20.41
CMB HEM F . 1.49 19.10 20.68
CAB HEM F . 1.93 16.72 22.62
CBB HEM F . 3.14 16.98 23.02
C1C HEM F . 1.79 12.99 20.24
C2C HEM F . 2.06 11.74 20.72
C3C HEM F . 2.00 10.90 19.67
C4C HEM F . 1.68 11.64 18.55
CMC HEM F . 2.39 11.37 22.12
CAC HEM F . 2.21 9.47 19.69
CBC HEM F . 3.38 9.00 19.90
C1D HEM F . 1.09 11.91 16.24
C2D HEM F . 0.82 11.32 14.95
C3D HEM F . 0.45 12.29 14.14
C4D HEM F . 0.49 13.48 14.94
CMD HEM F . 0.94 9.88 14.63
CAD HEM F . 0.04 12.18 12.72
CBD HEM F . 1.21 12.63 11.88
CGD HEM F . 0.99 12.54 10.42
O1D HEM F . 1.53 13.26 9.65
O2D HEM F . 0.24 11.76 9.92
NA HEM F . 0.74 15.98 16.53
NB HEM F . 1.36 15.69 19.25
NC HEM F . 1.67 12.91 18.93
ND HEM F . 0.96 13.14 16.15
FE HEM F . 1.16 14.41 17.70
CHA HEM G . -19.91 3.99 -3.86
CHB HEM G . -24.39 4.29 -5.39
CHC HEM G . -22.83 5.65 -9.69
CHD HEM G . -18.39 4.70 -8.32
C1A HEM G . -21.26 4.01 -3.90
C2A HEM G . -22.07 3.79 -2.80
C3A HEM G . -23.31 3.87 -3.23
C4A HEM G . -23.30 4.14 -4.59
CMA HEM G . -24.50 3.72 -2.38
CAA HEM G . -21.61 3.54 -1.40
CBA HEM G . -21.70 2.08 -0.98
CGA HEM G . -21.20 1.85 0.41
O1A HEM G . -21.94 1.88 1.33
O2A HEM G . -20.07 1.62 0.69
C1B HEM G . -24.35 4.71 -6.70
C2B HEM G . -25.49 5.02 -7.46
C3B HEM G . -25.07 5.40 -8.64
C4B HEM G . -23.63 5.34 -8.62
CMB HEM G . -26.90 4.92 -7.00
CAB HEM G . -25.85 5.84 -9.76
CBB HEM G . -26.51 4.92 -10.39
C1C HEM G . -21.45 5.49 -9.72
C2C HEM G . -20.61 5.70 -10.80
C3C HEM G . -19.36 5.43 -10.39
C4C HEM G . -19.44 5.06 -9.06
CMC HEM G . -21.04 6.14 -12.15
CAC HEM G . -18.13 5.51 -11.13
CBC HEM G . -17.81 4.63 -12.02
C1D HEM G . -18.47 4.45 -6.97
C2D HEM G . -17.29 4.21 -6.15
C3D HEM G . -17.73 4.03 -4.94
C4D HEM G . -19.15 4.12 -5.00
CMD HEM G . -15.87 4.20 -6.58
CAD HEM G . -16.92 3.74 -3.72
CBD HEM G . -16.96 2.25 -3.55
CGD HEM G . -16.11 1.80 -2.41
O1D HEM G . -15.24 2.49 -1.95
O2D HEM G . -16.28 0.73 -1.92
NA HEM G . -22.12 4.21 -5.10
NB HEM G . -23.26 4.99 -7.54
NC HEM G . -20.73 5.06 -8.77
ND HEM G . -19.48 4.34 -6.29
FE HEM G . -21.37 4.68 -6.91
CHA HEM H . 3.89 -8.12 -18.62
CHB HEM H . 3.98 -9.52 -23.18
CHC HEM H . -0.27 -11.58 -22.57
CHD HEM H . -0.63 -9.52 -18.32
C1A HEM H . 4.30 -8.41 -19.89
C2A HEM H . 5.58 -8.15 -20.35
C3A HEM H . 5.62 -8.52 -21.63
C4A HEM H . 4.36 -9.04 -21.96
CMA HEM H . 6.79 -8.43 -22.51
CAA HEM H . 6.70 -7.54 -19.57
CBA HEM H . 6.70 -6.02 -19.69
CGA HEM H . 7.81 -5.36 -18.94
O1A HEM H . 7.62 -4.70 -17.97
O2A HEM H . 8.94 -5.41 -19.32
C1B HEM H . 2.82 -10.22 -23.40
C2B HEM H . 2.54 -10.84 -24.61
C3B HEM H . 1.36 -11.42 -24.46
C4B HEM H . 0.92 -11.14 -23.11
CMB HEM H . 3.37 -10.88 -25.84
CAB HEM H . 0.68 -12.21 -25.44
CBB HEM H . 0.55 -11.71 -26.62
C1C HEM H . -0.79 -11.21 -21.37
C2C HEM H . -2.04 -11.51 -20.87
C3C HEM H . -2.12 -10.91 -19.65
C4C HEM H . -0.93 -10.25 -19.42
CMC HEM H . -3.08 -12.33 -21.53
CAC HEM H . -3.22 -10.92 -18.70
CBC HEM H . -4.46 -10.78 -19.07
C1D HEM H . 0.61 -8.98 -18.08
C2D HEM H . 0.92 -8.36 -16.82
C3D HEM H . 2.16 -7.98 -16.89
C4D HEM H . 2.61 -8.37 -18.20
CMD HEM H . 0.01 -8.19 -15.67
CAD HEM H . 2.91 -7.27 -15.83
CBD HEM H . 2.98 -5.80 -16.22
CGD HEM H . 3.58 -4.95 -15.16
O1D HEM H . 3.80 -5.36 -14.06
O2D HEM H . 3.88 -3.80 -15.34
NA HEM H . 3.53 -8.97 -20.94
NB HEM H . 1.83 -10.43 -22.56
NC HEM H . -0.19 -10.44 -20.55
ND HEM H . 1.65 -8.99 -18.87
FE HEM H . 1.69 -9.74 -20.67
#